data_6WCJ
#
_entry.id   6WCJ
#
loop_
_entity.id
_entity.type
_entity.pdbx_description
1 polymer 'Clathrin heavy chain 1'
2 polymer 'Clathrin light chain B'
#
loop_
_entity_poly.entity_id
_entity_poly.type
_entity_poly.pdbx_seq_one_letter_code
_entity_poly.pdbx_strand_id
1 'polypeptide(L)'
;MAQILPIRFQEHLQLQNLGINPANIGFSTLTMESDKFICIREKVGEQAQVVIIDMNDPSNPIRRPISADSAIMNPASKVI
ALKAGKTLQIFNIEMKSKMKAHTMTDDVTFWKWISLNTVALVTDNAVYHWSMEGESQPVKMFDRHSSLAGCQIINYRTDA
KQKWLLLTGISAQQNRVVGAMQLYSVDRKVSQPIEGHAASFAQFKMEGNAEESTLFCFAVRGQAGGKLHIIEVGTPPTGN
QPFPKKAVDVFFPPEAQNDFPVAMQISEKHDVVFLITKYGYIHLYDLETGTCIYMNRISGETIFVTAPHEATAGIIGVNR
KGQVLSVCVEEENIIPYITNVLQNPDLALRMAVRNNLAGAEELFARKFNALFAQGNYSEAAKVAANAPKGILRTPDTIRR
FQSVPAQPGQTSPLLQYFGILLDQGQLNKYESLELCRPVLQQGRKQLLEKWLKEDKLECSEELGDLVKSVDPTLALSVYL
RANVPNKVIQCFAETGQVQKIVLYAKKVGYTPDWIFLLRNVMRISPDQGQQFAQMLVQDEEPLADITQIVDVFMEYNLIQ
QCTAFLLDALKNNRPSEGPLQTRLLEMNLMHAPQVADAILGNQMFTHYDRAHIAQLCEKAGLLQRALEHFTDLYDIKRAV
VHTHLLNPEWLVNYFGSLSVEDSLECLRAMLSANIRQNLQICVQVASKYHEQLSTQSLIELFESFKSFEGLFYFLGSIVN
FSQDPDVHFKYIQAACKTGQIKEVERICRESNCYDPERVKNFLKEAKLTDQLPLIIVCDRFDFVHDLVLYLYRNNLQKYI
EIYVQKVNPSRLPVVIGGLLDVDCSEDVIKNLILVVRGQFSTDELVAEVEKRNRLKLLLPWLEARIHEGCEEPATHNALA
KIYIDSNNNPERFLRENPYYDSRVVGKYCEKRDPHLACVAYERGQCDLELINVCNENSLFKSLSRYLVRRKDPELWGSVL
LESNPYRRPLIDQVVQTALSETQDPEEVSVTVKAFMTADLPNELIELLEKIVLDNSVFSEHRNLQNLLILTAIKADRTRV
MEYINRLDNYDAPDIANIAISNELFEEAFAIFRKFDVNTSAVQVLIEHIGNLDRAYEFAERCNEPAVWSQLAKAQLQKGM
VKEAIDSYIKADDPSSYMEVVQAANTSGNWEELVKYLQMARKKARESYVETELIFALAKTNRLAELEEFINGPNNAHIQQ
VGDRCYDEKMYDAAKLLYNNVSNFGRLASTLVHLGEYQAAVDGARKANSTRTWKEVCFACVDGKEFRLAQMCGLHIVVHA
DELEELINYYQDRGYFEELITMLEAALGLERAHMGMFTELAILYSKFKPQKMREHLELFWSRVNIPKVLRAAEQAHLWAE
LVFLYDKYEEYDNAIITMMNHPTDAWKEGQFKDIITKVANVELYYRAIQFYLEFKPLLLNDLLMVLSPRLDHTRAVNYFS
KVKQLPLVKPYLRSVQNHNNKSVNESLNNLFITEEDYQALRTSIDAYDNFDNISLAQRLEKHELIEFRRIAAYLFKGNNR
WKQSVELCKKDSLYKDAMQYASESKDTELAEELLQWFLQEEKRECFGACLFTCYDLLRPDVVLETAWRHNIMDFAMPYFI
QVMKEYLTKVDKLDASESLRKEEEQATETQPIVYGQPQLMLTAGPSVAVPPQAPFGYGYTAPAYGQPQPGFGYSM
;
A,C,D,L,M,G,H,I,K
2 'polypeptide(L)'
;MADDFGFFSSSESGAPEAAEEDPAAAFLAQQESEIAGIENDEGFGAPAGSQGGLAQPGPASGASEDMGATVNGDVFQEAN
GPADGYAAIAQADRLTQEPESIRKWREEQRKRLQELDAASKVMEQEWREKAKKDLEEWNQRQSEQVEKNKINNRIADKAF
YQQPDADIIGYVASEEAFVKESKEETPGTEWEKVAQLCDFNPKSSKQCKDVSRLRSVLMSLKQTPLSR
;
B,E,F,O,J,N
#
# COMPACT_ATOMS: atom_id res chain seq x y z
N ASN A 1248 -103.83 60.26 40.22
CA ASN A 1248 -102.41 60.64 40.25
C ASN A 1248 -101.70 60.18 38.99
N SER A 1249 -102.35 60.38 37.85
CA SER A 1249 -101.75 60.00 36.57
C SER A 1249 -100.63 60.97 36.19
N THR A 1250 -99.76 60.51 35.28
CA THR A 1250 -98.63 61.32 34.86
C THR A 1250 -99.08 62.61 34.18
N ARG A 1251 -100.18 62.56 33.42
CA ARG A 1251 -100.69 63.77 32.78
C ARG A 1251 -101.15 64.78 33.82
N THR A 1252 -101.82 64.32 34.88
CA THR A 1252 -102.27 65.22 35.93
C THR A 1252 -101.09 65.86 36.65
N TRP A 1253 -100.07 65.06 36.98
CA TRP A 1253 -98.88 65.61 37.62
C TRP A 1253 -98.18 66.61 36.72
N LYS A 1254 -98.10 66.32 35.42
CA LYS A 1254 -97.47 67.25 34.49
C LYS A 1254 -98.24 68.56 34.40
N GLU A 1255 -99.57 68.49 34.33
CA GLU A 1255 -100.37 69.71 34.30
C GLU A 1255 -100.21 70.51 35.57
N VAL A 1256 -100.20 69.85 36.73
CA VAL A 1256 -100.08 70.55 38.00
C VAL A 1256 -98.70 71.20 38.11
N CYS A 1257 -97.65 70.50 37.70
CA CYS A 1257 -96.31 71.07 37.79
C CYS A 1257 -96.14 72.23 36.80
N PHE A 1258 -96.74 72.13 35.62
CA PHE A 1258 -96.69 73.24 34.67
C PHE A 1258 -97.43 74.46 35.21
N ALA A 1259 -98.59 74.24 35.83
CA ALA A 1259 -99.34 75.35 36.43
C ALA A 1259 -98.55 75.99 37.57
N CYS A 1260 -97.86 75.16 38.37
CA CYS A 1260 -97.07 75.70 39.47
C CYS A 1260 -95.87 76.48 38.96
N VAL A 1261 -95.25 76.00 37.87
CA VAL A 1261 -94.12 76.72 37.28
C VAL A 1261 -94.59 78.05 36.71
N ASP A 1262 -95.77 78.06 36.08
CA ASP A 1262 -96.32 79.31 35.57
C ASP A 1262 -96.67 80.27 36.69
N GLY A 1263 -97.14 79.73 37.83
CA GLY A 1263 -97.48 80.56 38.97
C GLY A 1263 -96.36 80.75 39.98
N LYS A 1264 -95.14 80.34 39.63
CA LYS A 1264 -93.97 80.48 40.50
C LYS A 1264 -94.17 79.73 41.82
N GLU A 1265 -94.92 78.64 41.77
CA GLU A 1265 -95.17 77.80 42.95
C GLU A 1265 -94.21 76.61 42.97
N PHE A 1266 -92.93 76.91 43.14
CA PHE A 1266 -91.91 75.88 43.14
C PHE A 1266 -91.98 74.98 44.36
N ARG A 1267 -92.56 75.45 45.47
CA ARG A 1267 -92.66 74.63 46.67
C ARG A 1267 -93.48 73.37 46.44
N LEU A 1268 -94.46 73.44 45.54
CA LEU A 1268 -95.25 72.27 45.15
C LEU A 1268 -94.72 71.59 43.89
N ALA A 1269 -94.12 72.37 42.98
CA ALA A 1269 -93.57 71.80 41.77
C ALA A 1269 -92.40 70.87 42.05
N GLN A 1270 -91.59 71.19 43.07
CA GLN A 1270 -90.45 70.34 43.41
C GLN A 1270 -90.87 68.94 43.80
N MET A 1271 -92.10 68.76 44.28
CA MET A 1271 -92.64 67.44 44.61
C MET A 1271 -93.52 66.87 43.51
N CYS A 1272 -94.19 67.73 42.74
CA CYS A 1272 -95.01 67.25 41.64
C CYS A 1272 -94.17 66.69 40.50
N GLY A 1273 -92.99 67.28 40.27
CA GLY A 1273 -92.13 66.82 39.20
C GLY A 1273 -91.41 65.52 39.46
N LEU A 1274 -91.53 64.97 40.66
CA LEU A 1274 -90.88 63.70 41.00
C LEU A 1274 -91.55 62.52 40.31
N HIS A 1275 -92.77 62.68 39.82
CA HIS A 1275 -93.47 61.63 39.08
C HIS A 1275 -93.34 61.80 37.58
N ILE A 1276 -92.62 62.82 37.12
CA ILE A 1276 -92.43 63.07 35.69
C ILE A 1276 -91.04 62.64 35.23
N VAL A 1277 -90.03 62.82 36.08
CA VAL A 1277 -88.66 62.46 35.72
C VAL A 1277 -88.48 60.96 35.59
N VAL A 1278 -89.44 60.16 36.08
CA VAL A 1278 -89.32 58.72 35.99
C VAL A 1278 -89.48 58.22 34.55
N HIS A 1279 -89.97 59.06 33.65
CA HIS A 1279 -90.12 58.72 32.24
C HIS A 1279 -89.37 59.74 31.41
N ALA A 1280 -88.45 59.28 30.56
CA ALA A 1280 -87.65 60.18 29.75
C ALA A 1280 -88.51 60.93 28.73
N ASP A 1281 -89.56 60.29 28.20
CA ASP A 1281 -90.42 60.95 27.23
C ASP A 1281 -91.11 62.17 27.83
N GLU A 1282 -91.41 62.14 29.13
CA GLU A 1282 -91.96 63.29 29.83
C GLU A 1282 -90.89 64.14 30.49
N LEU A 1283 -89.75 63.55 30.84
CA LEU A 1283 -88.64 64.33 31.38
C LEU A 1283 -88.13 65.32 30.35
N GLU A 1284 -88.13 64.94 29.07
CA GLU A 1284 -87.71 65.86 28.01
C GLU A 1284 -88.61 67.09 27.96
N GLU A 1285 -89.94 66.88 28.00
CA GLU A 1285 -90.87 67.99 27.99
C GLU A 1285 -90.75 68.84 29.26
N LEU A 1286 -90.52 68.19 30.40
CA LEU A 1286 -90.33 68.94 31.63
C LEU A 1286 -89.10 69.84 31.56
N ILE A 1287 -87.99 69.31 31.03
CA ILE A 1287 -86.78 70.10 30.90
C ILE A 1287 -86.97 71.22 29.89
N ASN A 1288 -87.72 70.95 28.81
CA ASN A 1288 -88.02 72.01 27.85
C ASN A 1288 -88.82 73.13 28.50
N TYR A 1289 -89.81 72.78 29.32
CA TYR A 1289 -90.59 73.80 30.03
C TYR A 1289 -89.71 74.59 31.00
N TYR A 1290 -88.85 73.89 31.74
CA TYR A 1290 -87.99 74.58 32.70
C TYR A 1290 -87.00 75.49 32.00
N GLN A 1291 -86.54 75.12 30.81
CA GLN A 1291 -85.62 75.98 30.06
C GLN A 1291 -86.36 77.17 29.46
N ASP A 1292 -87.62 76.96 29.03
CA ASP A 1292 -88.41 78.07 28.52
C ASP A 1292 -88.74 79.06 29.63
N ARG A 1293 -88.88 78.57 30.86
CA ARG A 1293 -89.16 79.44 32.00
C ARG A 1293 -87.91 79.90 32.74
N GLY A 1294 -86.77 79.25 32.50
CA GLY A 1294 -85.53 79.70 33.11
C GLY A 1294 -85.31 79.28 34.54
N TYR A 1295 -86.02 78.25 35.02
CA TYR A 1295 -85.84 77.76 36.39
C TYR A 1295 -84.73 76.71 36.40
N PHE A 1296 -83.49 77.20 36.42
CA PHE A 1296 -82.33 76.32 36.35
C PHE A 1296 -82.04 75.68 37.69
N GLU A 1297 -81.88 76.49 38.75
CA GLU A 1297 -81.54 75.96 40.05
C GLU A 1297 -82.65 75.07 40.61
N GLU A 1298 -83.92 75.43 40.36
CA GLU A 1298 -85.02 74.60 40.81
C GLU A 1298 -84.98 73.24 40.13
N LEU A 1299 -84.72 73.21 38.82
CA LEU A 1299 -84.63 71.94 38.11
C LEU A 1299 -83.45 71.11 38.59
N ILE A 1300 -82.32 71.76 38.88
CA ILE A 1300 -81.17 71.04 39.39
C ILE A 1300 -81.47 70.43 40.75
N THR A 1301 -82.14 71.18 41.62
CA THR A 1301 -82.51 70.66 42.94
C THR A 1301 -83.49 69.50 42.81
N MET A 1302 -84.46 69.63 41.89
CA MET A 1302 -85.42 68.55 41.68
C MET A 1302 -84.72 67.29 41.18
N LEU A 1303 -83.76 67.43 40.26
CA LEU A 1303 -83.02 66.27 39.78
C LEU A 1303 -82.18 65.65 40.89
N GLU A 1304 -81.53 66.47 41.71
CA GLU A 1304 -80.73 65.94 42.81
C GLU A 1304 -81.61 65.21 43.82
N ALA A 1305 -82.84 65.69 44.02
CA ALA A 1305 -83.75 65.00 44.93
C ALA A 1305 -84.26 63.70 44.32
N ALA A 1306 -84.54 63.70 43.02
CA ALA A 1306 -85.04 62.51 42.35
C ALA A 1306 -83.96 61.47 42.10
N LEU A 1307 -82.68 61.83 42.23
CA LEU A 1307 -81.61 60.86 42.08
C LEU A 1307 -81.76 59.64 42.99
N GLY A 1308 -82.48 59.76 44.10
CA GLY A 1308 -82.67 58.66 45.02
C GLY A 1308 -83.95 57.87 44.83
N LEU A 1309 -84.67 58.07 43.73
CA LEU A 1309 -85.91 57.35 43.48
C LEU A 1309 -85.62 55.94 42.98
N GLU A 1310 -86.65 55.11 42.99
CA GLU A 1310 -86.51 53.72 42.54
C GLU A 1310 -86.25 53.65 41.04
N ARG A 1311 -87.01 54.41 40.24
CA ARG A 1311 -86.86 54.41 38.80
C ARG A 1311 -85.69 55.34 38.41
N ALA A 1312 -84.49 54.91 38.79
CA ALA A 1312 -83.27 55.66 38.50
C ALA A 1312 -82.71 55.21 37.15
N HIS A 1313 -83.46 55.53 36.10
CA HIS A 1313 -83.06 55.18 34.75
C HIS A 1313 -81.87 56.03 34.30
N MET A 1314 -81.22 55.59 33.22
CA MET A 1314 -80.03 56.28 32.73
C MET A 1314 -80.36 57.66 32.17
N GLY A 1315 -81.61 57.88 31.76
CA GLY A 1315 -81.99 59.17 31.21
C GLY A 1315 -81.88 60.31 32.21
N MET A 1316 -82.20 60.04 33.48
CA MET A 1316 -82.11 61.08 34.50
C MET A 1316 -80.68 61.54 34.70
N PHE A 1317 -79.75 60.59 34.90
CA PHE A 1317 -78.34 60.94 35.05
C PHE A 1317 -77.80 61.58 33.78
N THR A 1318 -78.26 61.12 32.62
CA THR A 1318 -77.83 61.72 31.36
C THR A 1318 -78.22 63.19 31.29
N GLU A 1319 -79.49 63.50 31.57
CA GLU A 1319 -79.95 64.88 31.52
C GLU A 1319 -79.27 65.72 32.60
N LEU A 1320 -78.98 65.12 33.75
CA LEU A 1320 -78.27 65.83 34.81
C LEU A 1320 -76.87 66.23 34.34
N ALA A 1321 -76.15 65.28 33.73
CA ALA A 1321 -74.81 65.59 33.23
C ALA A 1321 -74.86 66.59 32.09
N ILE A 1322 -75.93 66.55 31.28
CA ILE A 1322 -76.11 67.48 30.18
C ILE A 1322 -76.27 68.89 30.73
N LEU A 1323 -77.15 69.05 31.72
CA LEU A 1323 -77.49 70.37 32.25
C LEU A 1323 -76.47 70.87 33.27
N TYR A 1324 -75.56 70.02 33.74
CA TYR A 1324 -74.55 70.49 34.68
C TYR A 1324 -73.43 71.24 33.97
N SER A 1325 -73.10 70.84 32.74
CA SER A 1325 -72.02 71.46 31.98
C SER A 1325 -72.29 72.93 31.72
N LYS A 1326 -73.56 73.27 31.46
CA LYS A 1326 -73.89 74.64 31.08
C LYS A 1326 -73.75 75.61 32.25
N PHE A 1327 -74.02 75.16 33.47
CA PHE A 1327 -74.05 76.05 34.63
C PHE A 1327 -72.92 75.78 35.62
N LYS A 1328 -72.76 74.54 36.07
CA LYS A 1328 -71.76 74.20 37.08
C LYS A 1328 -70.84 73.10 36.55
N PRO A 1329 -69.86 73.47 35.74
CA PRO A 1329 -68.94 72.45 35.21
C PRO A 1329 -67.97 71.90 36.25
N GLN A 1330 -67.76 72.60 37.36
CA GLN A 1330 -66.83 72.11 38.38
C GLN A 1330 -67.35 70.87 39.10
N LYS A 1331 -68.67 70.66 39.13
CA LYS A 1331 -69.24 69.47 39.75
C LYS A 1331 -69.62 68.39 38.75
N MET A 1332 -69.54 68.69 37.45
CA MET A 1332 -69.84 67.69 36.43
C MET A 1332 -68.86 66.53 36.50
N ARG A 1333 -67.57 66.83 36.74
CA ARG A 1333 -66.59 65.77 36.87
C ARG A 1333 -66.86 64.89 38.08
N GLU A 1334 -67.26 65.50 39.20
CA GLU A 1334 -67.60 64.73 40.38
C GLU A 1334 -68.82 63.86 40.16
N HIS A 1335 -69.82 64.39 39.43
CA HIS A 1335 -71.01 63.59 39.13
C HIS A 1335 -70.68 62.45 38.17
N LEU A 1336 -69.76 62.69 37.23
CA LEU A 1336 -69.37 61.63 36.30
C LEU A 1336 -68.60 60.53 37.01
N GLU A 1337 -67.65 60.89 37.87
CA GLU A 1337 -66.89 59.89 38.62
C GLU A 1337 -67.78 59.01 39.49
N LEU A 1338 -69.04 59.41 39.70
CA LEU A 1338 -69.99 58.63 40.49
C LEU A 1338 -71.00 57.89 39.64
N PHE A 1339 -71.42 58.45 38.50
CA PHE A 1339 -72.47 57.85 37.69
C PHE A 1339 -72.10 57.69 36.22
N TRP A 1340 -70.83 57.42 35.90
CA TRP A 1340 -70.43 57.21 34.51
C TRP A 1340 -71.17 56.05 33.85
N SER A 1341 -71.52 55.03 34.64
CA SER A 1341 -72.20 53.86 34.09
C SER A 1341 -73.68 54.09 33.82
N ARG A 1342 -74.21 55.26 34.17
CA ARG A 1342 -75.63 55.55 34.03
C ARG A 1342 -75.91 56.77 33.15
N VAL A 1343 -74.97 57.15 32.28
CA VAL A 1343 -75.11 58.34 31.45
C VAL A 1343 -74.96 57.94 29.99
N ASN A 1344 -75.83 58.48 29.14
CA ASN A 1344 -75.73 58.26 27.70
C ASN A 1344 -74.41 58.81 27.18
N ILE A 1345 -73.67 57.97 26.46
CA ILE A 1345 -72.28 58.27 26.09
C ILE A 1345 -72.21 59.43 25.09
N PRO A 1346 -72.83 59.36 23.91
CA PRO A 1346 -72.62 60.45 22.92
C PRO A 1346 -73.15 61.79 23.38
N LYS A 1347 -74.27 61.82 24.11
CA LYS A 1347 -74.81 63.08 24.59
C LYS A 1347 -73.85 63.77 25.56
N VAL A 1348 -73.33 63.03 26.55
CA VAL A 1348 -72.41 63.64 27.50
C VAL A 1348 -71.08 63.98 26.82
N LEU A 1349 -70.68 63.21 25.81
CA LEU A 1349 -69.47 63.55 25.07
C LEU A 1349 -69.64 64.87 24.33
N ARG A 1350 -70.75 65.05 23.63
CA ARG A 1350 -71.00 66.32 22.93
C ARG A 1350 -71.15 67.47 23.92
N ALA A 1351 -71.75 67.21 25.08
CA ALA A 1351 -71.88 68.26 26.09
C ALA A 1351 -70.52 68.70 26.61
N ALA A 1352 -69.64 67.74 26.90
CA ALA A 1352 -68.30 68.09 27.35
C ALA A 1352 -67.48 68.76 26.25
N GLU A 1353 -67.72 68.39 24.99
CA GLU A 1353 -67.05 69.07 23.89
C GLU A 1353 -67.51 70.52 23.77
N GLN A 1354 -68.81 70.76 23.94
CA GLN A 1354 -69.31 72.13 23.88
C GLN A 1354 -68.89 72.94 25.09
N ALA A 1355 -68.68 72.28 26.23
CA ALA A 1355 -68.27 72.95 27.46
C ALA A 1355 -66.74 73.04 27.61
N HIS A 1356 -65.99 72.57 26.60
CA HIS A 1356 -64.53 72.63 26.62
C HIS A 1356 -63.96 71.90 27.84
N LEU A 1357 -64.61 70.81 28.22
CA LEU A 1357 -64.14 69.98 29.35
C LEU A 1357 -63.37 68.78 28.80
N TRP A 1358 -62.11 69.05 28.45
CA TRP A 1358 -61.28 68.04 27.81
C TRP A 1358 -60.85 66.96 28.79
N ALA A 1359 -60.60 67.34 30.05
CA ALA A 1359 -60.24 66.34 31.05
C ALA A 1359 -61.39 65.38 31.29
N GLU A 1360 -62.62 65.89 31.34
CA GLU A 1360 -63.79 65.01 31.49
C GLU A 1360 -63.95 64.13 30.26
N LEU A 1361 -63.65 64.65 29.07
CA LEU A 1361 -63.70 63.83 27.86
C LEU A 1361 -62.70 62.68 27.94
N VAL A 1362 -61.48 62.96 28.37
CA VAL A 1362 -60.46 61.92 28.49
C VAL A 1362 -60.87 60.90 29.55
N PHE A 1363 -61.44 61.37 30.65
CA PHE A 1363 -61.89 60.46 31.71
C PHE A 1363 -62.98 59.53 31.20
N LEU A 1364 -63.97 60.08 30.48
CA LEU A 1364 -65.05 59.27 29.95
C LEU A 1364 -64.53 58.29 28.90
N TYR A 1365 -63.58 58.71 28.07
CA TYR A 1365 -63.00 57.81 27.08
C TYR A 1365 -62.23 56.68 27.75
N ASP A 1366 -61.52 56.96 28.83
CA ASP A 1366 -60.78 55.92 29.53
C ASP A 1366 -61.72 54.96 30.25
N LYS A 1367 -62.81 55.48 30.82
CA LYS A 1367 -63.77 54.61 31.49
C LYS A 1367 -64.54 53.75 30.48
N TYR A 1368 -64.72 54.24 29.26
CA TYR A 1368 -65.40 53.50 28.22
C TYR A 1368 -64.45 52.75 27.29
N GLU A 1369 -63.17 52.68 27.65
CA GLU A 1369 -62.15 51.97 26.87
C GLU A 1369 -62.03 52.51 25.45
N GLU A 1370 -62.34 53.79 25.26
CA GLU A 1370 -62.20 54.44 23.95
C GLU A 1370 -60.84 55.14 23.90
N TYR A 1371 -59.81 54.34 23.65
CA TYR A 1371 -58.44 54.85 23.70
C TYR A 1371 -58.12 55.74 22.50
N ASP A 1372 -58.70 55.46 21.33
CA ASP A 1372 -58.40 56.25 20.15
C ASP A 1372 -58.85 57.70 20.32
N ASN A 1373 -60.13 57.92 20.65
CA ASN A 1373 -60.63 59.26 20.87
C ASN A 1373 -59.95 59.91 22.08
N ALA A 1374 -59.60 59.11 23.09
CA ALA A 1374 -58.87 59.65 24.23
C ALA A 1374 -57.55 60.25 23.80
N ILE A 1375 -56.76 59.50 23.03
CA ILE A 1375 -55.46 59.99 22.59
C ILE A 1375 -55.63 61.17 21.64
N ILE A 1376 -56.67 61.14 20.81
CA ILE A 1376 -56.91 62.26 19.90
C ILE A 1376 -57.20 63.53 20.68
N THR A 1377 -58.10 63.45 21.68
CA THR A 1377 -58.41 64.62 22.49
C THR A 1377 -57.21 65.09 23.29
N MET A 1378 -56.39 64.15 23.77
CA MET A 1378 -55.20 64.52 24.52
C MET A 1378 -54.20 65.27 23.64
N MET A 1379 -54.03 64.82 22.38
CA MET A 1379 -53.12 65.49 21.47
C MET A 1379 -53.67 66.84 21.02
N ASN A 1380 -55.00 66.95 20.92
CA ASN A 1380 -55.59 68.23 20.54
C ASN A 1380 -55.42 69.28 21.64
N HIS A 1381 -55.20 68.85 22.88
CA HIS A 1381 -55.01 69.76 24.01
C HIS A 1381 -53.85 69.25 24.87
N PRO A 1382 -52.62 69.64 24.54
CA PRO A 1382 -51.45 69.09 25.24
C PRO A 1382 -51.30 69.58 26.67
N THR A 1383 -51.90 70.70 27.03
CA THR A 1383 -51.70 71.31 28.33
C THR A 1383 -52.90 71.23 29.26
N ASP A 1384 -54.04 70.72 28.78
CA ASP A 1384 -55.25 70.70 29.58
C ASP A 1384 -55.61 69.31 30.11
N ALA A 1385 -55.47 68.28 29.29
CA ALA A 1385 -55.93 66.94 29.65
C ALA A 1385 -54.87 65.90 29.30
N TRP A 1386 -53.61 66.17 29.64
CA TRP A 1386 -52.51 65.25 29.37
C TRP A 1386 -51.85 64.86 30.67
N LYS A 1387 -51.70 63.55 30.89
CA LYS A 1387 -50.99 63.01 32.03
C LYS A 1387 -50.07 61.91 31.53
N GLU A 1388 -48.75 62.12 31.66
CA GLU A 1388 -47.80 61.17 31.11
C GLU A 1388 -47.87 59.82 31.81
N GLY A 1389 -48.04 59.83 33.14
CA GLY A 1389 -48.08 58.59 33.91
C GLY A 1389 -49.18 57.64 33.49
N GLN A 1390 -50.28 58.16 32.92
CA GLN A 1390 -51.35 57.33 32.39
C GLN A 1390 -51.27 57.20 30.87
N PHE A 1391 -50.74 58.21 30.19
CA PHE A 1391 -50.61 58.15 28.75
C PHE A 1391 -49.64 57.05 28.32
N LYS A 1392 -48.51 56.94 29.02
CA LYS A 1392 -47.51 55.94 28.68
C LYS A 1392 -48.05 54.52 28.76
N ASP A 1393 -49.18 54.32 29.44
CA ASP A 1393 -49.82 53.01 29.54
C ASP A 1393 -51.04 52.88 28.63
N ILE A 1394 -51.80 53.95 28.43
CA ILE A 1394 -53.00 53.85 27.59
C ILE A 1394 -52.64 53.96 26.12
N ILE A 1395 -51.43 54.40 25.78
CA ILE A 1395 -51.05 54.52 24.38
C ILE A 1395 -50.92 53.14 23.73
N THR A 1396 -50.61 52.12 24.51
CA THR A 1396 -50.43 50.78 23.99
C THR A 1396 -51.74 50.05 23.75
N LYS A 1397 -52.89 50.66 24.08
CA LYS A 1397 -54.19 50.04 23.92
C LYS A 1397 -54.93 50.54 22.69
N VAL A 1398 -54.30 51.35 21.85
CA VAL A 1398 -54.98 51.88 20.66
C VAL A 1398 -55.04 50.80 19.58
N ALA A 1399 -55.93 51.02 18.61
CA ALA A 1399 -56.12 50.03 17.56
C ALA A 1399 -55.16 50.25 16.39
N ASN A 1400 -54.90 51.50 16.03
CA ASN A 1400 -54.05 51.83 14.89
C ASN A 1400 -52.61 52.02 15.34
N VAL A 1401 -51.74 52.33 14.38
CA VAL A 1401 -50.32 52.54 14.64
C VAL A 1401 -49.87 53.96 14.32
N GLU A 1402 -50.71 54.77 13.66
CA GLU A 1402 -50.33 56.14 13.36
C GLU A 1402 -50.25 56.98 14.64
N LEU A 1403 -51.04 56.64 15.66
CA LEU A 1403 -50.98 57.34 16.93
C LEU A 1403 -49.62 57.19 17.61
N TYR A 1404 -48.88 56.11 17.34
CA TYR A 1404 -47.54 55.98 17.89
C TYR A 1404 -46.61 57.06 17.34
N TYR A 1405 -46.63 57.26 16.03
CA TYR A 1405 -45.81 58.32 15.43
C TYR A 1405 -46.32 59.71 15.79
N ARG A 1406 -47.64 59.86 15.97
CA ARG A 1406 -48.15 61.13 16.47
C ARG A 1406 -47.65 61.42 17.88
N ALA A 1407 -47.57 60.38 18.73
CA ALA A 1407 -47.01 60.57 20.07
C ALA A 1407 -45.52 60.85 20.01
N ILE A 1408 -44.82 60.24 19.06
CA ILE A 1408 -43.40 60.54 18.87
C ILE A 1408 -43.23 62.02 18.51
N GLN A 1409 -44.08 62.53 17.61
CA GLN A 1409 -44.02 63.95 17.26
C GLN A 1409 -44.36 64.82 18.47
N PHE A 1410 -45.36 64.41 19.25
CA PHE A 1410 -45.72 65.15 20.46
C PHE A 1410 -44.54 65.24 21.42
N TYR A 1411 -43.83 64.12 21.61
CA TYR A 1411 -42.68 64.12 22.52
C TYR A 1411 -41.54 64.96 21.96
N LEU A 1412 -41.32 64.91 20.64
CA LEU A 1412 -40.30 65.75 20.04
C LEU A 1412 -40.65 67.24 20.20
N GLU A 1413 -41.95 67.55 20.26
CA GLU A 1413 -42.36 68.95 20.34
C GLU A 1413 -42.42 69.46 21.78
N PHE A 1414 -42.72 68.58 22.75
CA PHE A 1414 -43.02 69.02 24.11
C PHE A 1414 -42.10 68.42 25.16
N LYS A 1415 -41.84 67.11 25.12
CA LYS A 1415 -41.07 66.43 26.17
C LYS A 1415 -40.20 65.35 25.55
N PRO A 1416 -39.02 65.73 25.03
CA PRO A 1416 -38.13 64.72 24.44
C PRO A 1416 -37.41 63.87 25.47
N LEU A 1417 -37.47 64.21 26.76
CA LEU A 1417 -36.75 63.44 27.77
C LEU A 1417 -37.37 62.06 27.97
N LEU A 1418 -38.67 61.91 27.75
CA LEU A 1418 -39.33 60.63 27.88
C LEU A 1418 -39.54 59.93 26.54
N LEU A 1419 -38.88 60.40 25.49
CA LEU A 1419 -38.99 59.75 24.19
C LEU A 1419 -38.44 58.33 24.23
N ASN A 1420 -37.37 58.12 25.00
CA ASN A 1420 -36.82 56.77 25.15
C ASN A 1420 -37.82 55.82 25.80
N ASP A 1421 -38.49 56.26 26.87
CA ASP A 1421 -39.51 55.43 27.50
C ASP A 1421 -40.69 55.20 26.57
N LEU A 1422 -41.12 56.23 25.83
CA LEU A 1422 -42.20 56.06 24.87
C LEU A 1422 -41.85 55.01 23.83
N LEU A 1423 -40.63 55.08 23.29
CA LEU A 1423 -40.21 54.10 22.29
C LEU A 1423 -40.11 52.71 22.89
N MET A 1424 -39.59 52.60 24.10
CA MET A 1424 -39.42 51.26 24.69
C MET A 1424 -40.76 50.65 25.08
N VAL A 1425 -41.79 51.46 25.33
CA VAL A 1425 -43.09 50.88 25.62
C VAL A 1425 -43.90 50.66 24.34
N LEU A 1426 -43.58 51.37 23.26
CA LEU A 1426 -44.31 51.18 22.01
C LEU A 1426 -43.67 50.14 21.10
N SER A 1427 -42.43 49.73 21.39
CA SER A 1427 -41.70 48.77 20.57
C SER A 1427 -42.48 47.52 20.18
N PRO A 1428 -43.25 46.87 21.06
CA PRO A 1428 -43.98 45.66 20.63
C PRO A 1428 -44.96 45.90 19.48
N ARG A 1429 -45.41 47.13 19.26
CA ARG A 1429 -46.37 47.41 18.19
C ARG A 1429 -45.92 48.57 17.30
N LEU A 1430 -44.63 48.91 17.32
CA LEU A 1430 -44.12 50.02 16.52
C LEU A 1430 -43.31 49.50 15.34
N ASP A 1431 -43.51 50.14 14.18
CA ASP A 1431 -42.73 49.86 12.99
C ASP A 1431 -41.42 50.62 13.13
N HIS A 1432 -40.32 49.90 13.35
CA HIS A 1432 -39.04 50.54 13.64
C HIS A 1432 -38.45 51.21 12.41
N THR A 1433 -38.78 50.73 11.20
CA THR A 1433 -38.22 51.32 10.00
C THR A 1433 -38.68 52.75 9.80
N ARG A 1434 -40.00 52.98 9.87
CA ARG A 1434 -40.52 54.33 9.73
C ARG A 1434 -40.06 55.22 10.87
N ALA A 1435 -39.90 54.64 12.07
CA ALA A 1435 -39.40 55.43 13.20
C ALA A 1435 -37.97 55.90 12.96
N VAL A 1436 -37.12 55.01 12.45
CA VAL A 1436 -35.74 55.40 12.14
C VAL A 1436 -35.72 56.42 11.00
N ASN A 1437 -36.60 56.26 10.03
CA ASN A 1437 -36.69 57.24 8.95
C ASN A 1437 -37.07 58.61 9.48
N TYR A 1438 -38.04 58.67 10.39
CA TYR A 1438 -38.44 59.95 10.97
C TYR A 1438 -37.33 60.53 11.83
N PHE A 1439 -36.61 59.69 12.58
CA PHE A 1439 -35.51 60.18 13.41
C PHE A 1439 -34.37 60.71 12.55
N SER A 1440 -34.14 60.11 11.38
CA SER A 1440 -33.13 60.63 10.47
C SER A 1440 -33.60 61.90 9.78
N LYS A 1441 -34.90 62.03 9.51
CA LYS A 1441 -35.43 63.27 8.95
C LYS A 1441 -35.35 64.43 9.96
N VAL A 1442 -35.55 64.15 11.25
CA VAL A 1442 -35.46 65.18 12.27
C VAL A 1442 -34.06 65.27 12.88
N LYS A 1443 -33.17 64.32 12.58
CA LYS A 1443 -31.78 64.35 13.04
C LYS A 1443 -31.70 64.36 14.57
N GLN A 1444 -32.31 63.36 15.20
CA GLN A 1444 -32.26 63.18 16.64
C GLN A 1444 -31.77 61.79 17.03
N LEU A 1445 -30.89 61.19 16.23
CA LEU A 1445 -30.39 59.85 16.51
C LEU A 1445 -29.61 59.74 17.82
N PRO A 1446 -28.74 60.69 18.19
CA PRO A 1446 -28.05 60.55 19.50
C PRO A 1446 -28.99 60.53 20.69
N LEU A 1447 -30.18 61.10 20.57
CA LEU A 1447 -31.15 61.06 21.66
C LEU A 1447 -31.87 59.72 21.77
N VAL A 1448 -31.92 58.95 20.67
CA VAL A 1448 -32.54 57.63 20.69
C VAL A 1448 -31.53 56.51 20.56
N LYS A 1449 -30.24 56.81 20.64
CA LYS A 1449 -29.15 55.83 20.55
C LYS A 1449 -29.36 54.60 21.43
N PRO A 1450 -29.73 54.74 22.71
CA PRO A 1450 -29.95 53.52 23.52
C PRO A 1450 -31.12 52.69 23.03
N TYR A 1451 -32.21 53.31 22.60
CA TYR A 1451 -33.34 52.55 22.06
C TYR A 1451 -32.94 51.84 20.78
N LEU A 1452 -32.12 52.50 19.94
CA LEU A 1452 -31.64 51.84 18.73
C LEU A 1452 -30.74 50.65 19.06
N ARG A 1453 -29.88 50.80 20.07
CA ARG A 1453 -29.05 49.67 20.49
C ARG A 1453 -29.90 48.52 21.01
N SER A 1454 -30.99 48.84 21.71
CA SER A 1454 -31.87 47.79 22.21
C SER A 1454 -32.61 47.10 21.07
N VAL A 1455 -33.04 47.86 20.06
CA VAL A 1455 -33.76 47.27 18.93
C VAL A 1455 -32.80 46.49 18.04
N GLN A 1456 -31.51 46.82 18.10
CA GLN A 1456 -30.51 46.15 17.27
C GLN A 1456 -30.54 44.63 17.38
N ASN A 1457 -31.12 44.09 18.45
CA ASN A 1457 -31.23 42.64 18.61
C ASN A 1457 -32.12 42.02 17.54
N HIS A 1458 -32.88 42.81 16.78
CA HIS A 1458 -33.70 42.31 15.69
C HIS A 1458 -32.97 42.35 14.36
N ASN A 1459 -31.74 42.87 14.32
CA ASN A 1459 -30.92 42.91 13.12
C ASN A 1459 -31.61 43.69 11.99
N ASN A 1460 -31.93 44.94 12.28
CA ASN A 1460 -32.54 45.82 11.29
C ASN A 1460 -31.45 46.57 10.55
N LYS A 1461 -31.58 46.64 9.22
CA LYS A 1461 -30.56 47.28 8.40
C LYS A 1461 -30.44 48.78 8.71
N SER A 1462 -31.57 49.48 8.74
CA SER A 1462 -31.56 50.91 9.03
C SER A 1462 -31.05 51.21 10.43
N VAL A 1463 -31.46 50.43 11.43
CA VAL A 1463 -30.96 50.61 12.79
C VAL A 1463 -29.45 50.36 12.87
N ASN A 1464 -28.96 49.32 12.18
CA ASN A 1464 -27.53 49.05 12.17
C ASN A 1464 -26.76 50.20 11.53
N GLU A 1465 -27.27 50.72 10.41
CA GLU A 1465 -26.60 51.83 9.74
C GLU A 1465 -26.60 53.08 10.62
N SER A 1466 -27.72 53.37 11.28
CA SER A 1466 -27.79 54.53 12.15
C SER A 1466 -26.82 54.40 13.32
N LEU A 1467 -26.77 53.21 13.93
CA LEU A 1467 -25.84 53.00 15.04
C LEU A 1467 -24.39 53.10 14.59
N ASN A 1468 -24.08 52.59 13.39
CA ASN A 1468 -22.71 52.71 12.88
C ASN A 1468 -22.35 54.17 12.62
N ASN A 1469 -23.28 54.94 12.06
CA ASN A 1469 -23.02 56.36 11.84
C ASN A 1469 -22.83 57.10 13.16
N LEU A 1470 -23.62 56.76 14.18
CA LEU A 1470 -23.47 57.41 15.47
C LEU A 1470 -22.14 57.04 16.12
N PHE A 1471 -21.71 55.80 15.99
CA PHE A 1471 -20.44 55.38 16.56
C PHE A 1471 -19.27 56.02 15.82
N ILE A 1472 -19.40 56.21 14.51
CA ILE A 1472 -18.37 56.91 13.75
C ILE A 1472 -18.31 58.37 14.18
N THR A 1473 -19.47 58.99 14.39
CA THR A 1473 -19.49 60.39 14.83
C THR A 1473 -18.86 60.53 16.21
N GLU A 1474 -19.16 59.61 17.12
CA GLU A 1474 -18.62 59.65 18.47
C GLU A 1474 -17.21 59.09 18.58
N GLU A 1475 -16.59 58.72 17.45
CA GLU A 1475 -15.22 58.21 17.42
C GLU A 1475 -15.05 56.97 18.30
N ASP A 1476 -16.03 56.07 18.22
CA ASP A 1476 -16.00 54.81 18.95
C ASP A 1476 -15.57 53.69 18.02
N TYR A 1477 -14.81 52.75 18.56
CA TYR A 1477 -14.33 51.62 17.77
C TYR A 1477 -14.59 50.29 18.49
N GLN A 1478 -15.08 50.35 19.73
CA GLN A 1478 -15.48 49.13 20.41
C GLN A 1478 -16.91 48.75 20.09
N ALA A 1479 -17.81 49.73 20.10
CA ALA A 1479 -19.21 49.46 19.75
C ALA A 1479 -19.33 49.04 18.29
N LEU A 1480 -18.53 49.63 17.40
CA LEU A 1480 -18.53 49.21 16.00
C LEU A 1480 -18.09 47.75 15.88
N ARG A 1481 -17.04 47.37 16.60
CA ARG A 1481 -16.58 45.97 16.57
C ARG A 1481 -17.65 45.03 17.10
N THR A 1482 -18.29 45.38 18.20
CA THR A 1482 -19.35 44.55 18.76
C THR A 1482 -20.50 44.40 17.77
N SER A 1483 -20.86 45.50 17.10
CA SER A 1483 -21.98 45.46 16.17
C SER A 1483 -21.64 44.61 14.94
N ILE A 1484 -20.43 44.73 14.43
CA ILE A 1484 -20.08 43.99 13.22
C ILE A 1484 -19.82 42.52 13.54
N ASP A 1485 -19.48 42.21 14.80
CA ASP A 1485 -19.30 40.81 15.18
C ASP A 1485 -20.62 40.14 15.52
N ALA A 1486 -21.59 40.91 16.03
CA ALA A 1486 -22.88 40.34 16.40
C ALA A 1486 -23.85 40.34 15.22
N TYR A 1487 -23.81 41.38 14.39
CA TYR A 1487 -24.75 41.52 13.28
C TYR A 1487 -23.99 41.83 11.99
N ASP A 1488 -24.63 41.54 10.87
CA ASP A 1488 -24.02 41.73 9.56
C ASP A 1488 -24.98 42.31 8.52
N ASN A 1489 -26.14 42.81 8.95
CA ASN A 1489 -27.13 43.34 8.01
C ASN A 1489 -26.85 44.81 7.72
N PHE A 1490 -25.80 45.04 6.94
CA PHE A 1490 -25.40 46.37 6.52
C PHE A 1490 -24.42 46.23 5.36
N ASP A 1491 -24.12 47.37 4.74
CA ASP A 1491 -23.18 47.42 3.61
C ASP A 1491 -21.77 47.55 4.16
N ASN A 1492 -20.98 46.47 4.02
CA ASN A 1492 -19.63 46.48 4.55
C ASN A 1492 -18.69 47.34 3.71
N ILE A 1493 -18.93 47.42 2.40
CA ILE A 1493 -18.02 48.14 1.51
C ILE A 1493 -18.06 49.64 1.80
N SER A 1494 -19.26 50.22 1.89
CA SER A 1494 -19.38 51.65 2.15
C SER A 1494 -18.85 51.99 3.54
N LEU A 1495 -19.15 51.15 4.54
CA LEU A 1495 -18.65 51.40 5.88
C LEU A 1495 -17.13 51.34 5.92
N ALA A 1496 -16.53 50.38 5.21
CA ALA A 1496 -15.08 50.28 5.17
C ALA A 1496 -14.45 51.48 4.46
N GLN A 1497 -15.08 51.93 3.37
CA GLN A 1497 -14.57 53.11 2.67
C GLN A 1497 -14.70 54.37 3.51
N ARG A 1498 -15.70 54.43 4.38
CA ARG A 1498 -15.82 55.57 5.28
C ARG A 1498 -14.83 55.49 6.44
N LEU A 1499 -14.55 54.28 6.91
CA LEU A 1499 -13.64 54.12 8.05
C LEU A 1499 -12.19 54.33 7.63
N GLU A 1500 -11.84 53.94 6.40
CA GLU A 1500 -10.46 54.08 5.95
C GLU A 1500 -10.05 55.53 5.78
N LYS A 1501 -11.01 56.46 5.77
CA LYS A 1501 -10.72 57.89 5.66
C LYS A 1501 -10.88 58.63 6.98
N HIS A 1502 -10.96 57.91 8.10
CA HIS A 1502 -11.14 58.51 9.41
C HIS A 1502 -9.82 58.93 10.04
N GLU A 1503 -8.69 58.69 9.37
CA GLU A 1503 -7.36 59.12 9.80
C GLU A 1503 -6.92 58.42 11.08
N LEU A 1504 -7.70 57.45 11.55
CA LEU A 1504 -7.32 56.71 12.75
C LEU A 1504 -6.95 55.28 12.40
N ILE A 1505 -6.11 54.67 13.25
CA ILE A 1505 -5.62 53.32 12.98
C ILE A 1505 -6.68 52.28 13.29
N GLU A 1506 -7.40 52.46 14.40
CA GLU A 1506 -8.44 51.48 14.76
C GLU A 1506 -9.56 51.46 13.74
N PHE A 1507 -9.93 52.62 13.19
CA PHE A 1507 -11.01 52.66 12.21
C PHE A 1507 -10.62 51.95 10.92
N ARG A 1508 -9.40 52.16 10.44
CA ARG A 1508 -8.96 51.45 9.24
C ARG A 1508 -8.73 49.97 9.51
N ARG A 1509 -8.35 49.59 10.73
CA ARG A 1509 -8.29 48.17 11.06
C ARG A 1509 -9.67 47.53 11.04
N ILE A 1510 -10.68 48.23 11.56
CA ILE A 1510 -12.05 47.73 11.49
C ILE A 1510 -12.53 47.65 10.05
N ALA A 1511 -12.10 48.62 9.22
CA ALA A 1511 -12.44 48.57 7.80
C ALA A 1511 -11.82 47.36 7.12
N ALA A 1512 -10.55 47.07 7.42
CA ALA A 1512 -9.92 45.88 6.86
C ALA A 1512 -10.60 44.60 7.35
N TYR A 1513 -11.04 44.60 8.62
CA TYR A 1513 -11.79 43.46 9.15
C TYR A 1513 -13.09 43.26 8.38
N LEU A 1514 -13.82 44.35 8.13
CA LEU A 1514 -15.06 44.26 7.37
C LEU A 1514 -14.79 43.79 5.94
N PHE A 1515 -13.69 44.23 5.34
CA PHE A 1515 -13.34 43.78 4.00
C PHE A 1515 -13.04 42.29 3.98
N LYS A 1516 -12.25 41.81 4.95
CA LYS A 1516 -11.91 40.39 4.97
C LYS A 1516 -13.10 39.53 5.36
N GLY A 1517 -14.09 40.10 6.04
CA GLY A 1517 -15.27 39.34 6.42
C GLY A 1517 -16.13 38.89 5.26
N ASN A 1518 -15.96 39.51 4.09
CA ASN A 1518 -16.68 39.13 2.88
C ASN A 1518 -15.81 38.33 1.92
N ASN A 1519 -14.74 37.71 2.43
CA ASN A 1519 -13.80 36.93 1.63
C ASN A 1519 -13.20 37.77 0.50
N ARG A 1520 -12.99 39.05 0.77
CA ARG A 1520 -12.38 39.96 -0.20
C ARG A 1520 -10.86 39.93 -0.02
N TRP A 1521 -10.29 38.75 -0.28
CA TRP A 1521 -8.85 38.56 -0.11
C TRP A 1521 -8.09 39.31 -1.19
N LYS A 1522 -6.78 39.49 -0.95
CA LYS A 1522 -5.86 40.25 -1.79
C LYS A 1522 -6.23 41.72 -1.91
N GLN A 1523 -7.22 42.18 -1.16
CA GLN A 1523 -7.63 43.58 -1.16
C GLN A 1523 -7.46 44.23 0.21
N SER A 1524 -7.95 43.58 1.28
CA SER A 1524 -7.79 44.12 2.62
C SER A 1524 -6.35 44.07 3.08
N VAL A 1525 -5.63 43.00 2.75
CA VAL A 1525 -4.22 42.90 3.12
C VAL A 1525 -3.41 43.98 2.41
N GLU A 1526 -3.64 44.17 1.11
CA GLU A 1526 -2.94 45.23 0.39
C GLU A 1526 -3.36 46.62 0.87
N LEU A 1527 -4.59 46.75 1.39
CA LEU A 1527 -5.03 48.03 1.92
C LEU A 1527 -4.31 48.36 3.23
N CYS A 1528 -4.22 47.38 4.13
CA CYS A 1528 -3.55 47.63 5.41
C CYS A 1528 -2.03 47.60 5.27
N LYS A 1529 -1.51 47.11 4.15
CA LYS A 1529 -0.07 47.09 3.93
C LYS A 1529 0.53 48.50 4.00
N LYS A 1530 -0.28 49.53 3.73
CA LYS A 1530 0.24 50.90 3.79
C LYS A 1530 0.69 51.28 5.20
N ASP A 1531 0.04 50.72 6.22
CA ASP A 1531 0.35 51.03 7.61
C ASP A 1531 0.64 49.82 8.47
N SER A 1532 -0.03 48.70 8.23
CA SER A 1532 0.14 47.50 9.06
C SER A 1532 1.37 46.72 8.65
N LEU A 1533 2.55 47.34 8.77
CA LEU A 1533 3.82 46.68 8.46
C LEU A 1533 4.43 45.99 9.67
N TYR A 1534 3.92 46.23 10.87
CA TYR A 1534 4.47 45.64 12.09
C TYR A 1534 3.77 44.32 12.43
N LYS A 1535 3.88 43.36 11.50
CA LYS A 1535 3.38 42.00 11.70
C LYS A 1535 1.87 41.96 11.92
N ASP A 1536 1.12 42.75 11.14
CA ASP A 1536 -0.34 42.70 11.15
C ASP A 1536 -0.94 42.22 9.84
N ALA A 1537 -0.47 42.72 8.71
CA ALA A 1537 -0.95 42.21 7.42
C ALA A 1537 -0.52 40.77 7.21
N MET A 1538 0.57 40.35 7.86
CA MET A 1538 0.98 38.95 7.82
C MET A 1538 -0.11 38.05 8.39
N GLN A 1539 -0.81 38.51 9.43
CA GLN A 1539 -1.90 37.73 9.99
C GLN A 1539 -3.04 37.57 8.99
N TYR A 1540 -3.37 38.64 8.26
CA TYR A 1540 -4.39 38.53 7.23
C TYR A 1540 -3.96 37.58 6.12
N ALA A 1541 -2.70 37.67 5.69
CA ALA A 1541 -2.22 36.78 4.65
C ALA A 1541 -2.23 35.33 5.10
N SER A 1542 -1.97 35.09 6.39
CA SER A 1542 -1.97 33.73 6.91
C SER A 1542 -3.40 33.19 7.01
N GLU A 1543 -4.32 33.98 7.55
CA GLU A 1543 -5.70 33.54 7.68
C GLU A 1543 -6.43 33.50 6.35
N SER A 1544 -5.86 34.10 5.30
CA SER A 1544 -6.49 34.04 3.98
C SER A 1544 -6.52 32.62 3.43
N LYS A 1545 -5.60 31.77 3.86
CA LYS A 1545 -5.51 30.37 3.44
C LYS A 1545 -5.32 30.24 1.94
N ASP A 1546 -4.79 31.26 1.28
CA ASP A 1546 -4.57 31.25 -0.15
C ASP A 1546 -3.07 31.24 -0.46
N THR A 1547 -2.73 30.86 -1.68
CA THR A 1547 -1.36 30.81 -2.14
C THR A 1547 -1.05 32.02 -3.03
N GLU A 1548 0.24 32.22 -3.29
CA GLU A 1548 0.73 33.32 -4.13
C GLU A 1548 0.31 34.68 -3.56
N LEU A 1549 0.12 34.73 -2.25
CA LEU A 1549 -0.24 35.97 -1.57
C LEU A 1549 0.84 36.36 -0.57
N ALA A 1550 1.27 35.42 0.26
CA ALA A 1550 2.34 35.70 1.21
C ALA A 1550 3.69 35.80 0.51
N GLU A 1551 3.82 35.17 -0.66
CA GLU A 1551 5.08 35.25 -1.41
C GLU A 1551 5.38 36.68 -1.84
N GLU A 1552 4.35 37.45 -2.18
CA GLU A 1552 4.56 38.86 -2.53
C GLU A 1552 5.08 39.65 -1.33
N LEU A 1553 4.53 39.41 -0.14
CA LEU A 1553 5.04 40.07 1.05
C LEU A 1553 6.46 39.64 1.37
N LEU A 1554 6.77 38.36 1.16
CA LEU A 1554 8.14 37.90 1.36
C LEU A 1554 9.11 38.58 0.40
N GLN A 1555 8.72 38.73 -0.87
CA GLN A 1555 9.57 39.40 -1.84
C GLN A 1555 9.71 40.88 -1.52
N TRP A 1556 8.65 41.50 -0.98
CA TRP A 1556 8.75 42.90 -0.57
C TRP A 1556 9.67 43.06 0.63
N PHE A 1557 9.67 42.07 1.54
CA PHE A 1557 10.58 42.09 2.68
C PHE A 1557 12.03 41.91 2.25
N LEU A 1558 12.27 41.50 1.00
CA LEU A 1558 13.62 41.34 0.48
C LEU A 1558 14.07 42.47 -0.42
N GLN A 1559 13.13 43.05 -1.19
CA GLN A 1559 13.48 44.21 -2.00
C GLN A 1559 13.85 45.40 -1.12
N GLU A 1560 13.15 45.57 -0.01
CA GLU A 1560 13.46 46.58 0.99
C GLU A 1560 14.09 45.90 2.19
N GLU A 1561 14.96 46.61 2.90
CA GLU A 1561 15.68 46.00 4.00
C GLU A 1561 14.76 45.76 5.19
N LYS A 1562 13.98 44.68 5.14
CA LYS A 1562 13.07 44.30 6.20
C LYS A 1562 13.17 42.80 6.49
N ARG A 1563 14.37 42.24 6.35
CA ARG A 1563 14.56 40.80 6.51
C ARG A 1563 14.41 40.35 7.96
N GLU A 1564 14.30 41.29 8.91
CA GLU A 1564 14.18 40.91 10.31
C GLU A 1564 12.89 40.15 10.59
N CYS A 1565 11.82 40.43 9.86
CA CYS A 1565 10.54 39.75 10.05
C CYS A 1565 10.31 38.65 9.02
N PHE A 1566 11.32 38.32 8.22
CA PHE A 1566 11.16 37.29 7.20
C PHE A 1566 10.89 35.93 7.84
N GLY A 1567 11.66 35.57 8.86
CA GLY A 1567 11.44 34.31 9.54
C GLY A 1567 10.10 34.24 10.23
N ALA A 1568 9.65 35.35 10.82
CA ALA A 1568 8.33 35.38 11.43
C ALA A 1568 7.23 35.18 10.40
N CYS A 1569 7.37 35.83 9.24
CA CYS A 1569 6.39 35.64 8.17
C CYS A 1569 6.41 34.22 7.65
N LEU A 1570 7.59 33.59 7.61
CA LEU A 1570 7.68 32.19 7.19
C LEU A 1570 6.99 31.28 8.18
N PHE A 1571 7.21 31.49 9.48
CA PHE A 1571 6.63 30.63 10.50
C PHE A 1571 5.11 30.83 10.61
N THR A 1572 4.63 32.06 10.36
CA THR A 1572 3.20 32.29 10.42
C THR A 1572 2.47 31.65 9.24
N CYS A 1573 3.09 31.69 8.05
CA CYS A 1573 2.51 31.12 6.84
C CYS A 1573 3.19 29.80 6.45
N TYR A 1574 3.56 29.00 7.46
CA TYR A 1574 4.31 27.78 7.21
C TYR A 1574 3.55 26.83 6.28
N ASP A 1575 2.24 26.71 6.48
CA ASP A 1575 1.42 25.78 5.72
C ASP A 1575 1.05 26.30 4.34
N LEU A 1576 1.43 27.53 3.99
CA LEU A 1576 1.04 28.12 2.72
C LEU A 1576 2.21 28.43 1.81
N LEU A 1577 3.44 28.16 2.22
CA LEU A 1577 4.62 28.49 1.45
C LEU A 1577 5.35 27.24 0.98
N ARG A 1578 6.24 27.44 0.01
CA ARG A 1578 7.06 26.36 -0.55
C ARG A 1578 8.51 26.58 -0.16
N PRO A 1579 9.06 25.77 0.75
CA PRO A 1579 10.43 26.04 1.24
C PRO A 1579 11.51 25.96 0.18
N ASP A 1580 11.33 25.12 -0.84
CA ASP A 1580 12.39 24.92 -1.84
C ASP A 1580 12.71 26.21 -2.56
N VAL A 1581 11.70 27.00 -2.92
CA VAL A 1581 11.93 28.30 -3.54
C VAL A 1581 12.07 29.41 -2.51
N VAL A 1582 11.50 29.26 -1.32
CA VAL A 1582 11.61 30.28 -0.28
C VAL A 1582 13.07 30.44 0.15
N LEU A 1583 13.74 29.32 0.43
CA LEU A 1583 15.15 29.39 0.84
C LEU A 1583 16.02 29.98 -0.26
N GLU A 1584 15.76 29.57 -1.52
CA GLU A 1584 16.53 30.12 -2.63
C GLU A 1584 16.36 31.62 -2.75
N THR A 1585 15.11 32.11 -2.74
CA THR A 1585 14.87 33.54 -2.85
C THR A 1585 15.45 34.30 -1.66
N ALA A 1586 15.45 33.67 -0.47
CA ALA A 1586 15.91 34.36 0.73
C ALA A 1586 17.43 34.40 0.82
N TRP A 1587 18.12 33.45 0.18
CA TRP A 1587 19.57 33.37 0.32
C TRP A 1587 20.31 33.78 -0.95
N ARG A 1588 20.02 33.17 -2.08
CA ARG A 1588 20.82 33.43 -3.28
C ARG A 1588 20.28 34.60 -4.09
N HIS A 1589 18.95 34.67 -4.27
CA HIS A 1589 18.37 35.68 -5.14
C HIS A 1589 18.43 37.08 -4.54
N ASN A 1590 18.52 37.18 -3.22
CA ASN A 1590 18.52 38.48 -2.54
C ASN A 1590 19.53 38.42 -1.40
N ILE A 1591 19.49 39.43 -0.53
CA ILE A 1591 20.46 39.60 0.56
C ILE A 1591 20.62 38.31 1.37
N MET A 1592 21.86 38.04 1.78
CA MET A 1592 22.22 36.78 2.42
C MET A 1592 21.56 36.68 3.80
N ASP A 1593 20.26 36.41 3.78
CA ASP A 1593 19.55 36.09 5.01
C ASP A 1593 19.65 34.60 5.29
N PHE A 1594 19.72 34.26 6.58
CA PHE A 1594 19.95 32.87 6.97
C PHE A 1594 18.65 32.07 6.88
N ALA A 1595 17.63 32.49 7.62
CA ALA A 1595 16.33 31.81 7.66
C ALA A 1595 16.48 30.31 7.91
N MET A 1596 17.43 29.93 8.77
CA MET A 1596 17.76 28.53 8.96
C MET A 1596 16.73 27.76 9.77
N PRO A 1597 16.16 28.27 10.87
CA PRO A 1597 15.15 27.49 11.61
C PRO A 1597 13.98 27.02 10.76
N TYR A 1598 13.60 27.80 9.74
CA TYR A 1598 12.53 27.36 8.84
C TYR A 1598 12.93 26.08 8.12
N PHE A 1599 14.13 26.06 7.51
CA PHE A 1599 14.59 24.87 6.83
C PHE A 1599 14.84 23.73 7.81
N ILE A 1600 15.19 24.04 9.06
CA ILE A 1600 15.39 23.00 10.06
C ILE A 1600 14.07 22.31 10.38
N GLN A 1601 13.00 23.10 10.52
CA GLN A 1601 11.69 22.51 10.76
C GLN A 1601 11.20 21.77 9.53
N VAL A 1602 11.57 22.23 8.34
CA VAL A 1602 11.25 21.50 7.12
C VAL A 1602 11.93 20.14 7.12
N MET A 1603 13.20 20.09 7.53
CA MET A 1603 13.91 18.83 7.62
C MET A 1603 13.30 17.94 8.71
N LYS A 1604 12.79 18.55 9.77
CA LYS A 1604 12.10 17.76 10.81
C LYS A 1604 10.81 17.14 10.25
N GLU A 1605 10.07 17.91 9.45
CA GLU A 1605 8.88 17.35 8.80
C GLU A 1605 9.27 16.24 7.82
N TYR A 1606 10.42 16.40 7.15
CA TYR A 1606 10.90 15.34 6.26
C TYR A 1606 11.31 14.09 7.05
N LEU A 1607 11.86 14.26 8.26
CA LEU A 1607 12.14 13.11 9.11
C LEU A 1607 10.85 12.44 9.56
N THR A 1608 9.81 13.24 9.81
CA THR A 1608 8.50 12.66 10.11
C THR A 1608 7.97 11.86 8.92
N LYS A 1609 8.19 12.38 7.70
CA LYS A 1609 7.81 11.63 6.51
C LYS A 1609 8.64 10.35 6.37
N VAL A 1610 9.89 10.39 6.80
CA VAL A 1610 10.72 9.18 6.80
C VAL A 1610 10.18 8.16 7.79
N ASP A 1611 9.72 8.63 8.95
CA ASP A 1611 9.07 7.73 9.90
C ASP A 1611 7.79 7.13 9.31
N LYS A 1612 7.02 7.93 8.58
CA LYS A 1612 5.85 7.40 7.89
C LYS A 1612 6.26 6.38 6.83
N LEU A 1613 7.38 6.60 6.15
CA LEU A 1613 7.88 5.61 5.20
C LEU A 1613 8.31 4.33 5.90
N ASP A 1614 8.85 4.44 7.11
CA ASP A 1614 9.18 3.25 7.89
C ASP A 1614 7.92 2.49 8.30
N ALA A 1615 6.87 3.22 8.65
CA ALA A 1615 5.57 2.58 8.92
C ALA A 1615 5.05 1.89 7.67
N SER A 1616 5.22 2.52 6.50
CA SER A 1616 4.80 1.89 5.25
C SER A 1616 5.63 0.64 4.97
N GLU A 1617 6.92 0.65 5.32
CA GLU A 1617 7.73 -0.54 5.17
C GLU A 1617 7.30 -1.65 6.13
N SER A 1618 6.85 -1.28 7.33
CA SER A 1618 6.28 -2.28 8.23
C SER A 1618 5.00 -2.87 7.66
N LEU A 1619 4.17 -2.04 7.02
CA LEU A 1619 2.98 -2.54 6.34
C LEU A 1619 3.35 -3.45 5.19
N ARG A 1620 4.44 -3.13 4.47
CA ARG A 1620 4.90 -4.00 3.40
C ARG A 1620 5.41 -5.32 3.95
N LYS A 1621 6.03 -5.31 5.14
CA LYS A 1621 6.43 -6.54 5.77
C LYS A 1621 5.22 -7.39 6.17
N GLU A 1622 4.16 -6.73 6.64
CA GLU A 1622 2.91 -7.43 6.92
C GLU A 1622 2.34 -8.04 5.64
N GLU A 1623 2.42 -7.31 4.54
CA GLU A 1623 1.97 -7.85 3.26
C GLU A 1623 2.82 -9.03 2.81
N GLU A 1624 4.12 -8.99 3.10
CA GLU A 1624 4.99 -10.12 2.78
C GLU A 1624 4.62 -11.33 3.62
N GLN A 1625 4.28 -11.12 4.90
CA GLN A 1625 3.81 -12.22 5.73
C GLN A 1625 2.50 -12.80 5.18
N ALA A 1626 1.59 -11.91 4.74
CA ALA A 1626 0.35 -12.38 4.11
C ALA A 1626 0.65 -13.20 2.86
N THR A 1627 1.61 -12.77 2.06
CA THR A 1627 1.98 -13.52 0.86
C THR A 1627 2.58 -14.87 1.22
N GLU A 1628 3.37 -14.92 2.29
CA GLU A 1628 3.94 -16.19 2.75
C GLU A 1628 2.85 -17.12 3.25
N THR A 1629 1.78 -16.57 3.83
CA THR A 1629 0.66 -17.40 4.28
C THR A 1629 -0.29 -17.76 3.15
N GLN A 1630 -0.25 -17.04 2.02
CA GLN A 1630 -1.11 -17.33 0.88
C GLN A 1630 -1.06 -18.78 0.40
N PRO A 1631 0.10 -19.43 0.26
CA PRO A 1631 0.09 -20.83 -0.18
C PRO A 1631 -0.65 -21.78 0.75
N ILE A 1632 -0.85 -21.41 2.01
CA ILE A 1632 -1.65 -22.23 2.91
C ILE A 1632 -3.11 -22.19 2.50
N VAL A 1633 -3.62 -21.00 2.15
CA VAL A 1633 -5.00 -20.88 1.71
C VAL A 1633 -5.15 -21.44 0.30
N TYR A 1634 -4.09 -21.38 -0.50
CA TYR A 1634 -4.16 -21.89 -1.87
C TYR A 1634 -4.36 -23.40 -1.88
N GLY A 1635 -3.90 -24.09 -0.85
CA GLY A 1635 -4.04 -25.53 -0.77
C GLY A 1635 -5.43 -25.99 -0.39
N GLN A 1636 -6.42 -25.66 -1.21
CA GLN A 1636 -7.80 -26.06 -0.93
C GLN A 1636 -8.01 -27.49 -1.39
N PRO A 1637 -8.38 -28.41 -0.49
CA PRO A 1637 -8.65 -29.79 -0.91
C PRO A 1637 -9.84 -29.93 -1.84
N GLN A 1638 -10.72 -28.94 -1.89
CA GLN A 1638 -11.88 -28.99 -2.78
C GLN A 1638 -11.53 -28.79 -4.24
N LEU A 1639 -10.27 -28.45 -4.55
CA LEU A 1639 -9.85 -28.27 -5.93
C LEU A 1639 -9.58 -29.58 -6.66
N MET A 1640 -9.60 -30.71 -5.94
CA MET A 1640 -9.36 -32.02 -6.54
C MET A 1640 -10.61 -32.63 -7.15
N LEU A 1641 -11.77 -31.98 -7.03
CA LEU A 1641 -13.01 -32.50 -7.57
C LEU A 1641 -13.13 -32.18 -9.06
N PRO B 99 -85.47 84.05 28.83
CA PRO B 99 -85.49 85.08 27.78
C PRO B 99 -84.12 85.70 27.54
N GLU B 100 -84.00 87.01 27.80
CA GLU B 100 -82.73 87.69 27.59
C GLU B 100 -81.68 87.24 28.60
N SER B 101 -82.10 86.84 29.80
CA SER B 101 -81.15 86.35 30.80
C SER B 101 -80.45 85.08 30.35
N ILE B 102 -81.15 84.17 29.68
CA ILE B 102 -80.53 82.96 29.16
C ILE B 102 -79.48 83.29 28.10
N ARG B 103 -79.78 84.22 27.19
CA ARG B 103 -78.80 84.63 26.19
C ARG B 103 -77.60 85.32 26.83
N LYS B 104 -77.85 86.10 27.88
CA LYS B 104 -76.75 86.76 28.59
C LYS B 104 -75.85 85.72 29.26
N TRP B 105 -76.45 84.70 29.87
CA TRP B 105 -75.67 83.64 30.50
C TRP B 105 -74.88 82.85 29.46
N ARG B 106 -75.49 82.61 28.29
CA ARG B 106 -74.78 81.91 27.23
C ARG B 106 -73.61 82.74 26.71
N GLU B 107 -73.79 84.05 26.60
CA GLU B 107 -72.69 84.91 26.16
C GLU B 107 -71.57 84.93 27.19
N GLU B 108 -71.91 84.98 28.49
CA GLU B 108 -70.90 84.92 29.53
C GLU B 108 -70.15 83.59 29.48
N GLN B 109 -70.88 82.49 29.25
CA GLN B 109 -70.23 81.18 29.15
C GLN B 109 -69.30 81.12 27.96
N ARG B 110 -69.71 81.68 26.82
CA ARG B 110 -68.85 81.70 25.64
C ARG B 110 -67.60 82.54 25.88
N LYS B 111 -67.76 83.67 26.58
CA LYS B 111 -66.60 84.50 26.91
C LYS B 111 -65.64 83.75 27.84
N ARG B 112 -66.18 83.03 28.82
CA ARG B 112 -65.34 82.25 29.72
C ARG B 112 -64.62 81.14 28.96
N LEU B 113 -65.31 80.51 28.00
CA LEU B 113 -64.67 79.47 27.20
C LEU B 113 -63.56 80.05 26.33
N GLN B 114 -63.77 81.24 25.76
CA GLN B 114 -62.72 81.89 24.98
C GLN B 114 -61.54 82.25 25.85
N GLU B 115 -61.79 82.71 27.08
CA GLU B 115 -60.69 83.01 28.00
C GLU B 115 -59.92 81.74 28.36
N LEU B 116 -60.63 80.63 28.58
CA LEU B 116 -59.96 79.37 28.87
C LEU B 116 -59.14 78.90 27.67
N ASP B 117 -59.65 79.09 26.46
CA ASP B 117 -58.88 78.71 25.27
C ASP B 117 -57.63 79.58 25.13
N ALA B 118 -57.75 80.88 25.43
CA ALA B 118 -56.57 81.75 25.39
C ALA B 118 -55.54 81.32 26.42
N ALA B 119 -55.99 80.98 27.64
CA ALA B 119 -55.07 80.50 28.66
C ALA B 119 -54.42 79.19 28.24
N SER B 120 -55.17 78.31 27.57
CA SER B 120 -54.60 77.06 27.09
C SER B 120 -53.56 77.32 26.01
N LYS B 121 -53.81 78.28 25.13
CA LYS B 121 -52.81 78.63 24.11
C LYS B 121 -51.55 79.21 24.76
N VAL B 122 -51.72 80.03 25.80
CA VAL B 122 -50.57 80.58 26.50
C VAL B 122 -49.77 79.46 27.16
N MET B 123 -50.45 78.50 27.78
CA MET B 123 -49.75 77.36 28.38
C MET B 123 -49.06 76.51 27.34
N GLU B 124 -49.67 76.36 26.15
CA GLU B 124 -49.01 75.62 25.08
C GLU B 124 -47.75 76.32 24.61
N GLN B 125 -47.80 77.66 24.49
CA GLN B 125 -46.61 78.41 24.13
C GLN B 125 -45.52 78.28 25.19
N GLU B 126 -45.91 78.32 26.47
CA GLU B 126 -44.93 78.16 27.54
C GLU B 126 -44.31 76.77 27.50
N TRP B 127 -45.12 75.74 27.23
CA TRP B 127 -44.58 74.38 27.14
C TRP B 127 -43.66 74.24 25.95
N ARG B 128 -43.98 74.88 24.83
CA ARG B 128 -43.09 74.85 23.67
C ARG B 128 -41.77 75.53 23.98
N GLU B 129 -41.81 76.66 24.69
CA GLU B 129 -40.58 77.34 25.08
C GLU B 129 -39.74 76.47 26.01
N LYS B 130 -40.38 75.84 27.00
CA LYS B 130 -39.66 74.95 27.91
C LYS B 130 -39.07 73.76 27.16
N ALA B 131 -39.79 73.24 26.18
CA ALA B 131 -39.29 72.11 25.38
C ALA B 131 -38.09 72.53 24.55
N LYS B 132 -38.14 73.73 23.96
CA LYS B 132 -36.98 74.22 23.21
C LYS B 132 -35.78 74.41 24.12
N LYS B 133 -35.99 74.94 25.32
CA LYS B 133 -34.89 75.12 26.26
C LYS B 133 -34.29 73.76 26.66
N ASP B 134 -35.15 72.78 26.94
CA ASP B 134 -34.66 71.46 27.33
C ASP B 134 -33.92 70.79 26.19
N LEU B 135 -34.43 70.92 24.96
CA LEU B 135 -33.75 70.34 23.81
C LEU B 135 -32.38 70.99 23.60
N GLU B 136 -32.31 72.32 23.74
CA GLU B 136 -31.03 73.00 23.61
C GLU B 136 -30.05 72.56 24.68
N GLU B 137 -30.52 72.40 25.93
CA GLU B 137 -29.64 71.96 27.00
C GLU B 137 -29.13 70.54 26.74
N TRP B 138 -30.02 69.64 26.32
CA TRP B 138 -29.61 68.27 26.02
C TRP B 138 -28.61 68.23 24.88
N ASN B 139 -28.84 69.05 23.84
CA ASN B 139 -27.91 69.09 22.72
C ASN B 139 -26.56 69.64 23.16
N GLN B 140 -26.54 70.65 24.02
CA GLN B 140 -25.28 71.20 24.52
C GLN B 140 -24.52 70.16 25.35
N ARG B 141 -25.24 69.42 26.20
CA ARG B 141 -24.59 68.38 26.98
C ARG B 141 -24.06 67.25 26.11
N GLN B 142 -24.81 66.85 25.08
CA GLN B 142 -24.34 65.83 24.16
C GLN B 142 -23.10 66.30 23.41
N SER B 143 -23.08 67.57 23.00
CA SER B 143 -21.90 68.13 22.35
C SER B 143 -20.71 68.18 23.29
N GLU B 144 -20.93 68.51 24.57
CA GLU B 144 -19.84 68.48 25.54
C GLU B 144 -19.29 67.06 25.71
N GLN B 145 -20.19 66.07 25.76
CA GLN B 145 -19.74 64.69 25.89
C GLN B 145 -18.98 64.24 24.65
N VAL B 146 -19.42 64.65 23.47
CA VAL B 146 -18.71 64.29 22.24
C VAL B 146 -17.34 64.95 22.21
N GLU B 147 -17.25 66.20 22.66
CA GLU B 147 -15.94 66.87 22.71
C GLU B 147 -15.01 66.19 23.70
N LYS B 148 -15.54 65.78 24.85
CA LYS B 148 -14.71 65.07 25.83
C LYS B 148 -14.25 63.73 25.29
N ASN B 149 -15.13 63.02 24.56
CA ASN B 149 -14.72 61.77 23.93
C ASN B 149 -13.65 62.00 22.86
N LYS B 150 -13.76 63.10 22.11
CA LYS B 150 -12.72 63.43 21.12
C LYS B 150 -11.40 63.74 21.81
N ILE B 151 -11.44 64.45 22.94
CA ILE B 151 -10.22 64.71 23.69
C ILE B 151 -9.60 63.42 24.21
N ASN B 152 -10.44 62.50 24.68
CA ASN B 152 -9.95 61.21 25.14
C ASN B 152 -9.31 60.42 23.99
N ASN B 153 -9.94 60.49 22.81
CA ASN B 153 -9.36 59.81 21.64
C ASN B 153 -8.04 60.44 21.22
N ARG B 154 -7.92 61.76 21.32
CA ARG B 154 -6.65 62.41 21.03
C ARG B 154 -5.57 62.00 22.04
N ILE B 155 -5.95 61.89 23.31
CA ILE B 155 -5.00 61.43 24.32
C ILE B 155 -4.58 60.00 24.04
N ALA B 156 -5.51 59.14 23.61
CA ALA B 156 -5.18 57.77 23.27
C ALA B 156 -4.25 57.71 22.06
N ASP B 157 -4.49 58.57 21.07
CA ASP B 157 -3.61 58.62 19.91
C ASP B 157 -2.22 59.10 20.29
N LYS B 158 -2.14 60.03 21.25
CA LYS B 158 -0.85 60.44 21.78
C LYS B 158 -0.17 59.32 22.55
N ALA B 159 -0.96 58.44 23.18
CA ALA B 159 -0.39 57.30 23.88
C ALA B 159 0.13 56.24 22.90
N PHE B 160 -0.32 56.29 21.65
CA PHE B 160 0.16 55.35 20.64
C PHE B 160 1.65 55.55 20.36
N TYR B 161 2.16 56.76 20.60
CA TYR B 161 3.56 57.04 20.37
C TYR B 161 4.43 56.18 21.28
N GLN B 162 5.30 55.38 20.68
CA GLN B 162 6.22 54.53 21.40
C GLN B 162 7.60 54.61 20.77
N GLN B 163 8.52 53.79 21.27
CA GLN B 163 9.90 53.82 20.79
C GLN B 163 10.35 52.45 20.31
N PRO B 164 9.82 51.97 19.18
CA PRO B 164 10.25 50.67 18.65
C PRO B 164 11.45 50.83 17.72
N ASP B 165 11.88 49.73 17.14
CA ASP B 165 12.93 49.75 16.14
C ASP B 165 12.36 50.22 14.80
N ALA B 166 13.25 50.40 13.83
CA ALA B 166 12.82 50.82 12.49
C ALA B 166 12.15 49.68 11.74
N GLY B 188 21.89 39.82 19.49
CA GLY B 188 20.94 39.06 20.28
C GLY B 188 19.61 39.77 20.45
N THR B 189 19.62 41.10 20.32
CA THR B 189 18.40 41.88 20.47
C THR B 189 17.45 41.68 19.29
N GLU B 190 17.95 41.28 18.13
CA GLU B 190 17.07 41.05 16.99
C GLU B 190 16.13 39.89 17.24
N TRP B 191 16.62 38.82 17.87
CA TRP B 191 15.74 37.70 18.21
C TRP B 191 14.67 38.12 19.22
N GLU B 192 15.05 38.97 20.18
CA GLU B 192 14.06 39.47 21.14
C GLU B 192 13.01 40.32 20.45
N LYS B 193 13.43 41.14 19.47
CA LYS B 193 12.46 41.94 18.72
C LYS B 193 11.53 41.06 17.90
N VAL B 194 12.08 40.03 17.25
CA VAL B 194 11.25 39.10 16.48
C VAL B 194 10.25 38.39 17.40
N ALA B 195 10.69 38.03 18.61
CA ALA B 195 9.78 37.40 19.55
C ALA B 195 8.68 38.36 19.98
N GLN B 196 9.05 39.60 20.33
CA GLN B 196 8.05 40.58 20.76
C GLN B 196 7.07 40.91 19.64
N LEU B 197 7.50 40.79 18.38
CA LEU B 197 6.60 41.09 17.27
C LEU B 197 5.69 39.92 16.93
N CYS B 198 6.24 38.72 16.78
CA CYS B 198 5.46 37.58 16.31
C CYS B 198 5.72 36.32 17.13
N ASP B 199 5.63 36.42 18.46
CA ASP B 199 5.78 35.25 19.31
C ASP B 199 4.73 34.21 18.98
N PHE B 200 5.17 33.07 18.44
CA PHE B 200 4.26 31.97 18.09
C PHE B 200 3.94 31.18 19.36
N ASN B 201 3.15 31.83 20.22
CA ASN B 201 2.79 31.23 21.50
C ASN B 201 1.87 30.03 21.27
N PRO B 202 1.93 29.00 22.14
CA PRO B 202 1.01 27.86 21.99
C PRO B 202 -0.46 28.23 22.04
N LYS B 203 -0.78 29.48 22.40
CA LYS B 203 -2.15 29.94 22.36
C LYS B 203 -2.72 29.97 20.95
N SER B 204 -1.86 29.91 19.93
CA SER B 204 -2.31 29.88 18.54
C SER B 204 -2.98 28.56 18.17
N SER B 205 -3.06 27.61 19.10
CA SER B 205 -3.71 26.32 18.83
C SER B 205 -5.21 26.47 18.59
N LYS B 206 -5.78 27.66 18.80
CA LYS B 206 -7.20 27.87 18.54
C LYS B 206 -7.54 27.70 17.06
N GLN B 207 -6.54 27.79 16.17
CA GLN B 207 -6.78 27.59 14.75
C GLN B 207 -6.91 26.11 14.43
N CYS B 208 -7.01 25.82 13.13
CA CYS B 208 -7.13 24.42 12.69
C CYS B 208 -5.87 23.65 13.04
N LYS B 209 -6.06 22.42 13.51
CA LYS B 209 -4.96 21.54 13.92
C LYS B 209 -4.27 20.96 12.67
N ASP B 210 -3.52 21.83 11.99
CA ASP B 210 -2.77 21.42 10.82
C ASP B 210 -1.39 20.92 11.27
N VAL B 211 -0.90 19.86 10.61
CA VAL B 211 0.41 19.32 10.95
C VAL B 211 1.52 20.33 10.73
N SER B 212 1.41 21.16 9.69
CA SER B 212 2.41 22.19 9.46
C SER B 212 2.39 23.23 10.59
N ARG B 213 1.20 23.56 11.09
CA ARG B 213 1.12 24.49 12.21
C ARG B 213 1.67 23.87 13.48
N LEU B 214 1.48 22.56 13.68
CA LEU B 214 2.09 21.89 14.82
C LEU B 214 3.60 21.91 14.72
N ARG B 215 4.14 21.68 13.52
CA ARG B 215 5.58 21.77 13.33
C ARG B 215 6.10 23.17 13.59
N SER B 216 5.35 24.18 13.17
CA SER B 216 5.74 25.57 13.44
C SER B 216 5.71 25.86 14.94
N VAL B 217 4.73 25.33 15.66
CA VAL B 217 4.67 25.52 17.11
C VAL B 217 5.85 24.84 17.78
N LEU B 218 6.22 23.64 17.31
CA LEU B 218 7.37 22.95 17.87
C LEU B 218 8.65 23.73 17.60
N MET B 219 8.79 24.30 16.39
CA MET B 219 9.97 25.09 16.07
C MET B 219 10.03 26.35 16.94
N SER B 220 8.88 26.97 17.18
CA SER B 220 8.85 28.16 18.04
C SER B 220 9.23 27.80 19.47
N LEU B 221 8.75 26.65 19.96
CA LEU B 221 9.13 26.21 21.31
C LEU B 221 10.62 25.89 21.39
N LYS B 222 11.20 25.36 20.32
CA LYS B 222 12.64 25.11 20.30
C LYS B 222 13.45 26.39 20.19
N GLN B 223 12.92 27.43 19.54
CA GLN B 223 13.64 28.69 19.43
C GLN B 223 13.43 29.57 20.66
N THR B 224 12.41 29.30 21.46
CA THR B 224 12.15 30.10 22.65
C THR B 224 13.35 30.22 23.60
N PRO B 225 14.10 29.16 23.91
CA PRO B 225 15.25 29.34 24.81
C PRO B 225 16.34 30.25 24.27
N LEU B 226 16.32 30.58 22.97
CA LEU B 226 17.32 31.47 22.41
C LEU B 226 17.16 32.91 22.87
N SER B 227 16.02 33.27 23.44
CA SER B 227 15.81 34.63 23.92
C SER B 227 16.67 34.90 25.15
N ARG B 228 17.56 35.89 25.04
CA ARG B 228 18.47 36.23 26.12
C ARG B 228 18.37 37.72 26.46
N ASN C 1248 48.92 -86.63 81.80
CA ASN C 1248 49.49 -85.42 81.21
C ASN C 1248 48.40 -84.39 80.91
N SER C 1249 47.50 -84.20 81.87
CA SER C 1249 46.43 -83.22 81.70
C SER C 1249 46.98 -81.80 81.77
N THR C 1250 46.22 -80.87 81.18
CA THR C 1250 46.63 -79.47 81.18
C THR C 1250 46.76 -78.91 82.60
N ARG C 1251 45.88 -79.33 83.51
CA ARG C 1251 45.99 -78.88 84.90
C ARG C 1251 47.28 -79.38 85.52
N THR C 1252 47.66 -80.63 85.23
CA THR C 1252 48.91 -81.16 85.76
C THR C 1252 50.12 -80.41 85.22
N TRP C 1253 50.12 -80.12 83.92
CA TRP C 1253 51.23 -79.36 83.34
C TRP C 1253 51.30 -77.95 83.93
N LYS C 1254 50.14 -77.32 84.14
CA LYS C 1254 50.13 -75.99 84.75
C LYS C 1254 50.67 -76.03 86.17
N GLU C 1255 50.25 -77.03 86.96
CA GLU C 1255 50.76 -77.15 88.33
C GLU C 1255 52.26 -77.39 88.34
N VAL C 1256 52.75 -78.25 87.44
CA VAL C 1256 54.19 -78.55 87.41
C VAL C 1256 54.98 -77.31 86.99
N CYS C 1257 54.49 -76.57 85.99
CA CYS C 1257 55.21 -75.37 85.56
C CYS C 1257 55.18 -74.29 86.65
N PHE C 1258 54.07 -74.16 87.37
CA PHE C 1258 54.02 -73.20 88.48
C PHE C 1258 54.99 -73.59 89.58
N ALA C 1259 55.06 -74.89 89.90
CA ALA C 1259 56.02 -75.34 90.91
C ALA C 1259 57.45 -75.11 90.46
N CYS C 1260 57.73 -75.28 89.17
CA CYS C 1260 59.07 -75.05 88.66
C CYS C 1260 59.42 -73.56 88.70
N VAL C 1261 58.46 -72.70 88.37
CA VAL C 1261 58.69 -71.26 88.45
C VAL C 1261 58.94 -70.85 89.90
N ASP C 1262 58.20 -71.44 90.83
CA ASP C 1262 58.43 -71.15 92.25
C ASP C 1262 59.79 -71.64 92.71
N GLY C 1263 60.23 -72.80 92.22
CA GLY C 1263 61.53 -73.34 92.57
C GLY C 1263 62.66 -72.96 91.64
N LYS C 1264 62.43 -72.01 90.72
CA LYS C 1264 63.44 -71.54 89.78
C LYS C 1264 63.95 -72.68 88.89
N GLU C 1265 63.07 -73.63 88.59
CA GLU C 1265 63.40 -74.76 87.71
C GLU C 1265 62.98 -74.46 86.28
N PHE C 1266 63.66 -73.50 85.67
CA PHE C 1266 63.31 -73.07 84.32
C PHE C 1266 63.64 -74.11 83.26
N ARG C 1267 64.63 -74.98 83.50
CA ARG C 1267 65.01 -75.98 82.52
C ARG C 1267 63.87 -76.94 82.22
N LEU C 1268 62.95 -77.16 83.16
CA LEU C 1268 61.75 -77.95 82.94
C LEU C 1268 60.53 -77.10 82.66
N ALA C 1269 60.49 -75.88 83.20
CA ALA C 1269 59.36 -75.00 82.96
C ALA C 1269 59.28 -74.58 81.50
N GLN C 1270 60.43 -74.40 80.83
CA GLN C 1270 60.44 -74.01 79.43
C GLN C 1270 59.77 -75.05 78.54
N MET C 1271 59.74 -76.31 78.97
CA MET C 1271 59.04 -77.37 78.25
C MET C 1271 57.63 -77.61 78.78
N CYS C 1272 57.41 -77.40 80.08
CA CYS C 1272 56.07 -77.59 80.63
C CYS C 1272 55.12 -76.50 80.15
N GLY C 1273 55.63 -75.30 79.90
CA GLY C 1273 54.80 -74.21 79.43
C GLY C 1273 54.34 -74.31 78.00
N LEU C 1274 54.84 -75.28 77.24
CA LEU C 1274 54.42 -75.46 75.85
C LEU C 1274 53.01 -76.01 75.72
N HIS C 1275 52.45 -76.56 76.79
CA HIS C 1275 51.09 -77.06 76.80
C HIS C 1275 50.10 -76.09 77.44
N ILE C 1276 50.58 -74.95 77.92
CA ILE C 1276 49.75 -73.95 78.58
C ILE C 1276 49.55 -72.73 77.68
N VAL C 1277 50.59 -72.33 76.95
CA VAL C 1277 50.50 -71.17 76.06
C VAL C 1277 49.57 -71.45 74.87
N VAL C 1278 49.25 -72.71 74.61
CA VAL C 1278 48.38 -73.04 73.49
C VAL C 1278 46.94 -72.61 73.74
N HIS C 1279 46.59 -72.30 74.99
CA HIS C 1279 45.25 -71.84 75.35
C HIS C 1279 45.37 -70.48 76.03
N ALA C 1280 44.69 -69.47 75.49
CA ALA C 1280 44.78 -68.13 76.06
C ALA C 1280 44.17 -68.07 77.46
N ASP C 1281 43.15 -68.89 77.73
CA ASP C 1281 42.53 -68.89 79.05
C ASP C 1281 43.52 -69.26 80.14
N GLU C 1282 44.47 -70.13 79.84
CA GLU C 1282 45.56 -70.47 80.75
C GLU C 1282 46.82 -69.66 80.52
N LEU C 1283 47.03 -69.17 79.29
CA LEU C 1283 48.17 -68.31 79.02
C LEU C 1283 48.08 -67.01 79.81
N GLU C 1284 46.87 -66.48 79.99
CA GLU C 1284 46.70 -65.28 80.80
C GLU C 1284 47.14 -65.52 82.24
N GLU C 1285 46.73 -66.65 82.81
CA GLU C 1285 47.12 -66.96 84.18
C GLU C 1285 48.62 -67.23 84.30
N LEU C 1286 49.20 -67.87 83.28
CA LEU C 1286 50.64 -68.10 83.29
C LEU C 1286 51.42 -66.79 83.23
N ILE C 1287 50.94 -65.85 82.41
CA ILE C 1287 51.61 -64.54 82.31
C ILE C 1287 51.43 -63.76 83.61
N ASN C 1288 50.26 -63.89 84.24
CA ASN C 1288 50.05 -63.26 85.54
C ASN C 1288 51.02 -63.82 86.57
N TYR C 1289 51.22 -65.15 86.57
CA TYR C 1289 52.18 -65.75 87.49
C TYR C 1289 53.60 -65.26 87.21
N TYR C 1290 53.98 -65.17 85.93
CA TYR C 1290 55.31 -64.71 85.59
C TYR C 1290 55.51 -63.25 85.99
N GLN C 1291 54.47 -62.44 85.89
CA GLN C 1291 54.57 -61.04 86.33
C GLN C 1291 54.66 -60.95 87.84
N ASP C 1292 53.93 -61.82 88.55
CA ASP C 1292 54.02 -61.84 90.00
C ASP C 1292 55.40 -62.33 90.46
N ARG C 1293 56.06 -63.15 89.67
CA ARG C 1293 57.40 -63.63 89.99
C ARG C 1293 58.50 -62.76 89.40
N GLY C 1294 58.18 -61.92 88.42
CA GLY C 1294 59.17 -60.99 87.89
C GLY C 1294 60.11 -61.55 86.85
N TYR C 1295 59.78 -62.69 86.24
CA TYR C 1295 60.62 -63.28 85.20
C TYR C 1295 60.10 -62.88 83.82
N PHE C 1296 60.53 -61.70 83.39
CA PHE C 1296 60.07 -61.17 82.11
C PHE C 1296 60.83 -61.78 80.94
N GLU C 1297 62.17 -61.81 81.03
CA GLU C 1297 62.97 -62.34 79.93
C GLU C 1297 62.72 -63.83 79.72
N GLU C 1298 62.53 -64.58 80.80
CA GLU C 1298 62.21 -66.00 80.66
C GLU C 1298 60.88 -66.20 79.95
N LEU C 1299 59.88 -65.37 80.28
CA LEU C 1299 58.59 -65.46 79.61
C LEU C 1299 58.70 -65.08 78.13
N ILE C 1300 59.50 -64.07 77.82
CA ILE C 1300 59.70 -63.68 76.42
C ILE C 1300 60.38 -64.80 75.66
N THR C 1301 61.37 -65.45 76.26
CA THR C 1301 62.04 -66.57 75.61
C THR C 1301 61.09 -67.74 75.39
N MET C 1302 60.24 -68.03 76.39
CA MET C 1302 59.27 -69.10 76.25
C MET C 1302 58.28 -68.80 75.15
N LEU C 1303 57.82 -67.54 75.05
CA LEU C 1303 56.92 -67.17 73.97
C LEU C 1303 57.60 -67.28 72.61
N GLU C 1304 58.85 -66.85 72.51
CA GLU C 1304 59.58 -66.97 71.25
C GLU C 1304 59.75 -68.43 70.84
N ALA C 1305 59.99 -69.31 71.81
CA ALA C 1305 60.10 -70.73 71.50
C ALA C 1305 58.76 -71.32 71.10
N ALA C 1306 57.67 -70.90 71.75
CA ALA C 1306 56.35 -71.43 71.45
C ALA C 1306 55.73 -70.83 70.21
N LEU C 1307 56.33 -69.77 69.65
CA LEU C 1307 55.84 -69.19 68.39
C LEU C 1307 55.72 -70.22 67.27
N GLY C 1308 56.45 -71.34 67.33
CA GLY C 1308 56.40 -72.37 66.33
C GLY C 1308 55.43 -73.50 66.61
N LEU C 1309 54.56 -73.35 67.61
CA LEU C 1309 53.59 -74.38 67.95
C LEU C 1309 52.38 -74.32 67.01
N GLU C 1310 51.55 -75.36 67.08
CA GLU C 1310 50.38 -75.43 66.21
C GLU C 1310 49.32 -74.42 66.63
N ARG C 1311 48.98 -74.38 67.92
CA ARG C 1311 47.96 -73.46 68.43
C ARG C 1311 48.57 -72.09 68.67
N ALA C 1312 48.97 -71.46 67.56
CA ALA C 1312 49.53 -70.10 67.59
C ALA C 1312 48.40 -69.08 67.45
N HIS C 1313 47.60 -68.99 68.52
CA HIS C 1313 46.47 -68.07 68.53
C HIS C 1313 46.95 -66.62 68.60
N MET C 1314 46.03 -65.71 68.29
CA MET C 1314 46.38 -64.29 68.26
C MET C 1314 46.71 -63.75 69.64
N GLY C 1315 46.23 -64.42 70.70
CA GLY C 1315 46.52 -63.97 72.04
C GLY C 1315 48.00 -64.02 72.39
N MET C 1316 48.70 -65.06 71.94
CA MET C 1316 50.13 -65.16 72.21
C MET C 1316 50.89 -64.02 71.54
N PHE C 1317 50.59 -63.75 70.27
CA PHE C 1317 51.26 -62.66 69.57
C PHE C 1317 50.91 -61.31 70.20
N THR C 1318 49.66 -61.13 70.64
CA THR C 1318 49.27 -59.88 71.29
C THR C 1318 50.03 -59.69 72.59
N GLU C 1319 50.13 -60.73 73.41
CA GLU C 1319 50.87 -60.62 74.66
C GLU C 1319 52.35 -60.39 74.41
N LEU C 1320 52.91 -61.01 73.37
CA LEU C 1320 54.31 -60.77 73.03
C LEU C 1320 54.53 -59.32 72.60
N ALA C 1321 53.61 -58.78 71.81
CA ALA C 1321 53.72 -57.38 71.40
C ALA C 1321 53.59 -56.45 72.59
N ILE C 1322 52.72 -56.80 73.55
CA ILE C 1322 52.57 -55.97 74.75
C ILE C 1322 53.84 -56.00 75.59
N LEU C 1323 54.43 -57.20 75.77
CA LEU C 1323 55.68 -57.30 76.51
C LEU C 1323 56.79 -56.54 75.82
N TYR C 1324 56.81 -56.55 74.48
CA TYR C 1324 57.79 -55.76 73.75
C TYR C 1324 57.58 -54.27 73.97
N SER C 1325 56.34 -53.78 73.81
CA SER C 1325 56.06 -52.37 74.03
C SER C 1325 56.35 -51.93 75.46
N LYS C 1326 56.27 -52.84 76.43
CA LYS C 1326 56.55 -52.53 77.82
C LYS C 1326 58.03 -52.60 78.16
N PHE C 1327 58.80 -53.48 77.51
CA PHE C 1327 60.19 -53.68 77.88
C PHE C 1327 61.17 -53.25 76.78
N LYS C 1328 60.95 -53.67 75.55
CA LYS C 1328 61.87 -53.37 74.46
C LYS C 1328 61.13 -52.79 73.27
N PRO C 1329 60.92 -51.46 73.23
CA PRO C 1329 60.13 -50.89 72.13
C PRO C 1329 60.81 -50.96 70.78
N GLN C 1330 62.13 -51.21 70.73
CA GLN C 1330 62.82 -51.29 69.45
C GLN C 1330 62.44 -52.54 68.67
N LYS C 1331 61.91 -53.57 69.33
CA LYS C 1331 61.53 -54.81 68.66
C LYS C 1331 60.04 -54.89 68.37
N MET C 1332 59.22 -54.04 68.99
CA MET C 1332 57.78 -54.09 68.74
C MET C 1332 57.46 -53.71 67.29
N ARG C 1333 58.25 -52.79 66.72
CA ARG C 1333 58.02 -52.42 65.32
C ARG C 1333 58.23 -53.60 64.39
N GLU C 1334 59.32 -54.36 64.61
CA GLU C 1334 59.55 -55.55 63.79
C GLU C 1334 58.50 -56.61 64.04
N HIS C 1335 58.10 -56.79 65.31
CA HIS C 1335 57.06 -57.77 65.62
C HIS C 1335 55.76 -57.43 64.91
N LEU C 1336 55.40 -56.14 64.85
CA LEU C 1336 54.21 -55.74 64.13
C LEU C 1336 54.37 -55.95 62.63
N GLU C 1337 55.48 -55.48 62.06
CA GLU C 1337 55.74 -55.69 60.64
C GLU C 1337 55.71 -57.16 60.24
N LEU C 1338 55.99 -58.06 61.19
CA LEU C 1338 55.97 -59.49 60.90
C LEU C 1338 54.59 -60.13 61.12
N PHE C 1339 53.87 -59.76 62.17
CA PHE C 1339 52.62 -60.43 62.50
C PHE C 1339 51.48 -59.48 62.88
N TRP C 1340 51.28 -58.39 62.13
CA TRP C 1340 50.18 -57.48 62.40
C TRP C 1340 48.82 -58.16 62.26
N SER C 1341 48.74 -59.17 61.39
CA SER C 1341 47.47 -59.85 61.13
C SER C 1341 47.07 -60.81 62.24
N ARG C 1342 47.95 -61.04 63.22
CA ARG C 1342 47.69 -62.01 64.29
C ARG C 1342 47.72 -61.38 65.68
N VAL C 1343 47.34 -60.11 65.82
CA VAL C 1343 47.39 -59.41 67.09
C VAL C 1343 46.02 -58.83 67.40
N ASN C 1344 45.59 -58.97 68.65
CA ASN C 1344 44.36 -58.35 69.13
C ASN C 1344 44.46 -56.83 69.00
N ILE C 1345 43.54 -56.23 68.26
CA ILE C 1345 43.65 -54.83 67.86
C ILE C 1345 43.54 -53.89 69.05
N PRO C 1346 42.41 -53.84 69.78
CA PRO C 1346 42.26 -52.79 70.81
C PRO C 1346 43.24 -52.94 71.97
N LYS C 1347 43.57 -54.17 72.36
CA LYS C 1347 44.50 -54.35 73.46
C LYS C 1347 45.90 -53.84 73.11
N VAL C 1348 46.40 -54.18 71.93
CA VAL C 1348 47.72 -53.69 71.53
C VAL C 1348 47.67 -52.19 71.27
N LEU C 1349 46.53 -51.67 70.82
CA LEU C 1349 46.41 -50.22 70.65
C LEU C 1349 46.53 -49.50 71.98
N ARG C 1350 45.82 -49.98 73.01
CA ARG C 1350 45.92 -49.38 74.34
C ARG C 1350 47.32 -49.56 74.91
N ALA C 1351 47.96 -50.70 74.64
CA ALA C 1351 49.31 -50.93 75.13
C ALA C 1351 50.30 -49.95 74.50
N ALA C 1352 50.18 -49.71 73.20
CA ALA C 1352 51.05 -48.75 72.53
C ALA C 1352 50.75 -47.33 72.97
N GLU C 1353 49.48 -47.04 73.27
CA GLU C 1353 49.14 -45.72 73.80
C GLU C 1353 49.78 -45.48 75.16
N GLN C 1354 49.74 -46.50 76.03
CA GLN C 1354 50.38 -46.37 77.33
C GLN C 1354 51.90 -46.34 77.22
N ALA C 1355 52.45 -46.94 76.16
CA ALA C 1355 53.89 -46.97 75.95
C ALA C 1355 54.41 -45.78 75.15
N HIS C 1356 53.52 -44.85 74.76
CA HIS C 1356 53.89 -43.66 74.01
C HIS C 1356 54.59 -44.00 72.70
N LEU C 1357 54.21 -45.14 72.11
CA LEU C 1357 54.74 -45.56 70.81
C LEU C 1357 53.76 -45.16 69.72
N TRP C 1358 53.84 -43.88 69.34
CA TRP C 1358 52.86 -43.31 68.42
C TRP C 1358 53.10 -43.77 66.99
N ALA C 1359 54.35 -44.05 66.62
CA ALA C 1359 54.63 -44.54 65.28
C ALA C 1359 53.98 -45.90 65.03
N GLU C 1360 54.08 -46.81 66.00
CA GLU C 1360 53.41 -48.10 65.87
C GLU C 1360 51.89 -47.93 65.84
N LEU C 1361 51.37 -46.96 66.58
CA LEU C 1361 49.94 -46.67 66.53
C LEU C 1361 49.51 -46.23 65.13
N VAL C 1362 50.28 -45.33 64.52
CA VAL C 1362 49.95 -44.87 63.17
C VAL C 1362 50.07 -46.02 62.18
N PHE C 1363 51.08 -46.87 62.35
CA PHE C 1363 51.25 -48.02 61.46
C PHE C 1363 50.05 -48.97 61.55
N LEU C 1364 49.62 -49.28 62.79
CA LEU C 1364 48.49 -50.17 62.96
C LEU C 1364 47.20 -49.55 62.45
N TYR C 1365 47.04 -48.23 62.63
CA TYR C 1365 45.85 -47.57 62.11
C TYR C 1365 45.82 -47.58 60.60
N ASP C 1366 46.98 -47.43 59.96
CA ASP C 1366 47.05 -47.49 58.51
C ASP C 1366 46.79 -48.91 58.01
N LYS C 1367 47.27 -49.91 58.75
CA LYS C 1367 47.02 -51.30 58.35
C LYS C 1367 45.58 -51.71 58.62
N TYR C 1368 44.92 -51.07 59.58
CA TYR C 1368 43.54 -51.38 59.92
C TYR C 1368 42.54 -50.39 59.34
N GLU C 1369 42.98 -49.55 58.39
CA GLU C 1369 42.11 -48.60 57.70
C GLU C 1369 41.47 -47.61 58.65
N GLU C 1370 42.14 -47.31 59.76
CA GLU C 1370 41.64 -46.33 60.74
C GLU C 1370 42.37 -44.99 60.51
N TYR C 1371 41.82 -44.22 59.57
CA TYR C 1371 42.47 -42.97 59.17
C TYR C 1371 42.22 -41.85 60.19
N ASP C 1372 41.04 -41.82 60.80
CA ASP C 1372 40.72 -40.73 61.72
C ASP C 1372 41.64 -40.73 62.94
N ASN C 1373 41.73 -41.87 63.64
CA ASN C 1373 42.61 -41.96 64.79
C ASN C 1373 44.08 -41.80 64.40
N ALA C 1374 44.45 -42.27 63.21
CA ALA C 1374 45.82 -42.07 62.74
C ALA C 1374 46.14 -40.59 62.60
N ILE C 1375 45.27 -39.83 61.96
CA ILE C 1375 45.50 -38.41 61.78
C ILE C 1375 45.48 -37.68 63.12
N ILE C 1376 44.60 -38.10 64.03
CA ILE C 1376 44.55 -37.49 65.36
C ILE C 1376 45.86 -37.71 66.09
N THR C 1377 46.37 -38.94 66.08
CA THR C 1377 47.64 -39.24 66.75
C THR C 1377 48.79 -38.50 66.09
N MET C 1378 48.78 -38.38 64.76
CA MET C 1378 49.84 -37.65 64.07
C MET C 1378 49.83 -36.17 64.43
N MET C 1379 48.64 -35.58 64.57
CA MET C 1379 48.55 -34.18 64.95
C MET C 1379 48.93 -33.98 66.41
N ASN C 1380 48.61 -34.94 67.28
CA ASN C 1380 48.98 -34.83 68.68
C ASN C 1380 50.49 -34.92 68.89
N HIS C 1381 51.20 -35.56 67.96
CA HIS C 1381 52.64 -35.73 68.04
C HIS C 1381 53.26 -35.47 66.66
N PRO C 1382 53.45 -34.20 66.30
CA PRO C 1382 53.95 -33.89 64.96
C PRO C 1382 55.42 -34.19 64.75
N THR C 1383 56.19 -34.39 65.82
CA THR C 1383 57.64 -34.55 65.72
C THR C 1383 58.10 -36.00 65.85
N ASP C 1384 57.21 -36.93 66.20
CA ASP C 1384 57.61 -38.32 66.41
C ASP C 1384 57.02 -39.29 65.41
N ALA C 1385 55.77 -39.07 64.98
CA ALA C 1385 55.07 -40.04 64.12
C ALA C 1385 54.38 -39.32 62.97
N TRP C 1386 55.09 -38.40 62.31
CA TRP C 1386 54.54 -37.66 61.18
C TRP C 1386 55.42 -37.89 59.97
N LYS C 1387 54.80 -38.23 58.84
CA LYS C 1387 55.49 -38.40 57.57
C LYS C 1387 54.64 -37.77 56.48
N GLU C 1388 55.18 -36.73 55.84
CA GLU C 1388 54.40 -35.99 54.85
C GLU C 1388 54.06 -36.84 53.63
N GLY C 1389 55.02 -37.65 53.17
CA GLY C 1389 54.81 -38.48 51.99
C GLY C 1389 53.66 -39.46 52.11
N GLN C 1390 53.32 -39.88 53.33
CA GLN C 1390 52.18 -40.74 53.58
C GLN C 1390 50.96 -39.97 54.06
N PHE C 1391 51.18 -38.86 54.76
CA PHE C 1391 50.06 -38.04 55.22
C PHE C 1391 49.31 -37.43 54.06
N LYS C 1392 50.03 -36.93 53.05
CA LYS C 1392 49.39 -36.30 51.90
C LYS C 1392 48.49 -37.27 51.15
N ASP C 1393 48.66 -38.58 51.35
CA ASP C 1393 47.81 -39.58 50.73
C ASP C 1393 46.73 -40.11 51.66
N ILE C 1394 47.03 -40.25 52.96
CA ILE C 1394 46.04 -40.81 53.88
C ILE C 1394 45.06 -39.75 54.37
N ILE C 1395 45.35 -38.46 54.18
CA ILE C 1395 44.43 -37.43 54.63
C ILE C 1395 43.17 -37.43 53.78
N THR C 1396 43.26 -37.88 52.54
CA THR C 1396 42.10 -37.88 51.64
C THR C 1396 41.17 -39.07 51.85
N LYS C 1397 41.55 -40.01 52.72
CA LYS C 1397 40.74 -41.21 52.96
C LYS C 1397 40.02 -41.16 54.29
N VAL C 1398 39.98 -40.00 54.95
CA VAL C 1398 39.30 -39.89 56.24
C VAL C 1398 37.78 -39.86 56.02
N ALA C 1399 37.04 -40.06 57.10
CA ALA C 1399 35.59 -40.11 57.01
C ALA C 1399 34.96 -38.73 57.13
N ASN C 1400 35.41 -37.93 58.09
CA ASN C 1400 34.83 -36.62 58.36
C ASN C 1400 35.56 -35.54 57.55
N VAL C 1401 35.13 -34.30 57.73
CA VAL C 1401 35.69 -33.16 57.03
C VAL C 1401 36.39 -32.18 57.96
N GLU C 1402 36.24 -32.33 59.28
CA GLU C 1402 36.92 -31.43 60.19
C GLU C 1402 38.43 -31.65 60.19
N LEU C 1403 38.87 -32.88 59.90
CA LEU C 1403 40.29 -33.16 59.79
C LEU C 1403 40.97 -32.37 58.68
N TYR C 1404 40.23 -32.02 57.62
CA TYR C 1404 40.80 -31.17 56.58
C TYR C 1404 41.17 -29.81 57.13
N TYR C 1405 40.28 -29.17 57.87
CA TYR C 1405 40.58 -27.88 58.47
C TYR C 1405 41.64 -28.00 59.58
N ARG C 1406 41.64 -29.11 60.31
CA ARG C 1406 42.71 -29.32 61.28
C ARG C 1406 44.07 -29.42 60.60
N ALA C 1407 44.14 -30.10 59.45
CA ALA C 1407 45.40 -30.17 58.70
C ALA C 1407 45.77 -28.80 58.12
N ILE C 1408 44.77 -28.02 57.71
CA ILE C 1408 45.03 -26.66 57.23
C ILE C 1408 45.66 -25.83 58.34
N GLN C 1409 45.10 -25.92 59.56
CA GLN C 1409 45.66 -25.19 60.69
C GLN C 1409 47.07 -25.69 61.01
N PHE C 1410 47.28 -27.01 60.96
CA PHE C 1410 48.60 -27.56 61.23
C PHE C 1410 49.63 -27.04 60.23
N TYR C 1411 49.27 -27.00 58.96
CA TYR C 1411 50.19 -26.50 57.94
C TYR C 1411 50.43 -25.00 58.10
N LEU C 1412 49.40 -24.24 58.46
CA LEU C 1412 49.58 -22.82 58.71
C LEU C 1412 50.49 -22.59 59.91
N GLU C 1413 50.48 -23.51 60.87
CA GLU C 1413 51.27 -23.33 62.08
C GLU C 1413 52.71 -23.82 61.92
N PHE C 1414 52.92 -24.88 61.13
CA PHE C 1414 54.22 -25.54 61.08
C PHE C 1414 54.88 -25.52 59.72
N LYS C 1415 54.16 -25.88 58.65
CA LYS C 1415 54.75 -26.03 57.32
C LYS C 1415 53.80 -25.43 56.28
N PRO C 1416 53.87 -24.12 56.06
CA PRO C 1416 52.99 -23.49 55.06
C PRO C 1416 53.44 -23.73 53.63
N LEU C 1417 54.65 -24.25 53.41
CA LEU C 1417 55.13 -24.45 52.05
C LEU C 1417 54.36 -25.54 51.32
N LEU C 1418 53.83 -26.52 52.03
CA LEU C 1418 53.03 -27.59 51.44
C LEU C 1418 51.54 -27.37 51.61
N LEU C 1419 51.13 -26.19 52.09
CA LEU C 1419 49.71 -25.91 52.24
C LEU C 1419 49.00 -25.90 50.90
N ASN C 1420 49.67 -25.42 49.86
CA ASN C 1420 49.07 -25.44 48.52
C ASN C 1420 48.82 -26.85 48.03
N ASP C 1421 49.80 -27.75 48.21
CA ASP C 1421 49.61 -29.14 47.82
C ASP C 1421 48.53 -29.81 48.65
N LEU C 1422 48.48 -29.52 49.95
CA LEU C 1422 47.43 -30.07 50.80
C LEU C 1422 46.05 -29.62 50.33
N LEU C 1423 45.90 -28.34 50.02
CA LEU C 1423 44.62 -27.85 49.52
C LEU C 1423 44.26 -28.47 48.19
N MET C 1424 45.25 -28.62 47.30
CA MET C 1424 44.97 -29.21 45.98
C MET C 1424 44.56 -30.68 46.10
N VAL C 1425 45.13 -31.41 47.07
CA VAL C 1425 44.74 -32.82 47.19
C VAL C 1425 43.46 -32.96 48.01
N LEU C 1426 43.09 -31.97 48.81
CA LEU C 1426 41.86 -32.07 49.59
C LEU C 1426 40.66 -31.45 48.87
N SER C 1427 40.90 -30.69 47.80
CA SER C 1427 39.83 -30.03 47.05
C SER C 1427 38.63 -30.92 46.69
N PRO C 1428 38.80 -32.17 46.25
CA PRO C 1428 37.61 -32.99 45.93
C PRO C 1428 36.65 -33.18 47.09
N ARG C 1429 37.11 -33.03 48.34
CA ARG C 1429 36.25 -33.23 49.50
C ARG C 1429 36.29 -32.07 50.48
N LEU C 1430 36.79 -30.91 50.05
CA LEU C 1430 36.93 -29.75 50.93
C LEU C 1430 35.93 -28.67 50.57
N ASP C 1431 35.34 -28.05 51.59
CA ASP C 1431 34.44 -26.91 51.41
C ASP C 1431 35.32 -25.66 51.32
N HIS C 1432 35.34 -25.05 50.13
CA HIS C 1432 36.22 -23.91 49.91
C HIS C 1432 35.73 -22.65 50.62
N THR C 1433 34.44 -22.57 50.92
CA THR C 1433 33.91 -21.37 51.57
C THR C 1433 34.47 -21.21 52.98
N ARG C 1434 34.41 -22.27 53.79
CA ARG C 1434 34.95 -22.19 55.15
C ARG C 1434 36.46 -22.02 55.13
N ALA C 1435 37.12 -22.62 54.14
CA ALA C 1435 38.57 -22.44 54.01
C ALA C 1435 38.92 -20.99 53.71
N VAL C 1436 38.17 -20.35 52.81
CA VAL C 1436 38.42 -18.94 52.51
C VAL C 1436 38.10 -18.07 53.71
N ASN C 1437 37.05 -18.43 54.47
CA ASN C 1437 36.73 -17.69 55.68
C ASN C 1437 37.86 -17.78 56.69
N TYR C 1438 38.42 -18.99 56.88
CA TYR C 1438 39.54 -19.14 57.81
C TYR C 1438 40.77 -18.40 57.32
N PHE C 1439 41.03 -18.43 56.01
CA PHE C 1439 42.18 -17.70 55.47
C PHE C 1439 42.04 -16.20 55.64
N SER C 1440 40.81 -15.69 55.51
CA SER C 1440 40.56 -14.27 55.76
C SER C 1440 40.64 -13.91 57.23
N LYS C 1441 40.25 -14.83 58.12
CA LYS C 1441 40.41 -14.59 59.55
C LYS C 1441 41.87 -14.60 59.97
N VAL C 1442 42.71 -15.43 59.33
CA VAL C 1442 44.13 -15.46 59.64
C VAL C 1442 44.95 -14.56 58.72
N LYS C 1443 44.33 -13.98 57.69
CA LYS C 1443 44.99 -13.04 56.78
C LYS C 1443 46.21 -13.68 56.09
N GLN C 1444 45.97 -14.80 55.41
CA GLN C 1444 47.00 -15.50 54.65
C GLN C 1444 46.58 -15.76 53.21
N LEU C 1445 45.82 -14.85 52.61
CA LEU C 1445 45.35 -15.02 51.25
C LEU C 1445 46.48 -15.08 50.20
N PRO C 1446 47.50 -14.23 50.24
CA PRO C 1446 48.57 -14.34 49.23
C PRO C 1446 49.31 -15.66 49.26
N LEU C 1447 49.29 -16.37 50.38
CA LEU C 1447 49.93 -17.69 50.46
C LEU C 1447 49.13 -18.78 49.78
N VAL C 1448 47.82 -18.57 49.58
CA VAL C 1448 46.97 -19.53 48.87
C VAL C 1448 46.41 -18.97 47.58
N LYS C 1449 46.87 -17.80 47.13
CA LYS C 1449 46.41 -17.14 45.91
C LYS C 1449 46.36 -18.08 44.69
N PRO C 1450 47.40 -18.89 44.42
CA PRO C 1450 47.29 -19.79 43.27
C PRO C 1450 46.21 -20.85 43.43
N TYR C 1451 46.05 -21.41 44.64
CA TYR C 1451 44.98 -22.37 44.87
C TYR C 1451 43.61 -21.70 44.70
N LEU C 1452 43.47 -20.46 45.17
CA LEU C 1452 42.22 -19.75 44.97
C LEU C 1452 41.95 -19.50 43.49
N ARG C 1453 42.97 -19.16 42.72
CA ARG C 1453 42.79 -18.98 41.27
C ARG C 1453 42.40 -20.29 40.60
N SER C 1454 42.94 -21.40 41.07
CA SER C 1454 42.58 -22.70 40.51
C SER C 1454 41.15 -23.08 40.87
N VAL C 1455 40.71 -22.79 42.09
CA VAL C 1455 39.36 -23.13 42.52
C VAL C 1455 38.35 -22.19 41.86
N GLN C 1456 38.80 -21.00 41.44
CA GLN C 1456 37.91 -20.01 40.83
C GLN C 1456 37.10 -20.58 39.66
N ASN C 1457 37.54 -21.69 39.06
CA ASN C 1457 36.80 -22.32 37.98
C ASN C 1457 35.42 -22.79 38.42
N HIS C 1458 35.14 -22.84 39.72
CA HIS C 1458 33.84 -23.24 40.24
C HIS C 1458 32.94 -22.05 40.51
N ASN C 1459 33.43 -20.83 40.29
CA ASN C 1459 32.65 -19.60 40.45
C ASN C 1459 32.13 -19.46 41.89
N ASN C 1460 33.06 -19.44 42.83
CA ASN C 1460 32.72 -19.26 44.24
C ASN C 1460 32.76 -17.78 44.58
N LYS C 1461 31.72 -17.32 45.28
CA LYS C 1461 31.62 -15.90 45.61
C LYS C 1461 32.77 -15.45 46.52
N SER C 1462 33.02 -16.18 47.60
CA SER C 1462 34.09 -15.83 48.51
C SER C 1462 35.46 -15.88 47.86
N VAL C 1463 35.71 -16.88 47.02
CA VAL C 1463 36.98 -16.97 46.30
C VAL C 1463 37.14 -15.81 45.33
N ASN C 1464 36.07 -15.45 44.62
CA ASN C 1464 36.11 -14.31 43.71
C ASN C 1464 36.43 -13.02 44.47
N GLU C 1465 35.77 -12.81 45.62
CA GLU C 1465 36.01 -11.61 46.40
C GLU C 1465 37.45 -11.57 46.92
N SER C 1466 37.95 -12.71 47.38
CA SER C 1466 39.33 -12.76 47.88
C SER C 1466 40.32 -12.48 46.77
N LEU C 1467 40.10 -13.05 45.58
CA LEU C 1467 41.01 -12.80 44.47
C LEU C 1467 40.94 -11.34 44.02
N ASN C 1468 39.75 -10.74 44.04
CA ASN C 1468 39.63 -9.34 43.67
C ASN C 1468 40.34 -8.45 44.69
N ASN C 1469 40.22 -8.77 45.98
CA ASN C 1469 40.94 -8.00 47.00
C ASN C 1469 42.44 -8.15 46.85
N LEU C 1470 42.91 -9.35 46.52
CA LEU C 1470 44.34 -9.55 46.31
C LEU C 1470 44.83 -8.79 45.08
N PHE C 1471 44.03 -8.75 44.02
CA PHE C 1471 44.42 -8.00 42.83
C PHE C 1471 44.44 -6.50 43.11
N ILE C 1472 43.51 -6.02 43.93
CA ILE C 1472 43.52 -4.62 44.34
C ILE C 1472 44.78 -4.33 45.15
N THR C 1473 45.13 -5.24 46.06
CA THR C 1473 46.34 -5.05 46.87
C THR C 1473 47.60 -5.09 46.01
N GLU C 1474 47.66 -6.03 45.06
CA GLU C 1474 48.80 -6.16 44.18
C GLU C 1474 48.76 -5.21 42.99
N GLU C 1475 47.74 -4.36 42.90
CA GLU C 1475 47.60 -3.37 41.82
C GLU C 1475 47.58 -4.04 40.45
N ASP C 1476 46.95 -5.20 40.36
CA ASP C 1476 46.80 -5.93 39.12
C ASP C 1476 45.43 -5.64 38.50
N TYR C 1477 45.42 -5.51 37.17
CA TYR C 1477 44.18 -5.22 36.46
C TYR C 1477 43.97 -6.16 35.29
N GLN C 1478 44.98 -7.00 34.97
CA GLN C 1478 44.80 -7.99 33.92
C GLN C 1478 44.07 -9.22 34.45
N ALA C 1479 44.55 -9.79 35.55
CA ALA C 1479 43.83 -10.88 36.19
C ALA C 1479 42.45 -10.45 36.65
N LEU C 1480 42.30 -9.17 37.06
CA LEU C 1480 40.99 -8.65 37.39
C LEU C 1480 40.07 -8.65 36.18
N ARG C 1481 40.60 -8.25 35.01
CA ARG C 1481 39.81 -8.32 33.79
C ARG C 1481 39.40 -9.75 33.47
N THR C 1482 40.34 -10.70 33.59
CA THR C 1482 40.02 -12.09 33.34
C THR C 1482 38.93 -12.59 34.29
N SER C 1483 39.01 -12.20 35.56
CA SER C 1483 38.04 -12.64 36.54
C SER C 1483 36.66 -12.06 36.26
N ILE C 1484 36.59 -10.76 35.94
CA ILE C 1484 35.30 -10.14 35.73
C ILE C 1484 34.69 -10.59 34.39
N ASP C 1485 35.53 -11.01 33.44
CA ASP C 1485 34.99 -11.47 32.17
C ASP C 1485 34.55 -12.93 32.23
N ALA C 1486 35.26 -13.75 33.02
CA ALA C 1486 34.92 -15.16 33.10
C ALA C 1486 33.85 -15.44 34.13
N TYR C 1487 33.87 -14.71 35.25
CA TYR C 1487 32.94 -14.95 36.35
C TYR C 1487 32.29 -13.63 36.77
N ASP C 1488 31.10 -13.75 37.36
CA ASP C 1488 30.33 -12.59 37.79
C ASP C 1488 29.65 -12.79 39.14
N ASN C 1489 30.02 -13.83 39.89
CA ASN C 1489 29.39 -14.11 41.18
C ASN C 1489 30.10 -13.33 42.29
N PHE C 1490 29.86 -12.02 42.29
CA PHE C 1490 30.40 -11.13 43.31
C PHE C 1490 29.66 -9.81 43.22
N ASP C 1491 29.85 -8.97 44.24
CA ASP C 1491 29.21 -7.66 44.31
C ASP C 1491 29.99 -6.69 43.43
N ASN C 1492 29.43 -6.36 42.27
CA ASN C 1492 30.12 -5.47 41.33
C ASN C 1492 30.07 -4.01 41.79
N ILE C 1493 29.03 -3.63 42.53
CA ILE C 1493 28.87 -2.23 42.92
C ILE C 1493 29.93 -1.81 43.92
N SER C 1494 30.12 -2.61 44.99
CA SER C 1494 31.12 -2.27 45.98
C SER C 1494 32.53 -2.33 45.39
N LEU C 1495 32.78 -3.32 44.54
CA LEU C 1495 34.09 -3.42 43.90
C LEU C 1495 34.36 -2.21 43.01
N ALA C 1496 33.34 -1.76 42.27
CA ALA C 1496 33.53 -0.58 41.41
C ALA C 1496 33.74 0.67 42.25
N GLN C 1497 33.00 0.80 43.36
CA GLN C 1497 33.19 1.95 44.24
C GLN C 1497 34.57 1.94 44.89
N ARG C 1498 35.15 0.76 45.12
CA ARG C 1498 36.51 0.69 45.65
C ARG C 1498 37.54 0.97 44.56
N LEU C 1499 37.28 0.54 43.33
CA LEU C 1499 38.24 0.74 42.25
C LEU C 1499 38.29 2.21 41.82
N GLU C 1500 37.14 2.90 41.85
CA GLU C 1500 37.11 4.29 41.40
C GLU C 1500 37.89 5.22 42.32
N LYS C 1501 38.27 4.76 43.52
CA LYS C 1501 39.05 5.55 44.45
C LYS C 1501 40.50 5.08 44.56
N HIS C 1502 40.96 4.27 43.62
CA HIS C 1502 42.33 3.73 43.64
C HIS C 1502 43.33 4.69 42.99
N GLU C 1503 42.88 5.84 42.50
CA GLU C 1503 43.73 6.88 41.95
C GLU C 1503 44.41 6.45 40.65
N LEU C 1504 44.09 5.26 40.15
CA LEU C 1504 44.66 4.81 38.88
C LEU C 1504 43.59 4.83 37.80
N ILE C 1505 44.05 4.96 36.55
CA ILE C 1505 43.12 5.06 35.42
C ILE C 1505 42.53 3.70 35.09
N GLU C 1506 43.35 2.64 35.14
CA GLU C 1506 42.86 1.31 34.83
C GLU C 1506 41.79 0.86 35.82
N PHE C 1507 41.95 1.21 37.10
CA PHE C 1507 40.99 0.78 38.10
C PHE C 1507 39.64 1.45 37.90
N ARG C 1508 39.62 2.76 37.63
CA ARG C 1508 38.36 3.43 37.35
C ARG C 1508 37.75 2.99 36.02
N ARG C 1509 38.58 2.64 35.04
CA ARG C 1509 38.06 2.08 33.79
C ARG C 1509 37.38 0.74 34.04
N ILE C 1510 37.98 -0.11 34.88
CA ILE C 1510 37.35 -1.39 35.21
C ILE C 1510 36.08 -1.16 36.01
N ALA C 1511 36.06 -0.15 36.87
CA ALA C 1511 34.85 0.19 37.60
C ALA C 1511 33.73 0.61 36.66
N ALA C 1512 34.05 1.45 35.66
CA ALA C 1512 33.06 1.85 34.67
C ALA C 1512 32.61 0.65 33.83
N TYR C 1513 33.53 -0.27 33.54
CA TYR C 1513 33.16 -1.48 32.81
C TYR C 1513 32.16 -2.32 33.60
N LEU C 1514 32.41 -2.48 34.90
CA LEU C 1514 31.47 -3.22 35.74
C LEU C 1514 30.13 -2.51 35.83
N PHE C 1515 30.15 -1.18 35.94
CA PHE C 1515 28.91 -0.42 36.01
C PHE C 1515 28.09 -0.58 34.73
N LYS C 1516 28.77 -0.57 33.58
CA LYS C 1516 28.04 -0.77 32.32
C LYS C 1516 27.61 -2.23 32.16
N GLY C 1517 28.33 -3.17 32.77
CA GLY C 1517 27.91 -4.55 32.74
C GLY C 1517 26.73 -4.84 33.65
N ASN C 1518 26.52 -4.01 34.67
CA ASN C 1518 25.32 -4.10 35.50
C ASN C 1518 24.14 -3.36 34.88
N ASN C 1519 24.25 -2.98 33.60
CA ASN C 1519 23.18 -2.28 32.88
C ASN C 1519 22.81 -0.96 33.57
N ARG C 1520 23.79 -0.34 34.22
CA ARG C 1520 23.60 0.96 34.86
C ARG C 1520 23.94 2.06 33.86
N TRP C 1521 23.13 2.13 32.80
CA TRP C 1521 23.36 3.11 31.75
C TRP C 1521 23.06 4.51 32.27
N LYS C 1522 23.61 5.51 31.58
CA LYS C 1522 23.52 6.92 31.94
C LYS C 1522 24.15 7.23 33.29
N GLN C 1523 24.87 6.27 33.88
CA GLN C 1523 25.56 6.46 35.15
C GLN C 1523 27.06 6.27 35.02
N SER C 1524 27.51 5.21 34.36
CA SER C 1524 28.94 4.99 34.17
C SER C 1524 29.55 6.04 33.25
N VAL C 1525 28.79 6.49 32.25
CA VAL C 1525 29.30 7.52 31.36
C VAL C 1525 29.51 8.83 32.11
N GLU C 1526 28.56 9.22 32.96
CA GLU C 1526 28.72 10.42 33.75
C GLU C 1526 29.86 10.29 34.74
N LEU C 1527 30.13 9.06 35.20
CA LEU C 1527 31.23 8.84 36.14
C LEU C 1527 32.57 8.99 35.44
N CYS C 1528 32.72 8.39 34.26
CA CYS C 1528 33.99 8.47 33.55
C CYS C 1528 34.17 9.80 32.84
N LYS C 1529 33.10 10.60 32.73
CA LYS C 1529 33.21 11.91 32.11
C LYS C 1529 34.22 12.80 32.84
N LYS C 1530 34.46 12.55 34.13
CA LYS C 1530 35.40 13.36 34.88
C LYS C 1530 36.81 13.24 34.33
N ASP C 1531 37.20 12.05 33.87
CA ASP C 1531 38.55 11.79 33.40
C ASP C 1531 38.61 11.25 31.97
N SER C 1532 37.68 10.39 31.58
CA SER C 1532 37.72 9.78 30.26
C SER C 1532 37.13 10.70 29.20
N LEU C 1533 37.76 11.86 29.00
CA LEU C 1533 37.32 12.81 27.99
C LEU C 1533 37.95 12.55 26.62
N TYR C 1534 38.89 11.62 26.53
CA TYR C 1534 39.56 11.33 25.25
C TYR C 1534 38.82 10.24 24.48
N LYS C 1535 37.56 10.51 24.15
CA LYS C 1535 36.73 9.64 23.32
C LYS C 1535 36.52 8.26 23.95
N ASP C 1536 36.25 8.22 25.25
CA ASP C 1536 35.91 6.99 25.92
C ASP C 1536 34.46 6.94 26.41
N ALA C 1537 33.97 8.03 27.02
CA ALA C 1537 32.57 8.07 27.42
C ALA C 1537 31.65 8.03 26.20
N MET C 1538 32.14 8.51 25.06
CA MET C 1538 31.37 8.39 23.82
C MET C 1538 31.10 6.94 23.48
N GLN C 1539 32.06 6.06 23.73
CA GLN C 1539 31.86 4.63 23.49
C GLN C 1539 30.77 4.07 24.39
N TYR C 1540 30.76 4.48 25.66
CA TYR C 1540 29.70 4.04 26.57
C TYR C 1540 28.34 4.54 26.10
N ALA C 1541 28.27 5.81 25.69
CA ALA C 1541 27.00 6.36 25.20
C ALA C 1541 26.53 5.64 23.94
N SER C 1542 27.47 5.23 23.09
CA SER C 1542 27.10 4.52 21.87
C SER C 1542 26.60 3.11 22.16
N GLU C 1543 27.33 2.38 23.02
CA GLU C 1543 26.94 1.01 23.34
C GLU C 1543 25.72 0.97 24.26
N SER C 1544 25.36 2.09 24.88
CA SER C 1544 24.17 2.12 25.74
C SER C 1544 22.90 1.94 24.93
N LYS C 1545 22.90 2.35 23.66
CA LYS C 1545 21.75 2.24 22.76
C LYS C 1545 20.52 2.96 23.29
N ASP C 1546 20.72 3.98 24.13
CA ASP C 1546 19.63 4.75 24.70
C ASP C 1546 19.58 6.14 24.07
N THR C 1547 18.44 6.81 24.24
CA THR C 1547 18.25 8.15 23.73
C THR C 1547 18.41 9.18 24.83
N GLU C 1548 18.56 10.44 24.42
CA GLU C 1548 18.72 11.58 25.33
C GLU C 1548 19.94 11.40 26.24
N LEU C 1549 20.95 10.71 25.72
CA LEU C 1549 22.19 10.52 26.46
C LEU C 1549 23.37 11.12 25.70
N ALA C 1550 23.45 10.84 24.40
CA ALA C 1550 24.52 11.42 23.59
C ALA C 1550 24.29 12.92 23.37
N GLU C 1551 23.03 13.34 23.40
CA GLU C 1551 22.73 14.76 23.25
C GLU C 1551 23.33 15.59 24.38
N GLU C 1552 23.38 15.03 25.59
CA GLU C 1552 24.01 15.72 26.71
C GLU C 1552 25.50 15.90 26.47
N LEU C 1553 26.17 14.87 25.95
CA LEU C 1553 27.57 14.99 25.62
C LEU C 1553 27.80 16.01 24.50
N LEU C 1554 26.90 16.04 23.51
CA LEU C 1554 27.01 17.03 22.45
C LEU C 1554 26.87 18.44 23.00
N GLN C 1555 25.91 18.66 23.90
CA GLN C 1555 25.72 19.98 24.48
C GLN C 1555 26.90 20.37 25.36
N TRP C 1556 27.50 19.40 26.05
CA TRP C 1556 28.68 19.69 26.86
C TRP C 1556 29.88 20.01 25.98
N PHE C 1557 29.96 19.39 24.81
CA PHE C 1557 31.02 19.71 23.86
C PHE C 1557 30.88 21.10 23.28
N LEU C 1558 29.72 21.76 23.48
CA LEU C 1558 29.50 23.10 22.98
C LEU C 1558 29.53 24.16 24.07
N GLN C 1559 29.11 23.80 25.29
CA GLN C 1559 29.22 24.74 26.40
C GLN C 1559 30.69 25.04 26.71
N GLU C 1560 31.54 24.03 26.61
CA GLU C 1560 32.99 24.19 26.74
C GLU C 1560 33.60 23.94 25.38
N GLU C 1561 34.73 24.61 25.09
CA GLU C 1561 35.33 24.52 23.76
C GLU C 1561 35.94 23.15 23.53
N LYS C 1562 35.14 22.21 23.05
CA LYS C 1562 35.58 20.85 22.75
C LYS C 1562 35.03 20.39 21.39
N ARG C 1563 34.96 21.29 20.42
CA ARG C 1563 34.38 20.96 19.12
C ARG C 1563 35.27 20.02 18.31
N GLU C 1564 36.49 19.75 18.77
CA GLU C 1564 37.37 18.85 18.04
C GLU C 1564 36.85 17.42 18.00
N CYS C 1565 35.99 17.04 18.94
CA CYS C 1565 35.42 15.71 18.99
C CYS C 1565 33.92 15.69 18.71
N PHE C 1566 33.33 16.83 18.34
CA PHE C 1566 31.89 16.88 18.10
C PHE C 1566 31.50 15.99 16.92
N GLY C 1567 32.22 16.10 15.80
CA GLY C 1567 31.93 15.25 14.65
C GLY C 1567 32.17 13.78 14.93
N ALA C 1568 33.19 13.47 15.73
CA ALA C 1568 33.43 12.07 16.10
C ALA C 1568 32.28 11.52 16.93
N CYS C 1569 31.80 12.30 17.91
CA CYS C 1569 30.66 11.87 18.71
C CYS C 1569 29.40 11.75 17.85
N LEU C 1570 29.27 12.60 16.84
CA LEU C 1570 28.13 12.51 15.92
C LEU C 1570 28.18 11.22 15.11
N PHE C 1571 29.36 10.90 14.56
CA PHE C 1571 29.47 9.71 13.71
C PHE C 1571 29.38 8.42 14.52
N THR C 1572 29.86 8.43 15.76
CA THR C 1572 29.83 7.21 16.57
C THR C 1572 28.41 6.89 17.01
N CYS C 1573 27.64 7.90 17.44
CA CYS C 1573 26.29 7.71 17.94
C CYS C 1573 25.24 8.15 16.92
N TYR C 1574 25.51 7.91 15.63
CA TYR C 1574 24.59 8.34 14.59
C TYR C 1574 23.23 7.67 14.71
N ASP C 1575 23.21 6.41 15.14
CA ASP C 1575 21.98 5.65 15.26
C ASP C 1575 21.11 6.10 16.42
N LEU C 1576 21.59 7.01 17.27
CA LEU C 1576 20.85 7.46 18.44
C LEU C 1576 20.53 8.95 18.42
N LEU C 1577 20.99 9.68 17.42
CA LEU C 1577 20.83 11.13 17.36
C LEU C 1577 19.83 11.52 16.28
N ARG C 1578 19.36 12.77 16.38
CA ARG C 1578 18.44 13.36 15.40
C ARG C 1578 19.16 14.51 14.72
N PRO C 1579 19.51 14.37 13.44
CA PRO C 1579 20.29 15.42 12.77
C PRO C 1579 19.59 16.76 12.68
N ASP C 1580 18.25 16.78 12.68
CA ASP C 1580 17.52 18.03 12.51
C ASP C 1580 17.82 19.00 13.66
N VAL C 1581 17.76 18.51 14.89
CA VAL C 1581 18.11 19.35 16.05
C VAL C 1581 19.62 19.44 16.25
N VAL C 1582 20.39 18.45 15.78
CA VAL C 1582 21.84 18.52 15.88
C VAL C 1582 22.38 19.70 15.07
N LEU C 1583 21.85 19.89 13.86
CA LEU C 1583 22.26 21.03 13.04
C LEU C 1583 22.00 22.35 13.76
N GLU C 1584 20.80 22.50 14.33
CA GLU C 1584 20.48 23.74 15.04
C GLU C 1584 21.41 23.94 16.23
N THR C 1585 21.58 22.91 17.06
CA THR C 1585 22.42 23.03 18.26
C THR C 1585 23.86 23.36 17.88
N ALA C 1586 24.33 22.84 16.75
CA ALA C 1586 25.73 23.02 16.39
C ALA C 1586 25.97 24.32 15.63
N TRP C 1587 24.93 24.90 15.02
CA TRP C 1587 25.12 26.08 14.19
C TRP C 1587 24.62 27.36 14.85
N ARG C 1588 23.41 27.35 15.42
CA ARG C 1588 22.79 28.60 15.86
C ARG C 1588 22.83 28.75 17.37
N HIS C 1589 23.00 27.65 18.11
CA HIS C 1589 22.73 27.70 19.55
C HIS C 1589 23.83 28.43 20.31
N ASN C 1590 25.06 27.90 20.34
CA ASN C 1590 26.11 28.54 21.11
C ASN C 1590 27.44 28.38 20.38
N ILE C 1591 27.41 28.12 19.08
CA ILE C 1591 28.64 27.88 18.35
C ILE C 1591 28.40 27.96 16.85
N MET C 1592 29.35 28.56 16.12
CA MET C 1592 29.31 28.62 14.66
C MET C 1592 30.17 27.48 14.10
N ASP C 1593 29.65 26.27 14.22
CA ASP C 1593 30.36 25.09 13.73
C ASP C 1593 29.70 24.57 12.45
N PHE C 1594 30.53 23.97 11.60
CA PHE C 1594 30.06 23.45 10.31
C PHE C 1594 29.60 22.00 10.44
N ALA C 1595 30.51 21.11 10.81
CA ALA C 1595 30.22 19.67 10.94
C ALA C 1595 29.60 19.12 9.66
N MET C 1596 30.18 19.46 8.52
CA MET C 1596 29.57 19.12 7.23
C MET C 1596 29.56 17.63 6.91
N PRO C 1597 30.62 16.84 7.14
CA PRO C 1597 30.55 15.41 6.79
C PRO C 1597 29.41 14.67 7.46
N TYR C 1598 29.02 15.07 8.67
CA TYR C 1598 27.88 14.44 9.32
C TYR C 1598 26.60 14.66 8.51
N PHE C 1599 26.37 15.90 8.09
CA PHE C 1599 25.18 16.19 7.29
C PHE C 1599 25.27 15.56 5.90
N ILE C 1600 26.49 15.36 5.39
CA ILE C 1600 26.66 14.66 4.12
C ILE C 1600 26.24 13.20 4.27
N GLN C 1601 26.64 12.56 5.38
CA GLN C 1601 26.20 11.19 5.63
C GLN C 1601 24.69 11.14 5.86
N VAL C 1602 24.13 12.18 6.46
CA VAL C 1602 22.67 12.25 6.62
C VAL C 1602 21.99 12.34 5.25
N MET C 1603 22.55 13.14 4.34
CA MET C 1603 22.00 13.23 3.00
C MET C 1603 22.15 11.90 2.26
N LYS C 1604 23.22 11.15 2.56
CA LYS C 1604 23.36 9.82 1.96
C LYS C 1604 22.29 8.87 2.47
N GLU C 1605 22.00 8.92 3.78
CA GLU C 1605 20.91 8.11 4.31
C GLU C 1605 19.57 8.52 3.72
N TYR C 1606 19.39 9.83 3.47
CA TYR C 1606 18.17 10.28 2.83
C TYR C 1606 18.09 9.84 1.38
N LEU C 1607 19.23 9.73 0.70
CA LEU C 1607 19.24 9.16 -0.65
C LEU C 1607 18.88 7.68 -0.62
N THR C 1608 19.34 6.97 0.41
CA THR C 1608 18.90 5.59 0.59
C THR C 1608 17.38 5.53 0.83
N LYS C 1609 16.84 6.48 1.59
CA LYS C 1609 15.40 6.54 1.79
C LYS C 1609 14.68 6.86 0.48
N VAL C 1610 15.30 7.65 -0.40
CA VAL C 1610 14.72 7.94 -1.70
C VAL C 1610 14.72 6.69 -2.57
N ASP C 1611 15.79 5.89 -2.46
CA ASP C 1611 15.79 4.59 -3.15
C ASP C 1611 14.70 3.68 -2.61
N LYS C 1612 14.45 3.71 -1.30
CA LYS C 1612 13.33 2.97 -0.75
C LYS C 1612 12.00 3.49 -1.26
N LEU C 1613 11.89 4.82 -1.46
CA LEU C 1613 10.68 5.39 -2.05
C LEU C 1613 10.50 4.92 -3.49
N ASP C 1614 11.60 4.78 -4.23
CA ASP C 1614 11.52 4.25 -5.59
C ASP C 1614 11.08 2.79 -5.57
N ALA C 1615 11.57 2.02 -4.61
CA ALA C 1615 11.09 0.64 -4.45
C ALA C 1615 9.61 0.62 -4.11
N SER C 1616 9.15 1.58 -3.31
CA SER C 1616 7.73 1.67 -2.99
C SER C 1616 6.92 2.04 -4.23
N GLU C 1617 7.48 2.87 -5.10
CA GLU C 1617 6.82 3.19 -6.36
C GLU C 1617 6.75 1.96 -7.27
N SER C 1618 7.79 1.13 -7.25
CA SER C 1618 7.75 -0.12 -7.99
C SER C 1618 6.68 -1.06 -7.43
N LEU C 1619 6.54 -1.10 -6.11
CA LEU C 1619 5.47 -1.87 -5.49
C LEU C 1619 4.10 -1.31 -5.86
N ARG C 1620 3.99 0.01 -5.99
CA ARG C 1620 2.74 0.62 -6.43
C ARG C 1620 2.43 0.24 -7.87
N LYS C 1621 3.46 0.16 -8.72
CA LYS C 1621 3.25 -0.31 -10.08
C LYS C 1621 2.81 -1.77 -10.10
N GLU C 1622 3.37 -2.59 -9.20
CA GLU C 1622 2.92 -3.97 -9.08
C GLU C 1622 1.46 -4.03 -8.63
N GLU C 1623 1.06 -3.14 -7.73
CA GLU C 1623 -0.33 -3.08 -7.31
C GLU C 1623 -1.24 -2.65 -8.46
N GLU C 1624 -0.76 -1.74 -9.30
CA GLU C 1624 -1.51 -1.34 -10.48
C GLU C 1624 -1.68 -2.49 -11.45
N GLN C 1625 -0.62 -3.30 -11.62
CA GLN C 1625 -0.73 -4.50 -12.45
C GLN C 1625 -1.72 -5.49 -11.86
N ALA C 1626 -1.71 -5.65 -10.53
CA ALA C 1626 -2.68 -6.52 -9.88
C ALA C 1626 -4.11 -6.01 -10.09
N THR C 1627 -4.29 -4.70 -10.05
CA THR C 1627 -5.62 -4.12 -10.30
C THR C 1627 -6.04 -4.36 -11.75
N GLU C 1628 -5.10 -4.25 -12.68
CA GLU C 1628 -5.41 -4.51 -14.09
C GLU C 1628 -5.75 -5.99 -14.31
N THR C 1629 -5.16 -6.88 -13.52
CA THR C 1629 -5.49 -8.30 -13.62
C THR C 1629 -6.75 -8.68 -12.85
N GLN C 1630 -7.19 -7.84 -11.91
CA GLN C 1630 -8.41 -8.09 -11.14
C GLN C 1630 -9.63 -8.44 -11.99
N PRO C 1631 -9.86 -7.83 -13.17
CA PRO C 1631 -11.00 -8.26 -14.00
C PRO C 1631 -10.99 -9.75 -14.35
N ILE C 1632 -9.83 -10.41 -14.31
CA ILE C 1632 -9.81 -11.85 -14.57
C ILE C 1632 -10.46 -12.60 -13.43
N VAL C 1633 -10.16 -12.21 -12.18
CA VAL C 1633 -10.77 -12.86 -11.03
C VAL C 1633 -12.23 -12.44 -10.89
N TYR C 1634 -12.57 -11.23 -11.33
CA TYR C 1634 -13.93 -10.74 -11.22
C TYR C 1634 -14.88 -11.54 -12.10
N GLY C 1635 -14.38 -12.09 -13.20
CA GLY C 1635 -15.21 -12.87 -14.10
C GLY C 1635 -15.51 -14.26 -13.58
N GLN C 1636 -16.24 -14.33 -12.47
CA GLN C 1636 -16.59 -15.61 -11.88
C GLN C 1636 -17.78 -16.23 -12.59
N PRO C 1637 -17.68 -17.48 -13.05
CA PRO C 1637 -18.82 -18.10 -13.74
C PRO C 1637 -20.00 -18.38 -12.83
N GLN C 1638 -19.79 -18.44 -11.51
CA GLN C 1638 -20.87 -18.70 -10.57
C GLN C 1638 -21.85 -17.54 -10.44
N LEU C 1639 -21.51 -16.37 -10.98
CA LEU C 1639 -22.40 -15.21 -10.92
C LEU C 1639 -23.55 -15.29 -11.92
N MET C 1640 -23.54 -16.27 -12.81
CA MET C 1640 -24.62 -16.44 -13.79
C MET C 1640 -25.81 -17.21 -13.24
N LEU C 1641 -25.73 -17.70 -12.02
CA LEU C 1641 -26.83 -18.45 -11.43
C LEU C 1641 -27.97 -17.54 -11.02
N PRO D 99 57.81 -57.76 93.10
CA PRO D 99 57.53 -56.90 94.26
C PRO D 99 57.89 -55.44 94.01
N GLU D 100 58.85 -54.92 94.80
CA GLU D 100 59.25 -53.53 94.62
C GLU D 100 60.04 -53.32 93.34
N SER D 101 60.67 -54.38 92.82
CA SER D 101 61.40 -54.27 91.56
C SER D 101 60.48 -53.93 90.40
N ILE D 102 59.26 -54.47 90.38
CA ILE D 102 58.29 -54.15 89.33
C ILE D 102 57.89 -52.68 89.39
N ARG D 103 57.65 -52.16 90.60
CA ARG D 103 57.32 -50.74 90.73
C ARG D 103 58.48 -49.86 90.32
N LYS D 104 59.72 -50.28 90.65
CA LYS D 104 60.89 -49.52 90.23
C LYS D 104 61.03 -49.52 88.71
N TRP D 105 60.78 -50.66 88.07
CA TRP D 105 60.83 -50.74 86.62
C TRP D 105 59.77 -49.85 85.99
N ARG D 106 58.56 -49.86 86.55
CA ARG D 106 57.49 -49.00 86.03
C ARG D 106 57.84 -47.54 86.20
N GLU D 107 58.46 -47.17 87.33
CA GLU D 107 58.86 -45.79 87.54
C GLU D 107 59.94 -45.37 86.56
N GLU D 108 60.91 -46.25 86.30
CA GLU D 108 61.94 -45.95 85.32
C GLU D 108 61.34 -45.79 83.93
N GLN D 109 60.36 -46.63 83.58
CA GLN D 109 59.71 -46.50 82.28
C GLN D 109 58.93 -45.20 82.19
N ARG D 110 58.26 -44.79 83.27
CA ARG D 110 57.54 -43.53 83.26
C ARG D 110 58.50 -42.34 83.14
N LYS D 111 59.65 -42.42 83.80
CA LYS D 111 60.65 -41.36 83.67
C LYS D 111 61.20 -41.30 82.25
N ARG D 112 61.43 -42.46 81.62
CA ARG D 112 61.88 -42.47 80.23
C ARG D 112 60.83 -41.86 79.32
N LEU D 113 59.55 -42.18 79.56
CA LEU D 113 58.48 -41.58 78.76
C LEU D 113 58.40 -40.07 78.97
N GLN D 114 58.61 -39.60 80.19
CA GLN D 114 58.63 -38.16 80.44
C GLN D 114 59.79 -37.49 79.72
N GLU D 115 60.96 -38.14 79.71
CA GLU D 115 62.10 -37.60 78.98
C GLU D 115 61.83 -37.56 77.48
N LEU D 116 61.18 -38.59 76.95
CA LEU D 116 60.82 -38.58 75.54
C LEU D 116 59.80 -37.50 75.23
N ASP D 117 58.85 -37.25 76.15
CA ASP D 117 57.89 -36.18 75.95
C ASP D 117 58.57 -34.81 75.98
N ALA D 118 59.56 -34.65 76.86
CA ALA D 118 60.32 -33.39 76.90
C ALA D 118 61.10 -33.20 75.61
N ALA D 119 61.71 -34.27 75.09
CA ALA D 119 62.42 -34.17 73.82
C ALA D 119 61.47 -33.83 72.69
N SER D 120 60.27 -34.41 72.70
CA SER D 120 59.27 -34.07 71.68
C SER D 120 58.82 -32.63 71.79
N LYS D 121 58.69 -32.11 73.01
CA LYS D 121 58.34 -30.71 73.19
C LYS D 121 59.46 -29.79 72.68
N VAL D 122 60.71 -30.17 72.92
CA VAL D 122 61.83 -29.39 72.39
C VAL D 122 61.82 -29.39 70.87
N MET D 123 61.58 -30.56 70.27
CA MET D 123 61.48 -30.63 68.81
C MET D 123 60.31 -29.82 68.28
N GLU D 124 59.18 -29.80 69.00
CA GLU D 124 58.04 -29.00 68.58
C GLU D 124 58.37 -27.50 68.65
N GLN D 125 59.10 -27.08 69.69
CA GLN D 125 59.51 -25.69 69.78
C GLN D 125 60.47 -25.33 68.65
N GLU D 126 61.38 -26.24 68.30
CA GLU D 126 62.28 -26.00 67.18
C GLU D 126 61.50 -25.89 65.86
N TRP D 127 60.49 -26.75 65.67
CA TRP D 127 59.68 -26.67 64.48
C TRP D 127 58.87 -25.37 64.43
N ARG D 128 58.40 -24.91 65.59
CA ARG D 128 57.70 -23.63 65.64
C ARG D 128 58.61 -22.48 65.28
N GLU D 129 59.87 -22.52 65.77
CA GLU D 129 60.83 -21.49 65.41
C GLU D 129 61.12 -21.50 63.91
N LYS D 130 61.30 -22.70 63.34
CA LYS D 130 61.53 -22.80 61.90
C LYS D 130 60.33 -22.29 61.11
N ALA D 131 59.12 -22.57 61.60
CA ALA D 131 57.92 -22.08 60.91
C ALA D 131 57.83 -20.57 60.99
N LYS D 132 58.17 -19.98 62.13
CA LYS D 132 58.17 -18.53 62.24
C LYS D 132 59.21 -17.91 61.30
N LYS D 133 60.39 -18.52 61.21
CA LYS D 133 61.42 -18.03 60.30
C LYS D 133 60.95 -18.10 58.85
N ASP D 134 60.31 -19.22 58.48
CA ASP D 134 59.81 -19.37 57.11
C ASP D 134 58.70 -18.35 56.82
N LEU D 135 57.80 -18.13 57.79
CA LEU D 135 56.75 -17.14 57.59
C LEU D 135 57.32 -15.74 57.42
N GLU D 136 58.32 -15.39 58.23
CA GLU D 136 58.95 -14.08 58.09
C GLU D 136 59.66 -13.95 56.74
N GLU D 137 60.34 -15.01 56.28
CA GLU D 137 61.01 -14.95 54.99
C GLU D 137 59.99 -14.78 53.86
N TRP D 138 58.89 -15.55 53.90
CA TRP D 138 57.86 -15.42 52.88
C TRP D 138 57.23 -14.04 52.89
N ASN D 139 56.97 -13.49 54.08
CA ASN D 139 56.40 -12.16 54.17
C ASN D 139 57.34 -11.11 53.60
N GLN D 140 58.64 -11.22 53.91
CA GLN D 140 59.61 -10.26 53.38
C GLN D 140 59.70 -10.36 51.86
N ARG D 141 59.73 -11.59 51.32
CA ARG D 141 59.80 -11.75 49.87
C ARG D 141 58.55 -11.22 49.19
N GLN D 142 57.37 -11.48 49.77
CA GLN D 142 56.14 -10.97 49.18
C GLN D 142 56.08 -9.45 49.24
N SER D 143 56.55 -8.86 50.34
CA SER D 143 56.58 -7.41 50.44
C SER D 143 57.55 -6.80 49.42
N GLU D 144 58.71 -7.41 49.23
CA GLU D 144 59.66 -6.91 48.24
C GLU D 144 59.09 -7.03 46.83
N GLN D 145 58.41 -8.14 46.54
CA GLN D 145 57.79 -8.31 45.23
C GLN D 145 56.67 -7.30 45.01
N VAL D 146 55.90 -7.01 46.05
CA VAL D 146 54.82 -6.02 45.93
C VAL D 146 55.41 -4.63 45.73
N GLU D 147 56.52 -4.32 46.40
CA GLU D 147 57.16 -3.02 46.18
C GLU D 147 57.70 -2.91 44.76
N LYS D 148 58.29 -3.99 44.24
CA LYS D 148 58.78 -3.96 42.86
C LYS D 148 57.63 -3.81 41.87
N ASN D 149 56.52 -4.48 42.13
CA ASN D 149 55.35 -4.34 41.27
C ASN D 149 54.77 -2.93 41.33
N LYS D 150 54.79 -2.31 42.51
CA LYS D 150 54.32 -0.93 42.62
C LYS D 150 55.25 0.03 41.87
N ILE D 151 56.56 -0.22 41.94
CA ILE D 151 57.49 0.61 41.17
C ILE D 151 57.24 0.45 39.68
N ASN D 152 57.01 -0.80 39.22
CA ASN D 152 56.72 -1.02 37.81
C ASN D 152 55.41 -0.35 37.41
N ASN D 153 54.40 -0.38 38.27
CA ASN D 153 53.13 0.29 37.97
C ASN D 153 53.30 1.81 37.92
N ARG D 154 54.13 2.38 38.79
CA ARG D 154 54.42 3.80 38.72
C ARG D 154 55.15 4.15 37.43
N ILE D 155 56.09 3.31 37.00
CA ILE D 155 56.78 3.54 35.73
C ILE D 155 55.79 3.47 34.57
N ALA D 156 54.86 2.51 34.62
CA ALA D 156 53.86 2.39 33.56
C ALA D 156 52.93 3.61 33.54
N ASP D 157 52.56 4.11 34.72
CA ASP D 157 51.72 5.30 34.78
C ASP D 157 52.46 6.53 34.27
N LYS D 158 53.77 6.61 34.54
CA LYS D 158 54.58 7.69 33.97
C LYS D 158 54.71 7.54 32.46
N ALA D 159 54.65 6.32 31.94
CA ALA D 159 54.67 6.12 30.49
C ALA D 159 53.37 6.59 29.85
N PHE D 160 52.29 6.64 30.61
CA PHE D 160 51.03 7.15 30.08
C PHE D 160 51.12 8.62 29.73
N TYR D 161 51.94 9.37 30.45
CA TYR D 161 52.09 10.80 30.19
C TYR D 161 52.67 11.03 28.81
N GLN D 162 51.96 11.80 27.99
CA GLN D 162 52.42 12.16 26.65
C GLN D 162 52.27 13.66 26.47
N GLN D 163 52.48 14.12 25.23
CA GLN D 163 52.43 15.55 24.94
C GLN D 163 51.40 15.87 23.86
N PRO D 164 50.10 15.74 24.15
CA PRO D 164 49.08 16.09 23.17
C PRO D 164 48.69 17.55 23.29
N ASP D 165 47.69 17.94 22.49
CA ASP D 165 47.12 19.27 22.60
C ASP D 165 46.16 19.34 23.78
N ALA D 166 45.69 20.54 24.09
CA ALA D 166 44.75 20.73 25.19
C ALA D 166 43.36 20.24 24.79
N GLY D 188 45.76 20.79 8.51
CA GLY D 188 45.56 19.39 8.18
C GLY D 188 45.84 18.46 9.35
N THR D 189 46.50 18.99 10.38
CA THR D 189 46.83 18.18 11.55
C THR D 189 45.59 17.90 12.41
N GLU D 190 44.60 18.78 12.39
CA GLU D 190 43.39 18.55 13.17
C GLU D 190 42.63 17.32 12.68
N TRP D 191 42.53 17.13 11.36
CA TRP D 191 41.89 15.92 10.83
C TRP D 191 42.68 14.68 11.21
N GLU D 192 44.01 14.77 11.22
CA GLU D 192 44.83 13.63 11.62
C GLU D 192 44.62 13.30 13.09
N LYS D 193 44.48 14.32 13.94
CA LYS D 193 44.21 14.06 15.35
C LYS D 193 42.82 13.44 15.55
N VAL D 194 41.82 13.96 14.83
CA VAL D 194 40.47 13.41 14.92
C VAL D 194 40.46 11.96 14.46
N ALA D 195 41.23 11.64 13.42
CA ALA D 195 41.34 10.27 12.97
C ALA D 195 42.02 9.39 14.02
N GLN D 196 43.16 9.84 14.55
CA GLN D 196 43.87 9.07 15.56
C GLN D 196 43.01 8.83 16.80
N LEU D 197 42.11 9.76 17.11
CA LEU D 197 41.24 9.58 18.27
C LEU D 197 40.07 8.66 17.97
N CYS D 198 39.31 8.92 16.91
CA CYS D 198 38.07 8.21 16.66
C CYS D 198 37.93 7.76 15.20
N ASP D 199 38.98 7.13 14.66
CA ASP D 199 38.91 6.62 13.30
C ASP D 199 37.77 5.62 13.15
N PHE D 200 36.77 5.99 12.35
CA PHE D 200 35.63 5.11 12.09
C PHE D 200 36.04 4.05 11.08
N ASN D 201 36.93 3.17 11.54
CA ASN D 201 37.48 2.13 10.67
C ASN D 201 36.39 1.12 10.33
N PRO D 202 36.45 0.51 9.14
CA PRO D 202 35.46 -0.51 8.78
C PRO D 202 35.47 -1.74 9.70
N LYS D 203 36.43 -1.79 10.63
CA LYS D 203 36.47 -2.88 11.60
C LYS D 203 35.24 -2.91 12.50
N SER D 204 34.48 -1.80 12.55
CA SER D 204 33.27 -1.76 13.36
C SER D 204 32.16 -2.64 12.80
N SER D 205 32.38 -3.29 11.65
CA SER D 205 31.38 -4.19 11.08
C SER D 205 31.12 -5.41 11.94
N LYS D 206 31.94 -5.66 12.95
CA LYS D 206 31.71 -6.78 13.86
C LYS D 206 30.40 -6.63 14.64
N GLN D 207 29.87 -5.42 14.74
CA GLN D 207 28.61 -5.19 15.42
C GLN D 207 27.43 -5.54 14.49
N CYS D 208 26.24 -5.14 14.92
CA CYS D 208 25.04 -5.38 14.13
C CYS D 208 25.12 -4.65 12.80
N LYS D 209 24.73 -5.33 11.72
CA LYS D 209 24.79 -4.78 10.37
C LYS D 209 23.63 -3.80 10.16
N ASP D 210 23.76 -2.64 10.81
CA ASP D 210 22.77 -1.57 10.67
C ASP D 210 23.14 -0.72 9.47
N VAL D 211 22.13 -0.34 8.67
CA VAL D 211 22.36 0.48 7.49
C VAL D 211 22.94 1.84 7.85
N SER D 212 22.57 2.39 9.01
CA SER D 212 23.13 3.66 9.43
C SER D 212 24.64 3.55 9.69
N ARG D 213 25.06 2.46 10.33
CA ARG D 213 26.48 2.26 10.56
C ARG D 213 27.22 1.99 9.25
N LEU D 214 26.57 1.33 8.29
CA LEU D 214 27.18 1.13 6.98
C LEU D 214 27.38 2.46 6.26
N ARG D 215 26.38 3.34 6.32
CA ARG D 215 26.52 4.66 5.71
C ARG D 215 27.59 5.48 6.42
N SER D 216 27.70 5.33 7.75
CA SER D 216 28.76 6.02 8.48
C SER D 216 30.14 5.51 8.07
N VAL D 217 30.29 4.20 7.89
CA VAL D 217 31.56 3.65 7.42
C VAL D 217 31.86 4.14 6.01
N LEU D 218 30.85 4.23 5.15
CA LEU D 218 31.06 4.75 3.81
C LEU D 218 31.51 6.21 3.84
N MET D 219 30.89 7.01 4.71
CA MET D 219 31.30 8.41 4.84
C MET D 219 32.72 8.52 5.37
N SER D 220 33.09 7.66 6.32
CA SER D 220 34.45 7.66 6.84
C SER D 220 35.44 7.29 5.75
N LEU D 221 35.10 6.31 4.92
CA LEU D 221 36.00 5.92 3.83
C LEU D 221 36.10 7.01 2.76
N LYS D 222 35.02 7.77 2.55
CA LYS D 222 35.08 8.88 1.60
C LYS D 222 35.83 10.08 2.17
N GLN D 223 35.85 10.23 3.49
CA GLN D 223 36.59 11.31 4.12
C GLN D 223 38.07 10.96 4.30
N THR D 224 38.39 9.66 4.33
CA THR D 224 39.78 9.22 4.49
C THR D 224 40.76 9.84 3.48
N PRO D 225 40.44 9.99 2.19
CA PRO D 225 41.39 10.63 1.28
C PRO D 225 41.79 12.05 1.67
N LEU D 226 41.06 12.70 2.56
CA LEU D 226 41.45 14.03 3.04
C LEU D 226 42.69 14.00 3.92
N SER D 227 43.09 12.82 4.41
CA SER D 227 44.28 12.72 5.25
C SER D 227 45.52 13.02 4.43
N ARG D 228 46.32 13.97 4.90
CA ARG D 228 47.54 14.37 4.21
C ARG D 228 48.74 14.35 5.15
N ASN E 1248 9.54 -12.63 -127.46
CA ASN E 1248 10.04 -11.66 -126.49
C ASN E 1248 10.35 -12.34 -125.16
N SER E 1249 10.89 -13.54 -125.23
CA SER E 1249 11.25 -14.27 -124.02
C SER E 1249 12.48 -13.65 -123.36
N THR E 1250 12.66 -13.96 -122.08
CA THR E 1250 13.80 -13.40 -121.33
C THR E 1250 15.14 -13.85 -121.91
N ARG E 1251 15.21 -15.07 -122.44
CA ARG E 1251 16.44 -15.53 -123.07
C ARG E 1251 16.78 -14.70 -124.31
N THR E 1252 15.75 -14.36 -125.11
CA THR E 1252 15.98 -13.52 -126.28
C THR E 1252 16.45 -12.13 -125.87
N TRP E 1253 15.86 -11.57 -124.81
CA TRP E 1253 16.28 -10.26 -124.33
C TRP E 1253 17.72 -10.30 -123.83
N LYS E 1254 18.09 -11.37 -123.12
CA LYS E 1254 19.47 -11.50 -122.64
C LYS E 1254 20.44 -11.61 -123.81
N GLU E 1255 20.10 -12.40 -124.83
CA GLU E 1255 20.97 -12.52 -125.99
C GLU E 1255 21.12 -11.18 -126.72
N VAL E 1256 20.01 -10.45 -126.87
CA VAL E 1256 20.08 -9.17 -127.56
C VAL E 1256 20.90 -8.16 -126.76
N CYS E 1257 20.73 -8.14 -125.43
CA CYS E 1257 21.51 -7.22 -124.62
C CYS E 1257 22.99 -7.58 -124.63
N PHE E 1258 23.32 -8.86 -124.62
CA PHE E 1258 24.72 -9.27 -124.70
C PHE E 1258 25.32 -8.87 -126.06
N ALA E 1259 24.56 -9.06 -127.14
CA ALA E 1259 25.05 -8.65 -128.45
C ALA E 1259 25.25 -7.15 -128.53
N CYS E 1260 24.34 -6.38 -127.92
CA CYS E 1260 24.48 -4.92 -127.94
C CYS E 1260 25.67 -4.46 -127.11
N VAL E 1261 25.91 -5.12 -125.96
CA VAL E 1261 27.08 -4.79 -125.15
C VAL E 1261 28.36 -5.12 -125.90
N ASP E 1262 28.37 -6.24 -126.61
CA ASP E 1262 29.53 -6.57 -127.44
C ASP E 1262 29.72 -5.57 -128.57
N GLY E 1263 28.62 -5.06 -129.12
CA GLY E 1263 28.68 -4.05 -130.17
C GLY E 1263 28.61 -2.62 -129.69
N LYS E 1264 28.62 -2.40 -128.38
CA LYS E 1264 28.55 -1.05 -127.78
C LYS E 1264 27.27 -0.32 -128.21
N GLU E 1265 26.19 -1.08 -128.35
CA GLU E 1265 24.88 -0.51 -128.70
C GLU E 1265 24.04 -0.32 -127.44
N PHE E 1266 24.48 0.62 -126.60
CA PHE E 1266 23.81 0.86 -125.33
C PHE E 1266 22.47 1.57 -125.50
N ARG E 1267 22.26 2.28 -126.60
CA ARG E 1267 20.99 2.97 -126.82
C ARG E 1267 19.83 2.00 -126.87
N LEU E 1268 20.07 0.76 -127.29
CA LEU E 1268 19.05 -0.29 -127.26
C LEU E 1268 19.19 -1.20 -126.06
N ALA E 1269 20.41 -1.36 -125.54
CA ALA E 1269 20.61 -2.20 -124.36
C ALA E 1269 19.94 -1.60 -123.13
N GLN E 1270 19.88 -0.27 -123.03
CA GLN E 1270 19.24 0.37 -121.89
C GLN E 1270 17.77 0.03 -121.79
N MET E 1271 17.12 -0.33 -122.90
CA MET E 1271 15.74 -0.77 -122.90
C MET E 1271 15.61 -2.29 -122.92
N CYS E 1272 16.58 -3.00 -123.51
CA CYS E 1272 16.52 -4.45 -123.52
C CYS E 1272 16.76 -5.03 -122.14
N GLY E 1273 17.59 -4.38 -121.33
CA GLY E 1273 17.88 -4.84 -119.99
C GLY E 1273 16.80 -4.63 -118.97
N LEU E 1274 15.71 -3.97 -119.34
CA LEU E 1274 14.60 -3.74 -118.41
C LEU E 1274 13.78 -4.99 -118.16
N HIS E 1275 13.91 -6.02 -119.00
CA HIS E 1275 13.22 -7.28 -118.81
C HIS E 1275 14.09 -8.34 -118.13
N ILE E 1276 15.31 -7.98 -117.75
CA ILE E 1276 16.24 -8.90 -117.12
C ILE E 1276 16.35 -8.66 -115.62
N VAL E 1277 16.24 -7.40 -115.19
CA VAL E 1277 16.36 -7.06 -113.78
C VAL E 1277 15.21 -7.61 -112.97
N VAL E 1278 14.12 -8.04 -113.62
CA VAL E 1278 12.96 -8.55 -112.90
C VAL E 1278 13.25 -9.91 -112.26
N HIS E 1279 14.29 -10.61 -112.71
CA HIS E 1279 14.66 -11.90 -112.14
C HIS E 1279 16.14 -11.85 -111.76
N ALA E 1280 16.43 -12.21 -110.50
CA ALA E 1280 17.80 -12.15 -110.01
C ALA E 1280 18.69 -13.18 -110.70
N ASP E 1281 18.14 -14.35 -111.05
CA ASP E 1281 18.93 -15.39 -111.70
C ASP E 1281 19.50 -14.91 -113.02
N GLU E 1282 18.79 -14.05 -113.73
CA GLU E 1282 19.29 -13.43 -114.96
C GLU E 1282 19.95 -12.09 -114.72
N LEU E 1283 19.54 -11.38 -113.65
CA LEU E 1283 20.20 -10.13 -113.30
C LEU E 1283 21.67 -10.35 -112.95
N GLU E 1284 21.97 -11.50 -112.34
CA GLU E 1284 23.37 -11.82 -112.03
C GLU E 1284 24.21 -11.90 -113.30
N GLU E 1285 23.71 -12.60 -114.32
CA GLU E 1285 24.44 -12.70 -115.59
C GLU E 1285 24.51 -11.36 -116.29
N LEU E 1286 23.43 -10.58 -116.23
CA LEU E 1286 23.44 -9.25 -116.84
C LEU E 1286 24.50 -8.36 -116.22
N ILE E 1287 24.66 -8.44 -114.90
CA ILE E 1287 25.66 -7.62 -114.21
C ILE E 1287 27.06 -8.16 -114.49
N ASN E 1288 27.20 -9.49 -114.55
CA ASN E 1288 28.49 -10.08 -114.86
C ASN E 1288 28.96 -9.69 -116.27
N TYR E 1289 28.01 -9.49 -117.19
CA TYR E 1289 28.37 -9.02 -118.51
C TYR E 1289 29.08 -7.66 -118.44
N TYR E 1290 28.49 -6.70 -117.73
CA TYR E 1290 29.11 -5.39 -117.61
C TYR E 1290 30.38 -5.44 -116.78
N GLN E 1291 30.45 -6.36 -115.82
CA GLN E 1291 31.68 -6.51 -115.04
C GLN E 1291 32.83 -7.03 -115.91
N ASP E 1292 32.52 -7.94 -116.84
CA ASP E 1292 33.55 -8.43 -117.75
C ASP E 1292 33.89 -7.39 -118.80
N ARG E 1293 32.93 -6.54 -119.15
CA ARG E 1293 33.15 -5.49 -120.13
C ARG E 1293 33.57 -4.16 -119.52
N GLY E 1294 33.39 -3.98 -118.22
CA GLY E 1294 33.86 -2.78 -117.55
C GLY E 1294 33.00 -1.55 -117.73
N TYR E 1295 31.73 -1.72 -118.07
CA TYR E 1295 30.81 -0.58 -118.22
C TYR E 1295 29.98 -0.41 -116.95
N PHE E 1296 30.55 0.34 -116.00
CA PHE E 1296 29.90 0.54 -114.71
C PHE E 1296 28.82 1.62 -114.81
N GLU E 1297 29.13 2.74 -115.46
CA GLU E 1297 28.18 3.85 -115.53
C GLU E 1297 26.93 3.47 -116.32
N GLU E 1298 27.08 2.71 -117.40
CA GLU E 1298 25.92 2.27 -118.16
C GLU E 1298 25.02 1.37 -117.33
N LEU E 1299 25.61 0.44 -116.59
CA LEU E 1299 24.82 -0.43 -115.72
C LEU E 1299 24.14 0.35 -114.60
N ILE E 1300 24.83 1.35 -114.05
CA ILE E 1300 24.22 2.20 -113.03
C ILE E 1300 23.03 2.96 -113.58
N THR E 1301 23.17 3.51 -114.80
CA THR E 1301 22.05 4.21 -115.43
C THR E 1301 20.88 3.27 -115.70
N MET E 1302 21.19 2.05 -116.15
CA MET E 1302 20.14 1.07 -116.41
C MET E 1302 19.41 0.70 -115.12
N LEU E 1303 20.16 0.53 -114.03
CA LEU E 1303 19.51 0.22 -112.75
C LEU E 1303 18.67 1.38 -112.25
N GLU E 1304 19.16 2.61 -112.39
CA GLU E 1304 18.37 3.77 -111.99
C GLU E 1304 17.10 3.89 -112.81
N ALA E 1305 17.16 3.53 -114.10
CA ALA E 1305 15.97 3.56 -114.93
C ALA E 1305 15.00 2.44 -114.54
N ALA E 1306 15.53 1.26 -114.21
CA ALA E 1306 14.69 0.13 -113.84
C ALA E 1306 14.14 0.22 -112.42
N LEU E 1307 14.65 1.14 -111.60
CA LEU E 1307 14.14 1.32 -110.25
C LEU E 1307 12.65 1.58 -110.20
N GLY E 1308 12.05 2.07 -111.28
CA GLY E 1308 10.62 2.35 -111.33
C GLY E 1308 9.77 1.24 -111.86
N LEU E 1309 10.30 0.03 -111.99
CA LEU E 1309 9.54 -1.11 -112.50
C LEU E 1309 8.72 -1.75 -111.38
N GLU E 1310 7.81 -2.64 -111.79
CA GLU E 1310 6.94 -3.30 -110.82
C GLU E 1310 7.72 -4.33 -109.99
N ARG E 1311 8.60 -5.09 -110.65
CA ARG E 1311 9.37 -6.13 -109.97
C ARG E 1311 10.59 -5.51 -109.26
N ALA E 1312 10.30 -4.71 -108.24
CA ALA E 1312 11.34 -4.04 -107.46
C ALA E 1312 11.71 -4.91 -106.25
N HIS E 1313 12.36 -6.03 -106.55
CA HIS E 1313 12.80 -6.94 -105.51
C HIS E 1313 13.98 -6.36 -104.74
N MET E 1314 14.24 -6.95 -103.56
CA MET E 1314 15.28 -6.42 -102.69
C MET E 1314 16.67 -6.62 -103.29
N GLY E 1315 16.84 -7.65 -104.12
CA GLY E 1315 18.15 -7.89 -104.72
C GLY E 1315 18.62 -6.76 -105.61
N MET E 1316 17.70 -6.11 -106.33
CA MET E 1316 18.08 -5.00 -107.18
C MET E 1316 18.65 -3.85 -106.38
N PHE E 1317 17.96 -3.43 -105.32
CA PHE E 1317 18.45 -2.35 -104.48
C PHE E 1317 19.74 -2.75 -103.77
N THR E 1318 19.84 -4.02 -103.34
CA THR E 1318 21.05 -4.49 -102.68
C THR E 1318 22.25 -4.39 -103.61
N GLU E 1319 22.11 -4.89 -104.84
CA GLU E 1319 23.23 -4.84 -105.77
C GLU E 1319 23.51 -3.42 -106.23
N LEU E 1320 22.48 -2.56 -106.26
CA LEU E 1320 22.72 -1.15 -106.56
C LEU E 1320 23.57 -0.49 -105.48
N ALA E 1321 23.26 -0.77 -104.21
CA ALA E 1321 24.08 -0.25 -103.12
C ALA E 1321 25.50 -0.83 -103.18
N ILE E 1322 25.62 -2.11 -103.54
CA ILE E 1322 26.94 -2.71 -103.66
C ILE E 1322 27.76 -2.03 -104.75
N LEU E 1323 27.13 -1.75 -105.90
CA LEU E 1323 27.84 -1.08 -106.99
C LEU E 1323 28.17 0.36 -106.63
N TYR E 1324 27.30 1.03 -105.87
CA TYR E 1324 27.59 2.38 -105.41
C TYR E 1324 28.74 2.39 -104.42
N SER E 1325 28.89 1.33 -103.64
CA SER E 1325 30.00 1.25 -102.68
C SER E 1325 31.36 1.28 -103.38
N LYS E 1326 31.41 0.97 -104.68
CA LYS E 1326 32.67 0.94 -105.42
C LYS E 1326 32.77 2.04 -106.48
N PHE E 1327 31.65 2.46 -107.06
CA PHE E 1327 31.69 3.44 -108.15
C PHE E 1327 31.34 4.85 -107.69
N LYS E 1328 30.22 5.01 -106.97
CA LYS E 1328 29.80 6.32 -106.49
C LYS E 1328 29.44 6.25 -105.02
N PRO E 1329 30.41 6.41 -104.11
CA PRO E 1329 30.10 6.28 -102.68
C PRO E 1329 29.20 7.38 -102.14
N GLN E 1330 29.17 8.56 -102.78
CA GLN E 1330 28.31 9.63 -102.30
C GLN E 1330 26.84 9.37 -102.60
N LYS E 1331 26.54 8.48 -103.53
CA LYS E 1331 25.15 8.14 -103.85
C LYS E 1331 24.64 6.95 -103.06
N MET E 1332 25.53 6.16 -102.46
CA MET E 1332 25.10 4.99 -101.70
C MET E 1332 24.30 5.41 -100.47
N ARG E 1333 24.73 6.47 -99.77
CA ARG E 1333 23.99 6.94 -98.62
C ARG E 1333 22.62 7.48 -99.02
N GLU E 1334 22.56 8.18 -100.15
CA GLU E 1334 21.28 8.70 -100.62
C GLU E 1334 20.33 7.58 -101.02
N HIS E 1335 20.87 6.51 -101.60
CA HIS E 1335 20.03 5.36 -101.95
C HIS E 1335 19.58 4.61 -100.70
N LEU E 1336 20.44 4.54 -99.68
CA LEU E 1336 20.07 3.86 -98.45
C LEU E 1336 18.98 4.63 -97.71
N GLU E 1337 19.14 5.95 -97.56
CA GLU E 1337 18.13 6.76 -96.89
C GLU E 1337 16.75 6.65 -97.54
N LEU E 1338 16.68 6.16 -98.76
CA LEU E 1338 15.41 6.00 -99.47
C LEU E 1338 14.90 4.56 -99.47
N PHE E 1339 15.80 3.57 -99.54
CA PHE E 1339 15.37 2.17 -99.66
C PHE E 1339 16.08 1.24 -98.67
N TRP E 1340 16.33 1.67 -97.43
CA TRP E 1340 16.93 0.79 -96.44
C TRP E 1340 16.05 -0.42 -96.16
N SER E 1341 14.73 -0.27 -96.29
CA SER E 1341 13.81 -1.37 -96.02
C SER E 1341 13.78 -2.41 -97.14
N ARG E 1342 14.39 -2.12 -98.28
CA ARG E 1342 14.37 -3.03 -99.43
C ARG E 1342 15.76 -3.48 -99.85
N VAL E 1343 16.69 -3.62 -98.91
CA VAL E 1343 18.07 -4.03 -99.20
C VAL E 1343 18.44 -5.19 -98.29
N ASN E 1344 19.06 -6.22 -98.87
CA ASN E 1344 19.55 -7.35 -98.09
C ASN E 1344 20.64 -6.90 -97.14
N ILE E 1345 20.53 -7.30 -95.88
CA ILE E 1345 21.36 -6.76 -94.80
C ILE E 1345 22.82 -7.19 -94.93
N PRO E 1346 23.16 -8.48 -94.94
CA PRO E 1346 24.58 -8.85 -94.89
C PRO E 1346 25.37 -8.42 -96.11
N LYS E 1347 24.78 -8.45 -97.30
CA LYS E 1347 25.49 -8.04 -98.50
C LYS E 1347 25.84 -6.56 -98.46
N VAL E 1348 24.88 -5.70 -98.11
CA VAL E 1348 25.17 -4.27 -98.05
C VAL E 1348 26.10 -3.97 -96.89
N LEU E 1349 26.03 -4.74 -95.80
CA LEU E 1349 26.98 -4.55 -94.71
C LEU E 1349 28.41 -4.86 -95.15
N ARG E 1350 28.60 -5.97 -95.84
CA ARG E 1350 29.93 -6.31 -96.35
C ARG E 1350 30.40 -5.29 -97.38
N ALA E 1351 29.48 -4.80 -98.21
CA ALA E 1351 29.85 -3.79 -99.21
C ALA E 1351 30.30 -2.49 -98.55
N ALA E 1352 29.59 -2.06 -97.50
CA ALA E 1352 29.98 -0.84 -96.80
C ALA E 1352 31.28 -1.05 -96.02
N GLU E 1353 31.50 -2.26 -95.52
CA GLU E 1353 32.77 -2.54 -94.83
C GLU E 1353 33.94 -2.50 -95.81
N GLN E 1354 33.75 -3.03 -97.02
CA GLN E 1354 34.81 -2.97 -98.02
C GLN E 1354 35.04 -1.54 -98.51
N ALA E 1355 34.01 -0.70 -98.47
CA ALA E 1355 34.11 0.68 -98.91
C ALA E 1355 34.50 1.64 -97.80
N HIS E 1356 34.75 1.13 -96.59
CA HIS E 1356 35.15 1.95 -95.44
C HIS E 1356 34.10 3.03 -95.14
N LEU E 1357 32.84 2.72 -95.41
CA LEU E 1357 31.73 3.63 -95.13
C LEU E 1357 31.14 3.30 -93.75
N TRP E 1358 31.83 3.80 -92.72
CA TRP E 1358 31.45 3.46 -91.35
C TRP E 1358 30.17 4.17 -90.95
N ALA E 1359 29.94 5.38 -91.46
CA ALA E 1359 28.70 6.09 -91.16
C ALA E 1359 27.48 5.35 -91.69
N GLU E 1360 27.57 4.84 -92.92
CA GLU E 1360 26.47 4.04 -93.46
C GLU E 1360 26.28 2.75 -92.66
N LEU E 1361 27.38 2.17 -92.17
CA LEU E 1361 27.29 0.99 -91.32
C LEU E 1361 26.54 1.29 -90.04
N VAL E 1362 26.85 2.41 -89.40
CA VAL E 1362 26.16 2.80 -88.16
C VAL E 1362 24.69 3.09 -88.45
N PHE E 1363 24.41 3.72 -89.59
CA PHE E 1363 23.02 4.02 -89.95
C PHE E 1363 22.23 2.72 -90.16
N LEU E 1364 22.81 1.75 -90.87
CA LEU E 1364 22.13 0.49 -91.10
C LEU E 1364 21.96 -0.30 -89.81
N TYR E 1365 22.95 -0.24 -88.92
CA TYR E 1365 22.83 -0.91 -87.62
C TYR E 1365 21.72 -0.28 -86.78
N ASP E 1366 21.59 1.04 -86.84
CA ASP E 1366 20.51 1.71 -86.11
C ASP E 1366 19.16 1.38 -86.72
N LYS E 1367 19.08 1.27 -88.04
CA LYS E 1367 17.81 0.93 -88.68
C LYS E 1367 17.46 -0.54 -88.48
N TYR E 1368 18.46 -1.40 -88.24
CA TYR E 1368 18.24 -2.82 -88.04
C TYR E 1368 18.38 -3.24 -86.58
N GLU E 1369 18.37 -2.27 -85.65
CA GLU E 1369 18.43 -2.53 -84.21
C GLU E 1369 19.68 -3.31 -83.82
N GLU E 1370 20.77 -3.12 -84.56
CA GLU E 1370 22.05 -3.76 -84.24
C GLU E 1370 22.92 -2.77 -83.46
N TYR E 1371 22.58 -2.62 -82.18
CA TYR E 1371 23.23 -1.61 -81.36
C TYR E 1371 24.64 -2.00 -80.95
N ASP E 1372 24.89 -3.29 -80.71
CA ASP E 1372 26.21 -3.73 -80.27
C ASP E 1372 27.27 -3.46 -81.33
N ASN E 1373 27.04 -3.95 -82.56
CA ASN E 1373 27.99 -3.70 -83.64
C ASN E 1373 28.08 -2.22 -83.97
N ALA E 1374 26.98 -1.48 -83.81
CA ALA E 1374 27.03 -0.03 -84.03
C ALA E 1374 27.98 0.63 -83.05
N ILE E 1375 27.86 0.31 -81.76
CA ILE E 1375 28.74 0.90 -80.76
C ILE E 1375 30.18 0.46 -80.99
N ILE E 1376 30.38 -0.79 -81.40
CA ILE E 1376 31.74 -1.28 -81.68
C ILE E 1376 32.36 -0.49 -82.82
N THR E 1377 31.61 -0.30 -83.91
CA THR E 1377 32.14 0.44 -85.06
C THR E 1377 32.40 1.89 -84.70
N MET E 1378 31.50 2.48 -83.89
CA MET E 1378 31.70 3.88 -83.48
C MET E 1378 32.93 4.02 -82.61
N MET E 1379 33.19 3.05 -81.73
CA MET E 1379 34.37 3.11 -80.89
C MET E 1379 35.64 2.90 -81.71
N ASN E 1380 35.58 2.01 -82.71
CA ASN E 1380 36.74 1.78 -83.56
C ASN E 1380 37.03 2.96 -84.47
N HIS E 1381 36.04 3.80 -84.75
CA HIS E 1381 36.20 4.99 -85.59
C HIS E 1381 35.60 6.20 -84.89
N PRO E 1382 36.37 6.84 -84.01
CA PRO E 1382 35.81 7.93 -83.20
C PRO E 1382 35.56 9.21 -83.98
N THR E 1383 36.25 9.41 -85.12
CA THR E 1383 36.17 10.67 -85.85
C THR E 1383 35.42 10.57 -87.17
N ASP E 1384 35.01 9.38 -87.58
CA ASP E 1384 34.36 9.20 -88.87
C ASP E 1384 32.87 8.93 -88.78
N ALA E 1385 32.43 8.14 -87.80
CA ALA E 1385 31.04 7.71 -87.71
C ALA E 1385 30.52 7.86 -86.28
N TRP E 1386 30.81 9.00 -85.65
CA TRP E 1386 30.36 9.25 -84.29
C TRP E 1386 29.47 10.48 -84.27
N LYS E 1387 28.31 10.37 -83.64
CA LYS E 1387 27.38 11.48 -83.46
C LYS E 1387 26.82 11.41 -82.05
N GLU E 1388 27.15 12.41 -81.23
CA GLU E 1388 26.77 12.37 -79.82
C GLU E 1388 25.26 12.42 -79.65
N GLY E 1389 24.58 13.27 -80.43
CA GLY E 1389 23.14 13.42 -80.30
C GLY E 1389 22.36 12.13 -80.52
N GLN E 1390 22.92 11.19 -81.27
CA GLN E 1390 22.31 9.87 -81.46
C GLN E 1390 22.96 8.81 -80.59
N PHE E 1391 24.26 8.94 -80.31
CA PHE E 1391 24.94 7.97 -79.46
C PHE E 1391 24.37 7.97 -78.04
N LYS E 1392 24.03 9.16 -77.54
CA LYS E 1392 23.50 9.28 -76.18
C LYS E 1392 22.24 8.47 -75.97
N ASP E 1393 21.53 8.11 -77.04
CA ASP E 1393 20.36 7.26 -76.97
C ASP E 1393 20.64 5.84 -77.45
N ILE E 1394 21.57 5.67 -78.39
CA ILE E 1394 21.88 4.33 -78.89
C ILE E 1394 22.62 3.51 -77.84
N ILE E 1395 23.48 4.14 -77.04
CA ILE E 1395 24.28 3.40 -76.07
C ILE E 1395 23.39 2.76 -75.00
N THR E 1396 22.22 3.32 -74.76
CA THR E 1396 21.29 2.79 -73.77
C THR E 1396 20.47 1.61 -74.28
N LYS E 1397 20.63 1.24 -75.55
CA LYS E 1397 19.87 0.15 -76.15
C LYS E 1397 20.70 -1.12 -76.37
N VAL E 1398 21.94 -1.15 -75.89
CA VAL E 1398 22.80 -2.31 -76.11
C VAL E 1398 22.38 -3.44 -75.18
N ALA E 1399 22.90 -4.65 -75.47
CA ALA E 1399 22.53 -5.82 -74.68
C ALA E 1399 23.51 -6.07 -73.55
N ASN E 1400 24.81 -5.93 -73.80
CA ASN E 1400 25.84 -6.21 -72.82
C ASN E 1400 26.16 -4.96 -72.01
N VAL E 1401 27.12 -5.09 -71.09
CA VAL E 1401 27.54 -4.00 -70.23
C VAL E 1401 28.97 -3.55 -70.51
N GLU E 1402 29.73 -4.31 -71.29
CA GLU E 1402 31.10 -3.91 -71.60
C GLU E 1402 31.12 -2.66 -72.48
N LEU E 1403 30.11 -2.48 -73.32
CA LEU E 1403 30.01 -1.26 -74.13
C LEU E 1403 29.84 -0.02 -73.27
N TYR E 1404 29.24 -0.13 -72.08
CA TYR E 1404 29.19 0.99 -71.17
C TYR E 1404 30.59 1.42 -70.73
N TYR E 1405 31.43 0.46 -70.37
CA TYR E 1405 32.82 0.77 -70.03
C TYR E 1405 33.60 1.30 -71.22
N ARG E 1406 33.33 0.78 -72.42
CA ARG E 1406 33.98 1.33 -73.61
C ARG E 1406 33.58 2.78 -73.85
N ALA E 1407 32.30 3.10 -73.64
CA ALA E 1407 31.86 4.49 -73.78
C ALA E 1407 32.48 5.38 -72.71
N ILE E 1408 32.60 4.86 -71.48
CA ILE E 1408 33.25 5.63 -70.42
C ILE E 1408 34.70 5.92 -70.79
N GLN E 1409 35.40 4.92 -71.33
CA GLN E 1409 36.78 5.13 -71.77
C GLN E 1409 36.84 6.15 -72.90
N PHE E 1410 35.92 6.06 -73.86
CA PHE E 1410 35.89 7.02 -74.96
C PHE E 1410 35.68 8.44 -74.43
N TYR E 1411 34.79 8.61 -73.47
CA TYR E 1411 34.53 9.94 -72.94
C TYR E 1411 35.70 10.47 -72.12
N LEU E 1412 36.38 9.58 -71.39
CA LEU E 1412 37.57 9.99 -70.65
C LEU E 1412 38.71 10.34 -71.60
N GLU E 1413 38.71 9.76 -72.80
CA GLU E 1413 39.79 9.99 -73.74
C GLU E 1413 39.56 11.21 -74.62
N PHE E 1414 38.30 11.47 -74.99
CA PHE E 1414 37.99 12.49 -76.00
C PHE E 1414 37.11 13.62 -75.49
N LYS E 1415 35.99 13.31 -74.84
CA LYS E 1415 35.01 14.34 -74.45
C LYS E 1415 34.50 14.05 -73.04
N PRO E 1416 35.22 14.54 -72.02
CA PRO E 1416 34.76 14.33 -70.64
C PRO E 1416 33.64 15.27 -70.23
N LEU E 1417 33.29 16.25 -71.06
CA LEU E 1417 32.24 17.21 -70.68
C LEU E 1417 30.87 16.56 -70.63
N LEU E 1418 30.60 15.55 -71.46
CA LEU E 1418 29.33 14.84 -71.45
C LEU E 1418 29.41 13.53 -70.68
N LEU E 1419 30.50 13.30 -69.94
CA LEU E 1419 30.62 12.07 -69.15
C LEU E 1419 29.54 12.01 -68.08
N ASN E 1420 29.19 13.15 -67.50
CA ASN E 1420 28.13 13.18 -66.50
C ASN E 1420 26.79 12.73 -67.09
N ASP E 1421 26.43 13.26 -68.26
CA ASP E 1421 25.19 12.85 -68.90
C ASP E 1421 25.24 11.38 -69.31
N LEU E 1422 26.39 10.92 -69.80
CA LEU E 1422 26.52 9.51 -70.17
C LEU E 1422 26.31 8.60 -68.97
N LEU E 1423 26.94 8.94 -67.84
CA LEU E 1423 26.76 8.13 -66.63
C LEU E 1423 25.33 8.19 -66.14
N MET E 1424 24.70 9.37 -66.19
CA MET E 1424 23.32 9.48 -65.72
C MET E 1424 22.36 8.69 -66.59
N VAL E 1425 22.63 8.58 -67.89
CA VAL E 1425 21.72 7.81 -68.74
C VAL E 1425 22.06 6.32 -68.72
N LEU E 1426 23.28 5.95 -68.32
CA LEU E 1426 23.64 4.53 -68.29
C LEU E 1426 23.43 3.93 -66.90
N SER E 1427 23.21 4.75 -65.88
CA SER E 1427 23.05 4.28 -64.50
C SER E 1427 22.04 3.14 -64.33
N PRO E 1428 20.87 3.13 -64.97
CA PRO E 1428 19.94 2.00 -64.76
C PRO E 1428 20.52 0.63 -65.12
N ARG E 1429 21.58 0.58 -65.94
CA ARG E 1429 22.16 -0.69 -66.35
C ARG E 1429 23.67 -0.72 -66.18
N LEU E 1430 24.24 0.20 -65.39
CA LEU E 1430 25.67 0.28 -65.19
C LEU E 1430 26.05 -0.20 -63.79
N ASP E 1431 27.13 -0.96 -63.71
CA ASP E 1431 27.67 -1.42 -62.44
C ASP E 1431 28.45 -0.27 -61.80
N HIS E 1432 27.93 0.27 -60.69
CA HIS E 1432 28.53 1.43 -60.08
C HIS E 1432 29.83 1.12 -59.36
N THR E 1433 29.97 -0.10 -58.82
CA THR E 1433 31.20 -0.44 -58.10
C THR E 1433 32.40 -0.47 -59.02
N ARG E 1434 32.29 -1.17 -60.15
CA ARG E 1434 33.39 -1.21 -61.11
C ARG E 1434 33.65 0.16 -61.72
N ALA E 1435 32.60 0.96 -61.89
CA ALA E 1435 32.78 2.31 -62.41
C ALA E 1435 33.57 3.17 -61.44
N VAL E 1436 33.26 3.07 -60.13
CA VAL E 1436 34.00 3.83 -59.13
C VAL E 1436 35.44 3.32 -59.05
N ASN E 1437 35.64 2.01 -59.17
CA ASN E 1437 37.00 1.46 -59.17
C ASN E 1437 37.81 2.00 -60.35
N TYR E 1438 37.20 2.06 -61.53
CA TYR E 1438 37.90 2.59 -62.70
C TYR E 1438 38.18 4.07 -62.55
N PHE E 1439 37.22 4.83 -62.01
CA PHE E 1439 37.43 6.26 -61.79
C PHE E 1439 38.53 6.52 -60.77
N SER E 1440 38.66 5.65 -59.77
CA SER E 1440 39.75 5.78 -58.81
C SER E 1440 41.09 5.36 -59.41
N LYS E 1441 41.09 4.38 -60.31
CA LYS E 1441 42.32 4.01 -61.01
C LYS E 1441 42.78 5.12 -61.94
N VAL E 1442 41.86 5.83 -62.59
CA VAL E 1442 42.22 6.94 -63.46
C VAL E 1442 42.23 8.28 -62.74
N LYS E 1443 41.76 8.33 -61.49
CA LYS E 1443 41.79 9.54 -60.68
C LYS E 1443 41.02 10.69 -61.32
N GLN E 1444 39.74 10.44 -61.62
CA GLN E 1444 38.85 11.45 -62.17
C GLN E 1444 37.60 11.64 -61.33
N LEU E 1445 37.69 11.42 -60.02
CA LEU E 1445 36.53 11.57 -59.14
C LEU E 1445 35.94 12.97 -59.09
N PRO E 1446 36.72 14.06 -59.07
CA PRO E 1446 36.10 15.39 -59.08
C PRO E 1446 35.26 15.66 -60.33
N LEU E 1447 35.54 15.00 -61.44
CA LEU E 1447 34.75 15.18 -62.65
C LEU E 1447 33.46 14.37 -62.63
N VAL E 1448 33.37 13.33 -61.81
CA VAL E 1448 32.16 12.53 -61.68
C VAL E 1448 31.46 12.75 -60.34
N LYS E 1449 31.91 13.72 -59.54
CA LYS E 1449 31.32 14.05 -58.24
C LYS E 1449 29.79 14.16 -58.26
N PRO E 1450 29.19 14.90 -59.21
CA PRO E 1450 27.72 14.96 -59.21
C PRO E 1450 27.04 13.62 -59.47
N TYR E 1451 27.58 12.82 -60.39
CA TYR E 1451 27.02 11.50 -60.63
C TYR E 1451 27.17 10.60 -59.41
N LEU E 1452 28.30 10.73 -58.70
CA LEU E 1452 28.48 9.96 -57.47
C LEU E 1452 27.48 10.38 -56.41
N ARG E 1453 27.23 11.69 -56.28
CA ARG E 1453 26.24 12.15 -55.31
C ARG E 1453 24.85 11.68 -55.69
N SER E 1454 24.57 11.56 -56.99
CA SER E 1454 23.26 11.07 -57.41
C SER E 1454 23.13 9.57 -57.13
N VAL E 1455 24.20 8.80 -57.33
CA VAL E 1455 24.15 7.37 -57.09
C VAL E 1455 24.13 7.08 -55.59
N GLN E 1456 24.62 8.04 -54.78
CA GLN E 1456 24.65 7.87 -53.33
C GLN E 1456 23.30 7.48 -52.74
N ASN E 1457 22.19 7.76 -53.44
CA ASN E 1457 20.88 7.36 -52.97
C ASN E 1457 20.71 5.85 -52.88
N HIS E 1458 21.60 5.08 -53.51
CA HIS E 1458 21.56 3.62 -53.45
C HIS E 1458 22.40 3.06 -52.32
N ASN E 1459 23.08 3.91 -51.55
CA ASN E 1459 23.87 3.51 -50.39
C ASN E 1459 24.97 2.51 -50.79
N ASN E 1460 25.82 2.94 -51.71
CA ASN E 1460 26.95 2.12 -52.16
C ASN E 1460 28.17 2.45 -51.31
N LYS E 1461 28.87 1.40 -50.85
CA LYS E 1461 30.03 1.61 -49.98
C LYS E 1461 31.13 2.37 -50.68
N SER E 1462 31.52 1.92 -51.89
CA SER E 1462 32.58 2.59 -52.62
C SER E 1462 32.21 4.03 -52.98
N VAL E 1463 30.98 4.28 -53.40
CA VAL E 1463 30.52 5.64 -53.69
C VAL E 1463 30.58 6.52 -52.45
N ASN E 1464 30.13 6.00 -51.31
CA ASN E 1464 30.19 6.76 -50.07
C ASN E 1464 31.62 7.09 -49.70
N GLU E 1465 32.53 6.12 -49.82
CA GLU E 1465 33.93 6.37 -49.48
C GLU E 1465 34.55 7.40 -50.43
N SER E 1466 34.24 7.30 -51.72
CA SER E 1466 34.78 8.27 -52.68
C SER E 1466 34.25 9.66 -52.40
N LEU E 1467 32.96 9.79 -52.10
CA LEU E 1467 32.39 11.09 -51.80
C LEU E 1467 32.98 11.67 -50.51
N ASN E 1468 33.20 10.82 -49.50
CA ASN E 1468 33.82 11.30 -48.27
C ASN E 1468 35.25 11.77 -48.52
N ASN E 1469 36.00 11.03 -49.33
CA ASN E 1469 37.37 11.44 -49.64
C ASN E 1469 37.37 12.76 -50.42
N LEU E 1470 36.43 12.94 -51.35
CA LEU E 1470 36.35 14.19 -52.10
C LEU E 1470 35.98 15.35 -51.20
N PHE E 1471 35.06 15.13 -50.25
CA PHE E 1471 34.68 16.18 -49.32
C PHE E 1471 35.83 16.54 -48.39
N ILE E 1472 36.61 15.54 -47.99
CA ILE E 1472 37.80 15.81 -47.17
C ILE E 1472 38.81 16.62 -47.96
N THR E 1473 39.01 16.26 -49.24
CA THR E 1473 39.97 16.99 -50.06
C THR E 1473 39.53 18.43 -50.28
N GLU E 1474 38.23 18.65 -50.47
CA GLU E 1474 37.69 19.99 -50.68
C GLU E 1474 37.44 20.75 -49.39
N GLU E 1475 37.84 20.19 -48.24
CA GLU E 1475 37.71 20.85 -46.94
C GLU E 1475 36.25 21.18 -46.63
N ASP E 1476 35.34 20.28 -47.02
CA ASP E 1476 33.93 20.43 -46.74
C ASP E 1476 33.55 19.62 -45.50
N TYR E 1477 32.64 20.18 -44.70
CA TYR E 1477 32.22 19.51 -43.47
C TYR E 1477 30.70 19.45 -43.36
N GLN E 1478 29.99 20.12 -44.27
CA GLN E 1478 28.53 20.01 -44.29
C GLN E 1478 28.09 18.78 -45.08
N ALA E 1479 28.69 18.55 -46.24
CA ALA E 1479 28.36 17.36 -47.03
C ALA E 1479 28.74 16.09 -46.29
N LEU E 1480 29.83 16.13 -45.53
CA LEU E 1480 30.21 14.96 -44.73
C LEU E 1480 29.15 14.66 -43.68
N ARG E 1481 28.65 15.69 -42.99
CA ARG E 1481 27.58 15.48 -42.01
C ARG E 1481 26.32 14.95 -42.67
N THR E 1482 25.96 15.52 -43.82
CA THR E 1482 24.78 15.03 -44.55
C THR E 1482 24.94 13.57 -44.93
N SER E 1483 26.13 13.19 -45.39
CA SER E 1483 26.36 11.81 -45.82
C SER E 1483 26.32 10.84 -44.64
N ILE E 1484 26.93 11.23 -43.51
CA ILE E 1484 26.96 10.32 -42.37
C ILE E 1484 25.61 10.26 -41.68
N ASP E 1485 24.76 11.28 -41.86
CA ASP E 1485 23.44 11.24 -41.27
C ASP E 1485 22.45 10.49 -42.16
N ALA E 1486 22.63 10.57 -43.48
CA ALA E 1486 21.71 9.89 -44.38
C ALA E 1486 22.09 8.43 -44.62
N TYR E 1487 23.40 8.15 -44.74
CA TYR E 1487 23.87 6.81 -45.03
C TYR E 1487 24.96 6.41 -44.04
N ASP E 1488 25.12 5.10 -43.87
CA ASP E 1488 26.09 4.57 -42.92
C ASP E 1488 26.85 3.35 -43.44
N ASN E 1489 26.78 3.09 -44.76
CA ASN E 1489 27.45 1.92 -45.33
C ASN E 1489 28.88 2.27 -45.70
N PHE E 1490 29.69 2.45 -44.66
CA PHE E 1490 31.12 2.74 -44.81
C PHE E 1490 31.78 2.55 -43.45
N ASP E 1491 33.11 2.53 -43.47
CA ASP E 1491 33.91 2.35 -42.25
C ASP E 1491 34.04 3.70 -41.54
N ASN E 1492 33.31 3.86 -40.44
CA ASN E 1492 33.36 5.11 -39.70
C ASN E 1492 34.65 5.25 -38.91
N ILE E 1493 35.24 4.14 -38.47
CA ILE E 1493 36.43 4.19 -37.64
C ILE E 1493 37.62 4.75 -38.42
N SER E 1494 37.82 4.28 -39.65
CA SER E 1494 38.93 4.77 -40.45
C SER E 1494 38.75 6.25 -40.80
N LEU E 1495 37.53 6.64 -41.16
CA LEU E 1495 37.27 8.04 -41.47
C LEU E 1495 37.50 8.92 -40.25
N ALA E 1496 37.11 8.46 -39.06
CA ALA E 1496 37.32 9.24 -37.86
C ALA E 1496 38.82 9.35 -37.53
N GLN E 1497 39.56 8.25 -37.69
CA GLN E 1497 41.00 8.30 -37.43
C GLN E 1497 41.73 9.17 -38.45
N ARG E 1498 41.17 9.30 -39.66
CA ARG E 1498 41.77 10.20 -40.63
C ARG E 1498 41.41 11.66 -40.32
N LEU E 1499 40.17 11.91 -39.90
CA LEU E 1499 39.74 13.28 -39.64
C LEU E 1499 40.39 13.85 -38.38
N GLU E 1500 40.68 12.98 -37.40
CA GLU E 1500 41.28 13.47 -36.16
C GLU E 1500 42.70 13.96 -36.35
N LYS E 1501 43.32 13.68 -37.50
CA LYS E 1501 44.68 14.10 -37.79
C LYS E 1501 44.75 15.18 -38.86
N HIS E 1502 43.61 15.77 -39.23
CA HIS E 1502 43.57 16.80 -40.26
C HIS E 1502 43.61 18.21 -39.71
N GLU E 1503 43.79 18.36 -38.39
CA GLU E 1503 43.99 19.65 -37.74
C GLU E 1503 42.77 20.55 -37.83
N LEU E 1504 41.67 20.05 -38.38
CA LEU E 1504 40.46 20.85 -38.48
C LEU E 1504 39.51 20.56 -37.32
N ILE E 1505 38.85 21.61 -36.83
CA ILE E 1505 37.91 21.45 -35.72
C ILE E 1505 36.66 20.70 -36.17
N GLU E 1506 36.14 21.05 -37.36
CA GLU E 1506 34.96 20.36 -37.86
C GLU E 1506 35.25 18.89 -38.13
N PHE E 1507 36.44 18.56 -38.63
CA PHE E 1507 36.77 17.18 -38.91
C PHE E 1507 36.85 16.35 -37.63
N ARG E 1508 37.47 16.89 -36.57
CA ARG E 1508 37.54 16.14 -35.32
C ARG E 1508 36.17 16.08 -34.64
N ARG E 1509 35.32 17.10 -34.84
CA ARG E 1509 33.95 17.01 -34.34
C ARG E 1509 33.18 15.90 -35.04
N ILE E 1510 33.33 15.79 -36.36
CA ILE E 1510 32.69 14.70 -37.10
C ILE E 1510 33.25 13.35 -36.66
N ALA E 1511 34.55 13.29 -36.38
CA ALA E 1511 35.15 12.06 -35.89
C ALA E 1511 34.56 11.66 -34.54
N ALA E 1512 34.40 12.62 -33.63
CA ALA E 1512 33.79 12.31 -32.34
C ALA E 1512 32.33 11.90 -32.50
N TYR E 1513 31.62 12.53 -33.45
CA TYR E 1513 30.24 12.13 -33.73
C TYR E 1513 30.18 10.68 -34.20
N LEU E 1514 31.07 10.30 -35.12
CA LEU E 1514 31.10 8.92 -35.60
C LEU E 1514 31.46 7.95 -34.48
N PHE E 1515 32.42 8.34 -33.63
CA PHE E 1515 32.81 7.48 -32.52
C PHE E 1515 31.65 7.26 -31.55
N LYS E 1516 30.91 8.32 -31.24
CA LYS E 1516 29.76 8.17 -30.35
C LYS E 1516 28.62 7.42 -31.03
N GLY E 1517 28.54 7.48 -32.36
CA GLY E 1517 27.55 6.70 -33.07
C GLY E 1517 27.90 5.24 -33.22
N ASN E 1518 29.18 4.89 -33.08
CA ASN E 1518 29.62 3.51 -33.13
C ASN E 1518 29.64 2.86 -31.75
N ASN E 1519 28.86 3.39 -30.81
CA ASN E 1519 28.74 2.84 -29.45
C ASN E 1519 30.09 2.79 -28.74
N ARG E 1520 30.97 3.73 -29.09
CA ARG E 1520 32.28 3.83 -28.44
C ARG E 1520 32.22 4.92 -27.36
N TRP E 1521 31.40 4.66 -26.35
CA TRP E 1521 31.23 5.59 -25.25
C TRP E 1521 32.47 5.63 -24.38
N LYS E 1522 32.64 6.74 -23.65
CA LYS E 1522 33.79 7.02 -22.80
C LYS E 1522 35.09 7.13 -23.58
N GLN E 1523 35.02 7.13 -24.92
CA GLN E 1523 36.19 7.30 -25.77
C GLN E 1523 36.13 8.57 -26.61
N SER E 1524 34.99 8.84 -27.24
CA SER E 1524 34.83 10.08 -27.99
C SER E 1524 34.84 11.29 -27.06
N VAL E 1525 34.34 11.14 -25.83
CA VAL E 1525 34.36 12.23 -24.87
C VAL E 1525 35.79 12.59 -24.51
N GLU E 1526 36.61 11.58 -24.20
CA GLU E 1526 38.02 11.85 -23.90
C GLU E 1526 38.77 12.40 -25.11
N LEU E 1527 38.32 12.04 -26.31
CA LEU E 1527 38.94 12.56 -27.51
C LEU E 1527 38.64 14.05 -27.69
N CYS E 1528 37.37 14.43 -27.55
CA CYS E 1528 36.99 15.82 -27.74
C CYS E 1528 37.36 16.68 -26.54
N LYS E 1529 37.70 16.06 -25.41
CA LYS E 1529 38.09 16.83 -24.23
C LYS E 1529 39.33 17.68 -24.49
N LYS E 1530 40.13 17.32 -25.49
CA LYS E 1530 41.33 18.09 -25.79
C LYS E 1530 40.98 19.50 -26.25
N ASP E 1531 39.84 19.68 -26.92
CA ASP E 1531 39.42 20.96 -27.45
C ASP E 1531 38.04 21.40 -27.02
N SER E 1532 37.10 20.46 -26.87
CA SER E 1532 35.73 20.80 -26.53
C SER E 1532 35.57 21.03 -25.03
N LEU E 1533 36.28 22.02 -24.49
CA LEU E 1533 36.17 22.38 -23.08
C LEU E 1533 35.13 23.45 -22.81
N TYR E 1534 34.59 24.08 -23.85
CA TYR E 1534 33.58 25.13 -23.70
C TYR E 1534 32.17 24.55 -23.71
N LYS E 1535 31.92 23.62 -22.80
CA LYS E 1535 30.59 23.01 -22.60
C LYS E 1535 30.10 22.28 -23.84
N ASP E 1536 30.98 21.50 -24.48
CA ASP E 1536 30.59 20.62 -25.57
C ASP E 1536 30.73 19.15 -25.24
N ALA E 1537 31.84 18.73 -24.62
CA ALA E 1537 31.98 17.35 -24.19
C ALA E 1537 30.97 16.99 -23.11
N MET E 1538 30.48 17.99 -22.37
CA MET E 1538 29.43 17.75 -21.39
C MET E 1538 28.18 17.18 -22.05
N GLN E 1539 27.84 17.69 -23.24
CA GLN E 1539 26.68 17.17 -23.97
C GLN E 1539 26.88 15.70 -24.36
N TYR E 1540 28.08 15.35 -24.81
CA TYR E 1540 28.36 13.95 -25.14
C TYR E 1540 28.27 13.07 -23.90
N ALA E 1541 28.84 13.53 -22.78
CA ALA E 1541 28.77 12.74 -21.55
C ALA E 1541 27.33 12.58 -21.08
N SER E 1542 26.50 13.60 -21.30
CA SER E 1542 25.10 13.51 -20.88
C SER E 1542 24.32 12.56 -21.78
N GLU E 1543 24.48 12.68 -23.10
CA GLU E 1543 23.76 11.81 -24.01
C GLU E 1543 24.31 10.38 -24.01
N SER E 1544 25.48 10.17 -23.41
CA SER E 1544 26.02 8.81 -23.31
C SER E 1544 25.17 7.94 -22.41
N LYS E 1545 24.44 8.54 -21.47
CA LYS E 1545 23.56 7.84 -20.54
C LYS E 1545 24.30 6.82 -19.69
N ASP E 1546 25.61 6.98 -19.52
CA ASP E 1546 26.43 6.07 -18.73
C ASP E 1546 26.88 6.76 -17.45
N THR E 1547 27.27 5.94 -16.47
CA THR E 1547 27.74 6.43 -15.19
C THR E 1547 29.27 6.43 -15.15
N GLU E 1548 29.81 7.06 -14.11
CA GLU E 1548 31.26 7.17 -13.90
C GLU E 1548 31.95 7.86 -15.08
N LEU E 1549 31.21 8.74 -15.75
CA LEU E 1549 31.76 9.52 -16.85
C LEU E 1549 31.70 11.00 -16.53
N ALA E 1550 30.55 11.47 -16.06
CA ALA E 1550 30.43 12.87 -15.65
C ALA E 1550 31.22 13.14 -14.38
N GLU E 1551 31.42 12.12 -13.55
CA GLU E 1551 32.23 12.29 -12.35
C GLU E 1551 33.67 12.64 -12.70
N GLU E 1552 34.20 12.09 -13.80
CA GLU E 1552 35.54 12.46 -14.24
C GLU E 1552 35.59 13.92 -14.68
N LEU E 1553 34.54 14.39 -15.36
CA LEU E 1553 34.47 15.79 -15.74
C LEU E 1553 34.40 16.69 -14.51
N LEU E 1554 33.65 16.27 -13.49
CA LEU E 1554 33.58 17.05 -12.25
C LEU E 1554 34.94 17.10 -11.56
N GLN E 1555 35.64 15.96 -11.51
CA GLN E 1555 36.96 15.94 -10.90
C GLN E 1555 37.94 16.82 -11.67
N TRP E 1556 37.81 16.85 -13.00
CA TRP E 1556 38.69 17.71 -13.80
C TRP E 1556 38.37 19.18 -13.58
N PHE E 1557 37.07 19.52 -13.48
CA PHE E 1557 36.68 20.89 -13.21
C PHE E 1557 37.01 21.33 -11.79
N LEU E 1558 37.22 20.38 -10.87
CA LEU E 1558 37.60 20.71 -9.50
C LEU E 1558 39.10 20.77 -9.28
N GLN E 1559 39.88 19.92 -9.98
CA GLN E 1559 41.32 19.97 -9.82
C GLN E 1559 41.91 21.24 -10.43
N GLU E 1560 41.47 21.60 -11.62
CA GLU E 1560 41.85 22.84 -12.28
C GLU E 1560 40.74 23.86 -12.05
N GLU E 1561 41.11 25.14 -12.00
CA GLU E 1561 40.14 26.17 -11.65
C GLU E 1561 39.15 26.39 -12.79
N LYS E 1562 38.15 25.52 -12.87
CA LYS E 1562 37.07 25.61 -13.86
C LYS E 1562 35.71 25.42 -13.20
N ARG E 1563 35.57 25.87 -11.96
CA ARG E 1563 34.33 25.66 -11.22
C ARG E 1563 33.17 26.49 -11.73
N GLU E 1564 33.41 27.37 -12.72
CA GLU E 1564 32.33 28.20 -13.25
C GLU E 1564 31.26 27.37 -13.94
N CYS E 1565 31.63 26.30 -14.64
CA CYS E 1565 30.68 25.46 -15.33
C CYS E 1565 30.28 24.23 -14.52
N PHE E 1566 30.60 24.21 -13.22
CA PHE E 1566 30.25 23.06 -12.38
C PHE E 1566 28.73 22.89 -12.31
N GLY E 1567 28.01 23.99 -12.09
CA GLY E 1567 26.56 23.91 -12.03
C GLY E 1567 25.93 23.50 -13.35
N ALA E 1568 26.49 23.97 -14.46
CA ALA E 1568 25.99 23.55 -15.77
C ALA E 1568 26.23 22.06 -15.99
N CYS E 1569 27.40 21.56 -15.60
CA CYS E 1569 27.67 20.13 -15.73
C CYS E 1569 26.75 19.31 -14.84
N LEU E 1570 26.40 19.85 -13.66
CA LEU E 1570 25.47 19.16 -12.78
C LEU E 1570 24.06 19.13 -13.38
N PHE E 1571 23.64 20.25 -13.99
CA PHE E 1571 22.29 20.33 -14.55
C PHE E 1571 22.15 19.46 -15.79
N THR E 1572 23.18 19.41 -16.63
CA THR E 1572 23.09 18.60 -17.85
C THR E 1572 23.12 17.11 -17.53
N CYS E 1573 23.88 16.72 -16.51
CA CYS E 1573 24.02 15.32 -16.11
C CYS E 1573 23.22 15.00 -14.86
N TYR E 1574 22.02 15.58 -14.73
CA TYR E 1574 21.21 15.39 -13.54
C TYR E 1574 20.90 13.92 -13.30
N ASP E 1575 20.49 13.21 -14.35
CA ASP E 1575 20.09 11.81 -14.23
C ASP E 1575 21.27 10.86 -14.11
N LEU E 1576 22.50 11.35 -14.25
CA LEU E 1576 23.68 10.49 -14.20
C LEU E 1576 24.56 10.75 -12.97
N LEU E 1577 24.18 11.67 -12.10
CA LEU E 1577 24.98 12.03 -10.93
C LEU E 1577 24.19 11.80 -9.64
N ARG E 1578 24.94 11.66 -8.55
CA ARG E 1578 24.36 11.48 -7.21
C ARG E 1578 24.64 12.72 -6.38
N PRO E 1579 23.60 13.38 -5.85
CA PRO E 1579 23.83 14.64 -5.11
C PRO E 1579 24.75 14.50 -3.91
N ASP E 1580 24.73 13.34 -3.24
CA ASP E 1580 25.54 13.16 -2.04
C ASP E 1580 27.03 13.33 -2.33
N VAL E 1581 27.58 12.44 -3.16
CA VAL E 1581 28.99 12.50 -3.51
C VAL E 1581 29.35 13.76 -4.29
N VAL E 1582 28.43 14.28 -5.12
CA VAL E 1582 28.68 15.53 -5.83
C VAL E 1582 28.92 16.67 -4.84
N LEU E 1583 28.00 16.85 -3.88
CA LEU E 1583 28.17 17.92 -2.90
C LEU E 1583 29.39 17.68 -2.03
N GLU E 1584 29.64 16.42 -1.65
CA GLU E 1584 30.82 16.12 -0.84
C GLU E 1584 32.10 16.55 -1.55
N THR E 1585 32.29 16.11 -2.80
CA THR E 1585 33.50 16.44 -3.54
C THR E 1585 33.56 17.93 -3.86
N ALA E 1586 32.40 18.57 -4.00
CA ALA E 1586 32.39 19.98 -4.39
C ALA E 1586 32.64 20.90 -3.19
N TRP E 1587 32.38 20.43 -1.97
CA TRP E 1587 32.52 21.28 -0.80
C TRP E 1587 33.71 20.88 0.08
N ARG E 1588 33.77 19.62 0.52
CA ARG E 1588 34.79 19.25 1.51
C ARG E 1588 36.07 18.75 0.84
N HIS E 1589 35.95 17.96 -0.22
CA HIS E 1589 37.13 17.31 -0.81
C HIS E 1589 37.97 18.30 -1.60
N ASN E 1590 37.36 19.32 -2.19
CA ASN E 1590 38.08 20.28 -3.03
C ASN E 1590 37.59 21.68 -2.67
N ILE E 1591 37.96 22.67 -3.49
CA ILE E 1591 37.61 24.07 -3.27
C ILE E 1591 36.12 24.20 -3.01
N MET E 1592 35.77 24.92 -1.94
CA MET E 1592 34.40 24.97 -1.44
C MET E 1592 33.51 25.76 -2.41
N ASP E 1593 32.99 25.03 -3.39
CA ASP E 1593 32.00 25.60 -4.29
C ASP E 1593 30.60 25.44 -3.70
N PHE E 1594 29.69 26.31 -4.12
CA PHE E 1594 28.33 26.31 -3.55
C PHE E 1594 27.48 25.22 -4.20
N ALA E 1595 27.29 25.29 -5.51
CA ALA E 1595 26.45 24.36 -6.26
C ALA E 1595 25.07 24.21 -5.63
N MET E 1596 24.50 25.30 -5.14
CA MET E 1596 23.24 25.23 -4.42
C MET E 1596 22.02 24.95 -5.31
N PRO E 1597 21.84 25.58 -6.49
CA PRO E 1597 20.63 25.28 -7.27
C PRO E 1597 20.45 23.82 -7.62
N TYR E 1598 21.53 23.06 -7.78
CA TYR E 1598 21.41 21.63 -8.02
C TYR E 1598 20.72 20.94 -6.84
N PHE E 1599 21.20 21.21 -5.63
CA PHE E 1599 20.57 20.63 -4.44
C PHE E 1599 19.17 21.17 -4.23
N ILE E 1600 18.90 22.40 -4.67
CA ILE E 1600 17.55 22.95 -4.56
C ILE E 1600 16.59 22.18 -5.45
N GLN E 1601 16.99 21.91 -6.69
CA GLN E 1601 16.16 21.11 -7.58
C GLN E 1601 16.02 19.68 -7.07
N VAL E 1602 17.08 19.16 -6.43
CA VAL E 1602 17.00 17.83 -5.82
C VAL E 1602 15.97 17.83 -4.70
N MET E 1603 15.93 18.89 -3.90
CA MET E 1603 14.94 18.99 -2.83
C MET E 1603 13.55 19.15 -3.41
N LYS E 1604 13.42 19.82 -4.55
CA LYS E 1604 12.12 19.92 -5.22
C LYS E 1604 11.65 18.54 -5.66
N GLU E 1605 12.55 17.75 -6.26
CA GLU E 1605 12.19 16.39 -6.65
C GLU E 1605 11.84 15.54 -5.43
N TYR E 1606 12.55 15.76 -4.32
CA TYR E 1606 12.24 15.02 -3.10
C TYR E 1606 10.88 15.43 -2.52
N LEU E 1607 10.50 16.70 -2.67
CA LEU E 1607 9.16 17.11 -2.24
C LEU E 1607 8.10 16.50 -3.14
N THR E 1608 8.38 16.39 -4.43
CA THR E 1608 7.47 15.68 -5.32
C THR E 1608 7.33 14.21 -4.91
N LYS E 1609 8.44 13.58 -4.53
CA LYS E 1609 8.38 12.21 -4.05
C LYS E 1609 7.61 12.10 -2.73
N VAL E 1610 7.70 13.14 -1.89
CA VAL E 1610 6.92 13.16 -0.66
C VAL E 1610 5.44 13.28 -0.97
N ASP E 1611 5.08 14.07 -1.98
CA ASP E 1611 3.69 14.13 -2.42
C ASP E 1611 3.22 12.78 -2.95
N LYS E 1612 4.08 12.08 -3.69
CA LYS E 1612 3.74 10.74 -4.15
C LYS E 1612 3.58 9.78 -2.98
N LEU E 1613 4.39 9.93 -1.94
CA LEU E 1613 4.25 9.09 -0.75
C LEU E 1613 2.95 9.41 -0.01
N ASP E 1614 2.52 10.67 -0.03
CA ASP E 1614 1.24 11.03 0.56
C ASP E 1614 0.09 10.43 -0.24
N ALA E 1615 0.23 10.40 -1.57
CA ALA E 1615 -0.77 9.71 -2.39
C ALA E 1615 -0.80 8.22 -2.08
N SER E 1616 0.37 7.62 -1.85
CA SER E 1616 0.44 6.22 -1.46
C SER E 1616 -0.22 5.99 -0.10
N GLU E 1617 -0.06 6.95 0.82
CA GLU E 1617 -0.73 6.84 2.11
C GLU E 1617 -2.25 6.99 1.97
N SER E 1618 -2.70 7.81 1.03
CA SER E 1618 -4.13 7.89 0.74
C SER E 1618 -4.65 6.57 0.18
N LEU E 1619 -3.87 5.94 -0.69
CA LEU E 1619 -4.24 4.61 -1.20
C LEU E 1619 -4.27 3.59 -0.05
N ARG E 1620 -3.33 3.71 0.89
CA ARG E 1620 -3.34 2.81 2.05
C ARG E 1620 -4.58 3.06 2.91
N LYS E 1621 -5.01 4.31 3.03
CA LYS E 1621 -6.24 4.60 3.76
C LYS E 1621 -7.45 4.02 3.04
N GLU E 1622 -7.45 4.06 1.71
CA GLU E 1622 -8.52 3.42 0.96
C GLU E 1622 -8.52 1.91 1.19
N GLU E 1623 -7.33 1.31 1.24
CA GLU E 1623 -7.24 -0.13 1.54
C GLU E 1623 -7.73 -0.43 2.94
N GLU E 1624 -7.45 0.46 3.90
CA GLU E 1624 -7.96 0.28 5.26
C GLU E 1624 -9.47 0.38 5.29
N GLN E 1625 -10.05 1.29 4.50
CA GLN E 1625 -11.51 1.37 4.41
C GLN E 1625 -12.09 0.10 3.79
N ALA E 1626 -11.41 -0.44 2.77
CA ALA E 1626 -11.85 -1.70 2.19
C ALA E 1626 -11.79 -2.83 3.22
N THR E 1627 -10.74 -2.85 4.04
CA THR E 1627 -10.63 -3.86 5.08
C THR E 1627 -11.74 -3.70 6.12
N GLU E 1628 -12.07 -2.46 6.47
CA GLU E 1628 -13.16 -2.21 7.41
C GLU E 1628 -14.51 -2.61 6.84
N THR E 1629 -14.67 -2.53 5.51
CA THR E 1629 -15.90 -2.98 4.88
C THR E 1629 -15.93 -4.49 4.65
N GLN E 1630 -14.77 -5.15 4.67
CA GLN E 1630 -14.71 -6.60 4.51
C GLN E 1630 -15.62 -7.38 5.47
N PRO E 1631 -15.79 -7.00 6.74
CA PRO E 1631 -16.75 -7.73 7.60
C PRO E 1631 -18.16 -7.81 7.03
N ILE E 1632 -18.54 -6.91 6.13
CA ILE E 1632 -19.86 -7.00 5.50
C ILE E 1632 -19.93 -8.23 4.61
N VAL E 1633 -18.88 -8.47 3.83
CA VAL E 1633 -18.83 -9.65 2.98
C VAL E 1633 -18.58 -10.90 3.82
N TYR E 1634 -17.89 -10.74 4.96
CA TYR E 1634 -17.60 -11.88 5.82
C TYR E 1634 -18.88 -12.47 6.42
N GLY E 1635 -19.91 -11.66 6.56
CA GLY E 1635 -21.17 -12.13 7.12
C GLY E 1635 -21.98 -12.97 6.15
N GLN E 1636 -21.44 -14.12 5.75
CA GLN E 1636 -22.13 -14.98 4.81
C GLN E 1636 -23.17 -15.82 5.55
N PRO E 1637 -24.43 -15.83 5.08
CA PRO E 1637 -25.45 -16.62 5.77
C PRO E 1637 -25.25 -18.13 5.64
N GLN E 1638 -24.50 -18.58 4.65
CA GLN E 1638 -24.26 -20.00 4.46
C GLN E 1638 -23.28 -20.58 5.48
N LEU E 1639 -22.57 -19.74 6.22
CA LEU E 1639 -21.63 -20.21 7.23
C LEU E 1639 -22.32 -20.62 8.53
N MET E 1640 -23.62 -20.36 8.66
CA MET E 1640 -24.37 -20.73 9.85
C MET E 1640 -24.93 -22.15 9.77
N LEU E 1641 -24.71 -22.86 8.67
CA LEU E 1641 -25.21 -24.22 8.53
C LEU E 1641 -24.38 -25.19 9.36
N PRO F 99 39.13 -5.74 -117.18
CA PRO F 99 40.53 -6.14 -117.40
C PRO F 99 41.50 -5.27 -116.61
N GLU F 100 42.45 -4.65 -117.31
CA GLU F 100 43.43 -3.79 -116.63
C GLU F 100 42.79 -2.52 -116.09
N SER F 101 41.77 -2.00 -116.77
CA SER F 101 41.08 -0.80 -116.28
C SER F 101 40.40 -1.05 -114.95
N ILE F 102 39.83 -2.24 -114.74
CA ILE F 102 39.22 -2.57 -113.45
C ILE F 102 40.26 -2.64 -112.35
N ARG F 103 41.44 -3.19 -112.64
CA ARG F 103 42.51 -3.23 -111.65
C ARG F 103 43.00 -1.82 -111.32
N LYS F 104 43.09 -0.95 -112.33
CA LYS F 104 43.48 0.43 -112.08
C LYS F 104 42.44 1.15 -111.23
N TRP F 105 41.15 0.89 -111.50
CA TRP F 105 40.09 1.50 -110.71
C TRP F 105 40.14 1.02 -109.26
N ARG F 106 40.39 -0.28 -109.06
CA ARG F 106 40.51 -0.81 -107.71
C ARG F 106 41.71 -0.22 -106.98
N GLU F 107 42.83 -0.04 -107.70
CA GLU F 107 44.00 0.59 -107.09
C GLU F 107 43.73 2.04 -106.72
N GLU F 108 43.00 2.77 -107.57
CA GLU F 108 42.64 4.14 -107.25
C GLU F 108 41.71 4.18 -106.03
N GLN F 109 40.77 3.25 -105.94
CA GLN F 109 39.89 3.19 -104.78
C GLN F 109 40.67 2.87 -103.51
N ARG F 110 41.65 1.97 -103.61
CA ARG F 110 42.48 1.65 -102.45
C ARG F 110 43.31 2.86 -102.03
N LYS F 111 43.82 3.62 -102.99
CA LYS F 111 44.57 4.83 -102.65
C LYS F 111 43.66 5.86 -101.99
N ARG F 112 42.44 6.00 -102.48
CA ARG F 112 41.49 6.92 -101.85
C ARG F 112 41.16 6.47 -100.44
N LEU F 113 41.01 5.16 -100.21
CA LEU F 113 40.76 4.66 -98.87
C LEU F 113 41.95 4.89 -97.95
N GLN F 114 43.18 4.75 -98.46
CA GLN F 114 44.35 5.04 -97.65
C GLN F 114 44.43 6.52 -97.30
N GLU F 115 44.08 7.39 -98.25
CA GLU F 115 44.04 8.82 -97.96
C GLU F 115 42.98 9.15 -96.91
N LEU F 116 41.81 8.51 -97.00
CA LEU F 116 40.77 8.70 -95.99
C LEU F 116 41.21 8.20 -94.63
N ASP F 117 41.94 7.08 -94.58
CA ASP F 117 42.45 6.57 -93.31
C ASP F 117 43.49 7.53 -92.72
N ALA F 118 44.34 8.09 -93.56
CA ALA F 118 45.31 9.08 -93.08
C ALA F 118 44.61 10.32 -92.55
N ALA F 119 43.57 10.79 -93.25
CA ALA F 119 42.80 11.93 -92.77
C ALA F 119 42.11 11.62 -91.45
N SER F 120 41.61 10.39 -91.30
CA SER F 120 40.98 9.99 -90.05
C SER F 120 41.99 9.93 -88.91
N LYS F 121 43.21 9.47 -89.19
CA LYS F 121 44.25 9.47 -88.17
C LYS F 121 44.63 10.90 -87.77
N VAL F 122 44.71 11.80 -88.75
CA VAL F 122 45.00 13.21 -88.44
C VAL F 122 43.89 13.81 -87.59
N MET F 123 42.64 13.53 -87.93
CA MET F 123 41.52 14.03 -87.13
C MET F 123 41.51 13.42 -85.74
N GLU F 124 41.91 12.16 -85.60
CA GLU F 124 41.99 11.53 -84.29
C GLU F 124 43.07 12.18 -83.44
N GLN F 125 44.22 12.49 -84.06
CA GLN F 125 45.27 13.19 -83.33
C GLN F 125 44.82 14.59 -82.91
N GLU F 126 44.11 15.31 -83.79
CA GLU F 126 43.60 16.63 -83.43
C GLU F 126 42.59 16.53 -82.30
N TRP F 127 41.73 15.51 -82.33
CA TRP F 127 40.75 15.34 -81.26
C TRP F 127 41.44 14.98 -79.95
N ARG F 128 42.50 14.19 -80.00
CA ARG F 128 43.26 13.88 -78.79
C ARG F 128 43.91 15.13 -78.22
N GLU F 129 44.46 15.99 -79.08
CA GLU F 129 45.04 17.24 -78.62
C GLU F 129 43.99 18.14 -77.97
N LYS F 130 42.83 18.27 -78.63
CA LYS F 130 41.75 19.07 -78.06
C LYS F 130 41.26 18.49 -76.75
N ALA F 131 41.23 17.16 -76.63
CA ALA F 131 40.80 16.52 -75.40
C ALA F 131 41.80 16.77 -74.28
N LYS F 132 43.09 16.71 -74.57
CA LYS F 132 44.10 17.04 -73.57
C LYS F 132 43.98 18.49 -73.14
N LYS F 133 43.73 19.39 -74.09
CA LYS F 133 43.56 20.80 -73.75
C LYS F 133 42.34 21.01 -72.85
N ASP F 134 41.23 20.35 -73.18
CA ASP F 134 40.02 20.48 -72.36
C ASP F 134 40.22 19.88 -70.98
N LEU F 135 40.93 18.75 -70.89
CA LEU F 135 41.21 18.15 -69.60
C LEU F 135 42.08 19.06 -68.75
N GLU F 136 43.08 19.68 -69.37
CA GLU F 136 43.92 20.64 -68.64
C GLU F 136 43.11 21.84 -68.17
N GLU F 137 42.20 22.34 -69.01
CA GLU F 137 41.36 23.46 -68.60
C GLU F 137 40.45 23.09 -67.44
N TRP F 138 39.85 21.90 -67.50
CA TRP F 138 38.98 21.46 -66.41
C TRP F 138 39.78 21.25 -65.12
N ASN F 139 40.99 20.71 -65.23
CA ASN F 139 41.84 20.56 -64.04
C ASN F 139 42.22 21.91 -63.45
N GLN F 140 42.50 22.89 -64.31
CA GLN F 140 42.82 24.23 -63.81
C GLN F 140 41.62 24.86 -63.13
N ARG F 141 40.42 24.68 -63.69
CA ARG F 141 39.22 25.22 -63.06
C ARG F 141 38.96 24.55 -61.72
N GLN F 142 39.14 23.23 -61.64
CA GLN F 142 38.95 22.52 -60.38
C GLN F 142 39.97 22.97 -59.35
N SER F 143 41.23 23.17 -59.76
CA SER F 143 42.24 23.65 -58.83
C SER F 143 41.93 25.06 -58.35
N GLU F 144 41.43 25.93 -59.23
CA GLU F 144 41.06 27.27 -58.81
C GLU F 144 39.91 27.24 -57.81
N GLN F 145 38.92 26.37 -58.06
CA GLN F 145 37.81 26.24 -57.14
C GLN F 145 38.28 25.70 -55.79
N VAL F 146 39.20 24.74 -55.80
CA VAL F 146 39.74 24.20 -54.54
C VAL F 146 40.52 25.27 -53.79
N GLU F 147 41.27 26.10 -54.52
CA GLU F 147 42.00 27.18 -53.87
C GLU F 147 41.05 28.20 -53.26
N LYS F 148 39.97 28.52 -53.97
CA LYS F 148 38.98 29.44 -53.42
C LYS F 148 38.32 28.86 -52.17
N ASN F 149 38.01 27.57 -52.20
CA ASN F 149 37.43 26.92 -51.01
C ASN F 149 38.42 26.91 -49.86
N LYS F 150 39.71 26.70 -50.13
CA LYS F 150 40.71 26.72 -49.07
C LYS F 150 40.85 28.13 -48.50
N ILE F 151 40.78 29.15 -49.34
CA ILE F 151 40.83 30.53 -48.86
C ILE F 151 39.62 30.82 -47.97
N ASN F 152 38.44 30.37 -48.39
CA ASN F 152 37.24 30.54 -47.56
C ASN F 152 37.36 29.81 -46.23
N ASN F 153 37.93 28.61 -46.24
CA ASN F 153 38.12 27.88 -45.00
C ASN F 153 39.13 28.56 -44.08
N ARG F 154 40.20 29.13 -44.66
CA ARG F 154 41.15 29.88 -43.84
C ARG F 154 40.51 31.12 -43.25
N ILE F 155 39.66 31.81 -44.02
CA ILE F 155 38.95 32.97 -43.50
C ILE F 155 38.01 32.55 -42.36
N ALA F 156 37.34 31.41 -42.52
CA ALA F 156 36.45 30.92 -41.47
C ALA F 156 37.23 30.54 -40.22
N ASP F 157 38.41 29.94 -40.39
CA ASP F 157 39.24 29.59 -39.24
C ASP F 157 39.75 30.84 -38.53
N LYS F 158 40.09 31.88 -39.29
CA LYS F 158 40.47 33.15 -38.69
C LYS F 158 39.29 33.80 -37.98
N ALA F 159 38.07 33.59 -38.46
CA ALA F 159 36.89 34.11 -37.79
C ALA F 159 36.59 33.34 -36.51
N PHE F 160 37.11 32.11 -36.39
CA PHE F 160 36.91 31.33 -35.18
C PHE F 160 37.60 31.98 -33.99
N TYR F 161 38.69 32.69 -34.23
CA TYR F 161 39.40 33.37 -33.15
C TYR F 161 38.56 34.48 -32.56
N GLN F 162 38.28 34.39 -31.26
CA GLN F 162 37.51 35.39 -30.55
C GLN F 162 38.23 35.75 -29.25
N GLN F 163 37.57 36.57 -28.44
CA GLN F 163 38.18 37.03 -27.19
C GLN F 163 37.31 36.69 -25.98
N PRO F 164 37.21 35.42 -25.61
CA PRO F 164 36.44 35.06 -24.40
C PRO F 164 37.36 35.04 -23.18
N ASP F 165 36.78 34.66 -22.04
CA ASP F 165 37.55 34.47 -20.83
C ASP F 165 38.27 33.12 -20.87
N ALA F 166 39.13 32.90 -19.88
CA ALA F 166 39.85 31.63 -19.79
C ALA F 166 38.92 30.52 -19.29
N GLY F 188 29.96 40.21 -11.18
CA GLY F 188 28.96 39.16 -11.14
C GLY F 188 28.58 38.64 -12.51
N THR F 189 29.34 39.04 -13.52
CA THR F 189 29.08 38.62 -14.89
C THR F 189 29.42 37.15 -15.13
N GLU F 190 30.06 36.50 -14.16
CA GLU F 190 30.43 35.09 -14.29
C GLU F 190 29.20 34.21 -14.51
N TRP F 191 28.16 34.43 -13.71
CA TRP F 191 26.93 33.63 -13.85
C TRP F 191 26.29 33.87 -15.21
N GLU F 192 26.29 35.12 -15.67
CA GLU F 192 25.72 35.43 -16.98
C GLU F 192 26.49 34.76 -18.10
N LYS F 193 27.82 34.77 -18.01
CA LYS F 193 28.62 34.11 -19.05
C LYS F 193 28.42 32.60 -19.04
N VAL F 194 28.36 31.99 -17.85
CA VAL F 194 28.06 30.56 -17.74
C VAL F 194 26.69 30.23 -18.30
N ALA F 195 25.68 31.06 -18.04
CA ALA F 195 24.36 30.85 -18.64
C ALA F 195 24.40 30.97 -20.15
N GLN F 196 25.07 32.00 -20.69
CA GLN F 196 25.21 32.13 -22.13
C GLN F 196 25.87 30.90 -22.73
N LEU F 197 26.86 30.34 -22.03
CA LEU F 197 27.53 29.14 -22.50
C LEU F 197 26.59 27.92 -22.46
N CYS F 198 25.77 27.82 -21.42
CA CYS F 198 24.96 26.62 -21.22
C CYS F 198 23.51 26.96 -20.90
N ASP F 199 22.89 27.83 -21.70
CA ASP F 199 21.50 28.21 -21.47
C ASP F 199 20.57 27.03 -21.74
N PHE F 200 19.81 26.64 -20.70
CA PHE F 200 18.81 25.58 -20.84
C PHE F 200 17.50 26.20 -21.30
N ASN F 201 17.51 26.68 -22.54
CA ASN F 201 16.34 27.31 -23.11
C ASN F 201 15.21 26.29 -23.27
N PRO F 202 13.95 26.73 -23.17
CA PRO F 202 12.82 25.79 -23.37
C PRO F 202 12.84 25.11 -24.73
N LYS F 203 13.66 25.59 -25.66
CA LYS F 203 13.84 24.92 -26.94
C LYS F 203 14.46 23.53 -26.78
N SER F 204 15.05 23.24 -25.62
CA SER F 204 15.65 21.93 -25.38
C SER F 204 14.61 20.83 -25.24
N SER F 205 13.31 21.15 -25.32
CA SER F 205 12.27 20.15 -25.24
C SER F 205 12.29 19.18 -26.41
N LYS F 206 13.06 19.47 -27.47
CA LYS F 206 13.15 18.56 -28.60
C LYS F 206 13.81 17.24 -28.22
N GLN F 207 14.50 17.18 -27.09
CA GLN F 207 15.14 15.96 -26.65
C GLN F 207 14.12 15.00 -26.03
N CYS F 208 14.63 13.91 -25.46
CA CYS F 208 13.76 12.93 -24.83
C CYS F 208 13.08 13.53 -23.60
N LYS F 209 11.82 13.15 -23.38
CA LYS F 209 11.03 13.67 -22.28
C LYS F 209 11.45 13.00 -20.96
N ASP F 210 12.65 13.33 -20.52
CA ASP F 210 13.18 12.81 -19.27
C ASP F 210 12.77 13.72 -18.13
N VAL F 211 12.44 13.13 -16.98
CA VAL F 211 12.06 13.91 -15.81
C VAL F 211 13.23 14.77 -15.33
N SER F 212 14.46 14.25 -15.46
CA SER F 212 15.63 15.04 -15.07
C SER F 212 15.77 16.27 -15.96
N ARG F 213 15.49 16.14 -17.25
CA ARG F 213 15.55 17.29 -18.15
C ARG F 213 14.47 18.31 -17.80
N LEU F 214 13.28 17.85 -17.41
CA LEU F 214 12.24 18.77 -16.99
C LEU F 214 12.63 19.51 -15.72
N ARG F 215 13.24 18.81 -14.77
CA ARG F 215 13.71 19.47 -13.54
C ARG F 215 14.80 20.47 -13.85
N SER F 216 15.70 20.14 -14.78
CA SER F 216 16.74 21.09 -15.17
C SER F 216 16.17 22.32 -15.85
N VAL F 217 15.15 22.13 -16.70
CA VAL F 217 14.51 23.28 -17.35
C VAL F 217 13.81 24.14 -16.32
N LEU F 218 13.15 23.53 -15.33
CA LEU F 218 12.51 24.29 -14.27
C LEU F 218 13.53 25.08 -13.45
N MET F 219 14.68 24.45 -13.15
CA MET F 219 15.72 25.15 -12.41
C MET F 219 16.30 26.30 -13.23
N SER F 220 16.45 26.11 -14.53
CA SER F 220 16.92 27.19 -15.39
C SER F 220 15.92 28.34 -15.43
N LEU F 221 14.63 28.03 -15.50
CA LEU F 221 13.61 29.07 -15.47
C LEU F 221 13.61 29.81 -14.14
N LYS F 222 13.85 29.11 -13.03
CA LYS F 222 13.94 29.75 -11.73
C LYS F 222 15.20 30.59 -11.57
N GLN F 223 16.28 30.22 -12.25
CA GLN F 223 17.52 30.99 -12.18
C GLN F 223 17.55 32.14 -13.17
N THR F 224 16.67 32.11 -14.18
CA THR F 224 16.56 33.16 -15.18
C THR F 224 16.47 34.57 -14.59
N PRO F 225 15.68 34.81 -13.53
CA PRO F 225 15.65 36.16 -12.94
C PRO F 225 17.00 36.67 -12.46
N LEU F 226 18.01 35.82 -12.30
CA LEU F 226 19.33 36.28 -11.91
C LEU F 226 20.05 37.06 -13.01
N SER F 227 19.52 37.04 -14.23
CA SER F 227 20.15 37.77 -15.32
C SER F 227 20.02 39.27 -15.10
N ARG F 228 21.16 39.95 -15.01
CA ARG F 228 21.18 41.39 -14.78
C ARG F 228 21.99 42.10 -15.86
N PRO G 99 -25.48 49.66 53.96
CA PRO G 99 -25.08 50.80 54.79
C PRO G 99 -25.92 50.93 56.05
N GLU G 100 -26.82 49.98 56.27
CA GLU G 100 -27.72 49.95 57.43
C GLU G 100 -28.52 51.24 57.52
N SER G 101 -29.29 51.51 56.46
CA SER G 101 -30.12 52.71 56.38
C SER G 101 -31.43 52.57 57.11
N ILE G 102 -31.65 51.48 57.86
CA ILE G 102 -32.92 51.27 58.56
C ILE G 102 -33.13 52.32 59.64
N ARG G 103 -32.03 52.84 60.21
CA ARG G 103 -32.13 53.84 61.25
C ARG G 103 -32.84 55.10 60.74
N LYS G 104 -32.29 55.70 59.69
CA LYS G 104 -32.93 56.87 59.08
C LYS G 104 -34.30 56.49 58.51
N TRP G 105 -34.40 55.30 57.91
CA TRP G 105 -35.67 54.81 57.38
C TRP G 105 -36.78 54.93 58.42
N ARG G 106 -36.48 54.54 59.67
CA ARG G 106 -37.49 54.62 60.72
C ARG G 106 -37.63 56.04 61.26
N GLU G 107 -36.51 56.73 61.47
CA GLU G 107 -36.54 58.02 62.15
C GLU G 107 -37.24 59.09 61.32
N GLU G 108 -36.88 59.21 60.04
CA GLU G 108 -37.49 60.24 59.19
C GLU G 108 -38.99 59.99 59.04
N GLN G 109 -39.39 58.74 58.83
CA GLN G 109 -40.81 58.43 58.71
C GLN G 109 -41.55 58.72 60.01
N ARG G 110 -40.94 58.40 61.16
CA ARG G 110 -41.60 58.67 62.43
C ARG G 110 -41.75 60.17 62.65
N LYS G 111 -40.73 60.96 62.31
CA LYS G 111 -40.85 62.40 62.47
C LYS G 111 -41.91 62.98 61.54
N ARG G 112 -41.95 62.50 60.29
CA ARG G 112 -42.98 62.98 59.36
C ARG G 112 -44.38 62.62 59.85
N LEU G 113 -44.54 61.42 60.40
CA LEU G 113 -45.85 61.02 60.92
C LEU G 113 -46.24 61.85 62.14
N GLN G 114 -45.26 62.14 63.01
CA GLN G 114 -45.54 62.97 64.19
C GLN G 114 -45.93 64.39 63.78
N GLU G 115 -45.30 64.91 62.72
CA GLU G 115 -45.67 66.24 62.24
C GLU G 115 -47.05 66.24 61.59
N LEU G 116 -47.36 65.20 60.80
CA LEU G 116 -48.66 65.13 60.14
C LEU G 116 -49.78 64.94 61.16
N ASP G 117 -49.53 64.19 62.22
CA ASP G 117 -50.54 64.01 63.25
C ASP G 117 -50.85 65.33 63.95
N ALA G 118 -49.81 66.10 64.26
CA ALA G 118 -50.02 67.41 64.88
C ALA G 118 -50.76 68.35 63.95
N ALA G 119 -50.41 68.33 62.65
CA ALA G 119 -51.11 69.16 61.68
C ALA G 119 -52.58 68.78 61.59
N SER G 120 -52.87 67.48 61.58
CA SER G 120 -54.25 67.02 61.52
C SER G 120 -55.02 67.40 62.78
N LYS G 121 -54.37 67.31 63.95
CA LYS G 121 -55.03 67.72 65.19
C LYS G 121 -55.34 69.21 65.19
N VAL G 122 -54.40 70.03 64.69
CA VAL G 122 -54.64 71.47 64.60
C VAL G 122 -55.80 71.75 63.65
N MET G 123 -55.85 71.04 62.51
CA MET G 123 -56.94 71.25 61.56
C MET G 123 -58.27 70.85 62.16
N GLU G 124 -58.30 69.74 62.90
CA GLU G 124 -59.53 69.32 63.56
C GLU G 124 -59.98 70.31 64.63
N GLN G 125 -59.03 70.87 65.40
CA GLN G 125 -59.38 71.87 66.39
C GLN G 125 -59.93 73.13 65.73
N GLU G 126 -59.33 73.54 64.61
CA GLU G 126 -59.84 74.71 63.89
C GLU G 126 -61.23 74.45 63.34
N TRP G 127 -61.48 73.25 62.83
CA TRP G 127 -62.81 72.91 62.33
C TRP G 127 -63.83 72.89 63.45
N ARG G 128 -63.44 72.38 64.63
CA ARG G 128 -64.33 72.39 65.78
C ARG G 128 -64.65 73.81 66.23
N GLU G 129 -63.63 74.69 66.22
CA GLU G 129 -63.87 76.09 66.56
C GLU G 129 -64.80 76.76 65.56
N LYS G 130 -64.64 76.45 64.27
CA LYS G 130 -65.55 77.00 63.26
C LYS G 130 -66.97 76.47 63.45
N ALA G 131 -67.12 75.20 63.79
CA ALA G 131 -68.45 74.65 64.04
C ALA G 131 -69.09 75.31 65.25
N LYS G 132 -68.31 75.55 66.31
CA LYS G 132 -68.83 76.24 67.47
C LYS G 132 -69.23 77.68 67.14
N LYS G 133 -68.44 78.37 66.32
CA LYS G 133 -68.80 79.72 65.91
C LYS G 133 -70.10 79.72 65.09
N ASP G 134 -70.26 78.74 64.20
CA ASP G 134 -71.49 78.63 63.43
C ASP G 134 -72.69 78.35 64.33
N LEU G 135 -72.50 77.48 65.33
CA LEU G 135 -73.57 77.20 66.27
C LEU G 135 -73.96 78.44 67.07
N GLU G 136 -72.96 79.21 67.51
CA GLU G 136 -73.25 80.45 68.24
C GLU G 136 -73.94 81.47 67.35
N GLU G 137 -73.56 81.54 66.08
CA GLU G 137 -74.23 82.45 65.15
C GLU G 137 -75.66 82.04 64.86
N TRP G 138 -75.93 80.73 64.80
CA TRP G 138 -77.28 80.25 64.55
C TRP G 138 -78.19 80.40 65.77
N ASN G 139 -77.65 80.16 66.97
CA ASN G 139 -78.46 80.27 68.18
C ASN G 139 -78.90 81.71 68.42
N GLN G 140 -78.03 82.67 68.12
CA GLN G 140 -78.39 84.08 68.27
C GLN G 140 -79.53 84.46 67.33
N ARG G 141 -79.45 84.03 66.06
CA ARG G 141 -80.52 84.30 65.11
C ARG G 141 -81.81 83.59 65.51
N GLN G 142 -81.72 82.38 66.07
CA GLN G 142 -82.90 81.68 66.54
C GLN G 142 -83.57 82.43 67.68
N SER G 143 -82.75 82.93 68.62
CA SER G 143 -83.30 83.70 69.73
C SER G 143 -83.93 85.00 69.24
N GLU G 144 -83.29 85.66 68.27
CA GLU G 144 -83.86 86.89 67.71
C GLU G 144 -85.20 86.61 67.02
N GLN G 145 -85.28 85.49 66.30
CA GLN G 145 -86.54 85.12 65.66
C GLN G 145 -87.62 84.80 66.68
N VAL G 146 -87.25 84.13 67.77
CA VAL G 146 -88.21 83.84 68.84
C VAL G 146 -88.73 85.13 69.46
N GLU G 147 -87.81 86.08 69.70
CA GLU G 147 -88.23 87.37 70.25
C GLU G 147 -89.13 88.14 69.29
N LYS G 148 -88.83 88.09 67.99
CA LYS G 148 -89.67 88.76 67.01
C LYS G 148 -91.06 88.12 66.96
N ASN G 149 -91.12 86.79 67.04
CA ASN G 149 -92.42 86.11 67.07
C ASN G 149 -93.19 86.47 68.34
N LYS G 150 -92.51 86.57 69.47
CA LYS G 150 -93.19 86.97 70.71
C LYS G 150 -93.74 88.40 70.59
N ILE G 151 -92.95 89.31 70.00
CA ILE G 151 -93.42 90.67 69.81
C ILE G 151 -94.61 90.71 68.86
N ASN G 152 -94.58 89.92 67.79
CA ASN G 152 -95.69 89.89 66.86
C ASN G 152 -96.96 89.31 67.50
N ASN G 153 -96.80 88.31 68.36
CA ASN G 153 -97.96 87.75 69.06
C ASN G 153 -98.49 88.71 70.12
N ARG G 154 -97.61 89.52 70.72
CA ARG G 154 -98.07 90.51 71.69
C ARG G 154 -98.81 91.65 71.01
N ILE G 155 -98.29 92.17 69.90
CA ILE G 155 -98.93 93.27 69.20
C ILE G 155 -100.15 92.84 68.39
N ALA G 156 -100.48 91.55 68.40
CA ALA G 156 -101.64 91.07 67.66
C ALA G 156 -102.93 91.62 68.26
N ASP G 157 -103.02 91.65 69.58
CA ASP G 157 -104.22 92.15 70.25
C ASP G 157 -104.20 93.68 70.33
N PRO H 809 27.79 -101.79 72.65
CA PRO H 809 29.04 -101.05 72.89
C PRO H 809 28.81 -99.55 73.03
N SER H 810 27.85 -99.16 73.87
CA SER H 810 27.57 -97.74 74.08
C SER H 810 28.67 -97.05 74.88
N ARG H 811 29.46 -97.81 75.63
CA ARG H 811 30.50 -97.25 76.48
C ARG H 811 31.84 -97.12 75.77
N LEU H 812 31.86 -97.01 74.44
CA LEU H 812 33.12 -96.84 73.73
C LEU H 812 33.87 -95.58 74.13
N PRO H 813 33.25 -94.39 74.20
CA PRO H 813 34.02 -93.22 74.65
C PRO H 813 34.51 -93.33 76.07
N VAL H 814 33.74 -93.99 76.96
CA VAL H 814 34.17 -94.14 78.34
C VAL H 814 35.43 -94.99 78.43
N VAL H 815 35.43 -96.15 77.76
CA VAL H 815 36.61 -97.00 77.80
C VAL H 815 37.78 -96.39 77.03
N ILE H 816 37.51 -95.58 76.01
CA ILE H 816 38.58 -94.87 75.32
C ILE H 816 39.23 -93.86 76.25
N GLY H 817 38.42 -93.08 76.98
CA GLY H 817 38.98 -92.16 77.95
C GLY H 817 39.74 -92.86 79.06
N GLY H 818 39.24 -94.01 79.49
CA GLY H 818 39.97 -94.78 80.49
C GLY H 818 41.31 -95.27 79.98
N LEU H 819 41.34 -95.80 78.75
CA LEU H 819 42.60 -96.26 78.16
C LEU H 819 43.58 -95.10 77.99
N LEU H 820 43.07 -93.92 77.61
CA LEU H 820 43.92 -92.74 77.53
C LEU H 820 44.44 -92.33 78.91
N ASP H 821 43.65 -92.53 79.97
CA ASP H 821 44.13 -92.26 81.31
C ASP H 821 45.21 -93.25 81.72
N VAL H 822 45.13 -94.49 81.23
CA VAL H 822 46.18 -95.47 81.49
C VAL H 822 47.46 -95.11 80.73
N ASP H 823 47.37 -94.28 79.69
CA ASP H 823 48.51 -93.84 78.90
C ASP H 823 49.22 -95.02 78.24
N CYS H 824 48.48 -95.70 77.36
CA CYS H 824 49.00 -96.81 76.59
C CYS H 824 49.46 -96.31 75.21
N SER H 825 49.76 -97.26 74.34
CA SER H 825 50.22 -96.93 73.00
C SER H 825 49.08 -96.38 72.15
N GLU H 826 49.45 -95.81 71.00
CA GLU H 826 48.48 -95.21 70.10
C GLU H 826 48.08 -96.14 68.96
N ASP H 827 48.98 -97.05 68.55
CA ASP H 827 48.66 -97.96 67.45
C ASP H 827 47.54 -98.92 67.82
N VAL H 828 47.50 -99.39 69.07
CA VAL H 828 46.42 -100.27 69.50
C VAL H 828 45.09 -99.53 69.44
N ILE H 829 45.09 -98.25 69.84
CA ILE H 829 43.87 -97.45 69.78
C ILE H 829 43.44 -97.24 68.34
N LYS H 830 44.40 -96.97 67.44
CA LYS H 830 44.08 -96.81 66.03
C LYS H 830 43.48 -98.08 65.45
N ASN H 831 44.00 -99.25 65.87
CA ASN H 831 43.47 -100.51 65.38
C ASN H 831 42.08 -100.79 65.93
N LEU H 832 41.84 -100.43 67.19
CA LEU H 832 40.53 -100.66 67.80
C LEU H 832 39.47 -99.68 67.32
N ILE H 833 39.88 -98.50 66.83
CA ILE H 833 38.91 -97.53 66.34
C ILE H 833 38.30 -97.98 65.02
N LEU H 834 39.11 -98.55 64.13
CA LEU H 834 38.64 -98.98 62.81
C LEU H 834 37.71 -100.18 62.87
N VAL H 835 37.50 -100.78 64.05
CA VAL H 835 36.58 -101.91 64.15
C VAL H 835 35.15 -101.43 63.95
N VAL H 836 34.32 -102.29 63.36
CA VAL H 836 32.93 -101.95 63.09
C VAL H 836 32.20 -101.82 64.42
N ARG H 837 31.79 -100.60 64.75
CA ARG H 837 31.16 -100.33 66.03
C ARG H 837 29.67 -100.68 65.98
N GLY H 838 29.00 -100.47 67.10
CA GLY H 838 27.55 -100.64 67.18
C GLY H 838 26.87 -99.34 67.55
N GLN H 839 26.20 -99.31 68.70
CA GLN H 839 25.65 -98.07 69.20
C GLN H 839 26.75 -97.22 69.81
N PHE H 840 26.90 -95.99 69.30
CA PHE H 840 27.98 -95.12 69.73
C PHE H 840 27.48 -93.69 69.83
N SER H 841 28.14 -92.91 70.66
CA SER H 841 27.85 -91.49 70.84
C SER H 841 29.04 -90.67 70.38
N THR H 842 28.78 -89.59 69.65
CA THR H 842 29.83 -88.74 69.11
C THR H 842 29.98 -87.42 69.85
N ASP H 843 28.96 -87.00 70.62
CA ASP H 843 29.00 -85.74 71.33
C ASP H 843 29.84 -85.78 72.59
N GLU H 844 30.52 -86.89 72.87
CA GLU H 844 31.36 -86.99 74.06
C GLU H 844 32.77 -87.49 73.78
N LEU H 845 33.02 -88.21 72.69
CA LEU H 845 34.38 -88.63 72.37
C LEU H 845 35.25 -87.44 71.99
N VAL H 846 34.64 -86.37 71.47
CA VAL H 846 35.40 -85.18 71.11
C VAL H 846 36.02 -84.55 72.35
N ALA H 847 35.29 -84.54 73.46
CA ALA H 847 35.84 -84.00 74.70
C ALA H 847 37.03 -84.83 75.17
N GLU H 848 36.94 -86.16 75.03
CA GLU H 848 38.06 -87.02 75.44
C GLU H 848 39.28 -86.80 74.56
N VAL H 849 39.08 -86.71 73.24
CA VAL H 849 40.20 -86.50 72.34
C VAL H 849 40.77 -85.09 72.47
N GLU H 850 39.97 -84.14 72.97
CA GLU H 850 40.51 -82.80 73.25
C GLU H 850 41.32 -82.80 74.54
N LYS H 851 40.83 -83.50 75.56
CA LYS H 851 41.60 -83.63 76.79
C LYS H 851 42.92 -84.35 76.55
N ARG H 852 42.92 -85.31 75.63
CA ARG H 852 44.15 -86.00 75.26
C ARG H 852 45.04 -85.16 74.36
N ASN H 853 44.47 -84.17 73.66
CA ASN H 853 45.20 -83.33 72.71
C ASN H 853 45.82 -84.19 71.61
N ARG H 854 45.06 -85.16 71.12
CA ARG H 854 45.50 -86.06 70.06
C ARG H 854 44.41 -86.18 69.00
N LEU H 855 43.87 -85.03 68.59
CA LEU H 855 42.76 -85.02 67.64
C LEU H 855 43.12 -85.70 66.33
N LYS H 856 44.41 -85.79 66.00
CA LYS H 856 44.83 -86.49 64.79
C LYS H 856 44.62 -88.00 64.89
N LEU H 857 44.20 -88.51 66.05
CA LEU H 857 43.96 -89.93 66.20
C LEU H 857 42.76 -90.40 65.38
N LEU H 858 41.77 -89.53 65.20
CA LEU H 858 40.53 -89.88 64.51
C LEU H 858 40.58 -89.58 63.02
N LEU H 859 41.74 -89.28 62.46
CA LEU H 859 41.81 -88.95 61.03
C LEU H 859 41.38 -90.10 60.13
N PRO H 860 41.87 -91.34 60.28
CA PRO H 860 41.42 -92.40 59.36
C PRO H 860 39.94 -92.72 59.50
N TRP H 861 39.42 -92.76 60.73
CA TRP H 861 38.01 -93.09 60.92
C TRP H 861 37.10 -92.02 60.32
N LEU H 862 37.41 -90.74 60.57
CA LEU H 862 36.62 -89.67 59.98
C LEU H 862 36.75 -89.63 58.48
N GLU H 863 37.95 -89.94 57.95
CA GLU H 863 38.12 -90.00 56.50
C GLU H 863 37.26 -91.09 55.89
N ALA H 864 37.25 -92.28 56.49
CA ALA H 864 36.41 -93.35 56.00
C ALA H 864 34.94 -92.99 56.12
N ARG H 865 34.56 -92.30 57.19
CA ARG H 865 33.16 -91.95 57.39
C ARG H 865 32.70 -90.93 56.35
N ILE H 866 33.54 -89.94 56.03
CA ILE H 866 33.14 -88.97 55.02
C ILE H 866 33.24 -89.57 53.62
N HIS H 867 34.06 -90.61 53.44
CA HIS H 867 34.05 -91.35 52.17
C HIS H 867 32.76 -92.14 52.02
N GLU H 868 32.24 -92.68 53.13
CA GLU H 868 30.96 -93.38 53.06
C GLU H 868 29.82 -92.42 52.74
N GLY H 869 29.90 -91.19 53.23
CA GLY H 869 28.89 -90.19 52.93
C GLY H 869 27.95 -89.90 54.08
N CYS H 870 28.49 -89.89 55.30
CA CYS H 870 27.69 -89.59 56.47
C CYS H 870 27.71 -88.10 56.76
N GLU H 871 26.53 -87.47 56.74
CA GLU H 871 26.40 -86.04 56.98
C GLU H 871 26.07 -85.75 58.44
N GLU H 872 27.02 -86.07 59.31
CA GLU H 872 26.87 -85.83 60.74
C GLU H 872 27.69 -84.62 61.16
N PRO H 873 27.07 -83.59 61.73
CA PRO H 873 27.85 -82.40 62.11
C PRO H 873 28.88 -82.67 63.18
N ALA H 874 28.67 -83.68 64.03
CA ALA H 874 29.62 -83.97 65.11
C ALA H 874 30.99 -84.37 64.56
N THR H 875 31.04 -84.93 63.35
CA THR H 875 32.29 -85.29 62.70
C THR H 875 32.90 -84.15 61.90
N HIS H 876 32.07 -83.38 61.20
CA HIS H 876 32.56 -82.23 60.46
C HIS H 876 33.12 -81.15 61.38
N ASN H 877 32.55 -81.01 62.59
CA ASN H 877 33.12 -80.07 63.56
C ASN H 877 34.52 -80.50 63.98
N ALA H 878 34.71 -81.79 64.23
CA ALA H 878 36.05 -82.28 64.58
C ALA H 878 37.02 -82.12 63.41
N LEU H 879 36.53 -82.35 62.18
CA LEU H 879 37.38 -82.15 61.02
C LEU H 879 37.79 -80.69 60.88
N ALA H 880 36.86 -79.76 61.11
CA ALA H 880 37.18 -78.35 61.04
C ALA H 880 38.17 -77.96 62.14
N LYS H 881 38.01 -78.51 63.34
CA LYS H 881 38.94 -78.21 64.43
C LYS H 881 40.34 -78.73 64.10
N ILE H 882 40.43 -79.93 63.52
CA ILE H 882 41.72 -80.47 63.13
C ILE H 882 42.35 -79.61 62.04
N TYR H 883 41.56 -79.15 61.08
CA TYR H 883 42.08 -78.27 60.04
C TYR H 883 42.57 -76.95 60.62
N ILE H 884 41.86 -76.42 61.61
CA ILE H 884 42.31 -75.20 62.29
C ILE H 884 43.63 -75.45 62.99
N ASP H 885 43.77 -76.61 63.63
CA ASP H 885 45.02 -76.97 64.28
C ASP H 885 46.10 -77.35 63.28
N SER H 886 45.78 -77.45 61.99
CA SER H 886 46.76 -77.83 60.97
C SER H 886 47.55 -76.64 60.44
N ASN H 887 47.35 -75.45 61.00
CA ASN H 887 48.09 -74.24 60.66
C ASN H 887 47.86 -73.79 59.22
N ASN H 888 46.84 -74.31 58.55
CA ASN H 888 46.51 -73.91 57.19
C ASN H 888 45.39 -72.87 57.23
N ASN H 889 44.85 -72.53 56.05
CA ASN H 889 43.74 -71.59 55.92
C ASN H 889 42.54 -72.34 55.36
N PRO H 890 41.74 -72.97 56.21
CA PRO H 890 40.58 -73.74 55.74
C PRO H 890 39.36 -72.88 55.47
N GLU H 891 39.55 -71.85 54.63
CA GLU H 891 38.43 -70.99 54.26
C GLU H 891 37.47 -71.66 53.30
N ARG H 892 37.98 -72.24 52.22
CA ARG H 892 37.13 -72.91 51.25
C ARG H 892 36.47 -74.15 51.85
N PHE H 893 37.11 -74.80 52.83
CA PHE H 893 36.48 -75.94 53.50
C PHE H 893 35.28 -75.49 54.32
N LEU H 894 35.43 -74.41 55.09
CA LEU H 894 34.32 -73.91 55.89
C LEU H 894 33.25 -73.26 55.01
N ARG H 895 33.62 -72.87 53.79
CA ARG H 895 32.66 -72.22 52.91
C ARG H 895 31.90 -73.22 52.04
N GLU H 896 32.53 -74.33 51.67
CA GLU H 896 31.94 -75.30 50.76
C GLU H 896 31.48 -76.58 51.45
N ASN H 897 31.33 -76.56 52.77
CA ASN H 897 30.85 -77.72 53.53
C ASN H 897 29.68 -77.28 54.40
N PRO H 898 28.45 -77.34 53.88
CA PRO H 898 27.26 -76.99 54.66
C PRO H 898 26.77 -78.14 55.55
N TYR H 899 27.68 -78.72 56.30
CA TYR H 899 27.36 -79.88 57.14
C TYR H 899 27.66 -79.65 58.61
N TYR H 900 28.71 -78.90 58.94
CA TYR H 900 29.09 -78.69 60.33
C TYR H 900 28.19 -77.65 60.99
N ASP H 901 28.47 -77.35 62.25
CA ASP H 901 27.74 -76.36 63.02
C ASP H 901 28.60 -75.12 63.21
N SER H 902 28.01 -73.95 62.99
CA SER H 902 28.78 -72.71 63.08
C SER H 902 29.02 -72.29 64.52
N ARG H 903 28.18 -72.76 65.45
CA ARG H 903 28.28 -72.31 66.84
C ARG H 903 29.60 -72.75 67.46
N VAL H 904 29.93 -74.03 67.36
CA VAL H 904 31.15 -74.53 67.99
C VAL H 904 32.38 -73.98 67.28
N VAL H 905 32.33 -73.84 65.94
CA VAL H 905 33.45 -73.26 65.22
C VAL H 905 33.69 -71.82 65.64
N GLY H 906 32.62 -71.05 65.81
CA GLY H 906 32.78 -69.68 66.27
C GLY H 906 33.29 -69.60 67.70
N LYS H 907 32.80 -70.49 68.56
CA LYS H 907 33.29 -70.53 69.93
C LYS H 907 34.77 -70.89 69.98
N TYR H 908 35.23 -71.74 69.06
CA TYR H 908 36.65 -72.09 69.03
C TYR H 908 37.50 -70.97 68.45
N CYS H 909 36.99 -70.28 67.44
CA CYS H 909 37.75 -69.26 66.72
C CYS H 909 37.57 -67.86 67.31
N GLU H 910 36.79 -67.72 68.38
CA GLU H 910 36.62 -66.41 69.02
C GLU H 910 37.97 -65.82 69.42
N LYS H 911 38.76 -66.56 70.18
CA LYS H 911 40.05 -66.07 70.65
C LYS H 911 41.21 -66.47 69.76
N ARG H 912 41.08 -67.56 68.99
CA ARG H 912 42.18 -68.02 68.17
C ARG H 912 42.28 -67.24 66.86
N ASP H 913 41.21 -67.25 66.06
CA ASP H 913 41.23 -66.57 64.76
C ASP H 913 39.81 -66.22 64.33
N PRO H 914 39.35 -65.00 64.60
CA PRO H 914 37.98 -64.62 64.20
C PRO H 914 37.78 -64.58 62.70
N HIS H 915 38.86 -64.61 61.90
CA HIS H 915 38.73 -64.61 60.45
C HIS H 915 38.03 -65.87 59.94
N LEU H 916 38.03 -66.94 60.73
CA LEU H 916 37.27 -68.14 60.40
C LEU H 916 35.90 -68.15 61.07
N ALA H 917 35.79 -67.58 62.27
CA ALA H 917 34.49 -67.52 62.94
C ALA H 917 33.52 -66.64 62.18
N CYS H 918 34.01 -65.56 61.57
CA CYS H 918 33.13 -64.72 60.76
C CYS H 918 32.58 -65.47 59.56
N VAL H 919 33.42 -66.25 58.88
CA VAL H 919 32.96 -67.03 57.73
C VAL H 919 32.00 -68.12 58.19
N ALA H 920 32.26 -68.72 59.36
CA ALA H 920 31.35 -69.73 59.90
C ALA H 920 29.99 -69.13 60.18
N TYR H 921 29.95 -67.95 60.81
CA TYR H 921 28.68 -67.29 61.09
C TYR H 921 27.99 -66.85 59.81
N GLU H 922 28.76 -66.46 58.79
CA GLU H 922 28.19 -66.10 57.51
C GLU H 922 27.50 -67.30 56.86
N ARG H 923 28.16 -68.46 56.93
CA ARG H 923 27.54 -69.67 56.38
C ARG H 923 26.32 -70.09 57.18
N GLY H 924 26.38 -69.95 58.49
CA GLY H 924 25.27 -70.31 59.37
C GLY H 924 24.26 -69.23 59.63
N GLN H 925 24.41 -68.05 59.00
CA GLN H 925 23.49 -66.93 59.18
C GLN H 925 23.40 -66.50 60.64
N CYS H 926 24.53 -66.51 61.35
CA CYS H 926 24.57 -66.14 62.76
C CYS H 926 24.93 -64.65 62.87
N ASP H 927 23.91 -63.81 62.64
CA ASP H 927 24.10 -62.37 62.68
C ASP H 927 24.33 -61.89 64.11
N LEU H 928 23.57 -62.45 65.06
CA LEU H 928 23.74 -62.07 66.46
C LEU H 928 25.13 -62.43 66.97
N GLU H 929 25.66 -63.59 66.55
CA GLU H 929 27.02 -63.94 66.93
C GLU H 929 28.04 -62.99 66.31
N LEU H 930 27.79 -62.55 65.07
CA LEU H 930 28.67 -61.57 64.44
C LEU H 930 28.67 -60.26 65.22
N ILE H 931 27.49 -59.83 65.68
CA ILE H 931 27.40 -58.59 66.45
C ILE H 931 28.05 -58.75 67.81
N ASN H 932 27.95 -59.93 68.43
CA ASN H 932 28.50 -60.13 69.76
C ASN H 932 29.99 -60.48 69.75
N VAL H 933 30.56 -60.83 68.60
CA VAL H 933 31.96 -61.23 68.54
C VAL H 933 32.75 -60.28 67.64
N CYS H 934 32.35 -60.19 66.37
CA CYS H 934 33.14 -59.43 65.40
C CYS H 934 33.06 -57.93 65.67
N ASN H 935 31.90 -57.44 66.11
CA ASN H 935 31.77 -56.01 66.40
C ASN H 935 32.66 -55.61 67.58
N GLU H 936 33.02 -56.57 68.43
CA GLU H 936 33.90 -56.27 69.56
C GLU H 936 35.36 -56.11 69.09
N ASN H 937 35.87 -57.07 68.32
CA ASN H 937 37.24 -57.01 67.83
C ASN H 937 37.31 -57.74 66.50
N SER H 938 37.24 -56.98 65.41
CA SER H 938 37.41 -57.51 64.05
C SER H 938 37.46 -56.31 63.10
N LEU H 939 37.68 -56.60 61.82
CA LEU H 939 37.70 -55.58 60.79
C LEU H 939 36.27 -55.22 60.43
N PHE H 940 35.88 -53.97 60.66
CA PHE H 940 34.52 -53.53 60.38
C PHE H 940 34.20 -53.52 58.89
N LYS H 941 35.21 -53.61 58.02
CA LYS H 941 34.94 -53.66 56.59
C LYS H 941 34.19 -54.93 56.20
N SER H 942 34.58 -56.08 56.76
CA SER H 942 33.89 -57.32 56.47
C SER H 942 32.46 -57.29 56.97
N LEU H 943 32.25 -56.74 58.17
CA LEU H 943 30.89 -56.62 58.71
C LEU H 943 30.04 -55.70 57.85
N SER H 944 30.61 -54.58 57.40
CA SER H 944 29.88 -53.67 56.54
C SER H 944 29.51 -54.33 55.21
N ARG H 945 30.45 -55.08 54.62
CA ARG H 945 30.16 -55.76 53.37
C ARG H 945 29.08 -56.83 53.55
N TYR H 946 29.13 -57.55 54.68
CA TYR H 946 28.12 -58.57 54.94
C TYR H 946 26.75 -57.95 55.16
N LEU H 947 26.70 -56.79 55.82
CA LEU H 947 25.42 -56.13 56.04
C LEU H 947 24.86 -55.55 54.75
N VAL H 948 25.74 -55.04 53.87
CA VAL H 948 25.29 -54.51 52.58
C VAL H 948 24.79 -55.64 51.69
N ARG H 949 25.52 -56.76 51.66
CA ARG H 949 25.11 -57.90 50.84
C ARG H 949 23.81 -58.49 51.36
N ARG H 950 23.79 -58.92 52.62
CA ARG H 950 22.60 -59.49 53.24
C ARG H 950 21.66 -58.35 53.66
N LYS H 951 20.82 -57.94 52.71
CA LYS H 951 19.89 -56.85 52.95
C LYS H 951 18.78 -57.30 53.88
N ASP H 952 18.69 -56.66 55.04
CA ASP H 952 17.66 -56.97 56.02
C ASP H 952 17.39 -55.74 56.89
N PRO H 953 16.26 -55.06 56.70
CA PRO H 953 15.98 -53.86 57.51
C PRO H 953 15.89 -54.15 58.99
N GLU H 954 15.49 -55.36 59.39
CA GLU H 954 15.40 -55.68 60.81
C GLU H 954 16.77 -55.65 61.48
N LEU H 955 17.81 -56.12 60.77
CA LEU H 955 19.15 -56.09 61.33
C LEU H 955 19.65 -54.66 61.52
N TRP H 956 19.46 -53.82 60.51
CA TRP H 956 19.86 -52.42 60.63
C TRP H 956 19.09 -51.72 61.74
N GLY H 957 17.81 -52.05 61.90
CA GLY H 957 17.02 -51.45 62.98
C GLY H 957 17.49 -51.90 64.35
N SER H 958 17.85 -53.18 64.48
CA SER H 958 18.30 -53.69 65.77
C SER H 958 19.69 -53.17 66.12
N VAL H 959 20.55 -52.97 65.12
CA VAL H 959 21.90 -52.48 65.39
C VAL H 959 21.89 -50.98 65.66
N LEU H 960 21.11 -50.23 64.90
CA LEU H 960 21.06 -48.77 65.06
C LEU H 960 20.02 -48.40 66.13
N LEU H 961 20.45 -48.53 67.38
CA LEU H 961 19.60 -48.16 68.51
C LEU H 961 20.33 -47.31 69.53
N GLU H 962 21.50 -46.76 69.19
CA GLU H 962 22.31 -45.94 70.09
C GLU H 962 22.72 -46.68 71.36
N SER H 963 22.68 -48.01 71.34
CA SER H 963 23.08 -48.81 72.48
C SER H 963 24.49 -49.37 72.32
N ASN H 964 24.84 -49.82 71.13
CA ASN H 964 26.18 -50.38 70.89
C ASN H 964 27.19 -49.24 70.82
N PRO H 965 28.27 -49.28 71.59
CA PRO H 965 29.25 -48.18 71.56
C PRO H 965 30.11 -48.18 70.31
N TYR H 966 30.17 -49.27 69.56
CA TYR H 966 31.01 -49.38 68.37
C TYR H 966 30.23 -49.07 67.09
N ARG H 967 29.23 -48.19 67.18
CA ARG H 967 28.43 -47.83 66.01
C ARG H 967 29.09 -46.73 65.18
N ARG H 968 29.74 -45.77 65.82
CA ARG H 968 30.38 -44.69 65.08
C ARG H 968 31.54 -45.16 64.21
N PRO H 969 32.48 -45.99 64.71
CA PRO H 969 33.52 -46.50 63.79
C PRO H 969 32.95 -47.36 62.68
N LEU H 970 31.92 -48.15 62.97
CA LEU H 970 31.29 -48.95 61.93
C LEU H 970 30.67 -48.07 60.85
N ILE H 971 30.02 -46.97 61.23
CA ILE H 971 29.46 -46.06 60.24
C ILE H 971 30.57 -45.37 59.44
N ASP H 972 31.62 -44.90 60.14
CA ASP H 972 32.72 -44.24 59.45
C ASP H 972 33.46 -45.18 58.51
N GLN H 973 33.41 -46.49 58.77
CA GLN H 973 34.03 -47.46 57.88
C GLN H 973 33.13 -47.83 56.72
N VAL H 974 31.82 -48.00 56.96
CA VAL H 974 30.91 -48.36 55.89
C VAL H 974 30.74 -47.20 54.90
N VAL H 975 30.81 -45.95 55.37
CA VAL H 975 30.72 -44.81 54.47
C VAL H 975 31.81 -44.87 53.40
N GLN H 976 33.01 -45.34 53.77
CA GLN H 976 34.10 -45.44 52.83
C GLN H 976 34.08 -46.75 52.04
N THR H 977 33.63 -47.84 52.67
CA THR H 977 33.66 -49.13 51.98
C THR H 977 32.46 -49.32 51.05
N ALA H 978 31.46 -48.44 51.12
CA ALA H 978 30.32 -48.55 50.22
C ALA H 978 30.70 -48.31 48.77
N LEU H 979 31.87 -47.71 48.52
CA LEU H 979 32.29 -47.46 47.14
C LEU H 979 32.72 -48.74 46.44
N SER H 980 32.94 -49.82 47.19
CA SER H 980 33.46 -51.05 46.60
C SER H 980 32.40 -51.84 45.85
N GLU H 981 31.13 -51.71 46.23
CA GLU H 981 30.07 -52.52 45.61
C GLU H 981 29.93 -52.22 44.12
N THR H 982 29.50 -51.01 43.78
CA THR H 982 29.30 -50.58 42.40
C THR H 982 28.61 -51.66 41.56
N GLN H 983 27.50 -52.18 42.08
CA GLN H 983 26.77 -53.23 41.38
C GLN H 983 25.36 -52.80 41.00
N ASP H 984 24.62 -52.23 41.95
CA ASP H 984 23.24 -51.85 41.74
C ASP H 984 22.81 -50.93 42.88
N PRO H 985 21.86 -50.05 42.64
CA PRO H 985 21.37 -49.15 43.70
C PRO H 985 20.28 -49.75 44.59
N GLU H 986 19.90 -51.01 44.41
CA GLU H 986 18.89 -51.61 45.26
C GLU H 986 19.43 -51.87 46.66
N GLU H 987 20.61 -52.49 46.75
CA GLU H 987 21.25 -52.68 48.05
C GLU H 987 21.57 -51.36 48.72
N VAL H 988 21.81 -50.31 47.93
CA VAL H 988 22.05 -48.99 48.48
C VAL H 988 20.73 -48.35 48.91
N SER H 989 19.67 -48.55 48.14
CA SER H 989 18.38 -47.98 48.50
C SER H 989 17.83 -48.59 49.78
N VAL H 990 18.03 -49.90 49.97
CA VAL H 990 17.58 -50.55 51.19
C VAL H 990 18.33 -49.98 52.40
N THR H 991 19.64 -49.80 52.26
CA THR H 991 20.42 -49.23 53.35
C THR H 991 20.02 -47.79 53.64
N VAL H 992 19.72 -47.01 52.59
CA VAL H 992 19.26 -45.64 52.78
C VAL H 992 17.93 -45.61 53.51
N LYS H 993 16.99 -46.48 53.12
CA LYS H 993 15.70 -46.54 53.81
C LYS H 993 15.88 -46.96 55.27
N ALA H 994 16.77 -47.91 55.53
CA ALA H 994 17.03 -48.32 56.90
C ALA H 994 17.61 -47.18 57.72
N PHE H 995 18.54 -46.41 57.13
CA PHE H 995 19.11 -45.26 57.83
C PHE H 995 18.06 -44.21 58.11
N MET H 996 17.17 -43.95 57.14
CA MET H 996 16.13 -42.95 57.33
C MET H 996 15.12 -43.39 58.39
N THR H 997 14.84 -44.69 58.47
CA THR H 997 13.91 -45.18 59.49
C THR H 997 14.57 -45.26 60.86
N ALA H 998 15.91 -45.38 60.91
CA ALA H 998 16.61 -45.44 62.19
C ALA H 998 16.75 -44.07 62.84
N ASP H 999 16.41 -42.98 62.13
CA ASP H 999 16.50 -41.63 62.66
C ASP H 999 17.93 -41.30 63.10
N LEU H 1000 18.86 -41.47 62.17
CA LEU H 1000 20.26 -41.18 62.47
C LEU H 1000 20.50 -39.67 62.47
N PRO H 1001 21.45 -39.19 63.28
CA PRO H 1001 21.76 -37.76 63.30
C PRO H 1001 22.39 -37.28 61.99
N ASN H 1002 22.70 -35.99 61.92
CA ASN H 1002 23.26 -35.42 60.70
C ASN H 1002 24.70 -35.89 60.49
N GLU H 1003 25.22 -35.62 59.29
CA GLU H 1003 26.58 -35.97 58.90
C GLU H 1003 26.82 -37.47 58.99
N LEU H 1004 25.75 -38.25 58.79
CA LEU H 1004 25.85 -39.70 58.75
C LEU H 1004 25.23 -40.30 57.49
N ILE H 1005 24.15 -39.71 56.99
CA ILE H 1005 23.52 -40.20 55.76
C ILE H 1005 23.95 -39.37 54.56
N GLU H 1006 23.90 -38.05 54.68
CA GLU H 1006 24.32 -37.17 53.60
C GLU H 1006 25.82 -37.30 53.32
N LEU H 1007 26.63 -37.61 54.33
CA LEU H 1007 28.04 -37.84 54.08
C LEU H 1007 28.25 -39.08 53.21
N LEU H 1008 27.57 -40.18 53.53
CA LEU H 1008 27.64 -41.38 52.70
C LEU H 1008 27.12 -41.10 51.30
N GLU H 1009 26.05 -40.30 51.19
CA GLU H 1009 25.50 -39.97 49.88
C GLU H 1009 26.50 -39.18 49.04
N LYS H 1010 27.18 -38.21 49.66
CA LYS H 1010 28.18 -37.44 48.93
C LYS H 1010 29.40 -38.28 48.57
N ILE H 1011 29.77 -39.24 49.43
CA ILE H 1011 30.88 -40.12 49.10
C ILE H 1011 30.52 -41.02 47.92
N VAL H 1012 29.29 -41.53 47.88
CA VAL H 1012 28.88 -42.40 46.80
C VAL H 1012 28.69 -41.61 45.50
N LEU H 1013 28.21 -40.38 45.58
CA LEU H 1013 27.94 -39.61 44.37
C LEU H 1013 29.21 -39.01 43.77
N ASP H 1014 30.19 -38.70 44.60
CA ASP H 1014 31.43 -38.05 44.14
C ASP H 1014 32.51 -39.11 43.91
N ASN H 1015 33.13 -39.05 42.74
CA ASN H 1015 34.23 -39.95 42.38
C ASN H 1015 33.80 -41.42 42.46
N SER H 1016 32.71 -41.74 41.76
CA SER H 1016 32.19 -43.11 41.72
C SER H 1016 31.27 -43.21 40.52
N VAL H 1017 30.53 -44.32 40.46
CA VAL H 1017 29.63 -44.56 39.32
C VAL H 1017 28.24 -44.01 39.61
N PHE H 1018 27.74 -44.20 40.82
CA PHE H 1018 26.38 -43.81 41.19
C PHE H 1018 26.29 -42.29 41.34
N SER H 1019 26.19 -41.62 40.20
CA SER H 1019 26.02 -40.17 40.14
C SER H 1019 24.74 -39.76 39.42
N GLU H 1020 23.76 -40.66 39.35
CA GLU H 1020 22.52 -40.39 38.64
C GLU H 1020 21.58 -39.57 39.54
N HIS H 1021 20.35 -39.36 39.08
CA HIS H 1021 19.36 -38.59 39.83
C HIS H 1021 18.09 -39.39 40.08
N ARG H 1022 18.20 -40.72 40.17
CA ARG H 1022 17.04 -41.57 40.44
C ARG H 1022 16.70 -41.48 41.92
N ASN H 1023 15.81 -40.54 42.25
CA ASN H 1023 15.37 -40.25 43.61
C ASN H 1023 16.51 -39.82 44.52
N LEU H 1024 17.62 -39.37 43.96
CA LEU H 1024 18.78 -38.92 44.73
C LEU H 1024 18.81 -37.41 44.93
N GLN H 1025 17.72 -36.71 44.61
CA GLN H 1025 17.66 -35.26 44.76
C GLN H 1025 17.27 -34.86 46.18
N ASN H 1026 16.11 -35.34 46.65
CA ASN H 1026 15.62 -34.95 47.97
C ASN H 1026 16.46 -35.55 49.08
N LEU H 1027 17.08 -36.72 48.85
CA LEU H 1027 17.82 -37.41 49.90
C LEU H 1027 18.93 -36.54 50.47
N LEU H 1028 19.54 -35.68 49.65
CA LEU H 1028 20.61 -34.81 50.12
C LEU H 1028 20.10 -33.42 50.49
N ILE H 1029 19.23 -32.84 49.66
CA ILE H 1029 18.80 -31.47 49.87
C ILE H 1029 17.90 -31.37 51.10
N LEU H 1030 16.96 -32.31 51.25
CA LEU H 1030 16.09 -32.29 52.42
C LEU H 1030 16.88 -32.52 53.71
N THR H 1031 17.89 -33.40 53.65
CA THR H 1031 18.72 -33.63 54.83
C THR H 1031 19.54 -32.39 55.18
N ALA H 1032 20.09 -31.71 54.17
CA ALA H 1032 20.84 -30.49 54.44
C ALA H 1032 19.93 -29.38 54.97
N ILE H 1033 18.67 -29.35 54.53
CA ILE H 1033 17.74 -28.36 55.05
C ILE H 1033 17.37 -28.68 56.50
N LYS H 1034 17.15 -29.96 56.81
CA LYS H 1034 16.91 -30.37 58.19
C LYS H 1034 18.11 -30.10 59.09
N ALA H 1035 19.33 -30.17 58.56
CA ALA H 1035 20.50 -29.83 59.34
C ALA H 1035 20.60 -28.32 59.57
N ASP H 1036 20.06 -27.53 58.65
CA ASP H 1036 20.02 -26.07 58.75
C ASP H 1036 21.43 -25.49 58.92
N ARG H 1037 22.26 -25.74 57.89
CA ARG H 1037 23.64 -25.27 57.87
C ARG H 1037 23.93 -24.64 56.52
N THR H 1038 25.11 -24.03 56.41
CA THR H 1038 25.54 -23.40 55.17
C THR H 1038 25.98 -24.42 54.12
N ARG H 1039 25.95 -25.71 54.44
CA ARG H 1039 26.36 -26.73 53.47
C ARG H 1039 25.40 -26.81 52.28
N VAL H 1040 24.21 -26.24 52.42
CA VAL H 1040 23.21 -26.34 51.35
C VAL H 1040 23.70 -25.61 50.10
N MET H 1041 24.34 -24.45 50.29
CA MET H 1041 24.84 -23.69 49.14
C MET H 1041 25.91 -24.49 48.38
N GLU H 1042 26.85 -25.10 49.12
CA GLU H 1042 27.88 -25.88 48.47
C GLU H 1042 27.32 -27.13 47.81
N TYR H 1043 26.26 -27.70 48.40
CA TYR H 1043 25.63 -28.86 47.78
C TYR H 1043 24.93 -28.47 46.49
N ILE H 1044 24.29 -27.30 46.47
CA ILE H 1044 23.65 -26.82 45.25
C ILE H 1044 24.69 -26.52 44.18
N ASN H 1045 25.80 -25.91 44.57
CA ASN H 1045 26.85 -25.58 43.61
C ASN H 1045 27.55 -26.83 43.08
N ARG H 1046 27.40 -27.98 43.75
CA ARG H 1046 28.06 -29.21 43.34
C ARG H 1046 27.05 -30.30 43.00
N LEU H 1047 25.92 -29.93 42.39
CA LEU H 1047 24.89 -30.88 42.01
C LEU H 1047 24.11 -30.32 40.83
N ASP H 1048 23.62 -31.23 39.99
CA ASP H 1048 22.83 -30.86 38.81
C ASP H 1048 21.71 -31.87 38.64
N ASN H 1049 20.77 -31.55 37.75
CA ASN H 1049 19.64 -32.41 37.42
C ASN H 1049 18.82 -32.75 38.66
N TYR H 1050 18.47 -31.72 39.43
CA TYR H 1050 17.67 -31.86 40.64
C TYR H 1050 16.41 -31.01 40.53
N ASP H 1051 15.37 -31.45 41.25
CA ASP H 1051 14.10 -30.74 41.25
C ASP H 1051 14.24 -29.43 42.02
N ALA H 1052 14.22 -28.31 41.29
CA ALA H 1052 14.44 -26.99 41.86
C ALA H 1052 13.19 -26.40 42.52
N PRO H 1053 12.01 -26.44 41.90
CA PRO H 1053 10.85 -25.79 42.55
C PRO H 1053 10.48 -26.41 43.89
N ASP H 1054 10.53 -27.74 44.00
CA ASP H 1054 10.13 -28.39 45.25
C ASP H 1054 11.08 -28.01 46.38
N ILE H 1055 12.39 -28.11 46.14
CA ILE H 1055 13.35 -27.75 47.19
C ILE H 1055 13.29 -26.27 47.49
N ALA H 1056 12.98 -25.44 46.49
CA ALA H 1056 12.86 -24.00 46.75
C ALA H 1056 11.65 -23.71 47.64
N ASN H 1057 10.53 -24.40 47.40
CA ASN H 1057 9.36 -24.23 48.27
C ASN H 1057 9.66 -24.73 49.67
N ILE H 1058 10.36 -25.87 49.79
CA ILE H 1058 10.71 -26.38 51.11
C ILE H 1058 11.62 -25.40 51.84
N ALA H 1059 12.54 -24.76 51.12
CA ALA H 1059 13.44 -23.81 51.76
C ALA H 1059 12.70 -22.56 52.20
N ILE H 1060 11.90 -21.97 51.31
CA ILE H 1060 11.19 -20.74 51.67
C ILE H 1060 10.14 -21.01 52.74
N SER H 1061 9.70 -22.26 52.88
CA SER H 1061 8.84 -22.60 54.00
C SER H 1061 9.59 -22.54 55.32
N ASN H 1062 10.88 -22.91 55.31
CA ASN H 1062 11.71 -22.84 56.49
C ASN H 1062 12.45 -21.51 56.52
N GLU H 1063 13.44 -21.38 57.41
CA GLU H 1063 14.18 -20.14 57.58
C GLU H 1063 15.25 -19.92 56.52
N LEU H 1064 15.48 -20.88 55.62
CA LEU H 1064 16.50 -20.77 54.60
C LEU H 1064 15.94 -20.05 53.38
N PHE H 1065 16.46 -18.87 53.09
CA PHE H 1065 15.99 -18.09 51.95
C PHE H 1065 17.10 -17.75 50.96
N GLU H 1066 18.35 -17.60 51.43
CA GLU H 1066 19.44 -17.33 50.51
C GLU H 1066 19.73 -18.52 49.61
N GLU H 1067 19.47 -19.74 50.09
CA GLU H 1067 19.66 -20.92 49.26
C GLU H 1067 18.67 -20.93 48.10
N ALA H 1068 17.42 -20.52 48.36
CA ALA H 1068 16.45 -20.40 47.28
C ALA H 1068 16.87 -19.34 46.27
N PHE H 1069 17.44 -18.23 46.75
CA PHE H 1069 17.95 -17.21 45.83
C PHE H 1069 19.08 -17.76 44.98
N ALA H 1070 19.98 -18.54 45.57
CA ALA H 1070 21.05 -19.16 44.79
C ALA H 1070 20.50 -20.15 43.77
N ILE H 1071 19.49 -20.92 44.14
CA ILE H 1071 18.86 -21.85 43.20
C ILE H 1071 18.25 -21.09 42.03
N PHE H 1072 17.52 -20.02 42.33
CA PHE H 1072 16.87 -19.24 41.28
C PHE H 1072 17.90 -18.54 40.39
N ARG H 1073 19.04 -18.14 40.97
CA ARG H 1073 20.09 -17.53 40.16
C ARG H 1073 20.76 -18.56 39.26
N LYS H 1074 20.96 -19.78 39.76
CA LYS H 1074 21.57 -20.83 38.96
C LYS H 1074 20.64 -21.24 37.82
N PHE H 1075 19.35 -21.38 38.10
CA PHE H 1075 18.36 -21.71 37.08
C PHE H 1075 17.85 -20.49 36.33
N ASP H 1076 18.41 -19.31 36.58
CA ASP H 1076 18.04 -18.07 35.89
C ASP H 1076 16.56 -17.75 36.08
N VAL H 1077 16.03 -18.04 37.26
CA VAL H 1077 14.64 -17.73 37.61
C VAL H 1077 14.66 -16.40 38.35
N ASN H 1078 14.55 -15.31 37.59
CA ASN H 1078 14.64 -13.98 38.19
C ASN H 1078 13.33 -13.58 38.86
N THR H 1079 12.21 -14.15 38.39
CA THR H 1079 10.91 -13.75 38.92
C THR H 1079 10.70 -14.27 40.33
N SER H 1080 11.08 -15.52 40.60
CA SER H 1080 10.81 -16.14 41.89
C SER H 1080 11.79 -15.70 42.98
N ALA H 1081 12.91 -15.08 42.63
CA ALA H 1081 13.90 -14.69 43.61
C ALA H 1081 13.60 -13.32 44.23
N VAL H 1082 13.13 -12.38 43.41
CA VAL H 1082 12.90 -11.02 43.90
C VAL H 1082 11.77 -11.01 44.92
N GLN H 1083 10.70 -11.75 44.64
CA GLN H 1083 9.58 -11.80 45.59
C GLN H 1083 10.00 -12.41 46.92
N VAL H 1084 10.83 -13.45 46.89
CA VAL H 1084 11.32 -14.05 48.13
C VAL H 1084 12.22 -13.09 48.89
N LEU H 1085 13.10 -12.38 48.18
CA LEU H 1085 13.97 -11.41 48.83
C LEU H 1085 13.16 -10.27 49.45
N ILE H 1086 12.06 -9.89 48.81
CA ILE H 1086 11.23 -8.82 49.34
C ILE H 1086 10.45 -9.30 50.56
N GLU H 1087 9.88 -10.50 50.49
CA GLU H 1087 9.07 -11.01 51.59
C GLU H 1087 9.91 -11.36 52.81
N HIS H 1088 11.13 -11.86 52.60
CA HIS H 1088 11.95 -12.27 53.74
C HIS H 1088 12.64 -11.07 54.39
N ILE H 1089 13.47 -10.35 53.64
CA ILE H 1089 14.22 -9.22 54.15
C ILE H 1089 13.69 -7.90 53.60
N GLY H 1090 13.45 -7.81 52.30
CA GLY H 1090 13.00 -6.58 51.70
C GLY H 1090 14.10 -5.58 51.46
N ASN H 1091 15.33 -6.04 51.25
CA ASN H 1091 16.47 -5.15 51.01
C ASN H 1091 16.36 -4.62 49.58
N LEU H 1092 15.85 -3.38 49.47
CA LEU H 1092 15.67 -2.77 48.16
C LEU H 1092 17.00 -2.48 47.49
N ASP H 1093 18.07 -2.28 48.27
CA ASP H 1093 19.37 -1.98 47.69
C ASP H 1093 19.88 -3.14 46.83
N ARG H 1094 19.56 -4.38 47.22
CA ARG H 1094 19.94 -5.53 46.42
C ARG H 1094 18.92 -5.85 45.33
N ALA H 1095 17.64 -5.67 45.62
CA ALA H 1095 16.60 -5.94 44.63
C ALA H 1095 16.70 -5.01 43.44
N TYR H 1096 17.03 -3.74 43.67
CA TYR H 1096 17.17 -2.80 42.56
C TYR H 1096 18.33 -3.20 41.65
N GLU H 1097 19.45 -3.61 42.24
CA GLU H 1097 20.59 -4.05 41.43
C GLU H 1097 20.26 -5.33 40.68
N PHE H 1098 19.55 -6.26 41.32
CA PHE H 1098 19.18 -7.50 40.65
C PHE H 1098 18.22 -7.23 39.50
N ALA H 1099 17.34 -6.25 39.66
CA ALA H 1099 16.43 -5.87 38.57
C ALA H 1099 17.19 -5.17 37.44
N GLU H 1100 18.19 -4.35 37.79
CA GLU H 1100 19.00 -3.71 36.76
C GLU H 1100 19.81 -4.73 35.97
N ARG H 1101 20.27 -5.80 36.65
CA ARG H 1101 21.02 -6.84 35.95
C ARG H 1101 20.16 -7.52 34.90
N CYS H 1102 19.01 -8.06 35.31
CA CYS H 1102 18.12 -8.75 34.38
C CYS H 1102 17.20 -7.75 33.69
N ASN H 1103 16.20 -8.27 32.98
CA ASN H 1103 15.23 -7.43 32.30
C ASN H 1103 13.93 -8.23 32.16
N GLU H 1104 12.95 -7.93 33.02
CA GLU H 1104 11.67 -8.61 33.01
C GLU H 1104 10.63 -7.71 33.66
N PRO H 1105 9.47 -7.51 33.02
CA PRO H 1105 8.46 -6.64 33.63
C PRO H 1105 7.91 -7.17 34.95
N ALA H 1106 7.98 -8.48 35.18
CA ALA H 1106 7.48 -9.04 36.43
C ALA H 1106 8.31 -8.56 37.62
N VAL H 1107 9.62 -8.46 37.44
CA VAL H 1107 10.48 -7.97 38.53
C VAL H 1107 10.16 -6.52 38.86
N TRP H 1108 9.96 -5.69 37.83
CA TRP H 1108 9.61 -4.30 38.07
C TRP H 1108 8.23 -4.17 38.71
N SER H 1109 7.30 -5.07 38.34
CA SER H 1109 5.98 -5.06 38.98
C SER H 1109 6.09 -5.44 40.45
N GLN H 1110 6.92 -6.43 40.77
CA GLN H 1110 7.13 -6.79 42.17
C GLN H 1110 7.77 -5.64 42.94
N LEU H 1111 8.72 -4.94 42.31
CA LEU H 1111 9.34 -3.78 42.95
C LEU H 1111 8.31 -2.68 43.19
N ALA H 1112 7.41 -2.46 42.23
CA ALA H 1112 6.36 -1.47 42.40
C ALA H 1112 5.42 -1.86 43.54
N LYS H 1113 5.07 -3.14 43.63
CA LYS H 1113 4.25 -3.60 44.75
C LYS H 1113 4.95 -3.39 46.08
N ALA H 1114 6.26 -3.66 46.13
CA ALA H 1114 7.01 -3.45 47.36
C ALA H 1114 7.05 -1.98 47.74
N GLN H 1115 7.24 -1.09 46.76
CA GLN H 1115 7.26 0.34 47.04
C GLN H 1115 5.90 0.83 47.50
N LEU H 1116 4.81 0.29 46.93
CA LEU H 1116 3.48 0.64 47.39
C LEU H 1116 3.24 0.15 48.81
N GLN H 1117 3.74 -1.04 49.14
CA GLN H 1117 3.65 -1.52 50.52
C GLN H 1117 4.47 -0.66 51.46
N LYS H 1118 5.57 -0.08 50.98
CA LYS H 1118 6.42 0.81 51.77
C LYS H 1118 5.99 2.27 51.67
N GLY H 1119 5.00 2.58 50.85
CA GLY H 1119 4.51 3.94 50.75
C GLY H 1119 5.34 4.86 49.89
N MET H 1120 6.13 4.31 48.97
CA MET H 1120 6.97 5.13 48.08
C MET H 1120 6.25 5.33 46.74
N VAL H 1121 5.38 6.34 46.72
CA VAL H 1121 4.62 6.64 45.51
C VAL H 1121 5.53 7.23 44.43
N LYS H 1122 6.50 8.04 44.84
CA LYS H 1122 7.39 8.67 43.87
C LYS H 1122 8.28 7.66 43.17
N GLU H 1123 8.72 6.62 43.89
CA GLU H 1123 9.56 5.58 43.30
C GLU H 1123 8.76 4.50 42.59
N ALA H 1124 7.44 4.47 42.78
CA ALA H 1124 6.61 3.46 42.14
C ALA H 1124 6.37 3.72 40.66
N ILE H 1125 6.54 4.96 40.20
CA ILE H 1125 6.32 5.27 38.79
C ILE H 1125 7.48 4.77 37.95
N ASP H 1126 8.71 4.88 38.46
CA ASP H 1126 9.87 4.37 37.74
C ASP H 1126 9.82 2.86 37.60
N SER H 1127 9.15 2.18 38.54
CA SER H 1127 8.98 0.73 38.45
C SER H 1127 7.94 0.31 37.42
N TYR H 1128 7.11 1.25 36.95
CA TYR H 1128 6.17 0.97 35.87
C TYR H 1128 6.60 1.53 34.52
N ILE H 1129 7.47 2.54 34.49
CA ILE H 1129 7.95 3.07 33.22
C ILE H 1129 8.78 2.02 32.48
N LYS H 1130 9.70 1.37 33.20
CA LYS H 1130 10.52 0.33 32.60
C LYS H 1130 9.77 -0.97 32.38
N ALA H 1131 8.56 -1.12 32.93
CA ALA H 1131 7.78 -2.34 32.79
C ALA H 1131 6.61 -2.20 31.83
N ASP H 1132 6.06 -1.00 31.69
CA ASP H 1132 4.91 -0.74 30.82
C ASP H 1132 3.72 -1.64 31.16
N ASP H 1133 3.48 -1.83 32.46
CA ASP H 1133 2.38 -2.67 32.92
C ASP H 1133 1.21 -1.80 33.37
N PRO H 1134 0.12 -1.75 32.58
CA PRO H 1134 -1.02 -0.91 32.97
C PRO H 1134 -1.88 -1.49 34.08
N SER H 1135 -1.64 -2.74 34.49
CA SER H 1135 -2.44 -3.35 35.53
C SER H 1135 -2.14 -2.72 36.90
N SER H 1136 -3.02 -3.00 37.85
CA SER H 1136 -2.91 -2.50 39.22
C SER H 1136 -2.89 -0.98 39.29
N TYR H 1137 -3.53 -0.31 38.33
CA TYR H 1137 -3.55 1.15 38.35
C TYR H 1137 -4.46 1.68 39.45
N MET H 1138 -5.47 0.90 39.85
CA MET H 1138 -6.37 1.34 40.91
C MET H 1138 -5.62 1.55 42.23
N GLU H 1139 -4.74 0.61 42.59
CA GLU H 1139 -3.95 0.76 43.80
C GLU H 1139 -3.00 1.95 43.72
N VAL H 1140 -2.41 2.18 42.54
CA VAL H 1140 -1.51 3.33 42.38
C VAL H 1140 -2.28 4.63 42.56
N VAL H 1141 -3.48 4.71 42.00
CA VAL H 1141 -4.29 5.92 42.15
C VAL H 1141 -4.71 6.10 43.61
N GLN H 1142 -5.06 5.00 44.28
CA GLN H 1142 -5.46 5.08 45.68
C GLN H 1142 -4.29 5.54 46.57
N ALA H 1143 -3.08 5.08 46.26
CA ALA H 1143 -1.91 5.48 47.02
C ALA H 1143 -1.42 6.87 46.64
N ALA H 1144 -1.80 7.38 45.47
CA ALA H 1144 -1.38 8.72 45.07
C ALA H 1144 -2.05 9.79 45.92
N ASN H 1145 -3.25 9.51 46.43
CA ASN H 1145 -3.95 10.47 47.27
C ASN H 1145 -3.27 10.63 48.63
N THR H 1146 -2.54 9.61 49.07
CA THR H 1146 -1.89 9.67 50.37
C THR H 1146 -0.67 10.59 50.37
N SER H 1147 -0.08 10.86 49.21
CA SER H 1147 1.08 11.73 49.11
C SER H 1147 1.07 12.39 47.74
N GLY H 1148 1.00 13.72 47.72
CA GLY H 1148 0.93 14.45 46.47
C GLY H 1148 2.14 14.27 45.60
N ASN H 1149 2.00 13.52 44.51
CA ASN H 1149 3.07 13.27 43.56
C ASN H 1149 2.53 13.35 42.13
N TRP H 1150 1.73 14.39 41.86
CA TRP H 1150 1.09 14.51 40.56
C TRP H 1150 2.02 15.12 39.53
N GLU H 1151 3.20 14.52 39.35
CA GLU H 1151 4.14 14.97 38.34
C GLU H 1151 4.62 13.79 37.51
N GLU H 1152 4.62 12.60 38.11
CA GLU H 1152 5.02 11.38 37.41
C GLU H 1152 3.84 10.47 37.11
N LEU H 1153 2.76 10.56 37.88
CA LEU H 1153 1.57 9.76 37.60
C LEU H 1153 0.95 10.16 36.27
N VAL H 1154 1.15 11.41 35.85
CA VAL H 1154 0.63 11.87 34.57
C VAL H 1154 1.24 11.06 33.43
N LYS H 1155 2.56 10.88 33.46
CA LYS H 1155 3.23 10.09 32.42
C LYS H 1155 2.82 8.63 32.50
N TYR H 1156 2.66 8.10 33.71
CA TYR H 1156 2.22 6.72 33.87
C TYR H 1156 0.85 6.50 33.22
N LEU H 1157 -0.09 7.41 33.48
CA LEU H 1157 -1.41 7.28 32.88
C LEU H 1157 -1.38 7.52 31.38
N GLN H 1158 -0.53 8.44 30.91
CA GLN H 1158 -0.41 8.67 29.47
C GLN H 1158 0.13 7.44 28.76
N MET H 1159 1.06 6.72 29.40
CA MET H 1159 1.58 5.48 28.83
C MET H 1159 0.58 4.33 28.93
N ALA H 1160 -0.20 4.27 30.02
CA ALA H 1160 -1.22 3.24 30.14
C ALA H 1160 -2.38 3.46 29.18
N ARG H 1161 -2.61 4.70 28.76
CA ARG H 1161 -3.66 4.98 27.78
C ARG H 1161 -3.42 4.22 26.48
N LYS H 1162 -2.16 4.10 26.07
CA LYS H 1162 -1.79 3.38 24.86
C LYS H 1162 -1.74 1.88 25.05
N LYS H 1163 -2.16 1.38 26.21
CA LYS H 1163 -2.17 -0.05 26.49
C LYS H 1163 -3.55 -0.57 26.84
N ALA H 1164 -4.37 0.22 27.53
CA ALA H 1164 -5.73 -0.18 27.91
C ALA H 1164 -6.64 1.03 27.74
N ARG H 1165 -7.41 1.04 26.64
CA ARG H 1165 -8.30 2.16 26.32
C ARG H 1165 -9.54 2.05 27.22
N GLU H 1166 -9.41 2.58 28.42
CA GLU H 1166 -10.47 2.60 29.42
C GLU H 1166 -10.96 4.03 29.63
N SER H 1167 -11.79 4.21 30.65
CA SER H 1167 -12.32 5.54 31.00
C SER H 1167 -11.79 6.07 32.33
N TYR H 1168 -11.51 5.21 33.29
CA TYR H 1168 -11.02 5.66 34.58
C TYR H 1168 -9.61 6.23 34.47
N VAL H 1169 -8.80 5.68 33.56
CA VAL H 1169 -7.43 6.15 33.39
C VAL H 1169 -7.41 7.60 32.93
N GLU H 1170 -8.19 7.91 31.88
CA GLU H 1170 -8.24 9.29 31.39
C GLU H 1170 -8.91 10.21 32.41
N THR H 1171 -9.86 9.70 33.18
CA THR H 1171 -10.47 10.50 34.24
C THR H 1171 -9.44 10.92 35.27
N GLU H 1172 -8.65 9.96 35.78
CA GLU H 1172 -7.61 10.31 36.72
C GLU H 1172 -6.53 11.18 36.08
N LEU H 1173 -6.27 11.00 34.79
CA LEU H 1173 -5.29 11.82 34.10
C LEU H 1173 -5.72 13.29 34.06
N ILE H 1174 -6.96 13.54 33.65
CA ILE H 1174 -7.44 14.91 33.59
C ILE H 1174 -7.60 15.48 35.00
N PHE H 1175 -7.90 14.64 35.99
CA PHE H 1175 -7.95 15.11 37.37
C PHE H 1175 -6.57 15.58 37.83
N ALA H 1176 -5.53 14.79 37.55
CA ALA H 1176 -4.17 15.17 37.93
C ALA H 1176 -3.72 16.42 37.16
N LEU H 1177 -4.16 16.55 35.91
CA LEU H 1177 -3.81 17.73 35.13
C LEU H 1177 -4.47 18.98 35.70
N ALA H 1178 -5.74 18.88 36.10
CA ALA H 1178 -6.42 20.02 36.71
C ALA H 1178 -5.87 20.32 38.10
N LYS H 1179 -5.33 19.31 38.78
CA LYS H 1179 -4.78 19.54 40.12
C LYS H 1179 -3.53 20.41 40.05
N THR H 1180 -2.63 20.14 39.11
CA THR H 1180 -1.40 20.90 38.96
C THR H 1180 -1.56 22.10 38.02
N ASN H 1181 -2.77 22.37 37.55
CA ASN H 1181 -3.07 23.50 36.68
C ASN H 1181 -2.23 23.46 35.41
N ARG H 1182 -2.22 22.29 34.78
CA ARG H 1182 -1.54 22.11 33.50
C ARG H 1182 -2.55 22.25 32.34
N LEU H 1183 -3.07 23.48 32.21
CA LEU H 1183 -4.11 23.74 31.22
C LEU H 1183 -3.57 23.69 29.80
N ALA H 1184 -2.27 24.00 29.62
CA ALA H 1184 -1.71 24.06 28.28
C ALA H 1184 -1.87 22.75 27.52
N GLU H 1185 -1.86 21.63 28.22
CA GLU H 1185 -2.13 20.33 27.61
C GLU H 1185 -3.50 19.77 27.96
N LEU H 1186 -4.12 20.22 29.04
CA LEU H 1186 -5.47 19.77 29.38
C LEU H 1186 -6.49 20.28 28.37
N GLU H 1187 -6.27 21.49 27.85
CA GLU H 1187 -7.19 22.03 26.84
C GLU H 1187 -7.11 21.28 25.52
N GLU H 1188 -5.99 20.61 25.25
CA GLU H 1188 -5.83 19.84 24.02
C GLU H 1188 -6.20 18.38 24.20
N PHE H 1189 -6.00 17.83 25.39
CA PHE H 1189 -6.31 16.43 25.63
C PHE H 1189 -7.82 16.18 25.61
N ILE H 1190 -8.59 17.13 26.14
CA ILE H 1190 -10.04 16.93 26.19
C ILE H 1190 -10.67 17.07 24.81
N ASN H 1191 -10.01 17.78 23.89
CA ASN H 1191 -10.55 17.95 22.55
C ASN H 1191 -10.48 16.68 21.71
N GLY H 1192 -9.65 15.72 22.10
CA GLY H 1192 -9.53 14.48 21.37
C GLY H 1192 -10.41 13.39 21.94
N PRO H 1193 -10.19 12.15 21.50
CA PRO H 1193 -10.99 11.03 22.01
C PRO H 1193 -10.62 10.65 23.43
N ASN H 1194 -11.06 11.45 24.41
CA ASN H 1194 -10.74 11.17 25.80
C ASN H 1194 -11.49 9.94 26.30
N ASN H 1195 -12.79 9.86 26.02
CA ASN H 1195 -13.63 8.73 26.40
C ASN H 1195 -13.63 8.50 27.91
N ALA H 1196 -13.47 9.57 28.68
CA ALA H 1196 -13.44 9.47 30.13
C ALA H 1196 -14.85 9.67 30.70
N HIS H 1197 -14.95 9.82 32.01
CA HIS H 1197 -16.22 10.05 32.70
C HIS H 1197 -16.29 11.53 33.05
N ILE H 1198 -16.87 12.32 32.15
CA ILE H 1198 -17.02 13.75 32.41
C ILE H 1198 -18.09 13.98 33.46
N GLN H 1199 -18.11 15.20 34.00
CA GLN H 1199 -19.00 15.69 35.06
C GLN H 1199 -18.64 15.09 36.41
N GLN H 1200 -17.65 14.18 36.48
CA GLN H 1200 -17.16 13.65 37.74
C GLN H 1200 -16.00 14.45 38.30
N VAL H 1201 -15.10 14.94 37.43
CA VAL H 1201 -14.02 15.81 37.86
C VAL H 1201 -14.50 17.25 38.00
N GLY H 1202 -15.55 17.64 37.27
CA GLY H 1202 -16.09 18.98 37.40
C GLY H 1202 -16.62 19.27 38.80
N ASP H 1203 -17.08 18.24 39.50
CA ASP H 1203 -17.48 18.41 40.88
C ASP H 1203 -16.28 18.72 41.76
N ARG H 1204 -15.19 17.95 41.61
CA ARG H 1204 -13.97 18.20 42.37
C ARG H 1204 -13.32 19.52 41.97
N CYS H 1205 -13.70 20.09 40.82
CA CYS H 1205 -13.17 21.39 40.43
C CYS H 1205 -13.55 22.46 41.44
N TYR H 1206 -14.84 22.55 41.77
CA TYR H 1206 -15.28 23.52 42.77
C TYR H 1206 -15.22 22.97 44.20
N ASP H 1207 -15.15 21.65 44.37
CA ASP H 1207 -14.95 21.09 45.70
C ASP H 1207 -13.54 21.40 46.20
N GLU H 1208 -12.54 21.19 45.36
CA GLU H 1208 -11.16 21.50 45.70
C GLU H 1208 -10.77 22.92 45.32
N LYS H 1209 -11.71 23.72 44.80
CA LYS H 1209 -11.46 25.10 44.39
C LYS H 1209 -10.36 25.18 43.33
N MET H 1210 -10.61 24.50 42.21
CA MET H 1210 -9.71 24.48 41.07
C MET H 1210 -10.43 25.10 39.88
N TYR H 1211 -10.31 26.41 39.76
CA TYR H 1211 -10.97 27.13 38.68
C TYR H 1211 -10.16 27.03 37.39
N ASP H 1212 -10.69 27.65 36.33
CA ASP H 1212 -10.10 27.69 34.99
C ASP H 1212 -9.97 26.32 34.36
N ALA H 1213 -10.59 25.29 34.94
CA ALA H 1213 -10.55 23.93 34.42
C ALA H 1213 -11.93 23.40 34.06
N ALA H 1214 -12.92 23.62 34.93
CA ALA H 1214 -14.27 23.16 34.64
C ALA H 1214 -14.95 23.99 33.56
N LYS H 1215 -14.39 25.16 33.22
CA LYS H 1215 -14.99 26.00 32.19
C LYS H 1215 -15.04 25.29 30.84
N LEU H 1216 -13.89 24.81 30.37
CA LEU H 1216 -13.82 24.09 29.11
C LEU H 1216 -14.63 22.80 29.13
N LEU H 1217 -14.66 22.11 30.27
CA LEU H 1217 -15.46 20.90 30.38
C LEU H 1217 -16.94 21.20 30.20
N TYR H 1218 -17.46 22.17 30.97
CA TYR H 1218 -18.87 22.55 30.84
C TYR H 1218 -19.18 23.15 29.48
N ASN H 1219 -18.19 23.73 28.80
CA ASN H 1219 -18.42 24.23 27.45
C ASN H 1219 -18.55 23.07 26.46
N ASN H 1220 -17.65 22.09 26.55
CA ASN H 1220 -17.69 20.96 25.63
C ASN H 1220 -18.82 19.99 25.92
N VAL H 1221 -19.39 20.01 27.13
CA VAL H 1221 -20.49 19.11 27.48
C VAL H 1221 -21.83 19.83 27.49
N SER H 1222 -21.84 21.16 27.51
CA SER H 1222 -23.07 21.97 27.57
C SER H 1222 -23.88 21.62 28.82
N ASN H 1223 -23.27 21.94 29.96
CA ASN H 1223 -23.85 21.64 31.26
C ASN H 1223 -24.16 22.92 32.00
N PHE H 1224 -24.74 23.90 31.30
CA PHE H 1224 -25.10 25.19 31.87
C PHE H 1224 -25.93 25.03 33.12
N GLY H 1225 -25.47 25.60 34.22
CA GLY H 1225 -26.10 25.43 35.52
C GLY H 1225 -25.06 25.22 36.61
N ARG H 1226 -23.94 24.58 36.23
CA ARG H 1226 -22.81 24.40 37.13
C ARG H 1226 -21.67 25.36 36.85
N LEU H 1227 -21.58 25.87 35.62
CA LEU H 1227 -20.54 26.85 35.30
C LEU H 1227 -20.76 28.16 36.04
N ALA H 1228 -22.01 28.48 36.36
CA ALA H 1228 -22.30 29.71 37.10
C ALA H 1228 -21.67 29.69 38.48
N SER H 1229 -21.54 28.52 39.09
CA SER H 1229 -20.91 28.43 40.41
C SER H 1229 -19.46 28.88 40.36
N THR H 1230 -18.78 28.66 39.23
CA THR H 1230 -17.42 29.14 39.08
C THR H 1230 -17.38 30.58 38.58
N LEU H 1231 -18.34 30.98 37.73
CA LEU H 1231 -18.38 32.34 37.23
C LEU H 1231 -18.71 33.35 38.32
N VAL H 1232 -19.41 32.93 39.38
CA VAL H 1232 -19.68 33.83 40.50
C VAL H 1232 -18.37 34.24 41.17
N HIS H 1233 -17.51 33.26 41.45
CA HIS H 1233 -16.22 33.55 42.08
C HIS H 1233 -15.21 34.11 41.10
N LEU H 1234 -15.41 33.91 39.79
CA LEU H 1234 -14.48 34.43 38.80
C LEU H 1234 -14.54 35.94 38.72
N GLY H 1235 -15.75 36.50 38.59
CA GLY H 1235 -15.96 37.93 38.50
C GLY H 1235 -16.66 38.38 37.24
N GLU H 1236 -16.66 37.58 36.19
CA GLU H 1236 -17.33 37.95 34.95
C GLU H 1236 -18.84 37.81 35.10
N TYR H 1237 -19.57 38.78 34.58
CA TYR H 1237 -21.03 38.79 34.65
C TYR H 1237 -21.72 38.66 33.30
N GLN H 1238 -21.05 39.02 32.20
CA GLN H 1238 -21.64 38.83 30.89
C GLN H 1238 -21.79 37.34 30.57
N ALA H 1239 -20.71 36.57 30.79
CA ALA H 1239 -20.78 35.13 30.61
C ALA H 1239 -21.77 34.48 31.57
N ALA H 1240 -21.95 35.05 32.77
CA ALA H 1240 -22.91 34.50 33.72
C ALA H 1240 -24.33 34.54 33.16
N VAL H 1241 -24.76 35.71 32.66
CA VAL H 1241 -26.11 35.80 32.10
C VAL H 1241 -26.19 35.07 30.77
N ASP H 1242 -25.10 35.02 30.01
CA ASP H 1242 -25.11 34.28 28.75
C ASP H 1242 -25.28 32.79 28.98
N GLY H 1243 -24.79 32.28 30.12
CA GLY H 1243 -25.03 30.88 30.45
C GLY H 1243 -26.36 30.67 31.12
N ALA H 1244 -26.84 31.67 31.88
CA ALA H 1244 -28.13 31.53 32.55
C ALA H 1244 -29.28 31.54 31.55
N ARG H 1245 -29.16 32.32 30.48
CA ARG H 1245 -30.21 32.35 29.46
C ARG H 1245 -30.31 31.02 28.73
N LYS H 1246 -29.23 30.25 28.71
CA LYS H 1246 -29.26 28.92 28.11
C LYS H 1246 -29.64 27.83 29.11
N ALA H 1247 -29.35 28.03 30.39
CA ALA H 1247 -29.71 27.05 31.41
C ALA H 1247 -31.18 27.17 31.79
N ASN H 1248 -31.65 28.41 31.99
CA ASN H 1248 -33.04 28.67 32.35
C ASN H 1248 -33.43 27.97 33.65
N SER H 1249 -32.52 27.97 34.61
CA SER H 1249 -32.75 27.36 35.92
C SER H 1249 -32.89 28.43 36.99
N THR H 1250 -33.88 28.24 37.86
CA THR H 1250 -34.14 29.21 38.92
C THR H 1250 -32.92 29.39 39.82
N ARG H 1251 -32.25 28.29 40.17
CA ARG H 1251 -31.05 28.37 40.99
C ARG H 1251 -29.94 29.14 40.28
N THR H 1252 -29.76 28.88 38.98
CA THR H 1252 -28.73 29.59 38.22
C THR H 1252 -29.03 31.08 38.15
N TRP H 1253 -30.28 31.43 37.85
CA TRP H 1253 -30.66 32.84 37.78
C TRP H 1253 -30.47 33.55 39.11
N LYS H 1254 -30.88 32.91 40.21
CA LYS H 1254 -30.75 33.55 41.51
C LYS H 1254 -29.30 33.66 41.94
N GLU H 1255 -28.46 32.69 41.56
CA GLU H 1255 -27.03 32.79 41.87
C GLU H 1255 -26.38 33.92 41.07
N VAL H 1256 -26.76 34.06 39.79
CA VAL H 1256 -26.24 35.17 39.00
C VAL H 1256 -26.70 36.50 39.59
N CYS H 1257 -27.94 36.56 40.07
CA CYS H 1257 -28.44 37.79 40.69
C CYS H 1257 -27.67 38.12 41.97
N PHE H 1258 -27.42 37.11 42.80
CA PHE H 1258 -26.65 37.33 44.02
C PHE H 1258 -25.23 37.78 43.70
N ALA H 1259 -24.62 37.21 42.66
CA ALA H 1259 -23.28 37.62 42.27
C ALA H 1259 -23.27 39.06 41.76
N CYS H 1260 -24.28 39.44 40.99
CA CYS H 1260 -24.36 40.82 40.50
C CYS H 1260 -24.59 41.79 41.65
N VAL H 1261 -25.35 41.38 42.66
CA VAL H 1261 -25.57 42.23 43.82
C VAL H 1261 -24.28 42.38 44.62
N ASP H 1262 -23.51 41.30 44.76
CA ASP H 1262 -22.25 41.37 45.49
C ASP H 1262 -21.26 42.29 44.79
N GLY H 1263 -21.20 42.23 43.45
CA GLY H 1263 -20.31 43.07 42.68
C GLY H 1263 -20.84 44.44 42.35
N LYS H 1264 -21.95 44.86 42.96
CA LYS H 1264 -22.56 46.17 42.74
C LYS H 1264 -22.96 46.35 41.27
N GLU H 1265 -23.29 45.26 40.59
CA GLU H 1265 -23.75 45.30 39.22
C GLU H 1265 -25.28 45.30 39.19
N PHE H 1266 -25.86 46.18 38.37
CA PHE H 1266 -27.32 46.29 38.30
C PHE H 1266 -27.88 46.32 36.89
N ARG H 1267 -27.06 46.52 35.86
CA ARG H 1267 -27.59 46.52 34.49
C ARG H 1267 -28.07 45.12 34.10
N LEU H 1268 -27.26 44.10 34.38
CA LEU H 1268 -27.65 42.72 34.11
C LEU H 1268 -28.42 42.09 35.26
N ALA H 1269 -28.32 42.67 36.47
CA ALA H 1269 -29.04 42.11 37.62
C ALA H 1269 -30.55 42.20 37.40
N GLN H 1270 -31.03 43.32 36.87
CA GLN H 1270 -32.45 43.46 36.59
C GLN H 1270 -32.91 42.46 35.55
N MET H 1271 -32.12 42.29 34.49
CA MET H 1271 -32.48 41.36 33.42
C MET H 1271 -32.52 39.93 33.93
N CYS H 1272 -31.58 39.58 34.81
CA CYS H 1272 -31.55 38.20 35.31
C CYS H 1272 -32.60 37.97 36.38
N GLY H 1273 -33.00 39.02 37.11
CA GLY H 1273 -34.04 38.87 38.11
C GLY H 1273 -35.45 38.99 37.56
N LEU H 1274 -35.58 39.47 36.31
CA LEU H 1274 -36.89 39.48 35.68
C LEU H 1274 -37.47 38.07 35.53
N HIS H 1275 -36.61 37.07 35.40
CA HIS H 1275 -37.02 35.68 35.29
C HIS H 1275 -37.18 35.01 36.64
N ILE H 1276 -37.08 35.75 37.74
CA ILE H 1276 -37.18 35.20 39.09
C ILE H 1276 -38.35 35.85 39.81
N VAL H 1277 -38.48 37.17 39.65
CA VAL H 1277 -39.56 37.90 40.33
C VAL H 1277 -40.93 37.42 39.83
N VAL H 1278 -40.98 36.75 38.70
CA VAL H 1278 -42.24 36.21 38.18
C VAL H 1278 -42.76 35.10 39.09
N HIS H 1279 -41.89 34.48 39.87
CA HIS H 1279 -42.29 33.45 40.82
C HIS H 1279 -42.74 34.09 42.14
N ALA H 1280 -43.67 33.40 42.81
CA ALA H 1280 -44.21 33.93 44.06
C ALA H 1280 -43.30 33.64 45.25
N ASP H 1281 -42.70 32.44 45.28
CA ASP H 1281 -41.86 32.06 46.40
C ASP H 1281 -40.54 32.84 46.40
N GLU H 1282 -39.87 32.89 45.25
CA GLU H 1282 -38.59 33.56 45.15
C GLU H 1282 -38.70 35.08 45.25
N LEU H 1283 -39.90 35.64 45.07
CA LEU H 1283 -40.07 37.08 45.20
C LEU H 1283 -39.76 37.55 46.61
N GLU H 1284 -40.35 36.88 47.62
CA GLU H 1284 -40.07 37.23 49.00
C GLU H 1284 -38.62 36.96 49.36
N GLU H 1285 -38.01 35.94 48.77
CA GLU H 1285 -36.60 35.67 49.00
C GLU H 1285 -35.74 36.83 48.50
N LEU H 1286 -36.00 37.30 47.28
CA LEU H 1286 -35.27 38.44 46.75
C LEU H 1286 -35.51 39.69 47.58
N ILE H 1287 -36.74 39.88 48.05
CA ILE H 1287 -37.05 41.05 48.88
C ILE H 1287 -36.25 41.01 50.17
N ASN H 1288 -36.22 39.85 50.84
CA ASN H 1288 -35.47 39.73 52.08
C ASN H 1288 -33.97 39.84 51.84
N TYR H 1289 -33.48 39.41 50.67
CA TYR H 1289 -32.07 39.54 50.37
C TYR H 1289 -31.69 40.98 50.06
N TYR H 1290 -32.59 41.75 49.46
CA TYR H 1290 -32.32 43.14 49.12
C TYR H 1290 -32.52 44.09 50.29
N GLN H 1291 -33.39 43.74 51.24
CA GLN H 1291 -33.59 44.59 52.40
C GLN H 1291 -32.33 44.61 53.27
N ASP H 1292 -31.59 43.51 53.31
CA ASP H 1292 -30.36 43.45 54.09
C ASP H 1292 -29.21 44.18 53.41
N ARG H 1293 -29.33 44.49 52.12
CA ARG H 1293 -28.28 45.18 51.40
C ARG H 1293 -28.45 46.69 51.38
N GLY H 1294 -29.69 47.18 51.46
CA GLY H 1294 -29.96 48.60 51.46
C GLY H 1294 -30.16 49.23 50.11
N TYR H 1295 -30.08 48.46 49.02
CA TYR H 1295 -30.26 48.99 47.67
C TYR H 1295 -31.75 49.03 47.34
N PHE H 1296 -32.42 50.02 47.93
CA PHE H 1296 -33.85 50.19 47.70
C PHE H 1296 -34.14 50.89 46.37
N GLU H 1297 -33.34 51.89 46.00
CA GLU H 1297 -33.53 52.55 44.72
C GLU H 1297 -33.30 51.58 43.56
N GLU H 1298 -32.27 50.75 43.66
CA GLU H 1298 -32.03 49.75 42.62
C GLU H 1298 -33.16 48.73 42.56
N LEU H 1299 -33.72 48.34 43.71
CA LEU H 1299 -34.85 47.42 43.71
C LEU H 1299 -36.07 48.05 43.05
N ILE H 1300 -36.29 49.35 43.31
CA ILE H 1300 -37.42 50.03 42.68
C ILE H 1300 -37.23 50.11 41.17
N THR H 1301 -36.02 50.46 40.73
CA THR H 1301 -35.75 50.51 39.29
C THR H 1301 -35.85 49.15 38.64
N MET H 1302 -35.54 48.08 39.40
CA MET H 1302 -35.69 46.73 38.85
C MET H 1302 -37.15 46.33 38.74
N LEU H 1303 -37.95 46.65 39.76
CA LEU H 1303 -39.36 46.29 39.75
C LEU H 1303 -40.20 47.19 38.85
N GLU H 1304 -39.66 48.34 38.41
CA GLU H 1304 -40.40 49.19 37.48
C GLU H 1304 -40.65 48.48 36.15
N ALA H 1305 -39.84 47.48 35.82
CA ALA H 1305 -40.01 46.72 34.59
C ALA H 1305 -41.09 45.64 34.70
N ALA H 1306 -41.95 45.70 35.73
CA ALA H 1306 -42.98 44.69 35.89
C ALA H 1306 -44.03 44.77 34.79
N LEU H 1307 -44.19 45.95 34.18
CA LEU H 1307 -45.18 46.09 33.11
C LEU H 1307 -44.76 45.31 31.86
N GLY H 1308 -43.46 45.28 31.57
CA GLY H 1308 -42.97 44.57 30.41
C GLY H 1308 -42.72 43.11 30.67
N LEU H 1309 -43.76 42.38 31.07
CA LEU H 1309 -43.67 40.96 31.36
C LEU H 1309 -44.86 40.23 30.75
N GLU H 1310 -44.82 38.91 30.78
CA GLU H 1310 -45.88 38.07 30.24
C GLU H 1310 -46.44 37.07 31.24
N ARG H 1311 -45.89 36.99 32.45
CA ARG H 1311 -46.40 36.06 33.45
C ARG H 1311 -46.44 36.67 34.84
N ALA H 1312 -46.68 37.98 34.94
CA ALA H 1312 -46.76 38.63 36.24
C ALA H 1312 -47.99 38.16 37.00
N HIS H 1313 -47.88 38.16 38.32
CA HIS H 1313 -48.96 37.72 39.21
C HIS H 1313 -49.36 38.85 40.15
N MET H 1314 -50.29 38.54 41.05
CA MET H 1314 -50.80 39.57 41.96
C MET H 1314 -49.78 39.91 43.04
N GLY H 1315 -49.01 38.92 43.48
CA GLY H 1315 -48.03 39.16 44.53
C GLY H 1315 -46.97 40.17 44.14
N MET H 1316 -46.59 40.19 42.86
CA MET H 1316 -45.59 41.15 42.39
C MET H 1316 -46.07 42.58 42.59
N PHE H 1317 -47.25 42.90 42.06
CA PHE H 1317 -47.79 44.24 42.23
C PHE H 1317 -48.13 44.55 43.68
N THR H 1318 -48.50 43.53 44.46
CA THR H 1318 -48.76 43.74 45.87
C THR H 1318 -47.49 44.17 46.60
N GLU H 1319 -46.39 43.46 46.38
CA GLU H 1319 -45.12 43.84 46.99
C GLU H 1319 -44.63 45.18 46.47
N LEU H 1320 -44.91 45.50 45.20
CA LEU H 1320 -44.54 46.81 44.67
C LEU H 1320 -45.30 47.92 45.38
N ALA H 1321 -46.60 47.72 45.60
CA ALA H 1321 -47.38 48.71 46.34
C ALA H 1321 -46.92 48.81 47.79
N ILE H 1322 -46.52 47.70 48.40
CA ILE H 1322 -45.99 47.74 49.75
C ILE H 1322 -44.71 48.57 49.80
N LEU H 1323 -43.78 48.32 48.86
CA LEU H 1323 -42.55 49.09 48.82
C LEU H 1323 -42.82 50.57 48.57
N TYR H 1324 -43.82 50.87 47.73
CA TYR H 1324 -44.21 52.27 47.53
C TYR H 1324 -44.75 52.88 48.82
N SER H 1325 -45.54 52.12 49.57
CA SER H 1325 -46.03 52.59 50.86
C SER H 1325 -44.91 52.76 51.88
N LYS H 1326 -43.79 52.07 51.70
CA LYS H 1326 -42.68 52.14 52.64
C LYS H 1326 -41.51 52.97 52.15
N PHE H 1327 -41.30 53.10 50.84
CA PHE H 1327 -40.12 53.79 50.32
C PHE H 1327 -40.42 54.98 49.43
N LYS H 1328 -41.41 54.90 48.54
CA LYS H 1328 -41.73 55.97 47.61
C LYS H 1328 -43.24 56.20 47.58
N PRO H 1329 -43.76 56.99 48.53
CA PRO H 1329 -45.20 57.25 48.55
C PRO H 1329 -45.66 58.22 47.45
N GLN H 1330 -44.75 58.80 46.69
CA GLN H 1330 -45.12 59.75 45.65
C GLN H 1330 -45.72 59.09 44.42
N LYS H 1331 -45.57 57.78 44.26
CA LYS H 1331 -46.10 57.07 43.12
C LYS H 1331 -47.12 56.00 43.51
N MET H 1332 -47.34 55.77 44.81
CA MET H 1332 -48.29 54.76 45.25
C MET H 1332 -49.71 55.13 44.84
N ARG H 1333 -50.02 56.43 44.78
CA ARG H 1333 -51.35 56.86 44.33
C ARG H 1333 -51.61 56.38 42.91
N GLU H 1334 -50.68 56.64 41.99
CA GLU H 1334 -50.85 56.20 40.61
C GLU H 1334 -50.81 54.69 40.51
N HIS H 1335 -49.97 54.04 41.32
CA HIS H 1335 -49.90 52.58 41.30
C HIS H 1335 -51.24 51.96 41.70
N LEU H 1336 -51.89 52.51 42.71
CA LEU H 1336 -53.18 51.99 43.13
C LEU H 1336 -54.27 52.37 42.13
N GLU H 1337 -54.18 53.56 41.53
CA GLU H 1337 -55.14 53.95 40.52
C GLU H 1337 -55.08 53.06 39.29
N LEU H 1338 -53.90 52.53 38.96
CA LEU H 1338 -53.73 51.69 37.78
C LEU H 1338 -53.98 50.22 38.07
N PHE H 1339 -53.37 49.68 39.12
CA PHE H 1339 -53.44 48.26 39.44
C PHE H 1339 -54.24 47.98 40.70
N TRP H 1340 -55.38 48.65 40.89
CA TRP H 1340 -56.19 48.41 42.09
C TRP H 1340 -56.67 46.97 42.17
N SER H 1341 -56.90 46.33 41.03
CA SER H 1341 -57.37 44.94 41.03
C SER H 1341 -56.23 43.94 41.17
N ARG H 1342 -55.02 44.33 40.74
CA ARG H 1342 -53.90 43.39 40.78
C ARG H 1342 -53.32 43.24 42.18
N VAL H 1343 -53.38 44.30 42.99
CA VAL H 1343 -52.83 44.24 44.33
C VAL H 1343 -53.74 43.39 45.22
N ASN H 1344 -53.14 42.77 46.25
CA ASN H 1344 -53.90 41.97 47.20
C ASN H 1344 -54.55 42.87 48.24
N ILE H 1345 -55.59 42.34 48.87
CA ILE H 1345 -56.37 43.11 49.85
C ILE H 1345 -55.61 43.29 51.15
N PRO H 1346 -55.22 42.21 51.88
CA PRO H 1346 -54.69 42.44 53.24
C PRO H 1346 -53.27 43.00 53.26
N LYS H 1347 -52.41 42.54 52.35
CA LYS H 1347 -51.00 42.93 52.40
C LYS H 1347 -50.82 44.40 52.07
N VAL H 1348 -51.72 44.99 51.31
CA VAL H 1348 -51.66 46.41 50.96
C VAL H 1348 -52.36 47.26 52.00
N LEU H 1349 -53.53 46.83 52.48
CA LEU H 1349 -54.25 47.59 53.49
C LEU H 1349 -53.48 47.66 54.80
N ARG H 1350 -52.86 46.55 55.21
CA ARG H 1350 -52.08 46.56 56.45
C ARG H 1350 -50.87 47.47 56.32
N ALA H 1351 -50.19 47.43 55.17
CA ALA H 1351 -49.04 48.31 54.96
C ALA H 1351 -49.46 49.78 54.92
N ALA H 1352 -50.61 50.09 54.33
CA ALA H 1352 -51.07 51.47 54.29
C ALA H 1352 -51.49 51.95 55.68
N GLU H 1353 -52.09 51.07 56.48
CA GLU H 1353 -52.44 51.44 57.85
C GLU H 1353 -51.20 51.66 58.70
N GLN H 1354 -50.17 50.82 58.51
CA GLN H 1354 -48.92 51.03 59.23
C GLN H 1354 -48.21 52.29 58.76
N ALA H 1355 -48.37 52.65 57.49
CA ALA H 1355 -47.77 53.88 56.96
C ALA H 1355 -48.61 55.11 57.22
N HIS H 1356 -49.82 54.95 57.76
CA HIS H 1356 -50.72 56.07 58.08
C HIS H 1356 -51.04 56.89 56.84
N LEU H 1357 -51.31 56.21 55.73
CA LEU H 1357 -51.70 56.85 54.47
C LEU H 1357 -53.22 56.80 54.38
N TRP H 1358 -53.86 57.86 54.85
CA TRP H 1358 -55.32 57.91 54.92
C TRP H 1358 -55.96 58.39 53.62
N ALA H 1359 -55.21 59.07 52.75
CA ALA H 1359 -55.75 59.56 51.50
C ALA H 1359 -55.97 58.45 50.47
N GLU H 1360 -55.46 57.24 50.73
CA GLU H 1360 -55.63 56.12 49.81
C GLU H 1360 -56.37 54.94 50.43
N LEU H 1361 -56.44 54.86 51.76
CA LEU H 1361 -57.21 53.80 52.40
C LEU H 1361 -58.69 53.89 52.03
N VAL H 1362 -59.22 55.10 51.95
CA VAL H 1362 -60.63 55.27 51.57
C VAL H 1362 -60.85 54.79 50.15
N PHE H 1363 -59.95 55.13 49.23
CA PHE H 1363 -60.08 54.68 47.86
C PHE H 1363 -59.98 53.16 47.76
N LEU H 1364 -59.06 52.56 48.53
CA LEU H 1364 -58.93 51.10 48.50
C LEU H 1364 -60.19 50.43 49.06
N TYR H 1365 -60.74 50.97 50.16
CA TYR H 1365 -61.97 50.41 50.71
C TYR H 1365 -63.15 50.58 49.76
N ASP H 1366 -63.19 51.69 49.01
CA ASP H 1366 -64.25 51.86 48.02
C ASP H 1366 -64.09 50.91 46.86
N LYS H 1367 -62.84 50.57 46.51
CA LYS H 1367 -62.61 49.61 45.43
C LYS H 1367 -63.07 48.21 45.85
N TYR H 1368 -62.84 47.83 47.10
CA TYR H 1368 -63.26 46.54 47.62
C TYR H 1368 -64.62 46.60 48.33
N GLU H 1369 -65.32 47.72 48.23
CA GLU H 1369 -66.66 47.89 48.80
C GLU H 1369 -66.65 47.65 50.31
N GLU H 1370 -65.61 48.15 50.96
CA GLU H 1370 -65.52 48.10 52.43
C GLU H 1370 -65.97 49.44 52.99
N TYR H 1371 -67.29 49.65 52.95
CA TYR H 1371 -67.86 50.93 53.34
C TYR H 1371 -67.69 51.19 54.84
N ASP H 1372 -67.76 50.13 55.66
CA ASP H 1372 -67.63 50.30 57.10
C ASP H 1372 -66.23 50.80 57.47
N ASN H 1373 -65.20 50.11 56.99
CA ASN H 1373 -63.83 50.53 57.26
C ASN H 1373 -63.48 51.84 56.59
N ALA H 1374 -64.17 52.18 55.49
CA ALA H 1374 -63.96 53.49 54.86
C ALA H 1374 -64.53 54.61 55.72
N ILE H 1375 -65.74 54.43 56.23
CA ILE H 1375 -66.35 55.45 57.07
C ILE H 1375 -65.59 55.58 58.38
N ILE H 1376 -65.15 54.46 58.95
CA ILE H 1376 -64.37 54.51 60.19
C ILE H 1376 -63.08 55.29 59.97
N THR H 1377 -62.40 55.05 58.85
CA THR H 1377 -61.16 55.76 58.56
C THR H 1377 -61.42 57.24 58.31
N MET H 1378 -62.50 57.57 57.60
CA MET H 1378 -62.81 58.97 57.34
C MET H 1378 -63.17 59.71 58.63
N MET H 1379 -63.83 59.02 59.56
CA MET H 1379 -64.19 59.67 60.82
C MET H 1379 -62.99 59.81 61.74
N ASN H 1380 -62.10 58.82 61.76
CA ASN H 1380 -60.91 58.89 62.61
C ASN H 1380 -59.88 59.89 62.09
N HIS H 1381 -59.87 60.16 60.78
CA HIS H 1381 -58.92 61.10 60.18
C HIS H 1381 -59.62 61.87 59.07
N PRO H 1382 -60.44 62.87 59.43
CA PRO H 1382 -61.17 63.65 58.42
C PRO H 1382 -60.38 64.81 57.82
N THR H 1383 -59.07 64.89 58.06
CA THR H 1383 -58.30 66.02 57.56
C THR H 1383 -58.21 66.00 56.03
N ASP H 1384 -57.89 64.85 55.46
CA ASP H 1384 -57.76 64.74 54.01
C ASP H 1384 -58.58 63.58 53.45
N ALA H 1385 -58.85 62.58 54.29
CA ALA H 1385 -59.59 61.41 53.87
C ALA H 1385 -61.09 61.65 53.77
N TRP H 1386 -61.60 62.77 54.29
CA TRP H 1386 -63.02 63.04 54.31
C TRP H 1386 -63.44 63.76 53.03
N LYS H 1387 -64.65 63.43 52.56
CA LYS H 1387 -65.22 64.09 51.39
C LYS H 1387 -66.75 64.02 51.51
N GLU H 1388 -67.42 65.10 51.09
CA GLU H 1388 -68.87 65.17 51.26
C GLU H 1388 -69.59 64.14 50.41
N GLY H 1389 -69.31 64.12 49.10
CA GLY H 1389 -70.01 63.23 48.19
C GLY H 1389 -69.72 61.76 48.43
N GLN H 1390 -68.45 61.42 48.63
CA GLN H 1390 -68.08 60.04 48.89
C GLN H 1390 -68.77 59.50 50.15
N PHE H 1391 -68.77 60.31 51.21
CA PHE H 1391 -69.42 59.89 52.45
C PHE H 1391 -70.93 59.79 52.26
N LYS H 1392 -71.53 60.76 51.57
CA LYS H 1392 -72.97 60.73 51.34
C LYS H 1392 -73.37 59.51 50.51
N ASP H 1393 -72.47 59.03 49.66
CA ASP H 1393 -72.76 57.84 48.86
C ASP H 1393 -72.52 56.54 49.63
N ILE H 1394 -71.49 56.50 50.47
CA ILE H 1394 -71.15 55.24 51.14
C ILE H 1394 -71.92 55.07 52.44
N ILE H 1395 -72.59 56.13 52.91
CA ILE H 1395 -73.32 56.02 54.18
C ILE H 1395 -74.52 55.10 54.04
N THR H 1396 -75.06 54.95 52.82
CA THR H 1396 -76.23 54.11 52.63
C THR H 1396 -75.88 52.65 52.40
N LYS H 1397 -74.64 52.35 52.02
CA LYS H 1397 -74.23 50.99 51.68
C LYS H 1397 -73.56 50.27 52.83
N VAL H 1398 -73.58 50.83 54.05
CA VAL H 1398 -72.96 50.18 55.18
C VAL H 1398 -73.90 49.13 55.77
N ALA H 1399 -73.34 48.22 56.55
CA ALA H 1399 -74.11 47.18 57.22
C ALA H 1399 -74.44 47.55 58.66
N ASN H 1400 -73.42 47.88 59.45
CA ASN H 1400 -73.60 48.22 60.85
C ASN H 1400 -74.35 49.54 60.96
N VAL H 1401 -75.61 49.48 61.43
CA VAL H 1401 -76.41 50.69 61.57
C VAL H 1401 -75.99 51.53 62.77
N GLU H 1402 -75.18 50.98 63.67
CA GLU H 1402 -74.76 51.74 64.85
C GLU H 1402 -73.77 52.84 64.49
N LEU H 1403 -73.13 52.75 63.31
CA LEU H 1403 -72.19 53.78 62.90
C LEU H 1403 -72.89 55.10 62.56
N TYR H 1404 -74.20 55.07 62.35
CA TYR H 1404 -74.94 56.29 62.03
C TYR H 1404 -74.86 57.29 63.18
N TYR H 1405 -75.01 56.80 64.41
CA TYR H 1405 -74.96 57.69 65.57
C TYR H 1405 -73.57 58.30 65.73
N ARG H 1406 -72.52 57.50 65.54
CA ARG H 1406 -71.16 58.03 65.61
C ARG H 1406 -70.89 59.05 64.51
N ALA H 1407 -71.40 58.79 63.30
CA ALA H 1407 -71.24 59.76 62.22
C ALA H 1407 -71.97 61.06 62.53
N ILE H 1408 -73.17 60.97 63.11
CA ILE H 1408 -73.92 62.17 63.48
C ILE H 1408 -73.16 62.95 64.55
N GLN H 1409 -72.59 62.25 65.53
CA GLN H 1409 -71.81 62.92 66.58
C GLN H 1409 -70.60 63.62 65.99
N PHE H 1410 -69.87 62.93 65.12
CA PHE H 1410 -68.67 63.52 64.52
C PHE H 1410 -69.02 64.71 63.64
N TYR H 1411 -70.14 64.63 62.93
CA TYR H 1411 -70.57 65.78 62.13
C TYR H 1411 -70.96 66.95 63.01
N LEU H 1412 -71.76 66.72 64.06
CA LEU H 1412 -72.08 67.78 64.99
C LEU H 1412 -70.82 68.40 65.59
N GLU H 1413 -69.77 67.60 65.77
CA GLU H 1413 -68.50 68.15 66.23
C GLU H 1413 -67.79 68.95 65.14
N PHE H 1414 -67.99 68.58 63.87
CA PHE H 1414 -67.27 69.21 62.77
C PHE H 1414 -68.19 70.03 61.86
N LYS H 1415 -69.24 69.43 61.30
CA LYS H 1415 -70.11 70.10 60.32
C LYS H 1415 -71.56 69.94 60.75
N PRO H 1416 -72.04 70.79 61.67
CA PRO H 1416 -73.43 70.68 62.12
C PRO H 1416 -74.45 71.00 61.05
N LEU H 1417 -74.07 71.72 60.00
CA LEU H 1417 -75.02 72.11 58.97
C LEU H 1417 -75.46 70.90 58.15
N LEU H 1418 -74.57 69.93 57.96
CA LEU H 1418 -74.89 68.75 57.15
C LEU H 1418 -75.69 67.70 57.91
N LEU H 1419 -76.05 67.96 59.17
CA LEU H 1419 -76.84 66.99 59.92
C LEU H 1419 -78.20 66.75 59.29
N ASN H 1420 -78.87 67.81 58.86
CA ASN H 1420 -80.17 67.66 58.22
C ASN H 1420 -80.04 66.93 56.89
N ASP H 1421 -79.00 67.25 56.12
CA ASP H 1421 -78.78 66.58 54.84
C ASP H 1421 -78.53 65.09 55.04
N LEU H 1422 -77.79 64.73 56.09
CA LEU H 1422 -77.56 63.31 56.37
C LEU H 1422 -78.83 62.63 56.84
N LEU H 1423 -79.62 63.31 57.69
CA LEU H 1423 -80.84 62.70 58.20
C LEU H 1423 -81.90 62.54 57.11
N MET H 1424 -81.85 63.39 56.09
CA MET H 1424 -82.82 63.26 55.00
C MET H 1424 -82.69 61.92 54.28
N VAL H 1425 -81.46 61.44 54.11
CA VAL H 1425 -81.24 60.17 53.43
C VAL H 1425 -81.12 58.99 54.39
N LEU H 1426 -80.78 59.24 55.66
CA LEU H 1426 -80.65 58.15 56.62
C LEU H 1426 -81.94 57.88 57.38
N SER H 1427 -82.99 58.67 57.11
CA SER H 1427 -84.24 58.51 57.84
C SER H 1427 -84.82 57.10 57.80
N PRO H 1428 -84.86 56.37 56.66
CA PRO H 1428 -85.41 55.02 56.69
C PRO H 1428 -84.62 54.05 57.55
N ARG H 1429 -83.30 54.05 57.40
CA ARG H 1429 -82.44 53.08 58.06
C ARG H 1429 -81.91 53.58 59.41
N LEU H 1430 -82.60 54.52 60.04
CA LEU H 1430 -82.19 55.02 61.35
C LEU H 1430 -83.42 55.18 62.23
N ASP H 1431 -83.27 54.82 63.51
CA ASP H 1431 -84.35 54.97 64.46
C ASP H 1431 -84.58 56.45 64.77
N HIS H 1432 -85.85 56.81 64.95
CA HIS H 1432 -86.21 58.21 65.22
C HIS H 1432 -86.25 58.52 66.70
N THR H 1433 -86.30 57.50 67.57
CA THR H 1433 -86.36 57.75 69.00
C THR H 1433 -84.98 58.07 69.56
N ARG H 1434 -83.98 57.25 69.24
CA ARG H 1434 -82.63 57.51 69.74
C ARG H 1434 -82.06 58.82 69.20
N ALA H 1435 -82.42 59.18 67.97
CA ALA H 1435 -81.93 60.43 67.39
C ALA H 1435 -82.44 61.63 68.17
N VAL H 1436 -83.75 61.70 68.41
CA VAL H 1436 -84.30 62.84 69.15
C VAL H 1436 -83.87 62.78 70.61
N ASN H 1437 -83.62 61.58 71.16
CA ASN H 1437 -83.11 61.49 72.51
C ASN H 1437 -81.71 62.10 72.61
N TYR H 1438 -80.83 61.76 71.67
CA TYR H 1438 -79.50 62.36 71.66
C TYR H 1438 -79.56 63.86 71.41
N PHE H 1439 -80.48 64.30 70.55
CA PHE H 1439 -80.61 65.73 70.28
C PHE H 1439 -81.08 66.49 71.50
N SER H 1440 -81.99 65.90 72.29
CA SER H 1440 -82.41 66.53 73.53
C SER H 1440 -81.32 66.47 74.59
N LYS H 1441 -80.50 65.42 74.56
CA LYS H 1441 -79.38 65.34 75.49
C LYS H 1441 -78.36 66.44 75.22
N VAL H 1442 -77.98 66.63 73.95
CA VAL H 1442 -77.04 67.68 73.58
C VAL H 1442 -77.71 69.03 73.39
N LYS H 1443 -79.03 69.12 73.59
CA LYS H 1443 -79.78 70.37 73.46
C LYS H 1443 -79.63 70.96 72.05
N GLN H 1444 -80.06 70.18 71.06
CA GLN H 1444 -80.04 70.59 69.66
C GLN H 1444 -81.35 70.23 68.98
N LEU H 1445 -82.47 70.48 69.66
CA LEU H 1445 -83.77 70.14 69.08
C LEU H 1445 -84.17 71.09 67.95
N PRO H 1446 -84.12 72.43 68.12
CA PRO H 1446 -84.54 73.30 67.01
C PRO H 1446 -83.61 73.26 65.81
N LEU H 1447 -82.39 72.73 65.98
CA LEU H 1447 -81.46 72.63 64.85
C LEU H 1447 -81.95 71.66 63.78
N VAL H 1448 -82.70 70.64 64.18
CA VAL H 1448 -83.23 69.65 63.25
C VAL H 1448 -84.74 69.81 63.06
N LYS H 1449 -85.25 71.03 63.26
CA LYS H 1449 -86.68 71.26 63.12
C LYS H 1449 -87.20 71.04 61.69
N PRO H 1450 -86.53 71.50 60.63
CA PRO H 1450 -87.04 71.20 59.28
C PRO H 1450 -87.05 69.72 58.95
N TYR H 1451 -86.19 68.92 59.60
CA TYR H 1451 -86.18 67.48 59.35
C TYR H 1451 -87.42 66.81 59.93
N LEU H 1452 -87.93 67.34 61.05
CA LEU H 1452 -89.10 66.75 61.69
C LEU H 1452 -90.36 66.92 60.87
N ARG H 1453 -90.37 67.87 59.92
CA ARG H 1453 -91.55 68.10 59.09
C ARG H 1453 -91.71 67.03 58.01
N SER H 1454 -90.69 66.21 57.76
CA SER H 1454 -90.75 65.16 56.76
C SER H 1454 -90.91 63.77 57.36
N VAL H 1455 -91.17 63.68 58.66
CA VAL H 1455 -91.36 62.40 59.34
C VAL H 1455 -92.66 62.34 60.11
N GLN H 1456 -93.56 63.31 59.96
CA GLN H 1456 -94.82 63.29 60.68
C GLN H 1456 -95.70 62.14 60.22
N ASN H 1457 -95.50 61.65 58.99
CA ASN H 1457 -96.31 60.55 58.48
C ASN H 1457 -96.12 59.29 59.33
N HIS H 1458 -94.92 59.09 59.87
CA HIS H 1458 -94.69 57.93 60.72
C HIS H 1458 -95.47 58.03 62.03
N ASN H 1459 -95.70 59.26 62.50
CA ASN H 1459 -96.50 59.52 63.70
C ASN H 1459 -95.91 58.84 64.93
N ASN H 1460 -94.59 58.97 65.10
CA ASN H 1460 -93.93 58.43 66.27
C ASN H 1460 -94.23 59.31 67.49
N LYS H 1461 -94.37 58.66 68.65
CA LYS H 1461 -94.76 59.39 69.86
C LYS H 1461 -93.69 60.39 70.27
N SER H 1462 -92.43 59.95 70.30
CA SER H 1462 -91.33 60.84 70.67
C SER H 1462 -91.19 61.98 69.68
N VAL H 1463 -91.31 61.68 68.38
CA VAL H 1463 -91.20 62.72 67.37
C VAL H 1463 -92.36 63.70 67.47
N ASN H 1464 -93.57 63.20 67.72
CA ASN H 1464 -94.72 64.08 67.88
C ASN H 1464 -94.56 64.98 69.10
N GLU H 1465 -94.07 64.44 70.21
CA GLU H 1465 -93.82 65.24 71.40
C GLU H 1465 -92.74 66.29 71.17
N SER H 1466 -91.66 65.93 70.47
CA SER H 1466 -90.63 66.92 70.17
C SER H 1466 -91.16 68.02 69.28
N LEU H 1467 -91.94 67.66 68.26
CA LEU H 1467 -92.53 68.67 67.37
C LEU H 1467 -93.50 69.57 68.13
N ASN H 1468 -94.28 69.01 69.04
CA ASN H 1468 -95.19 69.84 69.84
C ASN H 1468 -94.42 70.78 70.75
N ASN H 1469 -93.34 70.30 71.38
CA ASN H 1469 -92.54 71.15 72.24
C ASN H 1469 -91.89 72.28 71.43
N LEU H 1470 -91.47 71.98 70.20
CA LEU H 1470 -90.90 73.03 69.35
C LEU H 1470 -91.97 74.01 68.90
N PHE H 1471 -93.20 73.53 68.67
CA PHE H 1471 -94.28 74.42 68.26
C PHE H 1471 -94.73 75.30 69.42
N ILE H 1472 -94.52 74.85 70.66
CA ILE H 1472 -94.88 75.65 71.83
C ILE H 1472 -94.11 76.97 71.83
N THR H 1473 -92.85 76.94 71.43
CA THR H 1473 -92.01 78.14 71.38
C THR H 1473 -92.18 78.93 70.08
N GLU H 1474 -93.28 78.70 69.36
CA GLU H 1474 -93.54 79.42 68.12
C GLU H 1474 -94.94 80.02 68.11
N ASP I 635 4.07 -39.31 17.54
CA ASP I 635 3.34 -38.32 16.78
C ASP I 635 2.14 -38.95 16.06
N ILE I 636 1.10 -39.26 16.83
CA ILE I 636 -0.09 -39.88 16.24
C ILE I 636 -1.04 -38.85 15.65
N LYS I 637 -0.84 -37.56 15.93
CA LYS I 637 -1.71 -36.50 15.43
C LYS I 637 -1.35 -36.22 13.98
N ARG I 638 -2.01 -36.94 13.07
CA ARG I 638 -1.77 -36.76 11.64
C ARG I 638 -3.08 -36.72 10.84
N ALA I 639 -4.22 -36.51 11.50
CA ALA I 639 -5.50 -36.47 10.81
C ALA I 639 -5.76 -35.14 10.11
N VAL I 640 -4.86 -34.17 10.24
CA VAL I 640 -5.06 -32.87 9.61
C VAL I 640 -5.08 -33.01 8.09
N VAL I 641 -4.34 -33.96 7.54
CA VAL I 641 -4.34 -34.19 6.10
C VAL I 641 -5.44 -35.16 5.68
N HIS I 642 -5.83 -36.09 6.56
CA HIS I 642 -6.88 -37.05 6.23
C HIS I 642 -8.28 -36.51 6.47
N THR I 643 -8.42 -35.33 7.05
CA THR I 643 -9.74 -34.77 7.32
C THR I 643 -10.51 -34.50 6.04
N HIS I 644 -9.81 -34.22 4.94
CA HIS I 644 -10.47 -33.90 3.68
C HIS I 644 -11.15 -35.10 3.04
N LEU I 645 -10.91 -36.31 3.53
CA LEU I 645 -11.51 -37.51 2.97
C LEU I 645 -12.34 -38.31 3.95
N LEU I 646 -12.03 -38.29 5.24
CA LEU I 646 -12.76 -39.07 6.23
C LEU I 646 -14.07 -38.37 6.59
N ASN I 647 -15.06 -39.18 6.94
CA ASN I 647 -16.37 -38.67 7.34
C ASN I 647 -16.24 -37.88 8.63
N PRO I 648 -16.75 -36.64 8.69
CA PRO I 648 -16.59 -35.85 9.91
C PRO I 648 -17.37 -36.39 11.10
N GLU I 649 -18.40 -37.21 10.87
CA GLU I 649 -19.20 -37.71 11.98
C GLU I 649 -18.39 -38.62 12.89
N TRP I 650 -17.80 -39.67 12.33
CA TRP I 650 -16.99 -40.57 13.14
C TRP I 650 -15.71 -39.90 13.62
N LEU I 651 -15.23 -38.88 12.91
CA LEU I 651 -14.08 -38.11 13.41
C LEU I 651 -14.45 -37.37 14.69
N VAL I 652 -15.59 -36.68 14.70
CA VAL I 652 -16.04 -36.01 15.91
C VAL I 652 -16.30 -37.01 17.02
N ASN I 653 -16.86 -38.18 16.66
CA ASN I 653 -17.09 -39.22 17.66
C ASN I 653 -15.81 -39.75 18.27
N TYR I 654 -14.74 -39.87 17.46
CA TYR I 654 -13.47 -40.34 17.99
C TYR I 654 -12.77 -39.26 18.81
N PHE I 655 -12.92 -38.00 18.42
CA PHE I 655 -12.32 -36.91 19.17
C PHE I 655 -13.05 -36.62 20.48
N GLY I 656 -14.33 -36.94 20.56
CA GLY I 656 -15.06 -36.72 21.80
C GLY I 656 -14.66 -37.70 22.90
N SER I 657 -14.42 -38.95 22.53
CA SER I 657 -14.02 -39.98 23.47
C SER I 657 -12.50 -40.16 23.48
N LEU I 658 -12.01 -40.87 24.49
CA LEU I 658 -10.59 -41.15 24.69
C LEU I 658 -9.74 -39.89 24.74
N SER I 659 -10.33 -38.75 25.12
CA SER I 659 -9.61 -37.48 25.12
C SER I 659 -9.13 -37.16 26.53
N VAL I 660 -8.06 -37.84 26.93
CA VAL I 660 -7.40 -37.55 28.20
C VAL I 660 -6.34 -36.49 27.97
N GLU I 661 -6.75 -35.22 28.03
CA GLU I 661 -5.85 -34.09 27.80
C GLU I 661 -5.13 -34.19 26.46
N ASP I 662 -5.84 -34.72 25.46
CA ASP I 662 -5.26 -34.96 24.14
C ASP I 662 -5.93 -34.16 23.03
N SER I 663 -7.21 -33.82 23.17
CA SER I 663 -7.91 -33.07 22.13
C SER I 663 -7.36 -31.66 21.97
N LEU I 664 -6.75 -31.10 23.02
CA LEU I 664 -6.19 -29.75 22.91
C LEU I 664 -5.06 -29.71 21.89
N GLU I 665 -4.15 -30.69 21.94
CA GLU I 665 -3.06 -30.73 20.98
C GLU I 665 -3.57 -30.98 19.56
N CYS I 666 -4.60 -31.81 19.41
CA CYS I 666 -5.18 -32.04 18.10
C CYS I 666 -5.79 -30.76 17.53
N LEU I 667 -6.50 -30.01 18.38
CA LEU I 667 -7.09 -28.75 17.91
C LEU I 667 -6.01 -27.74 17.59
N ARG I 668 -4.92 -27.71 18.36
CA ARG I 668 -3.81 -26.81 18.05
C ARG I 668 -3.17 -27.18 16.71
N ALA I 669 -3.02 -28.49 16.44
CA ALA I 669 -2.46 -28.91 15.16
C ALA I 669 -3.40 -28.57 14.01
N MET I 670 -4.71 -28.69 14.23
CA MET I 670 -5.67 -28.31 13.20
C MET I 670 -5.63 -26.81 12.93
N LEU I 671 -5.49 -26.01 13.97
CA LEU I 671 -5.42 -24.56 13.81
C LEU I 671 -4.08 -24.10 13.24
N SER I 672 -3.03 -24.92 13.35
CA SER I 672 -1.75 -24.58 12.74
C SER I 672 -1.82 -24.61 11.21
N ALA I 673 -2.78 -25.34 10.65
CA ALA I 673 -2.99 -25.43 9.21
C ALA I 673 -4.46 -25.14 8.89
N ASN I 674 -4.99 -24.08 9.49
CA ASN I 674 -6.41 -23.77 9.37
C ASN I 674 -6.77 -23.21 8.00
N ILE I 675 -6.92 -24.08 7.01
CA ILE I 675 -7.37 -23.66 5.69
C ILE I 675 -8.87 -23.39 5.74
N ARG I 676 -9.36 -22.64 4.74
CA ARG I 676 -10.79 -22.31 4.70
C ARG I 676 -11.66 -23.55 4.58
N GLN I 677 -11.14 -24.61 3.95
CA GLN I 677 -11.93 -25.84 3.80
C GLN I 677 -12.12 -26.53 5.14
N ASN I 678 -11.03 -26.70 5.91
CA ASN I 678 -11.08 -27.37 7.20
C ASN I 678 -11.15 -26.40 8.37
N LEU I 679 -11.82 -25.26 8.19
CA LEU I 679 -11.96 -24.27 9.25
C LEU I 679 -13.20 -24.55 10.11
N GLN I 680 -14.32 -24.86 9.46
CA GLN I 680 -15.55 -25.12 10.20
C GLN I 680 -15.50 -26.42 10.98
N ILE I 681 -14.67 -27.39 10.55
CA ILE I 681 -14.55 -28.63 11.29
C ILE I 681 -13.86 -28.40 12.63
N CYS I 682 -12.99 -27.40 12.70
CA CYS I 682 -12.37 -27.05 13.98
C CYS I 682 -13.36 -26.46 14.96
N VAL I 683 -14.50 -25.94 14.46
CA VAL I 683 -15.55 -25.40 15.31
C VAL I 683 -16.53 -26.51 15.67
N GLN I 684 -16.77 -27.41 14.72
CA GLN I 684 -17.69 -28.52 14.97
C GLN I 684 -17.16 -29.43 16.08
N VAL I 685 -15.87 -29.76 16.03
CA VAL I 685 -15.28 -30.60 17.07
C VAL I 685 -15.16 -29.82 18.38
N ALA I 686 -15.00 -28.49 18.29
CA ALA I 686 -14.81 -27.68 19.48
C ALA I 686 -16.04 -27.67 20.38
N SER I 687 -17.24 -27.71 19.80
CA SER I 687 -18.46 -27.66 20.59
C SER I 687 -18.96 -29.06 20.95
N LYS I 688 -18.08 -29.90 21.48
CA LYS I 688 -18.49 -31.20 22.02
C LYS I 688 -17.91 -31.39 23.41
N TYR I 689 -16.70 -30.88 23.63
CA TYR I 689 -16.00 -31.04 24.90
C TYR I 689 -16.19 -29.86 25.84
N HIS I 690 -16.77 -28.76 25.37
CA HIS I 690 -16.97 -27.60 26.22
C HIS I 690 -17.90 -27.90 27.39
N GLU I 691 -18.82 -28.86 27.22
CA GLU I 691 -19.72 -29.22 28.31
C GLU I 691 -18.98 -29.87 29.48
N GLN I 692 -17.82 -30.47 29.21
CA GLN I 692 -17.02 -31.11 30.24
C GLN I 692 -15.92 -30.22 30.79
N LEU I 693 -15.24 -29.46 29.92
CA LEU I 693 -14.16 -28.58 30.36
C LEU I 693 -14.08 -27.41 29.37
N SER I 694 -14.64 -26.27 29.77
CA SER I 694 -14.62 -25.06 28.95
C SER I 694 -13.42 -24.19 29.33
N THR I 695 -12.23 -24.70 29.02
CA THR I 695 -11.00 -24.00 29.35
C THR I 695 -10.85 -22.73 28.51
N GLN I 696 -10.22 -21.71 29.10
CA GLN I 696 -10.01 -20.46 28.38
C GLN I 696 -8.81 -20.53 27.43
N SER I 697 -7.90 -21.48 27.64
CA SER I 697 -6.73 -21.57 26.77
C SER I 697 -7.14 -21.90 25.34
N LEU I 698 -8.17 -22.73 25.16
CA LEU I 698 -8.62 -23.10 23.81
C LEU I 698 -9.14 -21.88 23.07
N ILE I 699 -10.03 -21.11 23.70
CA ILE I 699 -10.59 -19.95 23.02
C ILE I 699 -9.54 -18.86 22.86
N GLU I 700 -8.56 -18.79 23.75
CA GLU I 700 -7.47 -17.82 23.60
C GLU I 700 -6.60 -18.17 22.40
N LEU I 701 -6.29 -19.45 22.22
CA LEU I 701 -5.52 -19.87 21.05
C LEU I 701 -6.34 -19.74 19.77
N PHE I 702 -7.66 -19.88 19.88
CA PHE I 702 -8.52 -19.75 18.70
C PHE I 702 -8.60 -18.30 18.24
N GLU I 703 -8.81 -17.38 19.18
CA GLU I 703 -8.90 -15.96 18.84
C GLU I 703 -7.57 -15.37 18.40
N SER I 704 -6.45 -16.10 18.57
CA SER I 704 -5.16 -15.59 18.14
C SER I 704 -5.09 -15.44 16.62
N PHE I 705 -5.89 -16.20 15.89
CA PHE I 705 -5.94 -16.13 14.45
C PHE I 705 -6.93 -15.04 14.03
N LYS I 706 -7.30 -15.01 12.75
CA LYS I 706 -8.25 -14.02 12.27
C LYS I 706 -9.61 -14.21 12.94
N SER I 707 -10.17 -15.42 12.86
CA SER I 707 -11.45 -15.77 13.47
C SER I 707 -12.55 -14.81 13.01
N PHE I 708 -12.83 -14.87 11.70
CA PHE I 708 -13.86 -14.02 11.12
C PHE I 708 -15.23 -14.31 11.73
N GLU I 709 -15.74 -15.52 11.51
CA GLU I 709 -17.04 -15.91 12.04
C GLU I 709 -17.01 -17.27 12.72
N GLY I 710 -15.85 -17.91 12.81
CA GLY I 710 -15.77 -19.19 13.49
C GLY I 710 -16.07 -19.07 14.98
N LEU I 711 -15.44 -18.10 15.64
CA LEU I 711 -15.70 -17.88 17.06
C LEU I 711 -17.14 -17.44 17.30
N PHE I 712 -17.70 -16.62 16.41
CA PHE I 712 -19.09 -16.22 16.55
C PHE I 712 -20.03 -17.42 16.41
N TYR I 713 -19.79 -18.26 15.40
CA TYR I 713 -20.63 -19.44 15.21
C TYR I 713 -20.48 -20.41 16.37
N PHE I 714 -19.30 -20.45 16.99
CA PHE I 714 -19.10 -21.31 18.15
C PHE I 714 -19.86 -20.79 19.36
N LEU I 715 -19.69 -19.50 19.67
CA LEU I 715 -20.33 -18.89 20.83
C LEU I 715 -21.83 -18.68 20.65
N GLY I 716 -22.35 -18.82 19.43
CA GLY I 716 -23.79 -18.73 19.23
C GLY I 716 -24.58 -19.75 20.02
N SER I 717 -23.99 -20.89 20.33
CA SER I 717 -24.62 -21.92 21.14
C SER I 717 -24.11 -21.93 22.58
N ILE I 718 -23.28 -20.98 22.96
CA ILE I 718 -22.74 -20.90 24.31
C ILE I 718 -23.35 -19.79 25.14
N VAL I 719 -23.95 -18.77 24.51
CA VAL I 719 -24.58 -17.69 25.27
C VAL I 719 -25.70 -18.25 26.15
N ASN I 720 -26.48 -19.18 25.62
CA ASN I 720 -27.51 -19.84 26.41
C ASN I 720 -26.86 -20.87 27.35
N PHE I 721 -27.55 -21.14 28.46
CA PHE I 721 -27.07 -22.07 29.49
C PHE I 721 -25.71 -21.64 30.02
N SER I 722 -25.56 -20.34 30.27
CA SER I 722 -24.30 -19.80 30.77
C SER I 722 -24.60 -18.52 31.54
N GLN I 723 -23.74 -18.23 32.53
CA GLN I 723 -23.92 -17.05 33.37
C GLN I 723 -22.63 -16.24 33.48
N ASP I 724 -21.67 -16.44 32.59
CA ASP I 724 -20.41 -15.71 32.71
C ASP I 724 -20.45 -14.45 31.86
N PRO I 725 -20.07 -13.30 32.44
CA PRO I 725 -20.09 -12.05 31.67
C PRO I 725 -19.02 -11.99 30.59
N ASP I 726 -17.85 -12.60 30.85
CA ASP I 726 -16.77 -12.55 29.86
C ASP I 726 -17.13 -13.29 28.60
N VAL I 727 -17.89 -14.39 28.72
CA VAL I 727 -18.34 -15.12 27.53
C VAL I 727 -19.24 -14.23 26.68
N HIS I 728 -20.16 -13.50 27.31
CA HIS I 728 -21.04 -12.61 26.57
C HIS I 728 -20.26 -11.46 25.96
N PHE I 729 -19.24 -10.96 26.66
CA PHE I 729 -18.43 -9.87 26.11
C PHE I 729 -17.64 -10.34 24.90
N LYS I 730 -17.09 -11.56 24.95
CA LYS I 730 -16.39 -12.10 23.79
C LYS I 730 -17.35 -12.39 22.65
N TYR I 731 -18.58 -12.79 22.95
CA TYR I 731 -19.58 -12.97 21.90
C TYR I 731 -19.92 -11.63 21.23
N ILE I 732 -20.00 -10.57 22.03
CA ILE I 732 -20.23 -9.24 21.46
C ILE I 732 -19.05 -8.82 20.59
N GLN I 733 -17.83 -9.11 21.05
CA GLN I 733 -16.65 -8.84 20.23
C GLN I 733 -16.68 -9.59 18.91
N ALA I 734 -17.06 -10.87 18.95
CA ALA I 734 -17.15 -11.65 17.71
C ALA I 734 -18.23 -11.12 16.79
N ALA I 735 -19.38 -10.71 17.34
CA ALA I 735 -20.43 -10.10 16.53
C ALA I 735 -20.01 -8.75 15.99
N CYS I 736 -19.05 -8.07 16.62
CA CYS I 736 -18.49 -6.85 16.08
C CYS I 736 -17.39 -7.11 15.06
N LYS I 737 -16.80 -8.31 15.08
CA LYS I 737 -15.79 -8.66 14.07
C LYS I 737 -16.41 -8.73 12.68
N THR I 738 -17.53 -9.45 12.55
CA THR I 738 -18.31 -9.47 11.31
C THR I 738 -19.75 -9.12 11.65
N GLY I 739 -20.38 -8.27 10.84
CA GLY I 739 -21.65 -7.70 11.22
C GLY I 739 -22.78 -8.70 11.39
N GLN I 740 -23.14 -8.95 12.64
CA GLN I 740 -24.31 -9.75 13.02
C GLN I 740 -25.00 -9.13 14.22
N ILE I 741 -25.04 -7.79 14.25
CA ILE I 741 -25.49 -7.08 15.45
C ILE I 741 -26.97 -7.25 15.72
N LYS I 742 -27.73 -7.77 14.74
CA LYS I 742 -29.16 -7.99 14.95
C LYS I 742 -29.43 -9.07 15.99
N GLU I 743 -28.47 -9.95 16.24
CA GLU I 743 -28.63 -11.03 17.21
C GLU I 743 -28.13 -10.66 18.60
N VAL I 744 -27.61 -9.45 18.78
CA VAL I 744 -27.08 -9.02 20.07
C VAL I 744 -28.11 -8.25 20.87
N GLU I 745 -29.00 -7.51 20.20
CA GLU I 745 -30.02 -6.73 20.90
C GLU I 745 -31.00 -7.63 21.66
N ARG I 746 -31.11 -8.90 21.25
CA ARG I 746 -32.01 -9.81 21.94
C ARG I 746 -31.42 -10.34 23.24
N ILE I 747 -30.13 -10.73 23.21
CA ILE I 747 -29.52 -11.27 24.40
C ILE I 747 -29.26 -10.18 25.44
N CYS I 748 -29.18 -8.92 25.01
CA CYS I 748 -29.04 -7.83 25.97
C CYS I 748 -30.30 -7.67 26.82
N ARG I 749 -31.46 -7.94 26.23
CA ARG I 749 -32.70 -7.91 27.00
C ARG I 749 -32.93 -9.23 27.75
N GLU I 750 -32.54 -10.35 27.14
CA GLU I 750 -32.73 -11.64 27.78
C GLU I 750 -31.78 -11.84 28.94
N SER I 751 -30.47 -11.79 28.66
CA SER I 751 -29.48 -12.00 29.71
C SER I 751 -29.36 -10.77 30.60
N ASN I 752 -29.16 -11.01 31.90
CA ASN I 752 -29.01 -9.94 32.87
C ASN I 752 -27.90 -10.24 33.86
N CYS I 753 -26.84 -10.92 33.42
CA CYS I 753 -25.74 -11.33 34.27
C CYS I 753 -24.41 -10.83 33.70
N TYR I 754 -24.38 -9.56 33.31
CA TYR I 754 -23.17 -8.96 32.79
C TYR I 754 -23.12 -7.49 33.20
N ASP I 755 -21.93 -6.92 33.10
CA ASP I 755 -21.72 -5.52 33.45
C ASP I 755 -21.97 -4.65 32.23
N PRO I 756 -23.05 -3.84 32.23
CA PRO I 756 -23.34 -3.01 31.06
C PRO I 756 -22.36 -1.87 30.83
N GLU I 757 -21.54 -1.53 31.82
CA GLU I 757 -20.58 -0.44 31.65
C GLU I 757 -19.56 -0.76 30.58
N ARG I 758 -18.86 -1.90 30.73
CA ARG I 758 -17.87 -2.30 29.73
C ARG I 758 -18.53 -2.57 28.39
N VAL I 759 -19.77 -3.07 28.40
CA VAL I 759 -20.49 -3.35 27.16
C VAL I 759 -20.72 -2.06 26.38
N LYS I 760 -21.27 -1.05 27.05
CA LYS I 760 -21.53 0.22 26.37
C LYS I 760 -20.23 0.93 26.01
N ASN I 761 -19.17 0.74 26.79
CA ASN I 761 -17.88 1.32 26.43
C ASN I 761 -17.34 0.70 25.13
N PHE I 762 -17.44 -0.63 25.02
CA PHE I 762 -16.99 -1.30 23.80
C PHE I 762 -17.88 -0.92 22.62
N LEU I 763 -19.17 -0.70 22.87
CA LEU I 763 -20.08 -0.28 21.80
C LEU I 763 -19.73 1.12 21.31
N LYS I 764 -19.46 2.04 22.22
CA LYS I 764 -19.05 3.39 21.83
C LYS I 764 -17.67 3.41 21.20
N GLU I 765 -16.81 2.43 21.51
CA GLU I 765 -15.49 2.36 20.91
C GLU I 765 -15.58 1.90 19.46
N ALA I 766 -16.21 0.74 19.23
CA ALA I 766 -16.36 0.19 17.88
C ALA I 766 -17.63 0.77 17.26
N LYS I 767 -17.43 1.85 16.50
CA LYS I 767 -18.55 2.51 15.84
C LYS I 767 -19.07 1.67 14.69
N LEU I 768 -20.32 1.21 14.80
CA LEU I 768 -20.91 0.40 13.75
C LEU I 768 -21.51 1.27 12.66
N THR I 769 -21.66 2.57 12.92
CA THR I 769 -22.16 3.56 11.97
C THR I 769 -23.66 3.36 11.72
N ASP I 770 -24.23 2.34 12.32
CA ASP I 770 -25.67 2.05 12.27
C ASP I 770 -26.13 1.42 13.57
N GLN I 771 -25.43 1.73 14.66
CA GLN I 771 -25.64 1.10 15.95
C GLN I 771 -26.96 1.54 16.58
N LEU I 772 -27.88 0.59 16.74
CA LEU I 772 -29.01 0.80 17.63
C LEU I 772 -29.31 -0.38 18.56
N PRO I 773 -28.30 -1.06 19.15
CA PRO I 773 -28.59 -1.87 20.34
C PRO I 773 -28.42 -1.04 21.59
N LEU I 774 -27.73 0.09 21.46
CA LEU I 774 -27.45 0.93 22.62
C LEU I 774 -28.71 1.58 23.15
N ILE I 775 -29.61 1.98 22.26
CA ILE I 775 -30.86 2.62 22.65
C ILE I 775 -31.79 1.60 23.30
N ILE I 776 -31.41 0.33 23.24
CA ILE I 776 -32.16 -0.75 23.87
C ILE I 776 -31.54 -1.14 25.21
N VAL I 777 -30.22 -1.33 25.25
CA VAL I 777 -29.57 -1.72 26.49
C VAL I 777 -29.58 -0.57 27.49
N CYS I 778 -29.49 0.68 27.01
CA CYS I 778 -29.55 1.82 27.92
C CYS I 778 -30.92 1.94 28.57
N ASP I 779 -31.98 1.70 27.80
CA ASP I 779 -33.32 1.69 28.37
C ASP I 779 -33.56 0.48 29.25
N ARG I 780 -32.91 -0.65 28.96
CA ARG I 780 -33.06 -1.82 29.81
C ARG I 780 -32.38 -1.62 31.16
N PHE I 781 -31.23 -0.95 31.17
CA PHE I 781 -30.49 -0.70 32.40
C PHE I 781 -30.66 0.72 32.93
N ASP I 782 -31.52 1.53 32.31
CA ASP I 782 -31.81 2.90 32.76
C ASP I 782 -30.54 3.76 32.77
N PHE I 783 -29.95 3.92 31.59
CA PHE I 783 -28.76 4.76 31.39
C PHE I 783 -28.92 5.62 30.14
N VAL I 784 -30.10 6.22 29.96
CA VAL I 784 -30.33 7.06 28.78
C VAL I 784 -29.90 8.49 28.99
N HIS I 785 -29.66 8.90 30.25
CA HIS I 785 -29.26 10.28 30.53
C HIS I 785 -27.93 10.63 29.87
N ASP I 786 -27.02 9.67 29.76
CA ASP I 786 -25.78 9.87 29.02
C ASP I 786 -25.90 9.46 27.56
N LEU I 787 -26.83 8.56 27.22
CA LEU I 787 -27.03 8.18 25.83
C LEU I 787 -27.54 9.36 25.00
N VAL I 788 -28.46 10.14 25.56
CA VAL I 788 -28.97 11.31 24.86
C VAL I 788 -27.84 12.31 24.60
N LEU I 789 -26.98 12.51 25.60
CA LEU I 789 -25.85 13.43 25.44
C LEU I 789 -24.89 12.92 24.38
N TYR I 790 -24.59 11.61 24.39
CA TYR I 790 -23.68 11.05 23.41
C TYR I 790 -24.25 11.18 22.00
N LEU I 791 -25.56 10.96 21.84
CA LEU I 791 -26.18 11.10 20.53
C LEU I 791 -26.16 12.55 20.06
N TYR I 792 -26.48 13.49 20.95
CA TYR I 792 -26.44 14.90 20.58
C TYR I 792 -25.01 15.32 20.23
N ARG I 793 -24.01 14.69 20.85
CA ARG I 793 -22.63 15.01 20.55
C ARG I 793 -22.24 14.49 19.17
N ASN I 794 -22.38 13.19 18.95
CA ASN I 794 -21.99 12.61 17.66
C ASN I 794 -22.88 13.13 16.54
N ASN I 795 -24.15 12.71 16.52
CA ASN I 795 -25.08 13.14 15.49
C ASN I 795 -26.51 12.74 15.87
N LEU I 796 -27.49 13.55 15.47
CA LEU I 796 -28.89 13.33 15.84
C LEU I 796 -29.72 13.42 14.55
N GLN I 797 -30.00 12.27 13.95
CA GLN I 797 -30.82 12.19 12.75
C GLN I 797 -32.06 11.35 12.92
N LYS I 798 -31.94 10.08 13.31
CA LYS I 798 -33.08 9.19 13.42
C LYS I 798 -33.04 8.39 14.71
N TYR I 799 -31.91 8.41 15.40
CA TYR I 799 -31.71 7.55 16.57
C TYR I 799 -32.78 7.78 17.63
N ILE I 800 -32.88 9.01 18.13
CA ILE I 800 -33.87 9.32 19.16
C ILE I 800 -35.28 9.13 18.62
N GLU I 801 -35.50 9.46 17.34
CA GLU I 801 -36.82 9.31 16.75
C GLU I 801 -37.27 7.86 16.77
N ILE I 802 -36.47 6.97 16.16
CA ILE I 802 -36.85 5.56 16.13
C ILE I 802 -36.87 4.97 17.53
N TYR I 803 -36.04 5.49 18.44
CA TYR I 803 -36.07 5.03 19.82
C TYR I 803 -37.42 5.31 20.46
N VAL I 804 -37.83 6.57 20.50
CA VAL I 804 -39.10 6.93 21.13
C VAL I 804 -40.28 6.36 20.34
N GLN I 805 -40.05 5.98 19.08
CA GLN I 805 -41.13 5.41 18.29
C GLN I 805 -41.35 3.94 18.63
N LYS I 806 -40.31 3.12 18.52
CA LYS I 806 -40.46 1.68 18.64
C LYS I 806 -39.95 1.13 19.97
N VAL I 807 -38.79 1.59 20.44
CA VAL I 807 -38.13 0.95 21.56
C VAL I 807 -38.94 1.14 22.85
N ASN I 808 -39.06 2.38 23.32
CA ASN I 808 -39.76 2.62 24.56
C ASN I 808 -40.30 4.05 24.60
N PRO I 809 -41.56 4.27 24.19
CA PRO I 809 -42.12 5.63 24.21
C PRO I 809 -42.44 6.14 25.61
N SER I 810 -42.35 5.29 26.64
CA SER I 810 -42.67 5.72 27.99
C SER I 810 -41.58 6.61 28.60
N ARG I 811 -40.41 6.69 27.97
CA ARG I 811 -39.33 7.55 28.44
C ARG I 811 -39.22 8.84 27.65
N LEU I 812 -40.30 9.27 27.02
CA LEU I 812 -40.27 10.51 26.24
C LEU I 812 -39.97 11.74 27.07
N PRO I 813 -40.57 11.95 28.25
CA PRO I 813 -40.21 13.14 29.04
C PRO I 813 -38.76 13.16 29.46
N VAL I 814 -38.16 12.00 29.77
CA VAL I 814 -36.75 11.97 30.13
C VAL I 814 -35.89 12.39 28.96
N VAL I 815 -36.21 11.92 27.75
CA VAL I 815 -35.44 12.32 26.57
C VAL I 815 -35.64 13.80 26.28
N ILE I 816 -36.84 14.32 26.48
CA ILE I 816 -37.08 15.74 26.26
C ILE I 816 -36.27 16.58 27.25
N GLY I 817 -36.25 16.16 28.52
CA GLY I 817 -35.43 16.86 29.50
C GLY I 817 -33.95 16.81 29.18
N GLY I 818 -33.48 15.65 28.70
CA GLY I 818 -32.08 15.55 28.31
C GLY I 818 -31.74 16.44 27.13
N LEU I 819 -32.65 16.52 26.14
CA LEU I 819 -32.42 17.41 25.02
C LEU I 819 -32.47 18.87 25.44
N LEU I 820 -33.30 19.20 26.44
CA LEU I 820 -33.35 20.55 26.96
C LEU I 820 -32.13 20.91 27.81
N ASP I 821 -31.48 19.91 28.40
CA ASP I 821 -30.27 20.18 29.18
C ASP I 821 -29.13 20.66 28.28
N VAL I 822 -28.99 20.04 27.11
CA VAL I 822 -27.92 20.43 26.18
C VAL I 822 -28.28 21.65 25.35
N ASP I 823 -29.49 22.19 25.51
CA ASP I 823 -29.94 23.39 24.81
C ASP I 823 -29.88 23.21 23.29
N CYS I 824 -30.63 22.23 22.81
CA CYS I 824 -30.73 22.00 21.39
C CYS I 824 -31.81 22.91 20.78
N SER I 825 -32.05 22.72 19.48
CA SER I 825 -33.05 23.51 18.78
C SER I 825 -34.45 23.16 19.27
N GLU I 826 -35.26 24.19 19.54
CA GLU I 826 -36.62 23.96 20.01
C GLU I 826 -37.53 23.47 18.90
N ASP I 827 -37.26 23.86 17.66
CA ASP I 827 -38.08 23.41 16.54
C ASP I 827 -37.97 21.89 16.35
N VAL I 828 -36.76 21.35 16.56
CA VAL I 828 -36.57 19.91 16.44
C VAL I 828 -37.41 19.18 17.49
N ILE I 829 -37.47 19.71 18.71
CA ILE I 829 -38.27 19.10 19.75
C ILE I 829 -39.76 19.22 19.43
N LYS I 830 -40.19 20.39 18.95
CA LYS I 830 -41.60 20.56 18.61
C LYS I 830 -42.02 19.68 17.46
N ASN I 831 -41.10 19.35 16.55
CA ASN I 831 -41.44 18.46 15.44
C ASN I 831 -41.34 16.99 15.85
N LEU I 832 -40.49 16.68 16.82
CA LEU I 832 -40.33 15.29 17.24
C LEU I 832 -41.52 14.83 18.08
N ILE I 833 -42.11 15.74 18.87
CA ILE I 833 -43.23 15.37 19.72
C ILE I 833 -44.47 15.06 18.90
N LEU I 834 -44.52 15.51 17.64
CA LEU I 834 -45.69 15.25 16.81
C LEU I 834 -45.81 13.80 16.38
N VAL I 835 -44.77 12.99 16.62
CA VAL I 835 -44.83 11.58 16.24
C VAL I 835 -45.84 10.85 17.12
N VAL I 836 -46.36 9.73 16.61
CA VAL I 836 -47.32 8.95 17.36
C VAL I 836 -46.65 8.33 18.59
N ARG I 837 -47.47 7.95 19.56
CA ARG I 837 -47.00 7.38 20.82
C ARG I 837 -47.67 6.03 21.07
N GLY I 838 -47.07 5.27 21.98
CA GLY I 838 -47.68 4.05 22.46
C GLY I 838 -48.08 4.17 23.92
N GLN I 839 -47.27 3.60 24.81
CA GLN I 839 -47.45 3.83 26.24
C GLN I 839 -46.68 5.08 26.65
N PHE I 840 -47.39 6.03 27.27
CA PHE I 840 -46.77 7.29 27.62
C PHE I 840 -47.51 7.90 28.81
N SER I 841 -46.90 8.93 29.38
CA SER I 841 -47.48 9.68 30.49
C SER I 841 -47.52 11.16 30.12
N THR I 842 -48.64 11.81 30.41
CA THR I 842 -48.84 13.22 30.10
C THR I 842 -48.62 14.13 31.29
N ASP I 843 -49.12 13.73 32.47
CA ASP I 843 -49.00 14.58 33.66
C ASP I 843 -47.56 14.68 34.16
N GLU I 844 -46.68 13.77 33.73
CA GLU I 844 -45.29 13.81 34.15
C GLU I 844 -44.40 14.61 33.20
N LEU I 845 -44.77 14.70 31.92
CA LEU I 845 -43.96 15.46 30.97
C LEU I 845 -44.15 16.96 31.19
N VAL I 846 -45.37 17.37 31.51
CA VAL I 846 -45.63 18.79 31.79
C VAL I 846 -44.88 19.24 33.04
N ALA I 847 -44.66 18.33 33.99
CA ALA I 847 -43.89 18.68 35.17
C ALA I 847 -42.44 18.99 34.81
N GLU I 848 -41.83 18.15 33.95
CA GLU I 848 -40.47 18.41 33.51
C GLU I 848 -40.39 19.68 32.68
N VAL I 849 -41.40 19.94 31.84
CA VAL I 849 -41.40 21.16 31.05
C VAL I 849 -41.50 22.40 31.95
N GLU I 850 -42.32 22.33 33.00
CA GLU I 850 -42.40 23.44 33.94
C GLU I 850 -41.10 23.62 34.71
N LYS I 851 -40.45 22.50 35.05
CA LYS I 851 -39.13 22.60 35.68
C LYS I 851 -38.12 23.26 34.75
N ARG I 852 -38.26 23.03 33.44
CA ARG I 852 -37.39 23.68 32.46
C ARG I 852 -37.89 25.07 32.07
N ASN I 853 -39.11 25.44 32.47
CA ASN I 853 -39.68 26.75 32.19
C ASN I 853 -39.73 27.03 30.68
N ARG I 854 -40.23 26.04 29.93
CA ARG I 854 -40.32 26.14 28.48
C ARG I 854 -41.71 25.67 28.02
N LEU I 855 -42.74 26.16 28.69
CA LEU I 855 -44.13 25.77 28.40
C LEU I 855 -44.60 26.23 27.04
N LYS I 856 -43.80 26.98 26.29
CA LYS I 856 -44.19 27.45 24.96
C LYS I 856 -43.88 26.45 23.86
N LEU I 857 -43.50 25.22 24.21
CA LEU I 857 -43.17 24.20 23.22
C LEU I 857 -44.22 23.12 23.08
N LEU I 858 -45.11 22.96 24.05
CA LEU I 858 -46.13 21.91 24.00
C LEU I 858 -47.40 22.34 23.29
N LEU I 859 -47.49 23.59 22.85
CA LEU I 859 -48.71 24.06 22.20
C LEU I 859 -49.04 23.31 20.91
N PRO I 860 -48.11 23.07 19.98
CA PRO I 860 -48.50 22.33 18.76
C PRO I 860 -49.01 20.93 19.04
N TRP I 861 -48.35 20.19 19.93
CA TRP I 861 -48.79 18.84 20.25
C TRP I 861 -50.15 18.86 20.94
N LEU I 862 -50.36 19.79 21.87
CA LEU I 862 -51.65 19.89 22.55
C LEU I 862 -52.76 20.23 21.57
N GLU I 863 -52.50 21.13 20.63
CA GLU I 863 -53.50 21.48 19.64
C GLU I 863 -53.81 20.31 18.72
N ALA I 864 -52.77 19.62 18.26
CA ALA I 864 -52.98 18.45 17.39
C ALA I 864 -53.73 17.34 18.11
N ARG I 865 -53.55 17.22 19.43
CA ARG I 865 -54.25 16.20 20.18
C ARG I 865 -55.70 16.60 20.44
N ILE I 866 -55.94 17.88 20.74
CA ILE I 866 -57.31 18.33 21.00
C ILE I 866 -58.12 18.44 19.72
N HIS I 867 -57.46 18.52 18.56
CA HIS I 867 -58.20 18.50 17.30
C HIS I 867 -58.94 17.19 17.10
N GLU I 868 -58.41 16.09 17.62
CA GLU I 868 -59.09 14.80 17.49
C GLU I 868 -60.28 14.70 18.43
N GLY I 869 -60.25 15.42 19.55
CA GLY I 869 -61.34 15.38 20.51
C GLY I 869 -61.05 14.51 21.71
N CYS I 870 -59.80 14.55 22.18
CA CYS I 870 -59.42 13.75 23.34
C CYS I 870 -59.96 14.39 24.61
N GLU I 871 -60.86 13.69 25.29
CA GLU I 871 -61.46 14.18 26.53
C GLU I 871 -60.69 13.73 27.76
N GLU I 872 -59.40 14.08 27.81
CA GLU I 872 -58.58 13.67 28.94
C GLU I 872 -58.32 14.86 29.86
N PRO I 873 -58.32 14.63 31.18
CA PRO I 873 -58.06 15.75 32.10
C PRO I 873 -56.64 16.28 32.01
N ALA I 874 -55.67 15.43 31.67
CA ALA I 874 -54.28 15.88 31.60
C ALA I 874 -54.07 16.86 30.45
N THR I 875 -54.86 16.71 29.37
CA THR I 875 -54.73 17.60 28.22
C THR I 875 -55.33 18.98 28.46
N HIS I 876 -55.97 19.19 29.62
CA HIS I 876 -56.61 20.46 29.93
C HIS I 876 -55.94 21.20 31.08
N ASN I 877 -55.43 20.46 32.08
CA ASN I 877 -54.79 21.11 33.22
C ASN I 877 -53.52 21.84 32.80
N ALA I 878 -52.77 21.28 31.85
CA ALA I 878 -51.58 21.96 31.35
C ALA I 878 -51.94 23.12 30.43
N LEU I 879 -52.99 22.98 29.62
CA LEU I 879 -53.43 24.08 28.77
C LEU I 879 -53.92 25.25 29.61
N ALA I 880 -54.53 24.96 30.77
CA ALA I 880 -54.95 26.04 31.67
C ALA I 880 -53.74 26.82 32.18
N LYS I 881 -52.69 26.13 32.60
CA LYS I 881 -51.49 26.81 33.07
C LYS I 881 -50.82 27.59 31.94
N ILE I 882 -50.83 27.04 30.72
CA ILE I 882 -50.27 27.77 29.59
C ILE I 882 -51.07 29.04 29.33
N TYR I 883 -52.40 28.99 29.41
CA TYR I 883 -53.20 30.19 29.26
C TYR I 883 -52.95 31.18 30.39
N ILE I 884 -52.66 30.67 31.59
CA ILE I 884 -52.29 31.55 32.70
C ILE I 884 -51.02 32.31 32.37
N ASP I 885 -49.98 31.58 31.95
CA ASP I 885 -48.70 32.20 31.59
C ASP I 885 -48.72 32.90 30.24
N SER I 886 -49.87 32.92 29.55
CA SER I 886 -49.95 33.52 28.22
C SER I 886 -50.20 35.02 28.27
N ASN I 887 -50.30 35.62 29.46
CA ASN I 887 -50.60 37.05 29.61
C ASN I 887 -51.94 37.39 28.98
N ASN I 888 -52.91 36.50 29.13
CA ASN I 888 -54.26 36.67 28.61
C ASN I 888 -55.25 36.65 29.78
N ASN I 889 -56.54 36.64 29.45
CA ASN I 889 -57.62 36.56 30.42
C ASN I 889 -58.32 35.23 30.29
N PRO I 890 -57.82 34.16 30.93
CA PRO I 890 -58.46 32.84 30.81
C PRO I 890 -59.64 32.68 31.77
N GLU I 891 -60.74 33.36 31.44
CA GLU I 891 -61.96 33.30 32.23
C GLU I 891 -63.10 32.58 31.51
N ARG I 892 -63.27 32.81 30.22
CA ARG I 892 -64.30 32.12 29.47
C ARG I 892 -63.97 30.63 29.33
N PHE I 893 -62.69 30.30 29.21
CA PHE I 893 -62.29 28.90 29.12
C PHE I 893 -62.62 28.12 30.38
N LEU I 894 -62.52 28.78 31.55
CA LEU I 894 -62.87 28.11 32.80
C LEU I 894 -64.38 27.95 32.96
N ARG I 895 -65.15 28.88 32.42
CA ARG I 895 -66.60 28.82 32.52
C ARG I 895 -67.24 27.97 31.44
N GLU I 896 -66.51 27.60 30.38
CA GLU I 896 -67.06 26.83 29.29
C GLU I 896 -66.51 25.42 29.18
N ASN I 897 -65.29 25.16 29.64
CA ASN I 897 -64.70 23.83 29.54
C ASN I 897 -64.92 23.06 30.83
N PRO I 898 -65.73 21.99 30.82
CA PRO I 898 -65.93 21.18 32.03
C PRO I 898 -65.00 19.98 32.17
N TYR I 899 -63.98 19.86 31.32
CA TYR I 899 -63.17 18.64 31.29
C TYR I 899 -62.06 18.66 32.33
N TYR I 900 -61.46 19.82 32.58
CA TYR I 900 -60.32 19.89 33.48
C TYR I 900 -60.75 19.63 34.93
N ASP I 901 -59.75 19.43 35.78
CA ASP I 901 -59.96 19.26 37.22
C ASP I 901 -59.80 20.61 37.90
N SER I 902 -60.75 20.92 38.80
CA SER I 902 -60.73 22.22 39.46
C SER I 902 -59.58 22.34 40.45
N ARG I 903 -59.15 21.22 41.04
CA ARG I 903 -58.13 21.28 42.09
C ARG I 903 -56.79 21.75 41.54
N VAL I 904 -56.37 21.20 40.40
CA VAL I 904 -55.07 21.56 39.83
C VAL I 904 -55.06 23.01 39.38
N VAL I 905 -56.12 23.45 38.71
CA VAL I 905 -56.20 24.84 38.26
C VAL I 905 -56.25 25.78 39.44
N GLY I 906 -56.96 25.38 40.52
CA GLY I 906 -57.00 26.22 41.70
C GLY I 906 -55.65 26.34 42.38
N LYS I 907 -54.92 25.22 42.46
CA LYS I 907 -53.57 25.27 43.03
C LYS I 907 -52.62 26.08 42.16
N TYR I 908 -52.83 26.08 40.85
CA TYR I 908 -52.00 26.90 39.97
C TYR I 908 -52.32 28.37 40.13
N CYS I 909 -53.61 28.71 40.27
CA CYS I 909 -54.04 30.09 40.40
C CYS I 909 -53.96 30.63 41.82
N GLU I 910 -53.60 29.78 42.80
CA GLU I 910 -53.54 30.23 44.19
C GLU I 910 -52.54 31.36 44.35
N LYS I 911 -51.29 31.14 43.92
CA LYS I 911 -50.27 32.18 44.04
C LYS I 911 -50.31 33.18 42.88
N ARG I 912 -51.03 32.87 41.80
CA ARG I 912 -51.09 33.75 40.65
C ARG I 912 -52.29 34.69 40.68
N ASP I 913 -53.50 34.13 40.69
CA ASP I 913 -54.72 34.93 40.66
C ASP I 913 -55.88 34.12 41.23
N PRO I 914 -56.18 34.27 42.52
CA PRO I 914 -57.28 33.48 43.11
C PRO I 914 -58.65 33.80 42.56
N HIS I 915 -58.80 34.89 41.81
CA HIS I 915 -60.09 35.22 41.21
C HIS I 915 -60.50 34.17 40.18
N LEU I 916 -59.52 33.55 39.51
CA LEU I 916 -59.82 32.49 38.56
C LEU I 916 -59.95 31.14 39.28
N ALA I 917 -59.19 30.95 40.35
CA ALA I 917 -59.33 29.73 41.15
C ALA I 917 -60.70 29.63 41.77
N CYS I 918 -61.29 30.77 42.17
CA CYS I 918 -62.65 30.75 42.71
C CYS I 918 -63.64 30.29 41.65
N VAL I 919 -63.52 30.81 40.43
CA VAL I 919 -64.42 30.41 39.36
C VAL I 919 -64.24 28.94 39.02
N ALA I 920 -63.00 28.45 39.07
CA ALA I 920 -62.76 27.03 38.81
C ALA I 920 -63.39 26.16 39.89
N TYR I 921 -63.22 26.53 41.16
CA TYR I 921 -63.82 25.78 42.25
C TYR I 921 -65.34 25.87 42.24
N GLU I 922 -65.90 26.93 41.67
CA GLU I 922 -67.35 27.02 41.55
C GLU I 922 -67.90 25.87 40.70
N ARG I 923 -67.21 25.55 39.60
CA ARG I 923 -67.60 24.40 38.80
C ARG I 923 -67.18 23.09 39.45
N GLY I 924 -66.01 23.07 40.11
CA GLY I 924 -65.56 21.86 40.79
C GLY I 924 -66.26 21.58 42.10
N GLN I 925 -67.01 22.56 42.63
CA GLN I 925 -67.75 22.41 43.88
C GLN I 925 -66.84 22.06 45.06
N CYS I 926 -65.61 22.57 45.05
CA CYS I 926 -64.66 22.34 46.14
C CYS I 926 -64.89 23.40 47.21
N ASP I 927 -65.76 23.07 48.16
CA ASP I 927 -66.10 24.01 49.22
C ASP I 927 -64.91 24.26 50.15
N LEU I 928 -64.18 23.19 50.52
CA LEU I 928 -63.03 23.36 51.39
C LEU I 928 -61.94 24.18 50.71
N GLU I 929 -61.68 23.91 49.43
CA GLU I 929 -60.71 24.71 48.69
C GLU I 929 -61.18 26.15 48.54
N LEU I 930 -62.48 26.35 48.28
CA LEU I 930 -63.03 27.70 48.22
C LEU I 930 -62.77 28.46 49.52
N ILE I 931 -63.04 27.81 50.66
CA ILE I 931 -62.79 28.46 51.94
C ILE I 931 -61.31 28.78 52.10
N ASN I 932 -60.45 27.76 51.92
CA ASN I 932 -59.02 27.95 52.16
C ASN I 932 -58.40 28.98 51.23
N VAL I 933 -59.02 29.23 50.07
CA VAL I 933 -58.46 30.19 49.12
C VAL I 933 -59.05 31.58 49.36
N CYS I 934 -60.37 31.71 49.23
CA CYS I 934 -60.98 33.03 49.28
C CYS I 934 -61.18 33.50 50.73
N ASN I 935 -61.67 32.64 51.61
CA ASN I 935 -61.99 33.07 52.97
C ASN I 935 -60.75 33.46 53.75
N GLU I 936 -59.57 32.94 53.36
CA GLU I 936 -58.35 33.25 54.09
C GLU I 936 -57.94 34.70 53.84
N ASN I 937 -57.61 35.04 52.60
CA ASN I 937 -57.26 36.41 52.22
C ASN I 937 -57.71 36.64 50.78
N SER I 938 -58.92 37.17 50.62
CA SER I 938 -59.46 37.51 49.31
C SER I 938 -60.76 38.28 49.43
N LEU I 939 -61.39 38.58 48.31
CA LEU I 939 -62.70 39.23 48.33
C LEU I 939 -63.78 38.24 48.76
N PHE I 940 -64.70 38.70 49.60
CA PHE I 940 -65.74 37.86 50.14
C PHE I 940 -67.05 37.91 49.35
N LYS I 941 -67.13 38.78 48.34
CA LYS I 941 -68.36 38.86 47.55
C LYS I 941 -68.56 37.60 46.71
N SER I 942 -67.48 36.97 46.25
CA SER I 942 -67.61 35.76 45.45
C SER I 942 -68.20 34.62 46.27
N LEU I 943 -67.71 34.43 47.50
CA LEU I 943 -68.27 33.40 48.37
C LEU I 943 -69.72 33.72 48.73
N SER I 944 -70.03 35.01 48.92
CA SER I 944 -71.40 35.40 49.24
C SER I 944 -72.34 35.09 48.09
N ARG I 945 -71.89 35.30 46.85
CA ARG I 945 -72.71 34.99 45.69
C ARG I 945 -72.79 33.50 45.39
N TYR I 946 -71.76 32.74 45.76
CA TYR I 946 -71.78 31.31 45.49
C TYR I 946 -72.60 30.54 46.52
N LEU I 947 -72.52 30.94 47.79
CA LEU I 947 -73.25 30.23 48.83
C LEU I 947 -74.76 30.44 48.68
N VAL I 948 -75.17 31.63 48.23
CA VAL I 948 -76.59 31.87 47.99
C VAL I 948 -77.06 31.08 46.78
N ARG I 949 -76.24 31.00 45.73
CA ARG I 949 -76.62 30.24 44.54
C ARG I 949 -76.66 28.75 44.83
N ARG I 950 -75.65 28.24 45.55
CA ARG I 950 -75.60 26.82 45.93
C ARG I 950 -76.31 26.66 47.27
N LYS I 951 -77.60 26.35 47.18
CA LYS I 951 -78.45 26.25 48.37
C LYS I 951 -78.17 24.97 49.15
N ASP I 952 -77.08 24.96 49.92
CA ASP I 952 -76.74 23.82 50.76
C ASP I 952 -76.69 24.27 52.21
N PRO I 953 -77.58 23.78 53.09
CA PRO I 953 -77.52 24.20 54.50
C PRO I 953 -76.26 23.75 55.21
N GLU I 954 -75.65 22.64 54.77
CA GLU I 954 -74.44 22.16 55.43
C GLU I 954 -73.29 23.13 55.29
N LEU I 955 -73.20 23.82 54.15
CA LEU I 955 -72.14 24.82 53.97
C LEU I 955 -72.31 25.98 54.94
N TRP I 956 -73.52 26.52 55.04
CA TRP I 956 -73.78 27.60 55.99
C TRP I 956 -73.57 27.14 57.42
N GLY I 957 -73.87 25.88 57.73
CA GLY I 957 -73.63 25.38 59.07
C GLY I 957 -72.15 25.22 59.38
N SER I 958 -71.36 24.85 58.37
CA SER I 958 -69.94 24.63 58.55
C SER I 958 -69.11 25.92 58.51
N VAL I 959 -69.63 26.98 57.91
CA VAL I 959 -68.90 28.25 57.88
C VAL I 959 -69.23 29.06 59.13
N LEU I 960 -70.32 28.69 59.82
CA LEU I 960 -70.74 29.36 61.04
C LEU I 960 -70.43 28.55 62.29
N LEU I 961 -69.33 27.81 62.30
CA LEU I 961 -68.92 27.01 63.46
C LEU I 961 -68.25 27.83 64.54
N GLU I 962 -68.24 29.16 64.42
CA GLU I 962 -67.64 30.09 65.38
C GLU I 962 -66.14 29.87 65.54
N SER I 963 -65.50 29.13 64.64
CA SER I 963 -64.06 28.90 64.69
C SER I 963 -63.30 29.69 63.63
N ASN I 964 -63.92 29.96 62.50
CA ASN I 964 -63.28 30.74 61.44
C ASN I 964 -63.29 32.22 61.81
N PRO I 965 -62.14 32.87 61.96
CA PRO I 965 -62.15 34.30 62.32
C PRO I 965 -62.65 35.20 61.21
N TYR I 966 -62.68 34.73 59.97
CA TYR I 966 -63.14 35.53 58.84
C TYR I 966 -64.64 35.37 58.59
N ARG I 967 -65.41 34.99 59.60
CA ARG I 967 -66.85 34.80 59.43
C ARG I 967 -67.62 36.12 59.44
N ARG I 968 -67.04 37.18 60.00
CA ARG I 968 -67.70 38.48 60.07
C ARG I 968 -67.71 39.19 58.72
N PRO I 969 -66.59 39.22 57.97
CA PRO I 969 -66.66 39.83 56.63
C PRO I 969 -67.62 39.11 55.69
N LEU I 970 -67.71 37.78 55.81
CA LEU I 970 -68.65 37.03 54.97
C LEU I 970 -70.09 37.48 55.23
N ILE I 971 -70.45 37.66 56.50
CA ILE I 971 -71.80 38.12 56.82
C ILE I 971 -71.99 39.57 56.38
N ASP I 972 -70.99 40.43 56.60
CA ASP I 972 -71.10 41.82 56.20
C ASP I 972 -71.20 41.99 54.69
N GLN I 973 -70.70 41.02 53.92
CA GLN I 973 -70.85 41.07 52.48
C GLN I 973 -72.15 40.41 51.99
N VAL I 974 -72.58 39.34 52.65
CA VAL I 974 -73.82 38.69 52.22
C VAL I 974 -75.03 39.54 52.58
N VAL I 975 -74.95 40.32 53.66
CA VAL I 975 -76.07 41.19 54.02
C VAL I 975 -76.28 42.28 52.99
N GLN I 976 -75.24 42.58 52.20
CA GLN I 976 -75.35 43.56 51.12
C GLN I 976 -75.66 42.91 49.78
N THR I 977 -75.15 41.70 49.55
CA THR I 977 -75.36 41.01 48.28
C THR I 977 -76.65 40.19 48.25
N ALA I 978 -77.38 40.10 49.36
CA ALA I 978 -78.66 39.39 49.34
C ALA I 978 -79.67 40.08 48.44
N LEU I 979 -79.66 41.42 48.43
CA LEU I 979 -80.60 42.17 47.60
C LEU I 979 -80.21 42.16 46.13
N SER I 980 -79.04 41.61 45.79
CA SER I 980 -78.59 41.63 44.41
C SER I 980 -79.45 40.75 43.50
N GLU I 981 -79.88 39.59 43.99
CA GLU I 981 -80.66 38.67 43.16
C GLU I 981 -82.13 39.09 43.10
N THR I 982 -82.79 39.06 44.26
CA THR I 982 -84.21 39.40 44.39
C THR I 982 -85.04 38.69 43.31
N GLN I 983 -84.91 37.37 43.28
CA GLN I 983 -85.54 36.55 42.25
C GLN I 983 -86.61 35.62 42.81
N ASP I 984 -86.27 34.79 43.78
CA ASP I 984 -87.19 33.82 44.35
C ASP I 984 -86.99 33.76 45.85
N PRO I 985 -88.05 33.50 46.62
CA PRO I 985 -87.92 33.41 48.08
C PRO I 985 -87.31 32.11 48.57
N GLU I 986 -87.00 31.16 47.68
CA GLU I 986 -86.40 29.90 48.11
C GLU I 986 -84.96 30.10 48.59
N GLU I 987 -84.17 30.86 47.83
CA GLU I 987 -82.80 31.13 48.23
C GLU I 987 -82.73 31.91 49.52
N VAL I 988 -83.70 32.78 49.77
CA VAL I 988 -83.73 33.54 51.02
C VAL I 988 -84.18 32.65 52.17
N SER I 989 -85.17 31.80 51.93
CA SER I 989 -85.69 30.93 52.97
C SER I 989 -84.66 29.90 53.41
N VAL I 990 -83.88 29.36 52.46
CA VAL I 990 -82.84 28.40 52.82
C VAL I 990 -81.81 29.05 53.74
N THR I 991 -81.39 30.27 53.38
CA THR I 991 -80.43 30.98 54.21
C THR I 991 -81.00 31.34 55.58
N VAL I 992 -82.28 31.71 55.63
CA VAL I 992 -82.91 32.03 56.91
C VAL I 992 -82.96 30.79 57.80
N LYS I 993 -83.35 29.65 57.23
CA LYS I 993 -83.39 28.42 58.01
C LYS I 993 -82.00 28.00 58.46
N ALA I 994 -80.99 28.19 57.61
CA ALA I 994 -79.62 27.86 58.00
C ALA I 994 -79.14 28.75 59.14
N PHE I 995 -79.49 30.03 59.10
CA PHE I 995 -79.13 30.94 60.18
C PHE I 995 -79.86 30.58 61.47
N MET I 996 -81.13 30.20 61.38
CA MET I 996 -81.90 29.85 62.56
C MET I 996 -81.38 28.56 63.19
N THR I 997 -81.01 27.57 62.36
CA THR I 997 -80.49 26.32 62.88
C THR I 997 -79.07 26.47 63.42
N ALA I 998 -78.38 27.56 63.08
CA ALA I 998 -77.02 27.79 63.55
C ALA I 998 -76.97 28.46 64.92
N ASP I 999 -78.12 28.73 65.54
CA ASP I 999 -78.20 29.34 66.85
C ASP I 999 -77.45 30.68 66.89
N LEU I 1000 -77.62 31.49 65.86
CA LEU I 1000 -76.92 32.77 65.80
C LEU I 1000 -77.55 33.75 66.78
N PRO I 1001 -76.75 34.50 67.55
CA PRO I 1001 -77.32 35.47 68.49
C PRO I 1001 -77.97 36.66 67.78
N ASN I 1002 -78.47 37.62 68.56
CA ASN I 1002 -79.14 38.78 67.99
C ASN I 1002 -78.13 39.70 67.32
N GLU I 1003 -78.67 40.70 66.61
CA GLU I 1003 -77.87 41.71 65.91
C GLU I 1003 -76.96 41.07 64.85
N LEU I 1004 -77.35 39.89 64.38
CA LEU I 1004 -76.64 39.20 63.32
C LEU I 1004 -77.55 38.79 62.17
N ILE I 1005 -78.79 38.43 62.45
CA ILE I 1005 -79.74 38.01 61.42
C ILE I 1005 -80.80 39.08 61.18
N GLU I 1006 -81.11 39.88 62.20
CA GLU I 1006 -82.15 40.89 62.06
C GLU I 1006 -81.75 41.98 61.07
N LEU I 1007 -80.44 42.22 60.90
CA LEU I 1007 -79.98 43.22 59.95
C LEU I 1007 -80.36 42.82 58.52
N LEU I 1008 -80.15 41.55 58.16
CA LEU I 1008 -80.52 41.08 56.84
C LEU I 1008 -82.04 41.15 56.65
N GLU I 1009 -82.80 40.82 57.71
CA GLU I 1009 -84.26 40.91 57.61
C GLU I 1009 -84.70 42.35 57.38
N LYS I 1010 -84.06 43.31 58.06
CA LYS I 1010 -84.42 44.71 57.86
C LYS I 1010 -84.03 45.19 56.46
N ILE I 1011 -82.87 44.76 55.96
CA ILE I 1011 -82.43 45.24 54.66
C ILE I 1011 -83.22 44.56 53.54
N VAL I 1012 -83.84 43.41 53.82
CA VAL I 1012 -84.62 42.73 52.79
C VAL I 1012 -86.09 43.17 52.81
N LEU I 1013 -86.69 43.32 53.99
CA LEU I 1013 -88.10 43.69 54.07
C LEU I 1013 -88.34 45.15 53.71
N ASP I 1014 -87.43 46.04 54.09
CA ASP I 1014 -87.61 47.47 53.86
C ASP I 1014 -87.14 47.83 52.46
N ASN I 1015 -88.03 48.42 51.67
CA ASN I 1015 -87.73 48.96 50.35
C ASN I 1015 -87.17 47.86 49.42
N SER I 1016 -88.01 46.86 49.18
CA SER I 1016 -87.67 45.77 48.29
C SER I 1016 -88.94 45.03 47.90
N VAL I 1017 -88.77 44.00 47.07
CA VAL I 1017 -89.91 43.21 46.62
C VAL I 1017 -90.44 42.32 47.73
N PHE I 1018 -89.56 41.81 48.58
CA PHE I 1018 -89.95 40.91 49.67
C PHE I 1018 -90.63 41.71 50.78
N SER I 1019 -91.92 41.97 50.56
CA SER I 1019 -92.75 42.68 51.52
C SER I 1019 -93.87 41.81 52.09
N GLU I 1020 -93.72 40.49 52.00
CA GLU I 1020 -94.73 39.57 52.51
C GLU I 1020 -94.52 39.35 54.00
N HIS I 1021 -95.26 38.39 54.57
CA HIS I 1021 -95.14 38.07 55.99
C HIS I 1021 -95.10 36.58 56.26
N ARG I 1022 -94.86 35.76 55.24
CA ARG I 1022 -94.78 34.31 55.42
C ARG I 1022 -93.53 33.94 56.19
N ASN I 1023 -93.69 33.62 57.47
CA ASN I 1023 -92.57 33.30 58.36
C ASN I 1023 -91.54 34.42 58.43
N LEU I 1024 -91.97 35.65 58.21
CA LEU I 1024 -91.09 36.82 58.25
C LEU I 1024 -91.36 37.73 59.44
N GLN I 1025 -92.47 37.54 60.14
CA GLN I 1025 -92.79 38.40 61.27
C GLN I 1025 -91.90 38.08 62.47
N ASN I 1026 -91.71 36.80 62.75
CA ASN I 1026 -90.85 36.41 63.87
C ASN I 1026 -89.40 36.79 63.61
N LEU I 1027 -88.99 36.86 62.35
CA LEU I 1027 -87.62 37.23 62.01
C LEU I 1027 -87.31 38.69 62.35
N LEU I 1028 -88.34 39.52 62.52
CA LEU I 1028 -88.17 40.93 62.85
C LEU I 1028 -88.76 41.29 64.20
N ILE I 1029 -89.97 40.82 64.50
CA ILE I 1029 -90.61 41.18 65.76
C ILE I 1029 -90.08 40.32 66.91
N LEU I 1030 -90.11 39.00 66.74
CA LEU I 1030 -89.65 38.11 67.81
C LEU I 1030 -88.16 38.28 68.08
N THR I 1031 -87.37 38.51 67.02
CA THR I 1031 -85.94 38.76 67.21
C THR I 1031 -85.69 40.05 67.96
N ALA I 1032 -86.54 41.06 67.75
CA ALA I 1032 -86.41 42.31 68.51
C ALA I 1032 -86.86 42.14 69.95
N ILE I 1033 -87.85 41.28 70.20
CA ILE I 1033 -88.29 41.03 71.56
C ILE I 1033 -87.18 40.37 72.37
N LYS I 1034 -86.36 39.53 71.75
CA LYS I 1034 -85.25 38.90 72.45
C LYS I 1034 -84.22 39.92 72.91
N ALA I 1035 -84.17 41.09 72.29
CA ALA I 1035 -83.21 42.12 72.67
C ALA I 1035 -83.75 43.08 73.73
N ASP I 1036 -85.07 43.25 73.79
CA ASP I 1036 -85.72 44.14 74.75
C ASP I 1036 -85.18 45.57 74.63
N ARG I 1037 -85.38 46.14 73.45
CA ARG I 1037 -84.91 47.49 73.15
C ARG I 1037 -86.07 48.30 72.58
N THR I 1038 -85.82 49.59 72.36
CA THR I 1038 -86.84 50.48 71.82
C THR I 1038 -87.05 50.29 70.33
N ARG I 1039 -86.28 49.40 69.68
CA ARG I 1039 -86.44 49.20 68.24
C ARG I 1039 -87.77 48.54 67.91
N VAL I 1040 -88.43 47.93 68.89
CA VAL I 1040 -89.71 47.27 68.65
C VAL I 1040 -90.77 48.28 68.24
N MET I 1041 -90.77 49.46 68.86
CA MET I 1041 -91.73 50.49 68.49
C MET I 1041 -91.54 50.94 67.04
N GLU I 1042 -90.29 51.15 66.63
CA GLU I 1042 -90.02 51.54 65.25
C GLU I 1042 -90.40 50.42 64.28
N TYR I 1043 -90.14 49.16 64.66
CA TYR I 1043 -90.53 48.05 63.80
C TYR I 1043 -92.04 47.95 63.66
N ILE I 1044 -92.78 48.22 64.73
CA ILE I 1044 -94.24 48.22 64.64
C ILE I 1044 -94.73 49.37 63.77
N ASN I 1045 -94.11 50.55 63.93
CA ASN I 1045 -94.50 51.72 63.16
C ASN I 1045 -94.06 51.65 61.70
N ARG I 1046 -93.18 50.72 61.34
CA ARG I 1046 -92.70 50.59 59.97
C ARG I 1046 -93.22 49.36 59.26
N LEU I 1047 -93.34 48.22 59.95
CA LEU I 1047 -93.81 47.01 59.31
C LEU I 1047 -95.31 47.08 59.04
N ASP I 1048 -95.72 46.55 57.89
CA ASP I 1048 -97.11 46.51 57.47
C ASP I 1048 -97.45 45.11 56.98
N ASN I 1049 -98.75 44.85 56.83
CA ASN I 1049 -99.26 43.56 56.36
C ASN I 1049 -98.74 42.42 57.25
N TYR I 1050 -98.98 42.54 58.55
CA TYR I 1050 -98.55 41.56 59.53
C TYR I 1050 -99.76 41.01 60.28
N ASP I 1051 -99.49 40.20 61.30
CA ASP I 1051 -100.52 39.60 62.14
C ASP I 1051 -100.47 40.27 63.50
N ALA I 1052 -101.54 41.00 63.85
CA ALA I 1052 -101.55 41.72 65.11
C ALA I 1052 -101.76 40.81 66.32
N PRO I 1053 -102.76 39.92 66.36
CA PRO I 1053 -102.95 39.13 67.59
C PRO I 1053 -101.80 38.20 67.91
N ASP I 1054 -101.14 37.65 66.89
CA ASP I 1054 -100.02 36.74 67.15
C ASP I 1054 -98.89 37.46 67.87
N ILE I 1055 -98.41 38.58 67.31
CA ILE I 1055 -97.32 39.31 67.97
C ILE I 1055 -97.79 39.91 69.28
N ALA I 1056 -99.09 40.24 69.39
CA ALA I 1056 -99.61 40.74 70.66
C ALA I 1056 -99.51 39.68 71.75
N ASN I 1057 -99.91 38.44 71.45
CA ASN I 1057 -99.80 37.36 72.42
C ASN I 1057 -98.34 37.03 72.72
N ILE I 1058 -97.48 37.12 71.70
CA ILE I 1058 -96.05 36.88 71.91
C ILE I 1058 -95.48 37.91 72.89
N ALA I 1059 -95.86 39.18 72.72
CA ALA I 1059 -95.39 40.23 73.62
C ALA I 1059 -95.95 40.04 75.02
N ILE I 1060 -97.23 39.67 75.11
CA ILE I 1060 -97.84 39.42 76.42
C ILE I 1060 -97.12 38.29 77.14
N SER I 1061 -96.72 37.26 76.40
CA SER I 1061 -95.98 36.16 77.00
C SER I 1061 -94.63 36.62 77.53
N ASN I 1062 -94.06 37.67 76.96
CA ASN I 1062 -92.79 38.21 77.42
C ASN I 1062 -93.02 39.30 78.46
N GLU I 1063 -91.92 39.94 78.88
CA GLU I 1063 -92.00 40.97 79.90
C GLU I 1063 -92.46 42.32 79.36
N LEU I 1064 -92.44 42.50 78.04
CA LEU I 1064 -92.82 43.77 77.41
C LEU I 1064 -94.32 43.77 77.15
N PHE I 1065 -95.05 44.59 77.91
CA PHE I 1065 -96.50 44.70 77.76
C PHE I 1065 -96.96 45.99 77.09
N GLU I 1066 -96.13 47.02 77.09
CA GLU I 1066 -96.52 48.29 76.45
C GLU I 1066 -96.67 48.12 74.94
N GLU I 1067 -95.88 47.24 74.33
CA GLU I 1067 -96.00 47.02 72.90
C GLU I 1067 -97.34 46.39 72.54
N ALA I 1068 -97.78 45.40 73.33
CA ALA I 1068 -99.10 44.81 73.11
C ALA I 1068 -100.21 45.83 73.34
N PHE I 1069 -100.03 46.74 74.30
CA PHE I 1069 -101.01 47.79 74.53
C PHE I 1069 -101.10 48.72 73.31
N ALA I 1070 -99.94 49.10 72.76
CA ALA I 1070 -99.94 49.94 71.58
C ALA I 1070 -100.55 49.23 70.37
N ILE I 1071 -100.30 47.92 70.25
CA ILE I 1071 -100.89 47.16 69.15
C ILE I 1071 -102.41 47.10 69.28
N PHE I 1072 -102.89 46.85 70.50
CA PHE I 1072 -104.34 46.82 70.72
C PHE I 1072 -104.96 48.20 70.51
N ARG I 1073 -104.22 49.26 70.83
CA ARG I 1073 -104.73 50.61 70.60
C ARG I 1073 -104.78 50.94 69.11
N LYS I 1074 -103.82 50.43 68.34
CA LYS I 1074 -103.83 50.68 66.90
C LYS I 1074 -105.03 50.03 66.23
N PHE I 1075 -105.40 48.83 66.67
CA PHE I 1075 -106.55 48.13 66.11
C PHE I 1075 -107.70 48.08 67.11
N PRO J 99 11.39 39.96 -65.96
CA PRO J 99 11.95 41.16 -66.62
C PRO J 99 11.20 41.52 -67.88
N GLU J 100 10.12 40.80 -68.17
CA GLU J 100 9.28 41.03 -69.35
C GLU J 100 10.11 40.95 -70.63
N SER J 101 10.68 39.77 -70.86
CA SER J 101 11.51 39.53 -72.03
C SER J 101 10.70 39.30 -73.30
N ILE J 102 9.38 39.46 -73.25
CA ILE J 102 8.55 39.25 -74.43
C ILE J 102 8.87 40.28 -75.51
N ARG J 103 9.30 41.48 -75.09
CA ARG J 103 9.62 42.53 -76.04
C ARG J 103 10.72 42.09 -77.00
N LYS J 104 11.89 41.74 -76.47
CA LYS J 104 12.97 41.26 -77.32
C LYS J 104 12.59 39.96 -78.01
N TRP J 105 11.87 39.08 -77.29
CA TRP J 105 11.39 37.82 -77.86
C TRP J 105 10.68 38.05 -79.19
N ARG J 106 9.82 39.06 -79.25
CA ARG J 106 9.11 39.35 -80.50
C ARG J 106 9.97 40.16 -81.46
N GLU J 107 10.73 41.13 -80.95
CA GLU J 107 11.43 42.06 -81.81
C GLU J 107 12.53 41.37 -82.61
N GLU J 108 13.34 40.54 -81.94
CA GLU J 108 14.43 39.86 -82.64
C GLU J 108 13.90 38.93 -83.72
N GLN J 109 12.85 38.16 -83.40
CA GLN J 109 12.29 37.24 -84.38
C GLN J 109 11.68 37.99 -85.56
N ARG J 110 10.95 39.08 -85.29
CA ARG J 110 10.34 39.83 -86.37
C ARG J 110 11.39 40.48 -87.25
N LYS J 111 12.48 40.99 -86.65
CA LYS J 111 13.55 41.58 -87.46
C LYS J 111 14.24 40.53 -88.31
N ARG J 112 14.52 39.36 -87.75
CA ARG J 112 15.13 38.28 -88.52
C ARG J 112 14.23 37.85 -89.67
N LEU J 113 12.92 37.75 -89.42
CA LEU J 113 12.00 37.35 -90.48
C LEU J 113 11.93 38.41 -91.57
N GLN J 114 11.88 39.69 -91.19
CA GLN J 114 11.82 40.75 -92.18
C GLN J 114 13.09 40.80 -93.02
N GLU J 115 14.25 40.52 -92.39
CA GLU J 115 15.49 40.49 -93.15
C GLU J 115 15.53 39.30 -94.10
N LEU J 116 15.12 38.12 -93.63
CA LEU J 116 15.17 36.92 -94.46
C LEU J 116 14.19 37.02 -95.62
N ASP J 117 13.03 37.65 -95.41
CA ASP J 117 12.07 37.81 -96.49
C ASP J 117 12.63 38.68 -97.60
N ALA J 118 13.24 39.81 -97.23
CA ALA J 118 13.84 40.69 -98.24
C ALA J 118 15.01 40.00 -98.95
N ALA J 119 15.84 39.26 -98.20
CA ALA J 119 16.94 38.54 -98.82
C ALA J 119 16.43 37.52 -99.82
N SER J 120 15.40 36.76 -99.44
CA SER J 120 14.83 35.76 -100.35
C SER J 120 14.20 36.41 -101.57
N LYS J 121 13.53 37.56 -101.40
CA LYS J 121 12.94 38.23 -102.55
C LYS J 121 14.02 38.73 -103.51
N VAL J 122 15.10 39.29 -102.98
CA VAL J 122 16.20 39.73 -103.84
C VAL J 122 16.83 38.55 -104.57
N MET J 123 17.03 37.43 -103.86
CA MET J 123 17.61 36.25 -104.49
C MET J 123 16.70 35.71 -105.59
N GLU J 124 15.39 35.68 -105.35
CA GLU J 124 14.46 35.21 -106.37
C GLU J 124 14.44 36.15 -107.57
N GLN J 125 14.50 37.47 -107.34
CA GLN J 125 14.56 38.40 -108.46
C GLN J 125 15.82 38.20 -109.29
N GLU J 126 16.96 38.02 -108.63
CA GLU J 126 18.20 37.78 -109.36
C GLU J 126 18.15 36.46 -110.12
N TRP J 127 17.53 35.45 -109.53
CA TRP J 127 17.40 34.16 -110.22
C TRP J 127 16.50 34.28 -111.45
N ARG J 128 15.41 35.03 -111.33
CA ARG J 128 14.55 35.24 -112.49
C ARG J 128 15.26 36.03 -113.58
N GLU J 129 16.07 37.03 -113.19
CA GLU J 129 16.84 37.76 -114.17
C GLU J 129 17.86 36.87 -114.88
N LYS J 130 18.55 36.01 -114.13
CA LYS J 130 19.50 35.09 -114.75
C LYS J 130 18.78 34.10 -115.67
N ALA J 131 17.59 33.64 -115.27
CA ALA J 131 16.84 32.70 -116.11
C ALA J 131 16.41 33.36 -117.41
N LYS J 132 15.91 34.60 -117.35
CA LYS J 132 15.51 35.28 -118.57
C LYS J 132 16.71 35.63 -119.44
N LYS J 133 17.86 35.93 -118.84
CA LYS J 133 19.07 36.15 -119.62
C LYS J 133 19.50 34.87 -120.33
N ASP J 134 19.41 33.73 -119.65
CA ASP J 134 19.73 32.45 -120.29
C ASP J 134 18.76 32.14 -121.42
N LEU J 135 17.47 32.46 -121.22
CA LEU J 135 16.50 32.25 -122.28
C LEU J 135 16.81 33.13 -123.50
N GLU J 136 17.18 34.39 -123.25
CA GLU J 136 17.54 35.28 -124.35
C GLU J 136 18.80 34.81 -125.07
N GLU J 137 19.77 34.28 -124.33
CA GLU J 137 20.98 33.73 -124.95
C GLU J 137 20.70 32.47 -125.75
N TRP J 138 19.77 31.63 -125.29
CA TRP J 138 19.40 30.44 -126.04
C TRP J 138 18.60 30.78 -127.30
N ASN J 139 17.75 31.80 -127.22
CA ASN J 139 16.99 32.23 -128.40
C ASN J 139 17.92 32.73 -129.50
N GLN J 140 19.03 33.36 -129.14
CA GLN J 140 19.98 33.83 -130.14
C GLN J 140 20.59 32.66 -130.89
N ARG J 141 21.02 31.61 -130.17
CA ARG J 141 21.57 30.44 -130.84
C ARG J 141 20.51 29.71 -131.66
N GLN J 142 19.27 29.68 -131.18
CA GLN J 142 18.19 29.08 -131.96
C GLN J 142 17.98 29.82 -133.26
N SER J 143 17.95 31.16 -133.21
CA SER J 143 17.79 31.94 -134.43
C SER J 143 19.00 31.79 -135.35
N GLU J 144 20.20 31.66 -134.78
CA GLU J 144 21.39 31.43 -135.60
C GLU J 144 21.30 30.10 -136.34
N GLN J 145 20.86 29.05 -135.65
CA GLN J 145 20.67 27.75 -136.30
C GLN J 145 19.57 27.81 -137.35
N VAL J 146 18.49 28.56 -137.09
CA VAL J 146 17.43 28.71 -138.07
C VAL J 146 17.95 29.39 -139.33
N GLU J 147 18.72 30.47 -139.16
CA GLU J 147 19.30 31.16 -140.31
C GLU J 147 20.29 30.28 -141.05
N LYS J 148 21.05 29.46 -140.32
CA LYS J 148 21.98 28.54 -140.97
C LYS J 148 21.23 27.53 -141.82
N ASN J 149 20.15 26.96 -141.29
CA ASN J 149 19.33 26.04 -142.08
C ASN J 149 18.71 26.74 -143.27
N LYS J 150 18.27 27.98 -143.11
CA LYS J 150 17.67 28.73 -144.22
C LYS J 150 18.69 28.95 -145.33
N ILE J 151 19.91 29.37 -144.98
CA ILE J 151 20.91 29.62 -146.01
C ILE J 151 21.37 28.32 -146.65
N ASN J 152 21.40 27.23 -145.87
CA ASN J 152 21.75 25.92 -146.45
C ASN J 152 20.69 25.45 -147.43
N ASN J 153 19.42 25.75 -147.16
CA ASN J 153 18.36 25.42 -148.11
C ASN J 153 18.37 26.36 -149.31
N ARG J 154 18.79 27.61 -149.12
CA ARG J 154 18.87 28.54 -150.24
C ARG J 154 19.99 28.17 -151.20
N ILE J 155 21.15 27.80 -150.67
CA ILE J 155 22.29 27.45 -151.52
C ILE J 155 22.12 26.10 -152.21
N ALA J 156 21.03 25.39 -151.93
CA ALA J 156 20.82 24.08 -152.57
C ALA J 156 20.57 24.24 -154.06
N ASP J 157 19.79 25.25 -154.46
CA ASP J 157 19.51 25.49 -155.87
C ASP J 157 20.68 26.17 -156.57
N PRO K 809 -117.05 36.46 34.25
CA PRO K 809 -116.17 37.52 34.75
C PRO K 809 -115.20 38.02 33.68
N SER K 810 -115.73 38.34 32.50
CA SER K 810 -114.87 38.84 31.43
C SER K 810 -114.53 40.33 31.63
N ARG K 811 -115.38 41.07 32.32
CA ARG K 811 -115.19 42.50 32.54
C ARG K 811 -114.34 42.80 33.77
N LEU K 812 -113.54 41.84 34.24
CA LEU K 812 -112.70 42.09 35.40
C LEU K 812 -111.63 43.16 35.15
N PRO K 813 -110.93 43.19 34.02
CA PRO K 813 -109.95 44.28 33.81
C PRO K 813 -110.59 45.67 33.84
N VAL K 814 -111.81 45.81 33.31
CA VAL K 814 -112.44 47.13 33.27
C VAL K 814 -112.74 47.61 34.68
N VAL K 815 -113.36 46.76 35.50
CA VAL K 815 -113.68 47.17 36.87
C VAL K 815 -112.41 47.33 37.72
N ILE K 816 -111.36 46.57 37.44
CA ILE K 816 -110.11 46.75 38.16
C ILE K 816 -109.49 48.11 37.82
N GLY K 817 -109.49 48.47 36.54
CA GLY K 817 -109.01 49.78 36.16
C GLY K 817 -109.84 50.91 36.75
N GLY K 818 -111.16 50.71 36.80
CA GLY K 818 -112.01 51.70 37.45
C GLY K 818 -111.70 51.86 38.92
N LEU K 819 -111.53 50.74 39.63
CA LEU K 819 -111.20 50.79 41.06
C LEU K 819 -109.86 51.45 41.28
N LEU K 820 -108.89 51.18 40.41
CA LEU K 820 -107.60 51.87 40.48
C LEU K 820 -107.74 53.36 40.21
N ASP K 821 -108.67 53.76 39.33
CA ASP K 821 -108.91 55.18 39.11
C ASP K 821 -109.56 55.83 40.33
N VAL K 822 -110.38 55.08 41.07
CA VAL K 822 -110.97 55.62 42.29
C VAL K 822 -109.91 55.78 43.38
N ASP K 823 -108.77 55.10 43.25
CA ASP K 823 -107.66 55.18 44.20
C ASP K 823 -108.09 54.69 45.59
N CYS K 824 -108.49 53.42 45.63
CA CYS K 824 -108.87 52.76 46.87
C CYS K 824 -107.68 51.97 47.43
N SER K 825 -107.95 51.18 48.46
CA SER K 825 -106.90 50.38 49.09
C SER K 825 -106.48 49.23 48.18
N GLU K 826 -105.31 48.67 48.49
CA GLU K 826 -104.76 47.57 47.70
C GLU K 826 -105.11 46.21 48.26
N ASP K 827 -105.40 46.12 49.57
CA ASP K 827 -105.71 44.83 50.18
C ASP K 827 -107.00 44.23 49.62
N VAL K 828 -107.98 45.08 49.28
CA VAL K 828 -109.24 44.58 48.74
C VAL K 828 -108.99 43.91 47.39
N ILE K 829 -108.12 44.49 46.56
CA ILE K 829 -107.80 43.90 45.27
C ILE K 829 -107.05 42.59 45.46
N LYS K 830 -106.15 42.53 46.44
CA LYS K 830 -105.41 41.30 46.70
C LYS K 830 -106.33 40.20 47.21
N ASN K 831 -107.39 40.58 47.93
CA ASN K 831 -108.35 39.59 48.41
C ASN K 831 -109.28 39.12 47.30
N LEU K 832 -109.68 40.03 46.41
CA LEU K 832 -110.60 39.67 45.33
C LEU K 832 -109.90 38.98 44.17
N ILE K 833 -108.58 39.10 44.05
CA ILE K 833 -107.89 38.45 42.95
C ILE K 833 -107.71 36.96 43.22
N LEU K 834 -107.80 36.55 44.48
CA LEU K 834 -107.64 35.15 44.85
C LEU K 834 -108.88 34.30 44.57
N VAL K 835 -110.01 34.93 44.22
CA VAL K 835 -111.22 34.17 43.91
C VAL K 835 -111.01 33.41 42.60
N VAL K 836 -111.72 32.29 42.46
CA VAL K 836 -111.62 31.46 41.26
C VAL K 836 -112.18 32.20 40.06
N ARG K 837 -111.30 32.58 39.14
CA ARG K 837 -111.70 33.37 38.00
C ARG K 837 -112.23 32.48 36.88
N GLY K 838 -112.62 33.11 35.78
CA GLY K 838 -113.07 32.41 34.59
C GLY K 838 -112.41 32.97 33.35
N GLN K 839 -113.20 33.41 32.38
CA GLN K 839 -112.65 34.11 31.22
C GLN K 839 -112.02 35.42 31.64
N PHE K 840 -110.70 35.53 31.45
CA PHE K 840 -109.98 36.71 31.91
C PHE K 840 -108.71 36.86 31.07
N SER K 841 -108.35 38.12 30.80
CA SER K 841 -107.17 38.45 30.01
C SER K 841 -106.08 38.94 30.94
N THR K 842 -104.91 38.29 30.87
CA THR K 842 -103.77 38.64 31.70
C THR K 842 -102.73 39.49 31.00
N ASP K 843 -102.66 39.44 29.67
CA ASP K 843 -101.71 40.22 28.90
C ASP K 843 -102.17 41.65 28.66
N GLU K 844 -103.25 42.09 29.32
CA GLU K 844 -103.75 43.45 29.18
C GLU K 844 -103.82 44.22 30.49
N LEU K 845 -103.97 43.55 31.63
CA LEU K 845 -103.97 44.25 32.92
C LEU K 845 -102.59 44.80 33.25
N VAL K 846 -101.53 44.21 32.65
CA VAL K 846 -100.18 44.72 32.87
C VAL K 846 -100.06 46.13 32.34
N ALA K 847 -100.59 46.40 31.15
CA ALA K 847 -100.58 47.75 30.62
C ALA K 847 -101.38 48.70 31.50
N GLU K 848 -102.48 48.22 32.09
CA GLU K 848 -103.29 49.06 32.97
C GLU K 848 -102.52 49.45 34.22
N VAL K 849 -101.87 48.46 34.86
CA VAL K 849 -101.11 48.76 36.08
C VAL K 849 -99.84 49.54 35.77
N GLU K 850 -99.33 49.47 34.53
CA GLU K 850 -98.21 50.31 34.15
C GLU K 850 -98.66 51.75 33.94
N LYS K 851 -99.81 51.95 33.31
CA LYS K 851 -100.35 53.30 33.17
C LYS K 851 -100.69 53.89 34.54
N ARG K 852 -101.16 53.06 35.46
CA ARG K 852 -101.44 53.51 36.82
C ARG K 852 -100.19 53.58 37.68
N ASN K 853 -99.07 53.01 37.22
CA ASN K 853 -97.81 52.99 37.96
C ASN K 853 -97.98 52.27 39.30
N ARG K 854 -98.67 51.14 39.28
CA ARG K 854 -98.93 50.34 40.48
C ARG K 854 -98.61 48.87 40.18
N LEU K 855 -97.45 48.63 39.57
CA LEU K 855 -97.05 47.27 39.23
C LEU K 855 -96.81 46.42 40.48
N LYS K 856 -96.51 47.03 41.61
CA LYS K 856 -96.28 46.28 42.84
C LYS K 856 -97.56 45.65 43.38
N LEU K 857 -98.72 46.03 42.84
CA LEU K 857 -99.98 45.45 43.29
C LEU K 857 -100.10 43.99 42.90
N LEU K 858 -99.54 43.60 41.76
CA LEU K 858 -99.64 42.23 41.26
C LEU K 858 -98.53 41.33 41.76
N LEU K 859 -97.75 41.78 42.76
CA LEU K 859 -96.65 40.94 43.24
C LEU K 859 -97.12 39.67 43.92
N PRO K 860 -98.02 39.69 44.91
CA PRO K 860 -98.37 38.41 45.58
C PRO K 860 -99.11 37.44 44.69
N TRP K 861 -100.02 37.93 43.84
CA TRP K 861 -100.78 37.02 42.98
C TRP K 861 -99.87 36.34 41.97
N LEU K 862 -99.01 37.10 41.30
CA LEU K 862 -98.08 36.51 40.34
C LEU K 862 -97.05 35.62 41.04
N GLU K 863 -96.65 35.98 42.26
CA GLU K 863 -95.72 35.13 43.00
C GLU K 863 -96.37 33.79 43.34
N ALA K 864 -97.63 33.81 43.75
CA ALA K 864 -98.34 32.56 44.01
C ALA K 864 -98.52 31.75 42.73
N ARG K 865 -98.80 32.41 41.61
CA ARG K 865 -98.94 31.70 40.35
C ARG K 865 -97.62 31.05 39.93
N ILE K 866 -96.50 31.73 40.14
CA ILE K 866 -95.21 31.15 39.83
C ILE K 866 -94.89 29.99 40.77
N HIS K 867 -95.23 30.13 42.06
CA HIS K 867 -95.00 29.03 43.00
C HIS K 867 -95.83 27.81 42.63
N GLU K 868 -97.04 28.03 42.10
CA GLU K 868 -97.85 26.91 41.63
C GLU K 868 -97.26 26.28 40.37
N GLY K 869 -96.50 27.05 39.59
CA GLY K 869 -95.87 26.53 38.39
C GLY K 869 -96.52 26.99 37.11
N CYS K 870 -96.97 28.24 37.07
CA CYS K 870 -97.60 28.77 35.88
C CYS K 870 -96.55 29.27 34.89
N GLU K 871 -96.49 28.65 33.72
CA GLU K 871 -95.53 29.02 32.68
C GLU K 871 -96.17 29.96 31.67
N GLU K 872 -96.52 31.16 32.14
CA GLU K 872 -97.15 32.15 31.30
C GLU K 872 -96.18 33.30 31.07
N PRO K 873 -95.90 33.68 29.83
CA PRO K 873 -94.97 34.81 29.59
C PRO K 873 -95.46 36.13 30.16
N ALA K 874 -96.78 36.33 30.22
CA ALA K 874 -97.32 37.57 30.75
C ALA K 874 -96.95 37.79 32.21
N THR K 875 -96.66 36.72 32.95
CA THR K 875 -96.21 36.82 34.34
C THR K 875 -94.71 36.99 34.44
N HIS K 876 -93.92 36.25 33.67
CA HIS K 876 -92.48 36.38 33.71
C HIS K 876 -92.00 37.72 33.17
N ASN K 877 -92.76 38.34 32.27
CA ASN K 877 -92.38 39.68 31.80
C ASN K 877 -92.71 40.74 32.84
N ALA K 878 -93.85 40.60 33.53
CA ALA K 878 -94.18 41.53 34.61
C ALA K 878 -93.18 41.41 35.75
N LEU K 879 -92.76 40.18 36.08
CA LEU K 879 -91.74 40.00 37.11
C LEU K 879 -90.42 40.63 36.69
N ALA K 880 -90.04 40.48 35.42
CA ALA K 880 -88.81 41.10 34.94
C ALA K 880 -88.90 42.63 35.02
N LYS K 881 -90.06 43.19 34.68
CA LYS K 881 -90.22 44.63 34.73
C LYS K 881 -90.18 45.14 36.17
N ILE K 882 -90.82 44.42 37.10
CA ILE K 882 -90.82 44.88 38.48
C ILE K 882 -89.44 44.67 39.12
N TYR K 883 -88.65 43.73 38.59
CA TYR K 883 -87.27 43.60 39.06
C TYR K 883 -86.39 44.70 38.49
N ILE K 884 -86.65 45.14 37.25
CA ILE K 884 -85.95 46.28 36.68
C ILE K 884 -86.26 47.54 37.50
N ASP K 885 -87.53 47.74 37.83
CA ASP K 885 -87.94 48.89 38.62
C ASP K 885 -87.47 48.81 40.07
N SER K 886 -86.96 47.66 40.52
CA SER K 886 -86.50 47.53 41.90
C SER K 886 -85.10 48.07 42.11
N ASN K 887 -84.50 48.69 41.09
CA ASN K 887 -83.16 49.27 41.15
C ASN K 887 -82.08 48.24 41.45
N ASN K 888 -82.38 46.96 41.27
CA ASN K 888 -81.43 45.88 41.47
C ASN K 888 -80.79 45.49 40.14
N ASN K 889 -80.03 44.40 40.14
CA ASN K 889 -79.39 43.87 38.94
C ASN K 889 -79.93 42.47 38.67
N PRO K 890 -81.11 42.34 38.05
CA PRO K 890 -81.70 41.02 37.80
C PRO K 890 -81.16 40.37 36.52
N GLU K 891 -79.83 40.24 36.44
CA GLU K 891 -79.23 39.63 35.26
C GLU K 891 -79.38 38.11 35.26
N ARG K 892 -79.13 37.46 36.40
CA ARG K 892 -79.31 36.01 36.48
C ARG K 892 -80.77 35.61 36.34
N PHE K 893 -81.70 36.45 36.78
CA PHE K 893 -83.12 36.15 36.59
C PHE K 893 -83.47 36.15 35.11
N LEU K 894 -82.90 37.08 34.34
CA LEU K 894 -83.17 37.11 32.91
C LEU K 894 -82.42 36.00 32.17
N ARG K 895 -81.27 35.58 32.71
CA ARG K 895 -80.48 34.54 32.06
C ARG K 895 -80.96 33.13 32.37
N GLU K 896 -81.70 32.95 33.47
CA GLU K 896 -82.13 31.62 33.90
C GLU K 896 -83.64 31.43 33.83
N ASN K 897 -84.33 32.25 33.04
CA ASN K 897 -85.78 32.14 32.87
C ASN K 897 -86.12 32.07 31.39
N PRO K 898 -86.13 30.87 30.80
CA PRO K 898 -86.49 30.70 29.38
C PRO K 898 -87.99 30.64 29.13
N TYR K 899 -88.72 31.59 29.70
CA TYR K 899 -90.17 31.62 29.57
C TYR K 899 -90.71 32.93 29.03
N TYR K 900 -90.10 34.06 29.39
CA TYR K 900 -90.60 35.35 28.95
C TYR K 900 -90.14 35.64 27.51
N ASP K 901 -90.52 36.81 27.01
CA ASP K 901 -90.14 37.26 25.68
C ASP K 901 -89.13 38.39 25.82
N SER K 902 -88.00 38.27 25.12
CA SER K 902 -86.96 39.28 25.23
C SER K 902 -87.30 40.55 24.47
N ARG K 903 -88.20 40.45 23.48
CA ARG K 903 -88.52 41.61 22.64
C ARG K 903 -89.21 42.70 23.45
N VAL K 904 -90.23 42.33 24.22
CA VAL K 904 -90.96 43.32 25.00
C VAL K 904 -90.09 43.90 26.11
N VAL K 905 -89.28 43.06 26.76
CA VAL K 905 -88.38 43.56 27.80
C VAL K 905 -87.37 44.53 27.21
N GLY K 906 -86.85 44.22 26.02
CA GLY K 906 -85.92 45.13 25.38
C GLY K 906 -86.56 46.44 24.97
N LYS K 907 -87.79 46.37 24.43
CA LYS K 907 -88.49 47.59 24.06
C LYS K 907 -88.82 48.43 25.30
N TYR K 908 -89.00 47.78 26.46
CA TYR K 908 -89.26 48.52 27.68
C TYR K 908 -88.00 49.16 28.24
N CYS K 909 -86.88 48.43 28.19
CA CYS K 909 -85.64 48.88 28.82
C CYS K 909 -84.69 49.59 27.83
N GLU K 910 -85.14 49.84 26.60
CA GLU K 910 -84.31 50.56 25.65
C GLU K 910 -83.90 51.93 26.17
N LYS K 911 -84.89 52.78 26.46
CA LYS K 911 -84.60 54.13 26.94
C LYS K 911 -84.28 54.18 28.43
N ARG K 912 -84.67 53.15 29.18
CA ARG K 912 -84.42 53.16 30.62
C ARG K 912 -83.01 52.68 30.94
N ASP K 913 -82.69 51.44 30.55
CA ASP K 913 -81.37 50.87 30.84
C ASP K 913 -81.05 49.78 29.84
N PRO K 914 -80.33 50.09 28.75
CA PRO K 914 -80.00 49.05 27.77
C PRO K 914 -78.91 48.09 28.24
N HIS K 915 -78.30 48.33 29.40
CA HIS K 915 -77.24 47.45 29.87
C HIS K 915 -77.76 46.05 30.16
N LEU K 916 -79.06 45.92 30.43
CA LEU K 916 -79.66 44.60 30.59
C LEU K 916 -80.50 44.20 29.37
N ALA K 917 -80.98 45.19 28.60
CA ALA K 917 -81.65 44.88 27.35
C ALA K 917 -80.71 44.20 26.36
N CYS K 918 -79.42 44.56 26.39
CA CYS K 918 -78.45 43.87 25.54
C CYS K 918 -78.32 42.40 25.92
N VAL K 919 -78.28 42.10 27.22
CA VAL K 919 -78.20 40.70 27.66
C VAL K 919 -79.48 39.97 27.31
N ALA K 920 -80.62 40.65 27.42
CA ALA K 920 -81.90 40.04 27.03
C ALA K 920 -81.90 39.68 25.55
N TYR K 921 -81.45 40.60 24.70
CA TYR K 921 -81.36 40.31 23.27
C TYR K 921 -80.35 39.22 22.98
N GLU K 922 -79.25 39.18 23.74
CA GLU K 922 -78.24 38.13 23.56
C GLU K 922 -78.82 36.76 23.85
N ARG K 923 -79.53 36.63 24.96
CA ARG K 923 -80.13 35.34 25.30
C ARG K 923 -81.27 34.98 24.37
N GLY K 924 -82.03 35.97 23.89
CA GLY K 924 -83.12 35.74 22.97
C GLY K 924 -82.74 35.67 21.52
N GLN K 925 -81.44 35.79 21.20
CA GLN K 925 -80.94 35.73 19.83
C GLN K 925 -81.58 36.79 18.93
N CYS K 926 -81.84 37.98 19.50
CA CYS K 926 -82.47 39.07 18.75
C CYS K 926 -81.37 39.92 18.10
N ASP K 927 -80.85 39.39 16.98
CA ASP K 927 -79.78 40.08 16.27
C ASP K 927 -80.26 41.40 15.68
N LEU K 928 -81.48 41.42 15.13
CA LEU K 928 -82.02 42.66 14.59
C LEU K 928 -82.19 43.71 15.68
N GLU K 929 -82.70 43.30 16.85
CA GLU K 929 -82.82 44.24 17.97
C GLU K 929 -81.45 44.71 18.43
N LEU K 930 -80.45 43.84 18.38
CA LEU K 930 -79.09 44.24 18.76
C LEU K 930 -78.55 45.30 17.81
N ILE K 931 -78.72 45.09 16.50
CA ILE K 931 -78.17 46.03 15.53
C ILE K 931 -79.02 47.29 15.45
N ASN K 932 -80.25 47.25 15.96
CA ASN K 932 -81.10 48.44 15.96
C ASN K 932 -81.03 49.23 17.26
N VAL K 933 -80.54 48.63 18.34
CA VAL K 933 -80.48 49.33 19.63
C VAL K 933 -79.04 49.46 20.10
N CYS K 934 -78.34 48.34 20.22
CA CYS K 934 -76.98 48.35 20.75
C CYS K 934 -76.01 49.02 19.78
N ASN K 935 -76.26 48.89 18.48
CA ASN K 935 -75.38 49.51 17.50
C ASN K 935 -75.46 51.03 17.56
N GLU K 936 -76.55 51.58 18.08
CA GLU K 936 -76.69 53.03 18.20
C GLU K 936 -75.82 53.57 19.32
N ASN K 937 -75.99 53.03 20.54
CA ASN K 937 -75.20 53.47 21.69
C ASN K 937 -75.13 52.32 22.69
N SER K 938 -73.99 51.63 22.72
CA SER K 938 -73.74 50.55 23.67
C SER K 938 -72.26 50.22 23.59
N LEU K 939 -71.84 49.30 24.46
CA LEU K 939 -70.45 48.84 24.47
C LEU K 939 -70.27 47.80 23.38
N PHE K 940 -69.42 48.10 22.40
CA PHE K 940 -69.18 47.19 21.29
C PHE K 940 -68.46 45.92 21.72
N LYS K 941 -67.90 45.88 22.93
CA LYS K 941 -67.26 44.66 23.41
C LYS K 941 -68.28 43.54 23.58
N SER K 942 -69.46 43.86 24.11
CA SER K 942 -70.50 42.85 24.27
C SER K 942 -70.97 42.33 22.90
N LEU K 943 -71.09 43.24 21.93
CA LEU K 943 -71.47 42.82 20.58
C LEU K 943 -70.42 41.91 19.97
N SER K 944 -69.14 42.25 20.15
CA SER K 944 -68.07 41.41 19.62
C SER K 944 -68.07 40.04 20.30
N ARG K 945 -68.30 40.00 21.61
CA ARG K 945 -68.35 38.73 22.31
C ARG K 945 -69.53 37.89 21.83
N TYR K 946 -70.68 38.52 21.60
CA TYR K 946 -71.84 37.79 21.09
C TYR K 946 -71.58 37.26 19.68
N LEU K 947 -70.86 38.04 18.86
CA LEU K 947 -70.58 37.61 17.49
C LEU K 947 -69.59 36.45 17.47
N VAL K 948 -68.55 36.52 18.29
CA VAL K 948 -67.55 35.45 18.29
C VAL K 948 -68.10 34.21 18.98
N ARG K 949 -69.03 34.38 19.92
CA ARG K 949 -69.66 33.25 20.59
C ARG K 949 -70.64 32.56 19.66
N ARG K 950 -71.65 33.30 19.19
CA ARG K 950 -72.63 32.78 18.24
C ARG K 950 -72.05 32.89 16.83
N LYS K 951 -71.28 31.87 16.45
CA LYS K 951 -70.62 31.84 15.15
C LYS K 951 -71.64 31.81 14.02
N ASP K 952 -71.72 32.90 13.25
CA ASP K 952 -72.65 33.00 12.13
C ASP K 952 -72.08 33.94 11.08
N PRO K 953 -71.65 33.43 9.92
CA PRO K 953 -71.12 34.33 8.89
C PRO K 953 -72.14 35.29 8.33
N GLU K 954 -73.44 34.97 8.44
CA GLU K 954 -74.47 35.86 7.91
C GLU K 954 -74.49 37.19 8.66
N LEU K 955 -74.32 37.14 9.99
CA LEU K 955 -74.31 38.37 10.77
C LEU K 955 -73.13 39.25 10.40
N TRP K 956 -71.93 38.66 10.32
CA TRP K 956 -70.76 39.43 9.92
C TRP K 956 -70.90 39.99 8.52
N GLY K 957 -71.50 39.23 7.61
CA GLY K 957 -71.72 39.73 6.27
C GLY K 957 -72.70 40.89 6.22
N SER K 958 -73.77 40.81 7.03
CA SER K 958 -74.75 41.88 7.07
C SER K 958 -74.18 43.13 7.74
N VAL K 959 -73.28 42.96 8.71
CA VAL K 959 -72.70 44.11 9.39
C VAL K 959 -71.58 44.74 8.56
N LEU K 960 -70.77 43.91 7.91
CA LEU K 960 -69.64 44.41 7.12
C LEU K 960 -70.08 44.66 5.68
N LEU K 961 -70.71 45.82 5.49
CA LEU K 961 -71.13 46.24 4.17
C LEU K 961 -70.78 47.70 3.87
N GLU K 962 -69.93 48.33 4.68
CA GLU K 962 -69.53 49.73 4.53
C GLU K 962 -70.71 50.69 4.58
N SER K 963 -71.86 50.22 5.08
CA SER K 963 -73.04 51.06 5.21
C SER K 963 -73.26 51.55 6.64
N ASN K 964 -73.03 50.68 7.62
CA ASN K 964 -73.19 51.05 9.02
C ASN K 964 -72.06 51.97 9.45
N PRO K 965 -72.33 53.20 9.87
CA PRO K 965 -71.23 54.09 10.29
C PRO K 965 -70.58 53.69 11.59
N TYR K 966 -71.17 52.76 12.35
CA TYR K 966 -70.62 52.31 13.62
C TYR K 966 -69.79 51.04 13.48
N ARG K 967 -69.17 50.83 12.31
CA ARG K 967 -68.35 49.64 12.11
C ARG K 967 -66.93 49.83 12.61
N ARG K 968 -66.41 51.05 12.57
CA ARG K 968 -65.05 51.29 13.04
C ARG K 968 -64.88 51.06 14.54
N PRO K 969 -65.77 51.55 15.42
CA PRO K 969 -65.62 51.19 16.85
C PRO K 969 -65.80 49.70 17.09
N LEU K 970 -66.71 49.06 16.36
CA LEU K 970 -66.89 47.62 16.50
C LEU K 970 -65.61 46.87 16.15
N ILE K 971 -64.93 47.28 15.07
CA ILE K 971 -63.68 46.63 14.70
C ILE K 971 -62.60 46.92 15.74
N ASP K 972 -62.50 48.18 16.18
CA ASP K 972 -61.48 48.55 17.16
C ASP K 972 -61.69 47.86 18.50
N GLN K 973 -62.91 47.43 18.81
CA GLN K 973 -63.17 46.68 20.02
C GLN K 973 -63.02 45.18 19.83
N VAL K 974 -63.39 44.64 18.67
CA VAL K 974 -63.22 43.21 18.44
C VAL K 974 -61.75 42.85 18.29
N VAL K 975 -60.94 43.76 17.76
CA VAL K 975 -59.51 43.49 17.62
C VAL K 975 -58.85 43.34 18.98
N GLN K 976 -59.45 43.91 20.02
CA GLN K 976 -58.94 43.78 21.38
C GLN K 976 -59.60 42.63 22.13
N THR K 977 -60.88 42.38 21.87
CA THR K 977 -61.57 41.30 22.59
C THR K 977 -61.26 39.93 21.99
N ALA K 978 -60.65 39.88 20.80
CA ALA K 978 -60.31 38.60 20.21
C ALA K 978 -59.26 37.85 21.03
N LEU K 979 -58.43 38.58 21.77
CA LEU K 979 -57.42 37.93 22.61
C LEU K 979 -58.05 37.25 23.82
N SER K 980 -59.25 37.68 24.22
CA SER K 980 -59.87 37.15 25.42
C SER K 980 -60.41 35.74 25.24
N GLU K 981 -60.68 35.32 24.01
CA GLU K 981 -61.21 33.98 23.76
C GLU K 981 -60.23 32.92 24.22
N THR K 982 -59.07 32.85 23.57
CA THR K 982 -57.98 31.93 23.92
C THR K 982 -58.51 30.52 24.19
N GLN K 983 -59.36 30.04 23.28
CA GLN K 983 -59.93 28.70 23.43
C GLN K 983 -59.62 27.82 22.22
N ASP K 984 -59.75 28.37 21.02
CA ASP K 984 -59.59 27.61 19.79
C ASP K 984 -59.55 28.59 18.62
N PRO K 985 -58.85 28.24 17.55
CA PRO K 985 -58.81 29.09 16.35
C PRO K 985 -60.03 28.96 15.44
N GLU K 986 -61.08 28.27 15.86
CA GLU K 986 -62.27 28.13 15.03
C GLU K 986 -63.01 29.46 14.88
N GLU K 987 -63.27 30.14 16.01
CA GLU K 987 -63.90 31.45 15.95
C GLU K 987 -63.04 32.45 15.20
N VAL K 988 -61.72 32.42 15.43
CA VAL K 988 -60.81 33.30 14.70
C VAL K 988 -60.84 32.98 13.20
N SER K 989 -60.93 31.70 12.86
CA SER K 989 -61.01 31.30 11.46
C SER K 989 -62.29 31.84 10.82
N VAL K 990 -63.42 31.72 11.51
CA VAL K 990 -64.68 32.24 10.98
C VAL K 990 -64.60 33.75 10.81
N THR K 991 -64.01 34.43 11.80
CA THR K 991 -63.90 35.88 11.74
C THR K 991 -63.02 36.32 10.57
N VAL K 992 -61.88 35.65 10.36
CA VAL K 992 -60.99 36.06 9.28
C VAL K 992 -61.58 35.70 7.93
N LYS K 993 -62.37 34.61 7.86
CA LYS K 993 -63.06 34.30 6.61
C LYS K 993 -64.11 35.35 6.29
N ALA K 994 -64.85 35.80 7.31
CA ALA K 994 -65.81 36.89 7.10
C ALA K 994 -65.10 38.17 6.68
N PHE K 995 -63.94 38.45 7.25
CA PHE K 995 -63.18 39.63 6.86
C PHE K 995 -62.73 39.52 5.39
N MET K 996 -62.23 38.36 4.99
CA MET K 996 -61.78 38.18 3.62
C MET K 996 -62.94 38.25 2.64
N THR K 997 -64.12 37.75 3.01
CA THR K 997 -65.27 37.80 2.13
C THR K 997 -65.88 39.20 2.08
N ALA K 998 -65.69 40.00 3.13
CA ALA K 998 -66.21 41.36 3.14
C ALA K 998 -65.39 42.32 2.29
N ASP K 999 -64.22 41.90 1.83
CA ASP K 999 -63.33 42.73 1.00
C ASP K 999 -62.98 44.03 1.72
N LEU K 1000 -62.47 43.90 2.95
CA LEU K 1000 -62.11 45.06 3.74
C LEU K 1000 -60.82 45.69 3.18
N PRO K 1001 -60.69 47.01 3.27
CA PRO K 1001 -59.46 47.66 2.78
C PRO K 1001 -58.22 47.28 3.58
N ASN K 1002 -57.07 47.80 3.17
CA ASN K 1002 -55.82 47.46 3.83
C ASN K 1002 -55.74 48.10 5.21
N GLU K 1003 -54.77 47.64 6.00
CA GLU K 1003 -54.52 48.14 7.35
C GLU K 1003 -55.75 47.97 8.26
N LEU K 1004 -56.56 46.96 7.96
CA LEU K 1004 -57.73 46.64 8.78
C LEU K 1004 -57.75 45.18 9.23
N ILE K 1005 -57.28 44.26 8.39
CA ILE K 1005 -57.31 42.83 8.71
C ILE K 1005 -55.98 42.38 9.32
N GLU K 1006 -54.86 42.86 8.77
CA GLU K 1006 -53.55 42.42 9.26
C GLU K 1006 -53.26 42.95 10.66
N LEU K 1007 -53.98 43.96 11.12
CA LEU K 1007 -53.78 44.45 12.49
C LEU K 1007 -54.16 43.38 13.51
N LEU K 1008 -55.28 42.70 13.29
CA LEU K 1008 -55.67 41.61 14.20
C LEU K 1008 -54.65 40.49 14.19
N GLU K 1009 -54.09 40.18 13.02
CA GLU K 1009 -53.07 39.14 12.95
C GLU K 1009 -51.81 39.55 13.71
N LYS K 1010 -51.39 40.81 13.54
CA LYS K 1010 -50.22 41.30 14.28
C LYS K 1010 -50.48 41.32 15.78
N ILE K 1011 -51.73 41.58 16.20
CA ILE K 1011 -52.05 41.59 17.61
C ILE K 1011 -52.04 40.18 18.19
N VAL K 1012 -52.62 39.21 17.47
CA VAL K 1012 -52.67 37.86 17.99
C VAL K 1012 -51.34 37.15 17.84
N LEU K 1013 -50.44 37.66 17.00
CA LEU K 1013 -49.13 37.02 16.84
C LEU K 1013 -48.19 37.38 17.98
N ASP K 1014 -48.22 38.64 18.42
CA ASP K 1014 -47.32 39.13 19.46
C ASP K 1014 -48.05 39.19 20.80
N ASN K 1015 -47.40 38.66 21.84
CA ASN K 1015 -47.95 38.66 23.20
C ASN K 1015 -49.30 37.97 23.26
N SER K 1016 -49.36 36.77 22.69
CA SER K 1016 -50.57 35.97 22.67
C SER K 1016 -50.19 34.52 22.37
N VAL K 1017 -51.20 33.67 22.25
CA VAL K 1017 -50.97 32.25 21.99
C VAL K 1017 -50.88 31.98 20.49
N PHE K 1018 -51.70 32.68 19.70
CA PHE K 1018 -51.80 32.41 18.27
C PHE K 1018 -50.58 32.98 17.55
N SER K 1019 -49.43 32.38 17.84
CA SER K 1019 -48.17 32.66 17.15
C SER K 1019 -47.69 31.48 16.34
N GLU K 1020 -48.58 30.56 15.99
CA GLU K 1020 -48.22 29.34 15.28
C GLU K 1020 -48.09 29.63 13.78
N HIS K 1021 -47.99 28.57 12.99
CA HIS K 1021 -47.87 28.70 11.54
C HIS K 1021 -48.91 27.84 10.81
N ARG K 1022 -50.01 27.49 11.48
CA ARG K 1022 -51.09 26.74 10.83
C ARG K 1022 -51.90 27.71 9.98
N ASN K 1023 -51.53 27.78 8.70
CA ASN K 1023 -52.14 28.65 7.71
C ASN K 1023 -52.01 30.13 8.06
N LEU K 1024 -51.08 30.48 8.95
CA LEU K 1024 -50.83 31.86 9.33
C LEU K 1024 -49.69 32.49 8.56
N GLN K 1025 -49.17 31.81 7.53
CA GLN K 1025 -48.07 32.36 6.74
C GLN K 1025 -48.60 33.32 5.66
N ASN K 1026 -49.46 32.82 4.78
CA ASN K 1026 -50.00 33.66 3.71
C ASN K 1026 -51.01 34.68 4.24
N LEU K 1027 -51.70 34.36 5.32
CA LEU K 1027 -52.77 35.24 5.81
C LEU K 1027 -52.27 36.62 6.16
N LEU K 1028 -51.01 36.74 6.57
CA LEU K 1028 -50.43 38.04 6.93
C LEU K 1028 -49.54 38.58 5.81
N ILE K 1029 -48.72 37.70 5.21
CA ILE K 1029 -47.73 38.14 4.23
C ILE K 1029 -48.43 38.58 2.94
N LEU K 1030 -49.44 37.81 2.50
CA LEU K 1030 -50.16 38.19 1.30
C LEU K 1030 -50.91 39.51 1.50
N THR K 1031 -51.46 39.73 2.70
CA THR K 1031 -52.13 40.99 2.99
C THR K 1031 -51.14 42.15 3.00
N ALA K 1032 -49.96 41.94 3.58
CA ALA K 1032 -48.94 42.99 3.57
C ALA K 1032 -48.44 43.28 2.17
N ILE K 1033 -48.41 42.26 1.30
CA ILE K 1033 -48.01 42.49 -0.09
C ILE K 1033 -49.10 43.25 -0.83
N LYS K 1034 -50.37 42.88 -0.65
CA LYS K 1034 -51.47 43.62 -1.24
C LYS K 1034 -51.54 45.06 -0.74
N ALA K 1035 -51.08 45.32 0.48
CA ALA K 1035 -51.01 46.70 0.96
C ALA K 1035 -49.85 47.45 0.33
N ASP K 1036 -48.77 46.75 -0.02
CA ASP K 1036 -47.61 47.34 -0.69
C ASP K 1036 -47.00 48.46 0.14
N ARG K 1037 -46.58 48.09 1.36
CA ARG K 1037 -45.97 49.03 2.29
C ARG K 1037 -44.72 48.40 2.87
N THR K 1038 -43.99 49.19 3.67
CA THR K 1038 -42.76 48.73 4.30
C THR K 1038 -43.02 47.79 5.47
N ARG K 1039 -44.28 47.50 5.79
CA ARG K 1039 -44.58 46.61 6.91
C ARG K 1039 -44.17 45.17 6.62
N VAL K 1040 -43.91 44.85 5.35
CA VAL K 1040 -43.53 43.50 4.98
C VAL K 1040 -42.19 43.12 5.63
N MET K 1041 -41.23 44.06 5.61
CA MET K 1041 -39.93 43.78 6.21
C MET K 1041 -40.05 43.57 7.71
N GLU K 1042 -40.86 44.38 8.39
CA GLU K 1042 -41.05 44.24 9.82
C GLU K 1042 -41.75 42.92 10.15
N TYR K 1043 -42.69 42.50 9.31
CA TYR K 1043 -43.38 41.23 9.54
C TYR K 1043 -42.43 40.05 9.31
N ILE K 1044 -41.53 40.17 8.33
CA ILE K 1044 -40.56 39.11 8.07
C ILE K 1044 -39.57 39.02 9.22
N ASN K 1045 -39.12 40.16 9.73
CA ASN K 1045 -38.15 40.17 10.82
C ASN K 1045 -38.75 39.68 12.14
N ARG K 1046 -40.07 39.64 12.25
CA ARG K 1046 -40.74 39.22 13.48
C ARG K 1046 -41.59 37.97 13.25
N LEU K 1047 -41.15 37.08 12.37
CA LEU K 1047 -41.87 35.84 12.09
C LEU K 1047 -40.88 34.80 11.58
N ASP K 1048 -41.16 33.54 11.89
CA ASP K 1048 -40.32 32.43 11.47
C ASP K 1048 -41.21 31.23 11.15
N ASN K 1049 -40.60 30.19 10.60
CA ASN K 1049 -41.29 28.93 10.26
C ASN K 1049 -42.44 29.18 9.31
N TYR K 1050 -42.19 29.92 8.24
CA TYR K 1050 -43.19 30.23 7.23
C TYR K 1050 -42.73 29.75 5.86
N ASP K 1051 -43.69 29.49 4.99
CA ASP K 1051 -43.41 28.99 3.64
C ASP K 1051 -42.72 30.09 2.83
N ALA K 1052 -41.42 29.93 2.60
CA ALA K 1052 -40.61 30.93 1.93
C ALA K 1052 -40.76 30.90 0.40
N PRO K 1053 -40.67 29.73 -0.26
CA PRO K 1053 -40.75 29.76 -1.74
C PRO K 1053 -42.08 30.26 -2.27
N ASP K 1054 -43.19 29.93 -1.62
CA ASP K 1054 -44.50 30.36 -2.11
C ASP K 1054 -44.63 31.88 -2.05
N ILE K 1055 -44.31 32.47 -0.89
CA ILE K 1055 -44.41 33.92 -0.78
C ILE K 1055 -43.36 34.61 -1.65
N ALA K 1056 -42.22 33.97 -1.87
CA ALA K 1056 -41.22 34.55 -2.77
C ALA K 1056 -41.72 34.59 -4.20
N ASN K 1057 -42.38 33.51 -4.65
CA ASN K 1057 -42.96 33.50 -5.99
C ASN K 1057 -44.08 34.53 -6.10
N ILE K 1058 -44.92 34.65 -5.06
CA ILE K 1058 -45.99 35.63 -5.07
C ILE K 1058 -45.41 37.05 -5.15
N ALA K 1059 -44.29 37.29 -4.47
CA ALA K 1059 -43.67 38.61 -4.49
C ALA K 1059 -43.06 38.92 -5.84
N ILE K 1060 -42.27 37.98 -6.38
CA ILE K 1060 -41.62 38.22 -7.67
C ILE K 1060 -42.66 38.31 -8.78
N SER K 1061 -43.84 37.71 -8.58
CA SER K 1061 -44.94 37.95 -9.51
C SER K 1061 -45.39 39.39 -9.49
N ASN K 1062 -45.34 40.04 -8.32
CA ASN K 1062 -45.68 41.44 -8.18
C ASN K 1062 -44.42 42.29 -8.31
N GLU K 1063 -44.52 43.57 -7.96
CA GLU K 1063 -43.39 44.50 -8.09
C GLU K 1063 -42.41 44.42 -6.94
N LEU K 1064 -42.71 43.65 -5.89
CA LEU K 1064 -41.83 43.55 -4.74
C LEU K 1064 -40.81 42.44 -4.97
N PHE K 1065 -39.53 42.81 -4.98
CA PHE K 1065 -38.44 41.87 -5.21
C PHE K 1065 -37.41 41.84 -4.10
N GLU K 1066 -37.17 42.97 -3.43
CA GLU K 1066 -36.21 43.00 -2.34
C GLU K 1066 -36.68 42.17 -1.16
N GLU K 1067 -37.99 42.03 -0.98
CA GLU K 1067 -38.52 41.23 0.12
C GLU K 1067 -38.17 39.76 -0.07
N ALA K 1068 -38.28 39.25 -1.29
CA ALA K 1068 -37.91 37.86 -1.56
C ALA K 1068 -36.41 37.65 -1.34
N PHE K 1069 -35.59 38.65 -1.70
CA PHE K 1069 -34.16 38.55 -1.46
C PHE K 1069 -33.87 38.50 0.04
N ALA K 1070 -34.55 39.34 0.82
CA ALA K 1070 -34.36 39.30 2.27
C ALA K 1070 -34.82 37.98 2.87
N ILE K 1071 -35.91 37.41 2.34
CA ILE K 1071 -36.39 36.12 2.83
C ILE K 1071 -35.37 35.03 2.54
N PHE K 1072 -34.82 35.03 1.31
CA PHE K 1072 -33.81 34.04 0.95
C PHE K 1072 -32.53 34.22 1.77
N ARG K 1073 -32.19 35.46 2.10
CA ARG K 1073 -31.01 35.70 2.95
C ARG K 1073 -31.25 35.20 4.36
N LYS K 1074 -32.47 35.39 4.88
CA LYS K 1074 -32.80 34.89 6.21
C LYS K 1074 -32.79 33.37 6.25
N PHE K 1075 -33.33 32.74 5.21
CA PHE K 1075 -33.32 31.28 5.11
C PHE K 1075 -32.02 30.73 4.54
N ASP K 1076 -31.02 31.59 4.31
CA ASP K 1076 -29.72 31.18 3.79
C ASP K 1076 -29.84 30.49 2.43
N VAL K 1077 -30.78 30.94 1.60
CA VAL K 1077 -30.97 30.39 0.26
C VAL K 1077 -30.26 31.34 -0.70
N ASN K 1078 -28.99 31.05 -0.97
CA ASN K 1078 -28.22 31.91 -1.85
C ASN K 1078 -28.47 31.57 -3.32
N THR K 1079 -28.90 30.34 -3.60
CA THR K 1079 -29.13 29.94 -4.99
C THR K 1079 -30.31 30.69 -5.59
N SER K 1080 -31.44 30.72 -4.89
CA SER K 1080 -32.64 31.36 -5.42
C SER K 1080 -32.62 32.88 -5.28
N ALA K 1081 -31.69 33.43 -4.49
CA ALA K 1081 -31.62 34.88 -4.28
C ALA K 1081 -30.90 35.57 -5.42
N VAL K 1082 -29.73 35.05 -5.81
CA VAL K 1082 -28.96 35.68 -6.89
C VAL K 1082 -29.70 35.59 -8.22
N GLN K 1083 -30.42 34.48 -8.45
CA GLN K 1083 -31.20 34.36 -9.68
C GLN K 1083 -32.26 35.45 -9.78
N VAL K 1084 -33.01 35.69 -8.69
CA VAL K 1084 -34.02 36.74 -8.69
C VAL K 1084 -33.38 38.12 -8.81
N LEU K 1085 -32.25 38.32 -8.14
CA LEU K 1085 -31.56 39.60 -8.19
C LEU K 1085 -31.10 39.91 -9.61
N ILE K 1086 -30.66 38.89 -10.34
CA ILE K 1086 -30.21 39.10 -11.72
C ILE K 1086 -31.41 39.28 -12.65
N GLU K 1087 -32.48 38.52 -12.41
CA GLU K 1087 -33.64 38.59 -13.29
C GLU K 1087 -34.38 39.92 -13.15
N HIS K 1088 -34.38 40.50 -11.94
CA HIS K 1088 -35.12 41.74 -11.73
C HIS K 1088 -34.35 42.96 -12.23
N ILE K 1089 -33.17 43.20 -11.66
CA ILE K 1089 -32.37 44.36 -12.02
C ILE K 1089 -31.04 43.99 -12.64
N GLY K 1090 -30.48 42.82 -12.33
CA GLY K 1090 -29.18 42.45 -12.85
C GLY K 1090 -28.02 43.24 -12.31
N ASN K 1091 -28.11 43.69 -11.07
CA ASN K 1091 -27.05 44.48 -10.45
C ASN K 1091 -25.89 43.56 -10.13
N LEU K 1092 -24.89 43.55 -11.02
CA LEU K 1092 -23.75 42.66 -10.82
C LEU K 1092 -22.89 43.09 -9.64
N ASP K 1093 -22.90 44.39 -9.31
CA ASP K 1093 -22.07 44.89 -8.22
C ASP K 1093 -22.47 44.27 -6.88
N ARG K 1094 -23.76 43.95 -6.71
CA ARG K 1094 -24.22 43.31 -5.49
C ARG K 1094 -24.15 41.79 -5.55
N ALA K 1095 -24.47 41.21 -6.71
CA ALA K 1095 -24.45 39.75 -6.85
C ALA K 1095 -23.03 39.21 -6.75
N TYR K 1096 -22.05 39.94 -7.31
CA TYR K 1096 -20.67 39.49 -7.21
C TYR K 1096 -20.20 39.46 -5.76
N GLU K 1097 -20.55 40.47 -4.98
CA GLU K 1097 -20.17 40.49 -3.57
C GLU K 1097 -20.92 39.41 -2.79
N PHE K 1098 -22.19 39.20 -3.09
CA PHE K 1098 -22.96 38.15 -2.41
C PHE K 1098 -22.38 36.77 -2.71
N ALA K 1099 -21.90 36.55 -3.93
CA ALA K 1099 -21.26 35.29 -4.28
C ALA K 1099 -19.86 35.17 -3.68
N GLU K 1100 -19.13 36.27 -3.56
CA GLU K 1100 -17.80 36.20 -2.96
C GLU K 1100 -17.88 35.95 -1.46
N ARG K 1101 -18.94 36.45 -0.81
CA ARG K 1101 -19.11 36.21 0.62
C ARG K 1101 -19.26 34.72 0.91
N CYS K 1102 -20.21 34.07 0.26
CA CYS K 1102 -20.41 32.64 0.44
C CYS K 1102 -19.49 31.86 -0.50
N ASN K 1103 -19.73 30.55 -0.59
CA ASN K 1103 -18.94 29.69 -1.46
C ASN K 1103 -19.83 28.51 -1.88
N GLU K 1104 -20.34 28.57 -3.11
CA GLU K 1104 -21.19 27.53 -3.65
C GLU K 1104 -21.04 27.54 -5.16
N PRO K 1105 -20.80 26.40 -5.80
CA PRO K 1105 -20.60 26.40 -7.26
C PRO K 1105 -21.83 26.80 -8.04
N ALA K 1106 -23.03 26.60 -7.48
CA ALA K 1106 -24.25 26.99 -8.19
C ALA K 1106 -24.34 28.50 -8.33
N VAL K 1107 -23.97 29.23 -7.28
CA VAL K 1107 -24.01 30.69 -7.35
C VAL K 1107 -22.99 31.20 -8.35
N TRP K 1108 -21.81 30.60 -8.39
CA TRP K 1108 -20.80 31.00 -9.37
C TRP K 1108 -21.25 30.67 -10.79
N SER K 1109 -21.95 29.55 -10.97
CA SER K 1109 -22.48 29.22 -12.29
C SER K 1109 -23.54 30.22 -12.72
N GLN K 1110 -24.41 30.62 -11.80
CA GLN K 1110 -25.41 31.64 -12.12
C GLN K 1110 -24.74 32.97 -12.45
N LEU K 1111 -23.68 33.32 -11.73
CA LEU K 1111 -22.95 34.55 -12.02
C LEU K 1111 -22.30 34.47 -13.40
N ALA K 1112 -21.75 33.31 -13.74
CA ALA K 1112 -21.16 33.13 -15.07
C ALA K 1112 -22.21 33.27 -16.16
N LYS K 1113 -23.39 32.69 -15.95
CA LYS K 1113 -24.47 32.83 -16.92
C LYS K 1113 -24.88 34.30 -17.06
N ALA K 1114 -24.97 35.02 -15.94
CA ALA K 1114 -25.32 36.42 -15.98
C ALA K 1114 -24.27 37.25 -16.73
N GLN K 1115 -22.99 36.94 -16.52
CA GLN K 1115 -21.94 37.65 -17.25
C GLN K 1115 -21.98 37.32 -18.74
N LEU K 1116 -22.31 36.07 -19.07
CA LEU K 1116 -22.43 35.70 -20.48
C LEU K 1116 -23.63 36.38 -21.13
N GLN K 1117 -24.67 36.67 -20.35
CA GLN K 1117 -25.81 37.40 -20.89
C GLN K 1117 -25.42 38.81 -21.32
N LYS K 1118 -24.44 39.42 -20.64
CA LYS K 1118 -23.96 40.74 -20.99
C LYS K 1118 -22.70 40.72 -21.85
N GLY K 1119 -22.16 39.53 -22.15
CA GLY K 1119 -21.00 39.44 -23.00
C GLY K 1119 -19.68 39.73 -22.30
N MET K 1120 -19.57 39.44 -21.01
CA MET K 1120 -18.34 39.67 -20.25
C MET K 1120 -17.50 38.39 -20.24
N VAL K 1121 -16.67 38.26 -21.27
CA VAL K 1121 -15.82 37.08 -21.41
C VAL K 1121 -14.72 37.09 -20.34
N LYS K 1122 -14.23 38.28 -20.00
CA LYS K 1122 -13.14 38.37 -19.03
C LYS K 1122 -13.58 37.94 -17.63
N GLU K 1123 -14.86 38.14 -17.30
CA GLU K 1123 -15.37 37.74 -16.00
C GLU K 1123 -15.94 36.32 -15.99
N ALA K 1124 -16.35 35.81 -17.15
CA ALA K 1124 -16.91 34.47 -17.24
C ALA K 1124 -15.88 33.39 -16.93
N ILE K 1125 -14.59 33.66 -17.15
CA ILE K 1125 -13.57 32.68 -16.82
C ILE K 1125 -13.32 32.65 -15.32
N ASP K 1126 -13.25 33.83 -14.69
CA ASP K 1126 -13.10 33.89 -13.24
C ASP K 1126 -14.33 33.33 -12.53
N SER K 1127 -15.51 33.45 -13.14
CA SER K 1127 -16.73 32.89 -12.57
C SER K 1127 -16.79 31.38 -12.67
N TYR K 1128 -15.97 30.77 -13.53
CA TYR K 1128 -15.89 29.31 -13.62
C TYR K 1128 -14.67 28.72 -12.93
N ILE K 1129 -13.62 29.50 -12.70
CA ILE K 1129 -12.45 29.00 -11.99
C ILE K 1129 -12.83 28.62 -10.56
N LYS K 1130 -13.58 29.50 -9.89
CA LYS K 1130 -14.02 29.24 -8.52
C LYS K 1130 -15.15 28.22 -8.46
N ALA K 1131 -15.74 27.84 -9.59
CA ALA K 1131 -16.83 26.87 -9.62
C ALA K 1131 -16.40 25.50 -10.09
N ASP K 1132 -15.38 25.42 -10.94
CA ASP K 1132 -14.89 24.16 -11.50
C ASP K 1132 -16.00 23.40 -12.23
N ASP K 1133 -16.85 24.13 -12.95
CA ASP K 1133 -17.95 23.52 -13.69
C ASP K 1133 -17.57 23.38 -15.16
N PRO K 1134 -17.29 22.17 -15.64
CA PRO K 1134 -16.90 22.00 -17.05
C PRO K 1134 -18.06 22.10 -18.02
N SER K 1135 -19.30 22.18 -17.54
CA SER K 1135 -20.45 22.25 -18.43
C SER K 1135 -20.51 23.62 -19.12
N SER K 1136 -21.31 23.67 -20.18
CA SER K 1136 -21.55 24.88 -20.96
C SER K 1136 -20.27 25.46 -21.54
N TYR K 1137 -19.27 24.61 -21.83
CA TYR K 1137 -18.03 25.09 -22.41
C TYR K 1137 -18.22 25.56 -23.85
N MET K 1138 -19.16 24.94 -24.57
CA MET K 1138 -19.42 25.34 -25.95
C MET K 1138 -19.92 26.78 -26.02
N GLU K 1139 -20.80 27.17 -25.08
CA GLU K 1139 -21.28 28.54 -25.05
C GLU K 1139 -20.16 29.52 -24.70
N VAL K 1140 -19.26 29.14 -23.79
CA VAL K 1140 -18.12 29.98 -23.46
C VAL K 1140 -17.22 30.16 -24.68
N VAL K 1141 -17.01 29.09 -25.45
CA VAL K 1141 -16.20 29.19 -26.66
C VAL K 1141 -16.87 30.08 -27.69
N GLN K 1142 -18.18 29.93 -27.87
CA GLN K 1142 -18.90 30.76 -28.83
C GLN K 1142 -18.87 32.23 -28.43
N ALA K 1143 -18.94 32.51 -27.13
CA ALA K 1143 -18.85 33.88 -26.65
C ALA K 1143 -17.43 34.43 -26.70
N ALA K 1144 -16.43 33.54 -26.71
CA ALA K 1144 -15.04 34.01 -26.78
C ALA K 1144 -14.70 34.50 -28.18
N ASN K 1145 -15.37 33.95 -29.20
CA ASN K 1145 -15.11 34.38 -30.58
C ASN K 1145 -15.57 35.81 -30.84
N THR K 1146 -16.51 36.32 -30.03
CA THR K 1146 -17.03 37.66 -30.25
C THR K 1146 -16.01 38.74 -29.88
N SER K 1147 -15.05 38.42 -29.03
CA SER K 1147 -14.03 39.40 -28.62
C SER K 1147 -12.77 38.64 -28.23
N GLY K 1148 -11.65 38.98 -28.87
CA GLY K 1148 -10.40 38.29 -28.64
C GLY K 1148 -9.94 38.34 -27.20
N ASN K 1149 -10.06 37.22 -26.49
CA ASN K 1149 -9.65 37.12 -25.09
C ASN K 1149 -8.94 35.78 -24.88
N TRP K 1150 -8.04 35.45 -25.81
CA TRP K 1150 -7.38 34.15 -25.79
C TRP K 1150 -6.21 34.13 -24.81
N GLU K 1151 -6.46 34.51 -23.56
CA GLU K 1151 -5.45 34.46 -22.51
C GLU K 1151 -6.02 33.77 -21.28
N GLU K 1152 -7.33 33.85 -21.09
CA GLU K 1152 -8.02 33.22 -19.97
C GLU K 1152 -8.75 31.94 -20.36
N LEU K 1153 -9.22 31.85 -21.61
CA LEU K 1153 -9.89 30.63 -22.07
C LEU K 1153 -8.93 29.46 -22.10
N VAL K 1154 -7.64 29.73 -22.30
CA VAL K 1154 -6.63 28.67 -22.30
C VAL K 1154 -6.61 27.96 -20.96
N LYS K 1155 -6.56 28.72 -19.86
CA LYS K 1155 -6.55 28.12 -18.53
C LYS K 1155 -7.87 27.44 -18.23
N TYR K 1156 -8.99 28.03 -18.68
CA TYR K 1156 -10.29 27.41 -18.48
C TYR K 1156 -10.36 26.03 -19.12
N LEU K 1157 -9.90 25.93 -20.37
CA LEU K 1157 -9.90 24.63 -21.05
C LEU K 1157 -8.88 23.67 -20.45
N GLN K 1158 -7.73 24.18 -20.00
CA GLN K 1158 -6.74 23.32 -19.36
C GLN K 1158 -7.27 22.73 -18.07
N MET K 1159 -8.09 23.50 -17.34
CA MET K 1159 -8.72 22.99 -16.13
C MET K 1159 -9.90 22.08 -16.42
N ALA K 1160 -10.65 22.35 -17.48
CA ALA K 1160 -11.75 21.47 -17.86
C ALA K 1160 -11.26 20.15 -18.44
N ARG K 1161 -10.02 20.11 -18.93
CA ARG K 1161 -9.45 18.86 -19.42
C ARG K 1161 -9.46 17.77 -18.34
N LYS K 1162 -9.18 18.16 -17.10
CA LYS K 1162 -9.19 17.22 -15.98
C LYS K 1162 -10.59 16.94 -15.45
N LYS K 1163 -11.62 17.41 -16.14
CA LYS K 1163 -13.00 17.19 -15.74
C LYS K 1163 -13.83 16.50 -16.81
N ALA K 1164 -13.59 16.82 -18.09
CA ALA K 1164 -14.32 16.21 -19.20
C ALA K 1164 -13.34 16.01 -20.35
N ARG K 1165 -12.83 14.79 -20.49
CA ARG K 1165 -11.85 14.46 -21.53
C ARG K 1165 -12.59 14.33 -22.86
N GLU K 1166 -12.80 15.46 -23.51
CA GLU K 1166 -13.48 15.55 -24.79
C GLU K 1166 -12.49 15.95 -25.88
N SER K 1167 -13.00 16.10 -27.09
CA SER K 1167 -12.20 16.50 -28.25
C SER K 1167 -12.39 17.94 -28.66
N TYR K 1168 -13.61 18.49 -28.52
CA TYR K 1168 -13.84 19.88 -28.86
C TYR K 1168 -13.07 20.81 -27.92
N VAL K 1169 -12.94 20.42 -26.65
CA VAL K 1169 -12.22 21.23 -25.68
C VAL K 1169 -10.76 21.39 -26.09
N GLU K 1170 -10.10 20.27 -26.40
CA GLU K 1170 -8.70 20.33 -26.80
C GLU K 1170 -8.55 21.02 -28.16
N THR K 1171 -9.54 20.86 -29.04
CA THR K 1171 -9.50 21.56 -30.32
C THR K 1171 -9.50 23.07 -30.12
N GLU K 1172 -10.43 23.57 -29.31
CA GLU K 1172 -10.46 25.01 -29.02
C GLU K 1172 -9.22 25.45 -28.25
N LEU K 1173 -8.66 24.56 -27.42
CA LEU K 1173 -7.45 24.91 -26.69
C LEU K 1173 -6.27 25.11 -27.64
N ILE K 1174 -6.06 24.17 -28.57
CA ILE K 1174 -4.95 24.33 -29.50
C ILE K 1174 -5.23 25.48 -30.47
N PHE K 1175 -6.50 25.76 -30.77
CA PHE K 1175 -6.82 26.92 -31.59
C PHE K 1175 -6.43 28.21 -30.88
N ALA K 1176 -6.79 28.34 -29.59
CA ALA K 1176 -6.42 29.52 -28.83
C ALA K 1176 -4.90 29.64 -28.68
N LEU K 1177 -4.22 28.50 -28.56
CA LEU K 1177 -2.76 28.52 -28.50
C LEU K 1177 -2.16 29.02 -29.80
N ALA K 1178 -2.73 28.58 -30.94
CA ALA K 1178 -2.26 29.07 -32.23
C ALA K 1178 -2.60 30.54 -32.43
N LYS K 1179 -3.64 31.04 -31.78
CA LYS K 1179 -3.99 32.45 -31.88
C LYS K 1179 -2.91 33.34 -31.27
N THR K 1180 -2.45 32.98 -30.07
CA THR K 1180 -1.43 33.75 -29.37
C THR K 1180 -0.02 33.20 -29.57
N ASN K 1181 0.14 32.18 -30.41
CA ASN K 1181 1.43 31.60 -30.74
C ASN K 1181 2.16 31.11 -29.48
N ARG K 1182 1.44 30.31 -28.71
CA ARG K 1182 2.00 29.69 -27.50
C ARG K 1182 2.50 28.28 -27.81
N LEU K 1183 3.55 28.22 -28.63
CA LEU K 1183 4.08 26.93 -29.08
C LEU K 1183 4.78 26.19 -27.95
N ALA K 1184 5.31 26.92 -26.97
CA ALA K 1184 6.09 26.29 -25.88
C ALA K 1184 5.27 25.23 -25.16
N GLU K 1185 3.97 25.46 -24.98
CA GLU K 1185 3.08 24.45 -24.40
C GLU K 1185 2.25 23.71 -25.44
N LEU K 1186 2.09 24.26 -26.65
CA LEU K 1186 1.39 23.55 -27.71
C LEU K 1186 2.15 22.29 -28.12
N GLU K 1187 3.49 22.39 -28.22
CA GLU K 1187 4.29 21.23 -28.59
C GLU K 1187 4.26 20.15 -27.52
N GLU K 1188 3.99 20.51 -26.27
CA GLU K 1188 3.84 19.53 -25.21
C GLU K 1188 2.43 18.93 -25.18
N PHE K 1189 1.42 19.75 -25.45
CA PHE K 1189 0.04 19.25 -25.47
C PHE K 1189 -0.19 18.32 -26.66
N ILE K 1190 0.49 18.58 -27.78
CA ILE K 1190 0.35 17.71 -28.94
C ILE K 1190 0.95 16.34 -28.68
N ASN K 1191 2.13 16.28 -28.05
CA ASN K 1191 2.79 15.01 -27.78
C ASN K 1191 2.05 14.17 -26.74
N GLY K 1192 1.15 14.76 -25.98
CA GLY K 1192 0.41 14.04 -24.97
C GLY K 1192 -0.92 13.53 -25.50
N PRO K 1193 -1.72 12.92 -24.62
CA PRO K 1193 -3.03 12.41 -25.04
C PRO K 1193 -4.04 13.51 -25.29
N ASN K 1194 -3.91 14.21 -26.42
CA ASN K 1194 -4.83 15.30 -26.73
C ASN K 1194 -6.21 14.76 -27.09
N ASN K 1195 -6.26 13.75 -27.96
CA ASN K 1195 -7.51 13.13 -28.40
C ASN K 1195 -8.45 14.14 -29.03
N ALA K 1196 -7.90 15.16 -29.69
CA ALA K 1196 -8.69 16.19 -30.33
C ALA K 1196 -8.98 15.79 -31.78
N HIS K 1197 -9.52 16.73 -32.56
CA HIS K 1197 -9.82 16.53 -33.97
C HIS K 1197 -8.73 17.20 -34.79
N ILE K 1198 -7.71 16.42 -35.17
CA ILE K 1198 -6.62 16.96 -35.98
C ILE K 1198 -7.15 17.30 -37.37
N GLN K 1199 -6.37 18.14 -38.08
CA GLN K 1199 -6.62 18.65 -39.42
C GLN K 1199 -7.77 19.66 -39.45
N GLN K 1200 -8.39 19.96 -38.32
CA GLN K 1200 -9.44 20.97 -38.24
C GLN K 1200 -8.90 22.35 -37.91
N VAL K 1201 -7.90 22.43 -37.04
CA VAL K 1201 -7.25 23.70 -36.73
C VAL K 1201 -6.19 24.04 -37.78
N GLY K 1202 -5.61 23.04 -38.42
CA GLY K 1202 -4.65 23.30 -39.49
C GLY K 1202 -5.24 24.07 -40.64
N ASP K 1203 -6.54 23.93 -40.88
CA ASP K 1203 -7.20 24.74 -41.88
C ASP K 1203 -7.23 26.21 -41.47
N ARG K 1204 -7.65 26.48 -40.22
CA ARG K 1204 -7.66 27.85 -39.72
C ARG K 1204 -6.25 28.42 -39.58
N CYS K 1205 -5.23 27.58 -39.59
CA CYS K 1205 -3.85 28.07 -39.55
C CYS K 1205 -3.55 28.95 -40.77
N TYR K 1206 -3.84 28.44 -41.97
CA TYR K 1206 -3.63 29.23 -43.17
C TYR K 1206 -4.83 30.10 -43.52
N ASP K 1207 -6.02 29.78 -42.99
CA ASP K 1207 -7.17 30.65 -43.20
C ASP K 1207 -6.99 31.98 -42.46
N GLU K 1208 -6.57 31.92 -41.21
CA GLU K 1208 -6.29 33.12 -40.42
C GLU K 1208 -4.85 33.60 -40.56
N LYS K 1209 -4.05 32.98 -41.43
CA LYS K 1209 -2.66 33.35 -41.67
C LYS K 1209 -1.84 33.26 -40.38
N MET K 1210 -1.88 32.08 -39.77
CA MET K 1210 -1.13 31.79 -38.55
C MET K 1210 -0.18 30.63 -38.84
N TYR K 1211 1.02 30.97 -39.32
CA TYR K 1211 2.00 29.96 -39.66
C TYR K 1211 2.82 29.58 -38.43
N ASP K 1212 3.79 28.67 -38.65
CA ASP K 1212 4.68 28.13 -37.63
C ASP K 1212 3.93 27.32 -36.56
N ALA K 1213 2.64 27.08 -36.76
CA ALA K 1213 1.84 26.27 -35.85
C ALA K 1213 1.34 24.98 -36.48
N ALA K 1214 0.93 25.04 -37.75
CA ALA K 1214 0.50 23.83 -38.45
C ALA K 1214 1.67 22.89 -38.74
N LYS K 1215 2.91 23.39 -38.68
CA LYS K 1215 4.07 22.53 -38.90
C LYS K 1215 4.16 21.43 -37.86
N LEU K 1216 4.11 21.81 -36.58
CA LEU K 1216 4.11 20.83 -35.49
C LEU K 1216 2.87 19.96 -35.51
N LEU K 1217 1.74 20.48 -36.01
CA LEU K 1217 0.54 19.66 -36.15
C LEU K 1217 0.75 18.55 -37.17
N TYR K 1218 1.25 18.90 -38.36
CA TYR K 1218 1.42 17.92 -39.42
C TYR K 1218 2.64 17.04 -39.22
N ASN K 1219 3.57 17.43 -38.35
CA ASN K 1219 4.77 16.63 -38.14
C ASN K 1219 4.44 15.30 -37.47
N ASN K 1220 3.79 15.35 -36.31
CA ASN K 1220 3.52 14.14 -35.53
C ASN K 1220 2.39 13.29 -36.11
N VAL K 1221 1.70 13.77 -37.15
CA VAL K 1221 0.60 13.02 -37.74
C VAL K 1221 0.98 12.40 -39.09
N SER K 1222 2.09 12.83 -39.70
CA SER K 1222 2.53 12.36 -41.01
C SER K 1222 1.45 12.61 -42.06
N ASN K 1223 1.23 13.91 -42.30
CA ASN K 1223 0.17 14.37 -43.19
C ASN K 1223 0.76 15.07 -44.39
N PHE K 1224 1.84 14.50 -44.95
CA PHE K 1224 2.50 15.06 -46.13
C PHE K 1224 1.52 15.38 -47.24
N GLY K 1225 1.55 16.61 -47.73
CA GLY K 1225 0.58 17.09 -48.70
C GLY K 1225 0.03 18.43 -48.29
N ARG K 1226 -0.10 18.65 -46.99
CA ARG K 1226 -0.53 19.93 -46.43
C ARG K 1226 0.59 20.68 -45.72
N LEU K 1227 1.63 19.97 -45.29
CA LEU K 1227 2.77 20.63 -44.66
C LEU K 1227 3.49 21.53 -45.67
N ALA K 1228 3.47 21.17 -46.95
CA ALA K 1228 4.11 22.00 -47.97
C ALA K 1228 3.42 23.36 -48.09
N SER K 1229 2.12 23.42 -47.83
CA SER K 1229 1.42 24.70 -47.87
C SER K 1229 1.97 25.68 -46.84
N THR K 1230 2.47 25.16 -45.70
CA THR K 1230 3.10 26.01 -44.71
C THR K 1230 4.58 26.22 -45.01
N LEU K 1231 5.26 25.20 -45.54
CA LEU K 1231 6.67 25.34 -45.88
C LEU K 1231 6.90 26.34 -47.01
N VAL K 1232 5.91 26.54 -47.88
CA VAL K 1232 6.04 27.54 -48.95
C VAL K 1232 6.18 28.93 -48.34
N HIS K 1233 5.30 29.27 -47.40
CA HIS K 1233 5.37 30.57 -46.75
C HIS K 1233 6.47 30.64 -45.69
N LEU K 1234 6.98 29.49 -45.23
CA LEU K 1234 8.03 29.49 -44.24
C LEU K 1234 9.34 30.01 -44.83
N GLY K 1235 9.71 29.52 -46.01
CA GLY K 1235 10.92 29.93 -46.69
C GLY K 1235 11.88 28.79 -47.01
N GLU K 1236 11.80 27.67 -46.29
CA GLU K 1236 12.69 26.55 -46.57
C GLU K 1236 12.21 25.80 -47.81
N TYR K 1237 13.18 25.39 -48.63
CA TYR K 1237 12.90 24.65 -49.85
C TYR K 1237 13.36 23.20 -49.83
N GLN K 1238 14.39 22.88 -49.04
CA GLN K 1238 14.81 21.49 -48.92
C GLN K 1238 13.74 20.65 -48.24
N ALA K 1239 13.19 21.16 -47.14
CA ALA K 1239 12.09 20.49 -46.46
C ALA K 1239 10.84 20.38 -47.33
N ALA K 1240 10.60 21.35 -48.21
CA ALA K 1240 9.47 21.27 -49.13
C ALA K 1240 9.63 20.07 -50.06
N VAL K 1241 10.82 19.87 -50.61
CA VAL K 1241 11.06 18.72 -51.47
C VAL K 1241 11.01 17.42 -50.67
N ASP K 1242 11.54 17.43 -49.44
CA ASP K 1242 11.50 16.23 -48.61
C ASP K 1242 10.08 15.84 -48.25
N GLY K 1243 9.18 16.81 -48.13
CA GLY K 1243 7.78 16.50 -47.90
C GLY K 1243 7.03 16.12 -49.16
N ALA K 1244 7.40 16.72 -50.29
CA ALA K 1244 6.74 16.39 -51.55
C ALA K 1244 7.08 14.98 -52.01
N ARG K 1245 8.33 14.56 -51.79
CA ARG K 1245 8.72 13.21 -52.18
C ARG K 1245 8.02 12.15 -51.33
N LYS K 1246 7.55 12.53 -50.14
CA LYS K 1246 6.74 11.64 -49.31
C LYS K 1246 5.25 11.75 -49.61
N ALA K 1247 4.78 12.90 -50.07
CA ALA K 1247 3.36 13.06 -50.39
C ALA K 1247 3.03 12.48 -51.76
N ASN K 1248 3.83 12.81 -52.77
CA ASN K 1248 3.66 12.30 -54.13
C ASN K 1248 2.29 12.69 -54.70
N SER K 1249 1.84 13.90 -54.37
CA SER K 1249 0.59 14.44 -54.89
C SER K 1249 0.87 15.61 -55.82
N THR K 1250 0.04 15.73 -56.85
CA THR K 1250 0.29 16.72 -57.90
C THR K 1250 0.24 18.14 -57.35
N ARG K 1251 -0.74 18.43 -56.49
CA ARG K 1251 -0.88 19.78 -55.95
C ARG K 1251 0.34 20.17 -55.11
N THR K 1252 0.86 19.23 -54.33
CA THR K 1252 2.03 19.51 -53.50
C THR K 1252 3.25 19.84 -54.36
N TRP K 1253 3.50 19.02 -55.39
CA TRP K 1253 4.62 19.28 -56.29
C TRP K 1253 4.45 20.62 -57.00
N LYS K 1254 3.23 20.93 -57.43
CA LYS K 1254 2.98 22.19 -58.12
C LYS K 1254 3.22 23.38 -57.20
N GLU K 1255 2.78 23.29 -55.95
CA GLU K 1255 3.02 24.38 -55.00
C GLU K 1255 4.50 24.54 -54.68
N VAL K 1256 5.22 23.42 -54.54
CA VAL K 1256 6.65 23.49 -54.30
C VAL K 1256 7.37 24.13 -55.48
N CYS K 1257 6.97 23.77 -56.70
CA CYS K 1257 7.58 24.37 -57.89
C CYS K 1257 7.29 25.86 -57.98
N PHE K 1258 6.05 26.26 -57.67
CA PHE K 1258 5.70 27.68 -57.70
C PHE K 1258 6.49 28.45 -56.64
N ALA K 1259 6.68 27.87 -55.46
CA ALA K 1259 7.47 28.52 -54.43
C ALA K 1259 8.93 28.65 -54.85
N CYS K 1260 9.49 27.60 -55.46
CA CYS K 1260 10.86 27.67 -55.94
C CYS K 1260 11.03 28.71 -57.04
N VAL K 1261 10.02 28.84 -57.91
CA VAL K 1261 10.06 29.86 -58.95
C VAL K 1261 9.99 31.25 -58.34
N ASP K 1262 9.15 31.44 -57.32
CA ASP K 1262 9.05 32.74 -56.66
C ASP K 1262 10.36 33.10 -55.97
N GLY K 1263 11.00 32.12 -55.32
CA GLY K 1263 12.25 32.34 -54.63
C GLY K 1263 13.49 32.31 -55.47
N LYS K 1264 13.35 32.31 -56.80
CA LYS K 1264 14.49 32.28 -57.73
C LYS K 1264 15.36 31.05 -57.53
N GLU K 1265 14.75 29.94 -57.11
CA GLU K 1265 15.48 28.69 -56.91
C GLU K 1265 15.40 27.82 -58.15
N PHE K 1266 16.53 27.23 -58.52
CA PHE K 1266 16.61 26.37 -59.70
C PHE K 1266 17.22 25.00 -59.43
N ARG K 1267 17.98 24.82 -58.35
CA ARG K 1267 18.56 23.50 -58.07
C ARG K 1267 17.49 22.49 -57.73
N LEU K 1268 16.52 22.89 -56.89
CA LEU K 1268 15.42 22.00 -56.52
C LEU K 1268 14.22 22.15 -57.43
N ALA K 1269 14.16 23.22 -58.24
CA ALA K 1269 13.03 23.42 -59.13
C ALA K 1269 12.94 22.30 -60.17
N GLN K 1270 14.06 21.93 -60.78
CA GLN K 1270 14.05 20.85 -61.76
C GLN K 1270 13.70 19.52 -61.09
N MET K 1271 14.24 19.29 -59.90
CA MET K 1271 13.96 18.04 -59.19
C MET K 1271 12.48 17.91 -58.87
N CYS K 1272 11.84 19.01 -58.44
CA CYS K 1272 10.42 18.93 -58.10
C CYS K 1272 9.54 18.93 -59.36
N GLY K 1273 10.00 19.55 -60.45
CA GLY K 1273 9.24 19.54 -61.68
C GLY K 1273 9.36 18.26 -62.47
N LEU K 1274 10.37 17.43 -62.17
CA LEU K 1274 10.47 16.13 -62.80
C LEU K 1274 9.22 15.28 -62.56
N HIS K 1275 8.57 15.47 -61.41
CA HIS K 1275 7.34 14.76 -61.09
C HIS K 1275 6.10 15.55 -61.45
N ILE K 1276 6.25 16.64 -62.20
CA ILE K 1276 5.12 17.46 -62.62
C ILE K 1276 4.99 17.38 -64.14
N VAL K 1277 6.13 17.37 -64.83
CA VAL K 1277 6.11 17.31 -66.29
C VAL K 1277 5.55 15.98 -66.78
N VAL K 1278 5.43 15.00 -65.89
CA VAL K 1278 4.86 13.70 -66.26
C VAL K 1278 3.41 13.87 -66.71
N HIS K 1279 2.69 14.78 -66.07
CA HIS K 1279 1.30 15.04 -66.42
C HIS K 1279 1.23 16.02 -67.58
N ALA K 1280 0.16 15.89 -68.38
CA ALA K 1280 0.01 16.71 -69.57
C ALA K 1280 -0.57 18.08 -69.26
N ASP K 1281 -1.57 18.14 -68.38
CA ASP K 1281 -2.20 19.42 -68.06
C ASP K 1281 -1.26 20.32 -67.25
N GLU K 1282 -0.52 19.73 -66.32
CA GLU K 1282 0.39 20.50 -65.48
C GLU K 1282 1.56 21.10 -66.26
N LEU K 1283 1.88 20.55 -67.42
CA LEU K 1283 2.96 21.10 -68.23
C LEU K 1283 2.60 22.50 -68.72
N GLU K 1284 1.34 22.70 -69.12
CA GLU K 1284 0.90 24.02 -69.52
C GLU K 1284 0.94 25.01 -68.36
N GLU K 1285 0.60 24.55 -67.15
CA GLU K 1285 0.69 25.41 -65.97
C GLU K 1285 2.14 25.79 -65.69
N LEU K 1286 3.06 24.84 -65.82
CA LEU K 1286 4.48 25.15 -65.64
C LEU K 1286 4.96 26.14 -66.69
N ILE K 1287 4.53 25.97 -67.93
CA ILE K 1287 4.93 26.90 -69.00
C ILE K 1287 4.40 28.29 -68.70
N ASN K 1288 3.15 28.39 -68.25
CA ASN K 1288 2.58 29.70 -67.92
C ASN K 1288 3.28 30.32 -66.71
N TYR K 1289 3.72 29.50 -65.77
CA TYR K 1289 4.45 30.03 -64.62
C TYR K 1289 5.85 30.53 -65.00
N TYR K 1290 6.52 29.82 -65.92
CA TYR K 1290 7.87 30.19 -66.32
C TYR K 1290 7.91 31.31 -67.36
N GLN K 1291 6.82 31.50 -68.12
CA GLN K 1291 6.81 32.58 -69.11
C GLN K 1291 6.68 33.94 -68.45
N ASP K 1292 5.79 34.06 -67.47
CA ASP K 1292 5.59 35.34 -66.79
C ASP K 1292 6.78 35.76 -65.94
N ARG K 1293 7.65 34.81 -65.57
CA ARG K 1293 8.82 35.13 -64.77
C ARG K 1293 10.08 35.32 -65.61
N GLY K 1294 10.08 34.86 -66.86
CA GLY K 1294 11.21 35.03 -67.75
C GLY K 1294 12.29 33.99 -67.62
N TYR K 1295 12.14 33.01 -66.72
CA TYR K 1295 13.15 31.97 -66.53
C TYR K 1295 12.94 30.86 -67.55
N PHE K 1296 13.27 31.18 -68.80
CA PHE K 1296 13.16 30.21 -69.87
C PHE K 1296 14.31 29.21 -69.86
N GLU K 1297 15.50 29.64 -69.47
CA GLU K 1297 16.64 28.73 -69.42
C GLU K 1297 16.42 27.63 -68.38
N GLU K 1298 15.86 27.98 -67.23
CA GLU K 1298 15.55 26.97 -66.23
C GLU K 1298 14.50 25.98 -66.73
N LEU K 1299 13.49 26.46 -67.46
CA LEU K 1299 12.48 25.57 -68.02
C LEU K 1299 13.10 24.63 -69.05
N ILE K 1300 14.02 25.15 -69.87
CA ILE K 1300 14.68 24.32 -70.87
C ILE K 1300 15.53 23.26 -70.19
N THR K 1301 16.28 23.64 -69.15
CA THR K 1301 17.11 22.68 -68.45
C THR K 1301 16.28 21.64 -67.70
N MET K 1302 15.07 22.02 -67.24
CA MET K 1302 14.21 21.06 -66.58
C MET K 1302 13.60 20.09 -67.58
N LEU K 1303 13.19 20.58 -68.75
CA LEU K 1303 12.61 19.73 -69.78
C LEU K 1303 13.66 18.89 -70.50
N GLU K 1304 14.95 19.25 -70.39
CA GLU K 1304 15.98 18.43 -70.99
C GLU K 1304 16.08 17.05 -70.33
N ALA K 1305 15.81 16.98 -69.03
CA ALA K 1305 15.84 15.72 -68.30
C ALA K 1305 14.58 14.88 -68.50
N ALA K 1306 13.67 15.30 -69.38
CA ALA K 1306 12.45 14.53 -69.60
C ALA K 1306 12.75 13.21 -70.29
N LEU K 1307 13.86 13.13 -71.03
CA LEU K 1307 14.22 11.90 -71.70
C LEU K 1307 14.54 10.79 -70.71
N GLY K 1308 15.15 11.14 -69.58
CA GLY K 1308 15.47 10.17 -68.56
C GLY K 1308 14.34 9.92 -67.60
N LEU K 1309 13.18 9.52 -68.13
CA LEU K 1309 12.00 9.22 -67.33
C LEU K 1309 11.40 7.92 -67.80
N GLU K 1310 10.34 7.48 -67.12
CA GLU K 1310 9.66 6.24 -67.44
C GLU K 1310 8.20 6.41 -67.83
N ARG K 1311 7.65 7.63 -67.75
CA ARG K 1311 6.25 7.86 -68.11
C ARG K 1311 6.08 9.06 -69.03
N ALA K 1312 7.06 9.35 -69.88
CA ALA K 1312 6.95 10.48 -70.80
C ALA K 1312 5.90 10.22 -71.87
N HIS K 1313 5.24 11.29 -72.30
CA HIS K 1313 4.20 11.21 -73.32
C HIS K 1313 4.51 12.19 -74.45
N MET K 1314 3.54 12.36 -75.35
CA MET K 1314 3.76 13.16 -76.55
C MET K 1314 3.87 14.64 -76.23
N GLY K 1315 3.01 15.13 -75.33
CA GLY K 1315 2.95 16.56 -75.06
C GLY K 1315 4.25 17.14 -74.54
N MET K 1316 5.00 16.35 -73.76
CA MET K 1316 6.27 16.84 -73.22
C MET K 1316 7.25 17.18 -74.33
N PHE K 1317 7.53 16.20 -75.20
CA PHE K 1317 8.44 16.44 -76.31
C PHE K 1317 7.87 17.45 -77.31
N THR K 1318 6.54 17.51 -77.43
CA THR K 1318 5.92 18.52 -78.29
C THR K 1318 6.25 19.93 -77.81
N GLU K 1319 6.01 20.19 -76.51
CA GLU K 1319 6.32 21.50 -75.96
C GLU K 1319 7.82 21.76 -75.96
N LEU K 1320 8.63 20.72 -75.79
CA LEU K 1320 10.09 20.89 -75.86
C LEU K 1320 10.50 21.34 -77.26
N ALA K 1321 9.96 20.71 -78.30
CA ALA K 1321 10.27 21.12 -79.67
C ALA K 1321 9.73 22.51 -79.96
N ILE K 1322 8.57 22.86 -79.41
CA ILE K 1322 8.04 24.21 -79.59
C ILE K 1322 8.97 25.25 -78.97
N LEU K 1323 9.43 25.00 -77.74
CA LEU K 1323 10.35 25.93 -77.09
C LEU K 1323 11.67 26.01 -77.85
N TYR K 1324 12.13 24.89 -78.40
CA TYR K 1324 13.35 24.92 -79.21
C TYR K 1324 13.15 25.75 -80.47
N SER K 1325 11.98 25.61 -81.12
CA SER K 1325 11.70 26.40 -82.30
C SER K 1325 11.46 27.87 -81.97
N LYS K 1326 11.17 28.20 -80.71
CA LYS K 1326 10.88 29.57 -80.32
C LYS K 1326 11.96 30.23 -79.47
N PHE K 1327 12.79 29.46 -78.76
CA PHE K 1327 13.79 30.03 -77.86
C PHE K 1327 15.22 29.66 -78.20
N LYS K 1328 15.47 28.43 -78.67
CA LYS K 1328 16.82 27.98 -79.01
C LYS K 1328 16.83 27.39 -80.41
N PRO K 1329 16.85 28.25 -81.43
CA PRO K 1329 16.83 27.76 -82.82
C PRO K 1329 18.09 27.00 -83.23
N GLN K 1330 19.18 27.12 -82.46
CA GLN K 1330 20.42 26.42 -82.81
C GLN K 1330 20.41 24.95 -82.40
N LYS K 1331 19.42 24.53 -81.61
CA LYS K 1331 19.33 23.14 -81.16
C LYS K 1331 18.02 22.47 -81.52
N MET K 1332 17.15 23.14 -82.28
CA MET K 1332 15.85 22.55 -82.62
C MET K 1332 15.96 21.49 -83.71
N ARG K 1333 16.98 21.58 -84.56
CA ARG K 1333 17.08 20.66 -85.70
C ARG K 1333 17.26 19.22 -85.24
N GLU K 1334 18.16 19.00 -84.28
CA GLU K 1334 18.43 17.64 -83.83
C GLU K 1334 17.21 17.02 -83.15
N HIS K 1335 16.59 17.78 -82.24
CA HIS K 1335 15.40 17.27 -81.55
C HIS K 1335 14.26 17.03 -82.52
N LEU K 1336 14.12 17.89 -83.53
CA LEU K 1336 13.04 17.71 -84.50
C LEU K 1336 13.29 16.48 -85.36
N GLU K 1337 14.53 16.27 -85.79
CA GLU K 1337 14.84 15.09 -86.60
C GLU K 1337 14.80 13.81 -85.79
N LEU K 1338 14.97 13.89 -84.47
CA LEU K 1338 14.97 12.71 -83.61
C LEU K 1338 13.56 12.31 -83.19
N PHE K 1339 12.78 13.26 -82.67
CA PHE K 1339 11.44 12.98 -82.17
C PHE K 1339 10.35 13.47 -83.12
N TRP K 1340 10.55 13.34 -84.44
CA TRP K 1340 9.54 13.79 -85.38
C TRP K 1340 8.30 12.92 -85.35
N SER K 1341 8.47 11.62 -85.09
CA SER K 1341 7.33 10.70 -85.10
C SER K 1341 6.55 10.74 -83.77
N ARG K 1342 7.23 11.06 -82.67
CA ARG K 1342 6.57 11.04 -81.37
C ARG K 1342 5.66 12.25 -81.18
N VAL K 1343 6.12 13.44 -81.59
CA VAL K 1343 5.32 14.65 -81.38
C VAL K 1343 4.12 14.64 -82.34
N ASN K 1344 3.13 15.47 -81.99
CA ASN K 1344 1.92 15.57 -82.79
C ASN K 1344 2.16 16.44 -84.02
N ILE K 1345 1.29 16.30 -85.01
CA ILE K 1345 1.43 17.01 -86.28
C ILE K 1345 0.98 18.47 -86.17
N PRO K 1346 -0.25 18.76 -85.71
CA PRO K 1346 -0.72 20.15 -85.81
C PRO K 1346 -0.04 21.10 -84.84
N LYS K 1347 0.19 20.67 -83.61
CA LYS K 1347 0.71 21.58 -82.59
C LYS K 1347 2.11 22.08 -82.92
N VAL K 1348 2.90 21.28 -83.64
CA VAL K 1348 4.23 21.68 -84.05
C VAL K 1348 4.22 22.48 -85.34
N LEU K 1349 3.36 22.09 -86.30
CA LEU K 1349 3.29 22.81 -87.56
C LEU K 1349 2.75 24.22 -87.36
N ARG K 1350 1.79 24.39 -86.44
CA ARG K 1350 1.28 25.73 -86.17
C ARG K 1350 2.36 26.62 -85.57
N ALA K 1351 3.14 26.10 -84.62
CA ALA K 1351 4.23 26.87 -84.05
C ALA K 1351 5.30 27.20 -85.07
N ALA K 1352 5.62 26.25 -85.96
CA ALA K 1352 6.62 26.51 -86.98
C ALA K 1352 6.13 27.54 -88.00
N GLU K 1353 4.83 27.54 -88.31
CA GLU K 1353 4.28 28.55 -89.20
C GLU K 1353 4.27 29.92 -88.52
N GLN K 1354 3.95 29.96 -87.23
CA GLN K 1354 4.03 31.22 -86.49
C GLN K 1354 5.46 31.74 -86.44
N ALA K 1355 6.44 30.85 -86.37
CA ALA K 1355 7.84 31.24 -86.42
C ALA K 1355 8.31 31.55 -87.84
N HIS K 1356 7.55 31.14 -88.86
CA HIS K 1356 7.87 31.41 -90.27
C HIS K 1356 9.23 30.83 -90.64
N LEU K 1357 9.50 29.60 -90.20
CA LEU K 1357 10.73 28.89 -90.54
C LEU K 1357 10.42 27.95 -91.69
N TRP K 1358 10.72 28.40 -92.91
CA TRP K 1358 10.40 27.62 -94.11
C TRP K 1358 11.42 26.52 -94.39
N ALA K 1359 12.57 26.55 -93.72
CA ALA K 1359 13.60 25.53 -93.93
C ALA K 1359 13.24 24.18 -93.34
N GLU K 1360 12.30 24.13 -92.39
CA GLU K 1360 11.89 22.88 -91.76
C GLU K 1360 10.45 22.51 -92.04
N LEU K 1361 9.62 23.47 -92.49
CA LEU K 1361 8.23 23.16 -92.79
C LEU K 1361 8.11 22.13 -93.91
N VAL K 1362 8.94 22.25 -94.94
CA VAL K 1362 8.89 21.30 -96.06
C VAL K 1362 9.30 19.91 -95.58
N PHE K 1363 10.34 19.83 -94.74
CA PHE K 1363 10.76 18.54 -94.21
C PHE K 1363 9.68 17.92 -93.34
N LEU K 1364 9.02 18.73 -92.52
CA LEU K 1364 7.94 18.20 -91.67
C LEU K 1364 6.75 17.74 -92.51
N TYR K 1365 6.42 18.48 -93.57
CA TYR K 1365 5.34 18.07 -94.45
C TYR K 1365 5.68 16.78 -95.18
N ASP K 1366 6.94 16.61 -95.57
CA ASP K 1366 7.35 15.37 -96.23
C ASP K 1366 7.36 14.20 -95.27
N LYS K 1367 7.67 14.45 -94.00
CA LYS K 1367 7.65 13.37 -93.01
C LYS K 1367 6.23 12.90 -92.75
N TYR K 1368 5.26 13.81 -92.71
CA TYR K 1368 3.86 13.47 -92.50
C TYR K 1368 3.08 13.33 -93.80
N GLU K 1369 3.77 13.26 -94.94
CA GLU K 1369 3.17 13.03 -96.25
C GLU K 1369 2.17 14.14 -96.60
N GLU K 1370 2.51 15.37 -96.21
CA GLU K 1370 1.73 16.54 -96.58
C GLU K 1370 2.36 17.21 -97.80
N TYR K 1371 2.23 16.51 -98.93
CA TYR K 1371 2.91 16.94 -100.15
C TYR K 1371 2.34 18.25 -100.69
N ASP K 1372 1.06 18.52 -100.46
CA ASP K 1372 0.46 19.75 -100.96
C ASP K 1372 1.06 20.98 -100.27
N ASN K 1373 1.03 20.99 -98.94
CA ASN K 1373 1.64 22.10 -98.19
C ASN K 1373 3.14 22.15 -98.38
N ALA K 1374 3.77 21.03 -98.77
CA ALA K 1374 5.20 21.02 -99.03
C ALA K 1374 5.51 21.72 -100.35
N ILE K 1375 4.78 21.37 -101.41
CA ILE K 1375 5.03 21.99 -102.71
C ILE K 1375 4.61 23.45 -102.69
N ILE K 1376 3.56 23.78 -101.92
CA ILE K 1376 3.17 25.19 -101.80
C ILE K 1376 4.27 26.00 -101.14
N THR K 1377 4.86 25.47 -100.07
CA THR K 1377 5.94 26.17 -99.39
C THR K 1377 7.18 26.27 -100.26
N MET K 1378 7.48 25.20 -101.02
CA MET K 1378 8.65 25.23 -101.90
C MET K 1378 8.47 26.25 -103.01
N MET K 1379 7.26 26.36 -103.55
CA MET K 1379 7.01 27.34 -104.60
C MET K 1379 7.01 28.76 -104.05
N ASN K 1380 6.49 28.95 -102.85
CA ASN K 1380 6.47 30.28 -102.24
C ASN K 1380 7.83 30.68 -101.67
N HIS K 1381 8.68 29.71 -101.33
CA HIS K 1381 10.01 29.99 -100.77
C HIS K 1381 11.01 29.00 -101.34
N PRO K 1382 11.46 29.21 -102.58
CA PRO K 1382 12.45 28.34 -103.20
C PRO K 1382 13.90 28.71 -102.90
N THR K 1383 14.15 29.57 -101.90
CA THR K 1383 15.52 30.01 -101.63
C THR K 1383 16.35 28.89 -101.02
N ASP K 1384 15.82 28.24 -99.97
CA ASP K 1384 16.57 27.19 -99.29
C ASP K 1384 15.77 25.90 -99.23
N ALA K 1385 14.45 26.01 -99.24
CA ALA K 1385 13.58 24.84 -99.15
C ALA K 1385 13.45 24.10 -100.48
N TRP K 1386 14.02 24.62 -101.55
CA TRP K 1386 13.91 23.99 -102.86
C TRP K 1386 15.02 22.96 -103.05
N LYS K 1387 14.67 21.86 -103.72
CA LYS K 1387 15.63 20.81 -104.03
C LYS K 1387 15.16 20.09 -105.29
N GLU K 1388 16.09 19.79 -106.20
CA GLU K 1388 15.71 19.18 -107.47
C GLU K 1388 15.13 17.79 -107.27
N GLY K 1389 15.89 16.90 -106.62
CA GLY K 1389 15.44 15.53 -106.42
C GLY K 1389 14.23 15.43 -105.51
N GLN K 1390 14.22 16.21 -104.44
CA GLN K 1390 13.08 16.20 -103.52
C GLN K 1390 11.81 16.61 -104.23
N PHE K 1391 11.87 17.67 -105.04
CA PHE K 1391 10.70 18.12 -105.78
C PHE K 1391 10.29 17.10 -106.82
N LYS K 1392 11.26 16.53 -107.53
CA LYS K 1392 10.96 15.52 -108.55
C LYS K 1392 10.31 14.29 -107.94
N ASP K 1393 10.63 13.99 -106.68
CA ASP K 1393 10.01 12.85 -106.00
C ASP K 1393 8.65 13.17 -105.41
N ILE K 1394 8.44 14.39 -104.91
CA ILE K 1394 7.18 14.69 -104.24
C ILE K 1394 6.14 15.22 -105.23
N ILE K 1395 6.54 15.55 -106.46
CA ILE K 1395 5.59 16.08 -107.43
C ILE K 1395 4.58 15.03 -107.85
N THR K 1396 4.95 13.75 -107.77
CA THR K 1396 4.05 12.68 -108.18
C THR K 1396 3.08 12.25 -107.09
N LYS K 1397 3.32 12.67 -105.84
CA LYS K 1397 2.50 12.26 -104.71
C LYS K 1397 1.58 13.36 -104.20
N VAL K 1398 1.49 14.49 -104.89
CA VAL K 1398 0.59 15.56 -104.46
C VAL K 1398 -0.85 15.21 -104.84
N ALA K 1399 -1.80 15.89 -104.20
CA ALA K 1399 -3.21 15.66 -104.46
C ALA K 1399 -3.78 16.68 -105.44
N ASN K 1400 -3.57 17.97 -105.16
CA ASN K 1400 -4.08 19.03 -106.03
C ASN K 1400 -3.33 19.01 -107.35
N VAL K 1401 -4.05 18.69 -108.43
CA VAL K 1401 -3.42 18.65 -109.75
C VAL K 1401 -3.29 20.04 -110.38
N GLU K 1402 -4.04 21.03 -109.89
CA GLU K 1402 -3.96 22.37 -110.45
C GLU K 1402 -2.64 23.05 -110.13
N LEU K 1403 -1.92 22.58 -109.11
CA LEU K 1403 -0.63 23.17 -108.77
C LEU K 1403 0.46 22.85 -109.79
N TYR K 1404 0.19 21.92 -110.71
CA TYR K 1404 1.18 21.57 -111.72
C TYR K 1404 1.49 22.77 -112.63
N TYR K 1405 0.46 23.51 -113.03
CA TYR K 1405 0.68 24.66 -113.89
C TYR K 1405 1.46 25.77 -113.16
N ARG K 1406 1.14 25.99 -111.88
CA ARG K 1406 1.90 26.97 -111.11
C ARG K 1406 3.35 26.54 -110.93
N ALA K 1407 3.59 25.25 -110.70
CA ALA K 1407 4.96 24.76 -110.59
C ALA K 1407 5.72 24.92 -111.91
N ILE K 1408 5.04 24.66 -113.04
CA ILE K 1408 5.67 24.83 -114.34
C ILE K 1408 6.01 26.29 -114.58
N GLN K 1409 5.10 27.21 -114.21
CA GLN K 1409 5.37 28.62 -114.38
C GLN K 1409 6.54 29.08 -113.50
N PHE K 1410 6.57 28.61 -112.25
CA PHE K 1410 7.66 28.99 -111.36
C PHE K 1410 8.99 28.43 -111.85
N TYR K 1411 8.99 27.22 -112.42
CA TYR K 1411 10.21 26.67 -112.99
C TYR K 1411 10.66 27.48 -114.21
N LEU K 1412 9.73 27.80 -115.12
CA LEU K 1412 10.07 28.66 -116.25
C LEU K 1412 10.65 29.99 -115.78
N GLU K 1413 10.17 30.50 -114.64
CA GLU K 1413 10.74 31.73 -114.10
C GLU K 1413 12.11 31.50 -113.48
N PHE K 1414 12.36 30.29 -112.97
CA PHE K 1414 13.63 30.01 -112.28
C PHE K 1414 14.51 29.03 -113.02
N LYS K 1415 14.02 27.82 -113.34
CA LYS K 1415 14.82 26.76 -113.95
C LYS K 1415 14.15 26.30 -115.23
N PRO K 1416 14.39 26.99 -116.35
CA PRO K 1416 13.76 26.56 -117.61
C PRO K 1416 14.27 25.21 -118.12
N LEU K 1417 15.44 24.78 -117.65
CA LEU K 1417 16.00 23.53 -118.14
C LEU K 1417 15.26 22.32 -117.58
N LEU K 1418 14.76 22.43 -116.35
CA LEU K 1418 14.07 21.32 -115.70
C LEU K 1418 12.63 21.14 -116.17
N LEU K 1419 12.17 21.91 -117.15
CA LEU K 1419 10.79 21.79 -117.61
C LEU K 1419 10.54 20.42 -118.23
N ASN K 1420 11.45 19.95 -119.07
CA ASN K 1420 11.28 18.62 -119.68
C ASN K 1420 11.37 17.52 -118.63
N ASP K 1421 12.30 17.66 -117.68
CA ASP K 1421 12.43 16.66 -116.63
C ASP K 1421 11.17 16.58 -115.78
N LEU K 1422 10.52 17.72 -115.53
CA LEU K 1422 9.27 17.71 -114.78
C LEU K 1422 8.12 17.15 -115.60
N LEU K 1423 8.07 17.49 -116.90
CA LEU K 1423 7.00 16.97 -117.75
C LEU K 1423 7.13 15.47 -117.97
N MET K 1424 8.34 14.93 -117.83
CA MET K 1424 8.52 13.48 -117.95
C MET K 1424 7.71 12.74 -116.90
N VAL K 1425 7.66 13.26 -115.68
CA VAL K 1425 6.88 12.61 -114.62
C VAL K 1425 5.47 13.19 -114.50
N LEU K 1426 5.21 14.37 -115.05
CA LEU K 1426 3.88 14.94 -114.99
C LEU K 1426 2.97 14.41 -116.09
N SER K 1427 3.52 13.72 -117.08
CA SER K 1427 2.73 13.24 -118.21
C SER K 1427 1.49 12.45 -117.83
N PRO K 1428 1.53 11.50 -116.86
CA PRO K 1428 0.30 10.77 -116.53
C PRO K 1428 -0.79 11.62 -115.90
N ARG K 1429 -0.44 12.43 -114.90
CA ARG K 1429 -1.40 13.16 -114.10
C ARG K 1429 -1.58 14.61 -114.54
N LEU K 1430 -1.26 14.94 -115.79
CA LEU K 1430 -1.44 16.28 -116.30
C LEU K 1430 -1.95 16.23 -117.74
N ASP K 1431 -2.87 17.13 -118.06
CA ASP K 1431 -3.42 17.19 -119.41
C ASP K 1431 -2.37 17.73 -120.38
N HIS K 1432 -2.43 17.25 -121.61
CA HIS K 1432 -1.47 17.65 -122.64
C HIS K 1432 -1.94 18.86 -123.44
N THR K 1433 -3.23 19.19 -123.39
CA THR K 1433 -3.75 20.31 -124.16
C THR K 1433 -3.54 21.63 -123.43
N ARG K 1434 -3.87 21.67 -122.13
CA ARG K 1434 -3.73 22.90 -121.36
C ARG K 1434 -2.26 23.32 -121.25
N ALA K 1435 -1.34 22.37 -121.16
CA ALA K 1435 0.08 22.70 -121.09
C ALA K 1435 0.54 23.39 -122.37
N VAL K 1436 0.17 22.84 -123.52
CA VAL K 1436 0.54 23.45 -124.79
C VAL K 1436 -0.14 24.81 -124.95
N ASN K 1437 -1.39 24.93 -124.50
CA ASN K 1437 -2.07 26.22 -124.57
C ASN K 1437 -1.36 27.28 -123.74
N TYR K 1438 -0.97 26.93 -122.52
CA TYR K 1438 -0.25 27.89 -121.66
C TYR K 1438 1.12 28.21 -122.23
N PHE K 1439 1.80 27.23 -122.83
CA PHE K 1439 3.09 27.49 -123.44
C PHE K 1439 2.96 28.42 -124.64
N SER K 1440 1.88 28.27 -125.42
CA SER K 1440 1.65 29.18 -126.53
C SER K 1440 1.26 30.57 -126.05
N LYS K 1441 0.56 30.65 -124.91
CA LYS K 1441 0.22 31.95 -124.33
C LYS K 1441 1.48 32.68 -123.87
N VAL K 1442 2.36 31.98 -123.14
CA VAL K 1442 3.60 32.59 -122.66
C VAL K 1442 4.71 32.53 -123.70
N LYS K 1443 4.45 32.00 -124.89
CA LYS K 1443 5.43 31.93 -125.99
C LYS K 1443 6.68 31.17 -125.56
N GLN K 1444 6.48 29.89 -125.23
CA GLN K 1444 7.55 28.99 -124.86
C GLN K 1444 7.38 27.63 -125.53
N LEU K 1445 6.98 27.66 -126.81
CA LEU K 1445 6.74 26.39 -127.52
C LEU K 1445 8.03 25.67 -127.88
N PRO K 1446 9.02 26.29 -128.53
CA PRO K 1446 10.22 25.53 -128.91
C PRO K 1446 11.09 25.10 -127.74
N LEU K 1447 10.87 25.66 -126.55
CA LEU K 1447 11.67 25.27 -125.40
C LEU K 1447 11.35 23.85 -124.93
N VAL K 1448 10.17 23.33 -125.26
CA VAL K 1448 9.78 21.98 -124.90
C VAL K 1448 9.69 21.08 -126.12
N LYS K 1449 10.29 21.48 -127.24
CA LYS K 1449 10.24 20.67 -128.45
C LYS K 1449 10.90 19.30 -128.30
N PRO K 1450 12.07 19.15 -127.67
CA PRO K 1450 12.61 17.79 -127.46
C PRO K 1450 11.69 16.89 -126.69
N TYR K 1451 10.92 17.43 -125.74
CA TYR K 1451 9.95 16.60 -125.01
C TYR K 1451 8.74 16.29 -125.88
N LEU K 1452 8.28 17.27 -126.67
CA LEU K 1452 7.14 17.04 -127.55
C LEU K 1452 7.47 16.08 -128.68
N ARG K 1453 8.75 15.88 -128.98
CA ARG K 1453 9.13 14.89 -129.98
C ARG K 1453 8.94 13.46 -129.51
N SER K 1454 8.70 13.24 -128.22
CA SER K 1454 8.52 11.91 -127.67
C SER K 1454 7.08 11.61 -127.29
N VAL K 1455 6.12 12.45 -127.72
CA VAL K 1455 4.71 12.23 -127.44
C VAL K 1455 3.86 12.19 -128.71
N GLN K 1456 4.49 12.04 -129.88
CA GLN K 1456 3.72 11.98 -131.12
C GLN K 1456 2.84 10.73 -131.18
N ASN K 1457 3.19 9.70 -130.41
CA ASN K 1457 2.39 8.48 -130.39
C ASN K 1457 0.97 8.75 -129.91
N HIS K 1458 0.81 9.67 -128.95
CA HIS K 1458 -0.52 10.02 -128.47
C HIS K 1458 -1.31 10.78 -129.54
N ASN K 1459 -0.60 11.50 -130.42
CA ASN K 1459 -1.20 12.22 -131.53
C ASN K 1459 -2.20 13.27 -131.03
N ASN K 1460 -1.74 14.12 -130.12
CA ASN K 1460 -2.58 15.22 -129.65
C ASN K 1460 -2.68 16.30 -130.71
N LYS K 1461 -3.89 16.85 -130.87
CA LYS K 1461 -4.11 17.85 -131.91
C LYS K 1461 -3.28 19.10 -131.66
N SER K 1462 -3.25 19.57 -130.40
CA SER K 1462 -2.47 20.76 -130.07
C SER K 1462 -0.99 20.53 -130.32
N VAL K 1463 -0.47 19.38 -129.91
CA VAL K 1463 0.95 19.08 -130.13
C VAL K 1463 1.23 18.88 -131.61
N ASN K 1464 0.31 18.23 -132.34
CA ASN K 1464 0.51 18.03 -133.77
C ASN K 1464 0.55 19.35 -134.52
N GLU K 1465 -0.26 20.32 -134.09
CA GLU K 1465 -0.22 21.64 -134.70
C GLU K 1465 1.00 22.45 -134.29
N SER K 1466 1.41 22.36 -133.03
CA SER K 1466 2.57 23.12 -132.57
C SER K 1466 3.85 22.63 -133.24
N LEU K 1467 4.01 21.31 -133.36
CA LEU K 1467 5.19 20.77 -134.04
C LEU K 1467 5.25 21.19 -135.50
N ASN K 1468 4.09 21.19 -136.19
CA ASN K 1468 4.07 21.62 -137.58
C ASN K 1468 4.39 23.11 -137.70
N ASN K 1469 3.83 23.94 -136.81
CA ASN K 1469 4.10 25.36 -136.85
C ASN K 1469 5.57 25.65 -136.57
N LEU K 1470 6.20 24.85 -135.70
CA LEU K 1470 7.63 25.03 -135.44
C LEU K 1470 8.48 24.56 -136.61
N PHE K 1471 8.07 23.46 -137.26
CA PHE K 1471 8.83 22.95 -138.40
C PHE K 1471 8.73 23.90 -139.58
N ILE K 1472 7.60 24.59 -139.73
CA ILE K 1472 7.44 25.54 -140.83
C ILE K 1472 8.38 26.73 -140.66
N THR K 1473 8.52 27.23 -139.43
CA THR K 1473 9.37 28.39 -139.15
C THR K 1473 10.83 28.00 -138.94
N GLU K 1474 11.22 26.80 -139.35
CA GLU K 1474 12.61 26.36 -139.21
C GLU K 1474 13.10 25.68 -140.48
N ASP L 635 -40.12 2.87 10.06
CA ASP L 635 -39.07 2.23 9.28
C ASP L 635 -39.48 0.82 8.88
N ILE L 636 -40.39 0.73 7.89
CA ILE L 636 -40.85 -0.57 7.43
C ILE L 636 -39.82 -1.25 6.55
N LYS L 637 -38.85 -0.51 6.01
CA LYS L 637 -37.83 -1.07 5.13
C LYS L 637 -36.82 -1.83 5.98
N ARG L 638 -37.13 -3.11 6.25
CA ARG L 638 -36.25 -3.95 7.05
C ARG L 638 -36.04 -5.33 6.42
N ALA L 639 -36.38 -5.49 5.14
CA ALA L 639 -36.25 -6.78 4.49
C ALA L 639 -34.81 -7.10 4.09
N VAL L 640 -33.88 -6.17 4.27
CA VAL L 640 -32.49 -6.42 3.89
C VAL L 640 -31.88 -7.54 4.73
N VAL L 641 -32.33 -7.67 5.98
CA VAL L 641 -31.83 -8.75 6.83
C VAL L 641 -32.66 -10.03 6.68
N HIS L 642 -33.94 -9.90 6.30
CA HIS L 642 -34.78 -11.08 6.12
C HIS L 642 -34.61 -11.71 4.74
N THR L 643 -33.92 -11.05 3.82
CA THR L 643 -33.70 -11.60 2.50
C THR L 643 -32.90 -12.90 2.53
N HIS L 644 -32.02 -13.06 3.51
CA HIS L 644 -31.21 -14.26 3.62
C HIS L 644 -32.01 -15.50 3.98
N LEU L 645 -33.26 -15.34 4.41
CA LEU L 645 -34.09 -16.48 4.81
C LEU L 645 -35.41 -16.58 4.07
N LEU L 646 -35.92 -15.50 3.48
CA LEU L 646 -37.18 -15.54 2.77
C LEU L 646 -36.97 -15.94 1.32
N ASN L 647 -37.98 -16.60 0.75
CA ASN L 647 -37.94 -17.05 -0.63
C ASN L 647 -37.97 -15.83 -1.55
N PRO L 648 -36.94 -15.64 -2.38
CA PRO L 648 -36.92 -14.45 -3.26
C PRO L 648 -37.99 -14.48 -4.34
N GLU L 649 -38.59 -15.63 -4.62
CA GLU L 649 -39.60 -15.73 -5.66
C GLU L 649 -40.77 -14.79 -5.38
N TRP L 650 -41.39 -14.92 -4.22
CA TRP L 650 -42.47 -14.01 -3.85
C TRP L 650 -41.93 -12.64 -3.44
N LEU L 651 -40.66 -12.54 -3.06
CA LEU L 651 -40.08 -11.25 -2.73
C LEU L 651 -40.01 -10.35 -3.96
N VAL L 652 -39.77 -10.93 -5.14
CA VAL L 652 -39.76 -10.14 -6.36
C VAL L 652 -41.09 -9.44 -6.56
N ASN L 653 -42.20 -10.16 -6.40
CA ASN L 653 -43.52 -9.58 -6.52
C ASN L 653 -43.87 -8.65 -5.37
N TYR L 654 -43.35 -8.93 -4.17
CA TYR L 654 -43.61 -8.07 -3.02
C TYR L 654 -42.94 -6.71 -3.21
N PHE L 655 -41.74 -6.69 -3.80
CA PHE L 655 -41.05 -5.43 -4.06
C PHE L 655 -41.51 -4.76 -5.34
N GLY L 656 -42.06 -5.53 -6.29
CA GLY L 656 -42.59 -4.92 -7.48
C GLY L 656 -43.87 -4.12 -7.23
N SER L 657 -44.73 -4.62 -6.35
CA SER L 657 -45.96 -3.95 -6.00
C SER L 657 -45.79 -3.18 -4.69
N LEU L 658 -46.74 -2.28 -4.43
CA LEU L 658 -46.76 -1.42 -3.25
C LEU L 658 -45.50 -0.57 -3.12
N SER L 659 -44.78 -0.33 -4.22
CA SER L 659 -43.53 0.41 -4.19
C SER L 659 -43.77 1.87 -4.60
N VAL L 660 -44.24 2.65 -3.63
CA VAL L 660 -44.40 4.08 -3.83
C VAL L 660 -43.11 4.77 -3.41
N GLU L 661 -42.15 4.86 -4.35
CA GLU L 661 -40.84 5.45 -4.09
C GLU L 661 -40.15 4.79 -2.91
N ASP L 662 -40.35 3.48 -2.75
CA ASP L 662 -39.83 2.73 -1.62
C ASP L 662 -38.80 1.69 -2.02
N SER L 663 -38.93 1.08 -3.19
CA SER L 663 -37.98 0.04 -3.61
C SER L 663 -36.59 0.59 -3.86
N LEU L 664 -36.47 1.87 -4.19
CA LEU L 664 -35.15 2.46 -4.43
C LEU L 664 -34.32 2.47 -3.16
N GLU L 665 -34.92 2.86 -2.03
CA GLU L 665 -34.20 2.86 -0.77
C GLU L 665 -33.83 1.45 -0.33
N CYS L 666 -34.71 0.48 -0.57
CA CYS L 666 -34.40 -0.91 -0.22
C CYS L 666 -33.25 -1.43 -1.07
N LEU L 667 -33.25 -1.11 -2.36
CA LEU L 667 -32.14 -1.54 -3.22
C LEU L 667 -30.84 -0.86 -2.80
N ARG L 668 -30.90 0.41 -2.42
CA ARG L 668 -29.71 1.11 -1.96
C ARG L 668 -29.17 0.49 -0.68
N ALA L 669 -30.06 0.12 0.24
CA ALA L 669 -29.63 -0.53 1.48
C ALA L 669 -29.04 -1.90 1.21
N MET L 670 -29.61 -2.64 0.26
CA MET L 670 -29.06 -3.94 -0.09
C MET L 670 -27.69 -3.81 -0.76
N LEU L 671 -27.52 -2.77 -1.57
CA LEU L 671 -26.23 -2.51 -2.20
C LEU L 671 -25.18 -2.02 -1.22
N SER L 672 -25.60 -1.35 -0.14
CA SER L 672 -24.67 -0.98 0.92
C SER L 672 -24.12 -2.20 1.65
N ALA L 673 -24.81 -3.32 1.59
CA ALA L 673 -24.38 -4.58 2.18
C ALA L 673 -24.41 -5.69 1.14
N ASN L 674 -23.84 -5.39 -0.03
CA ASN L 674 -23.90 -6.30 -1.17
C ASN L 674 -22.96 -7.49 -1.01
N ILE L 675 -23.35 -8.46 -0.18
CA ILE L 675 -22.60 -9.70 -0.05
C ILE L 675 -22.80 -10.52 -1.31
N ARG L 676 -21.94 -11.53 -1.52
CA ARG L 676 -22.04 -12.37 -2.70
C ARG L 676 -23.35 -13.14 -2.73
N GLN L 677 -23.97 -13.38 -1.57
CA GLN L 677 -25.23 -14.11 -1.53
C GLN L 677 -26.39 -13.25 -2.00
N ASN L 678 -26.50 -12.03 -1.47
CA ASN L 678 -27.58 -11.12 -1.81
C ASN L 678 -27.18 -10.13 -2.90
N LEU L 679 -26.28 -10.51 -3.80
CA LEU L 679 -25.85 -9.64 -4.89
C LEU L 679 -26.74 -9.83 -6.13
N GLN L 680 -27.02 -11.09 -6.49
CA GLN L 680 -27.85 -11.35 -7.65
C GLN L 680 -29.30 -10.93 -7.43
N ILE L 681 -29.75 -10.93 -6.17
CA ILE L 681 -31.12 -10.51 -5.88
C ILE L 681 -31.28 -9.01 -6.13
N CYS L 682 -30.20 -8.25 -6.02
CA CYS L 682 -30.25 -6.83 -6.34
C CYS L 682 -30.41 -6.59 -7.84
N VAL L 683 -30.16 -7.62 -8.66
CA VAL L 683 -30.31 -7.52 -10.10
C VAL L 683 -31.66 -8.09 -10.51
N GLN L 684 -32.06 -9.18 -9.87
CA GLN L 684 -33.32 -9.82 -10.20
C GLN L 684 -34.51 -8.93 -9.86
N VAL L 685 -34.48 -8.32 -8.66
CA VAL L 685 -35.57 -7.44 -8.25
C VAL L 685 -35.55 -6.15 -9.06
N ALA L 686 -34.36 -5.66 -9.39
CA ALA L 686 -34.24 -4.40 -10.12
C ALA L 686 -34.85 -4.46 -11.51
N SER L 687 -34.83 -5.63 -12.16
CA SER L 687 -35.40 -5.76 -13.50
C SER L 687 -36.86 -6.14 -13.47
N LYS L 688 -37.67 -5.42 -12.68
CA LYS L 688 -39.12 -5.59 -12.69
C LYS L 688 -39.79 -4.23 -12.82
N TYR L 689 -39.20 -3.20 -12.21
CA TYR L 689 -39.75 -1.86 -12.23
C TYR L 689 -39.17 -0.99 -13.33
N HIS L 690 -38.11 -1.44 -14.01
CA HIS L 690 -37.51 -0.64 -15.06
C HIS L 690 -38.47 -0.42 -16.23
N GLU L 691 -39.40 -1.37 -16.45
CA GLU L 691 -40.37 -1.21 -17.52
C GLU L 691 -41.32 -0.06 -17.28
N GLN L 692 -41.53 0.33 -16.02
CA GLN L 692 -42.41 1.45 -15.67
C GLN L 692 -41.67 2.76 -15.50
N LEU L 693 -40.49 2.74 -14.87
CA LEU L 693 -39.71 3.97 -14.66
C LEU L 693 -38.24 3.58 -14.65
N SER L 694 -37.57 3.79 -15.78
CA SER L 694 -36.13 3.51 -15.90
C SER L 694 -35.32 4.76 -15.59
N THR L 695 -35.43 5.22 -14.35
CA THR L 695 -34.72 6.41 -13.92
C THR L 695 -33.22 6.17 -13.85
N GLN L 696 -32.44 7.23 -14.11
CA GLN L 696 -30.99 7.10 -14.07
C GLN L 696 -30.45 7.18 -12.65
N SER L 697 -31.26 7.61 -11.68
CA SER L 697 -30.78 7.71 -10.31
C SER L 697 -30.46 6.34 -9.73
N LEU L 698 -31.25 5.32 -10.08
CA LEU L 698 -30.98 3.97 -9.61
C LEU L 698 -29.66 3.45 -10.14
N ILE L 699 -29.41 3.66 -11.44
CA ILE L 699 -28.16 3.20 -12.04
C ILE L 699 -26.98 4.01 -11.48
N GLU L 700 -27.20 5.28 -11.15
CA GLU L 700 -26.13 6.09 -10.56
C GLU L 700 -25.78 5.58 -9.17
N LEU L 701 -26.79 5.27 -8.36
CA LEU L 701 -26.54 4.69 -7.05
C LEU L 701 -25.92 3.31 -7.14
N PHE L 702 -26.22 2.57 -8.22
CA PHE L 702 -25.61 1.26 -8.42
C PHE L 702 -24.12 1.42 -8.75
N GLU L 703 -23.79 2.32 -9.67
CA GLU L 703 -22.40 2.54 -10.05
C GLU L 703 -21.58 3.20 -8.95
N SER L 704 -22.22 3.71 -7.89
CA SER L 704 -21.47 4.29 -6.78
C SER L 704 -20.64 3.24 -6.06
N PHE L 705 -21.08 1.98 -6.09
CA PHE L 705 -20.34 0.89 -5.48
C PHE L 705 -19.40 0.28 -6.51
N LYS L 706 -18.89 -0.92 -6.22
CA LYS L 706 -17.98 -1.59 -7.15
C LYS L 706 -18.70 -1.92 -8.46
N SER L 707 -19.78 -2.69 -8.37
CA SER L 707 -20.58 -3.09 -9.53
C SER L 707 -19.71 -3.79 -10.58
N PHE L 708 -19.14 -4.93 -10.17
CA PHE L 708 -18.27 -5.69 -11.06
C PHE L 708 -19.03 -6.16 -12.29
N GLU L 709 -20.06 -6.99 -12.10
CA GLU L 709 -20.85 -7.51 -13.20
C GLU L 709 -22.35 -7.40 -12.96
N GLY L 710 -22.77 -6.77 -11.86
CA GLY L 710 -24.20 -6.64 -11.59
C GLY L 710 -24.91 -5.85 -12.66
N LEU L 711 -24.37 -4.68 -13.00
CA LEU L 711 -24.97 -3.87 -14.06
C LEU L 711 -24.90 -4.57 -15.41
N PHE L 712 -23.87 -5.39 -15.63
CA PHE L 712 -23.77 -6.12 -16.89
C PHE L 712 -24.93 -7.09 -17.05
N TYR L 713 -25.14 -7.95 -16.06
CA TYR L 713 -26.25 -8.90 -16.14
C TYR L 713 -27.60 -8.19 -16.06
N PHE L 714 -27.64 -7.01 -15.44
CA PHE L 714 -28.88 -6.24 -15.39
C PHE L 714 -29.26 -5.74 -16.78
N LEU L 715 -28.31 -5.12 -17.49
CA LEU L 715 -28.57 -4.57 -18.81
C LEU L 715 -28.52 -5.62 -19.91
N GLY L 716 -28.07 -6.84 -19.62
CA GLY L 716 -28.07 -7.89 -20.63
C GLY L 716 -29.44 -8.23 -21.17
N SER L 717 -30.49 -8.01 -20.38
CA SER L 717 -31.86 -8.25 -20.81
C SER L 717 -32.57 -6.98 -21.25
N ILE L 718 -31.88 -5.85 -21.27
CA ILE L 718 -32.48 -4.58 -21.67
C ILE L 718 -31.90 -4.05 -22.98
N VAL L 719 -30.84 -4.64 -23.52
CA VAL L 719 -30.30 -4.19 -24.80
C VAL L 719 -31.36 -4.33 -25.90
N ASN L 720 -32.06 -5.46 -25.92
CA ASN L 720 -33.15 -5.64 -26.86
C ASN L 720 -34.39 -4.89 -26.41
N PHE L 721 -35.27 -4.59 -27.37
CA PHE L 721 -36.50 -3.85 -27.11
C PHE L 721 -36.22 -2.49 -26.49
N SER L 722 -35.16 -1.84 -26.98
CA SER L 722 -34.76 -0.54 -26.49
C SER L 722 -33.97 0.18 -27.56
N GLN L 723 -34.09 1.52 -27.57
CA GLN L 723 -33.39 2.33 -28.56
C GLN L 723 -32.67 3.52 -27.93
N ASP L 724 -32.33 3.45 -26.65
CA ASP L 724 -31.65 4.59 -26.05
C ASP L 724 -30.14 4.47 -26.21
N PRO L 725 -29.47 5.53 -26.66
CA PRO L 725 -28.02 5.45 -26.84
C PRO L 725 -27.26 5.39 -25.52
N ASP L 726 -27.74 6.10 -24.50
CA ASP L 726 -27.03 6.12 -23.22
C ASP L 726 -27.03 4.75 -22.55
N VAL L 727 -28.15 4.03 -22.64
CA VAL L 727 -28.22 2.70 -22.04
C VAL L 727 -27.20 1.77 -22.70
N HIS L 728 -27.13 1.81 -24.03
CA HIS L 728 -26.18 0.96 -24.74
C HIS L 728 -24.74 1.36 -24.43
N PHE L 729 -24.48 2.66 -24.32
CA PHE L 729 -23.12 3.11 -24.00
C PHE L 729 -22.72 2.66 -22.60
N LYS L 730 -23.64 2.75 -21.64
CA LYS L 730 -23.33 2.30 -20.28
C LYS L 730 -23.17 0.79 -20.23
N TYR L 731 -23.94 0.05 -21.05
CA TYR L 731 -23.73 -1.40 -21.13
C TYR L 731 -22.36 -1.74 -21.70
N ILE L 732 -21.93 -0.99 -22.71
CA ILE L 732 -20.58 -1.19 -23.26
C ILE L 732 -19.53 -0.88 -22.22
N GLN L 733 -19.72 0.20 -21.46
CA GLN L 733 -18.79 0.53 -20.39
C GLN L 733 -18.73 -0.55 -19.33
N ALA L 734 -19.89 -1.11 -18.95
CA ALA L 734 -19.90 -2.21 -17.99
C ALA L 734 -19.23 -3.46 -18.57
N ALA L 735 -19.29 -3.62 -19.89
CA ALA L 735 -18.61 -4.73 -20.54
C ALA L 735 -17.10 -4.53 -20.57
N CYS L 736 -16.60 -3.35 -20.20
CA CYS L 736 -15.17 -3.10 -20.11
C CYS L 736 -14.60 -3.38 -18.74
N LYS L 737 -15.45 -3.53 -17.72
CA LYS L 737 -14.95 -3.83 -16.37
C LYS L 737 -14.42 -5.25 -16.28
N THR L 738 -15.12 -6.21 -16.88
CA THR L 738 -14.65 -7.58 -17.02
C THR L 738 -14.69 -7.96 -18.48
N GLY L 739 -13.75 -8.81 -18.90
CA GLY L 739 -13.62 -9.15 -20.30
C GLY L 739 -14.84 -9.79 -20.92
N GLN L 740 -15.54 -9.04 -21.77
CA GLN L 740 -16.71 -9.51 -22.49
C GLN L 740 -16.70 -8.99 -23.92
N ILE L 741 -15.53 -9.06 -24.58
CA ILE L 741 -15.39 -8.48 -25.91
C ILE L 741 -16.27 -9.22 -26.92
N LYS L 742 -16.56 -10.50 -26.68
CA LYS L 742 -17.43 -11.24 -27.59
C LYS L 742 -18.86 -10.73 -27.57
N GLU L 743 -19.28 -10.08 -26.49
CA GLU L 743 -20.63 -9.55 -26.37
C GLU L 743 -20.74 -8.12 -26.86
N VAL L 744 -19.64 -7.49 -27.23
CA VAL L 744 -19.64 -6.10 -27.69
C VAL L 744 -19.73 -6.01 -29.21
N GLU L 745 -19.07 -6.92 -29.92
CA GLU L 745 -19.09 -6.89 -31.38
C GLU L 745 -20.47 -7.18 -31.93
N ARG L 746 -21.31 -7.88 -31.17
CA ARG L 746 -22.64 -8.22 -31.66
C ARG L 746 -23.61 -7.05 -31.55
N ILE L 747 -23.58 -6.33 -30.42
CA ILE L 747 -24.50 -5.22 -30.23
C ILE L 747 -24.16 -4.04 -31.12
N CYS L 748 -22.90 -3.92 -31.55
CA CYS L 748 -22.54 -2.85 -32.47
C CYS L 748 -23.17 -3.05 -33.83
N ARG L 749 -23.35 -4.31 -34.24
CA ARG L 749 -23.99 -4.60 -35.53
C ARG L 749 -25.50 -4.62 -35.39
N GLU L 750 -26.01 -5.19 -34.29
CA GLU L 750 -27.45 -5.28 -34.10
C GLU L 750 -28.06 -3.90 -33.86
N SER L 751 -27.61 -3.22 -32.80
CA SER L 751 -28.15 -1.91 -32.47
C SER L 751 -27.68 -0.87 -33.49
N ASN L 752 -28.59 0.04 -33.84
CA ASN L 752 -28.29 1.11 -34.79
C ASN L 752 -28.89 2.44 -34.33
N CYS L 753 -29.00 2.64 -33.02
CA CYS L 753 -29.60 3.84 -32.45
C CYS L 753 -28.69 4.44 -31.38
N TYR L 754 -27.41 4.56 -31.70
CA TYR L 754 -26.44 5.13 -30.77
C TYR L 754 -25.47 6.02 -31.54
N ASP L 755 -24.76 6.86 -30.80
CA ASP L 755 -23.78 7.77 -31.38
C ASP L 755 -22.43 7.08 -31.45
N PRO L 756 -21.93 6.77 -32.66
CA PRO L 756 -20.65 6.06 -32.76
C PRO L 756 -19.44 6.90 -32.38
N GLU L 757 -19.58 8.23 -32.32
CA GLU L 757 -18.45 9.09 -31.99
C GLU L 757 -17.97 8.83 -30.56
N ARG L 758 -18.87 8.96 -29.59
CA ARG L 758 -18.49 8.71 -28.20
C ARG L 758 -18.07 7.26 -27.99
N VAL L 759 -18.70 6.33 -28.71
CA VAL L 759 -18.36 4.92 -28.58
C VAL L 759 -16.92 4.69 -29.01
N LYS L 760 -16.55 5.18 -30.20
CA LYS L 760 -15.18 4.98 -30.67
C LYS L 760 -14.18 5.77 -29.84
N ASN L 761 -14.59 6.91 -29.28
CA ASN L 761 -13.69 7.65 -28.39
C ASN L 761 -13.40 6.85 -27.12
N PHE L 762 -14.44 6.26 -26.53
CA PHE L 762 -14.23 5.45 -25.33
C PHE L 762 -13.45 4.18 -25.65
N LEU L 763 -13.62 3.65 -26.86
CA LEU L 763 -12.86 2.46 -27.26
C LEU L 763 -11.37 2.80 -27.43
N LYS L 764 -11.07 3.93 -28.07
CA LYS L 764 -9.68 4.34 -28.23
C LYS L 764 -9.07 4.80 -26.91
N GLU L 765 -9.88 5.24 -25.96
CA GLU L 765 -9.35 5.64 -24.66
C GLU L 765 -9.06 4.42 -23.79
N ALA L 766 -10.08 3.60 -23.54
CA ALA L 766 -9.93 2.39 -22.73
C ALA L 766 -9.48 1.24 -23.63
N LYS L 767 -8.17 0.99 -23.62
CA LYS L 767 -7.60 -0.08 -24.42
C LYS L 767 -7.99 -1.44 -23.85
N LEU L 768 -8.63 -2.27 -24.69
CA LEU L 768 -9.07 -3.58 -24.23
C LEU L 768 -7.95 -4.61 -24.32
N THR L 769 -6.89 -4.30 -25.07
CA THR L 769 -5.71 -5.15 -25.25
C THR L 769 -6.04 -6.33 -26.15
N ASP L 770 -7.31 -6.45 -26.53
CA ASP L 770 -7.79 -7.45 -27.47
C ASP L 770 -8.94 -6.88 -28.28
N GLN L 771 -8.94 -5.57 -28.45
CA GLN L 771 -10.06 -4.85 -29.05
C GLN L 771 -10.17 -5.09 -30.54
N LEU L 772 -11.29 -5.67 -30.96
CA LEU L 772 -11.72 -5.58 -32.34
C LEU L 772 -13.24 -5.44 -32.50
N PRO L 773 -13.94 -4.59 -31.69
CA PRO L 773 -15.28 -4.18 -32.09
C PRO L 773 -15.24 -2.96 -33.01
N LEU L 774 -14.16 -2.19 -32.88
CA LEU L 774 -14.04 -0.95 -33.63
C LEU L 774 -13.80 -1.20 -35.12
N ILE L 775 -13.14 -2.31 -35.45
CA ILE L 775 -12.78 -2.61 -36.82
C ILE L 775 -14.01 -3.03 -37.62
N ILE L 776 -15.17 -3.03 -36.97
CA ILE L 776 -16.44 -3.29 -37.63
C ILE L 776 -17.30 -2.04 -37.68
N VAL L 777 -17.55 -1.42 -36.53
CA VAL L 777 -18.40 -0.23 -36.48
C VAL L 777 -17.74 0.94 -37.20
N CYS L 778 -16.41 0.95 -37.28
CA CYS L 778 -15.71 2.07 -37.93
C CYS L 778 -16.01 2.10 -39.42
N ASP L 779 -15.88 0.96 -40.09
CA ASP L 779 -16.28 0.88 -41.49
C ASP L 779 -17.80 0.83 -41.66
N ARG L 780 -18.53 0.48 -40.60
CA ARG L 780 -19.98 0.58 -40.65
C ARG L 780 -20.45 2.02 -40.74
N PHE L 781 -19.74 2.93 -40.08
CA PHE L 781 -20.04 4.36 -40.15
C PHE L 781 -19.03 5.14 -40.97
N ASP L 782 -18.07 4.46 -41.61
CA ASP L 782 -17.12 5.08 -42.53
C ASP L 782 -16.28 6.16 -41.83
N PHE L 783 -15.47 5.74 -40.86
CA PHE L 783 -14.53 6.62 -40.17
C PHE L 783 -13.14 5.98 -40.12
N VAL L 784 -12.84 5.10 -41.09
CA VAL L 784 -11.59 4.36 -41.06
C VAL L 784 -10.39 5.22 -41.41
N HIS L 785 -10.61 6.45 -41.91
CA HIS L 785 -9.50 7.32 -42.27
C HIS L 785 -8.60 7.61 -41.08
N ASP L 786 -9.15 7.61 -39.86
CA ASP L 786 -8.36 7.74 -38.65
C ASP L 786 -8.01 6.40 -38.03
N LEU L 787 -8.82 5.37 -38.25
CA LEU L 787 -8.53 4.05 -37.70
C LEU L 787 -7.26 3.47 -38.32
N VAL L 788 -7.09 3.64 -39.64
CA VAL L 788 -5.88 3.16 -40.29
C VAL L 788 -4.65 3.85 -39.73
N LEU L 789 -4.74 5.17 -39.51
CA LEU L 789 -3.62 5.90 -38.95
C LEU L 789 -3.33 5.46 -37.52
N TYR L 790 -4.36 5.25 -36.71
CA TYR L 790 -4.15 4.80 -35.33
C TYR L 790 -3.51 3.42 -35.31
N LEU L 791 -3.92 2.53 -36.21
CA LEU L 791 -3.33 1.19 -36.26
C LEU L 791 -1.89 1.24 -36.73
N TYR L 792 -1.59 2.12 -37.69
CA TYR L 792 -0.21 2.26 -38.17
C TYR L 792 0.68 2.85 -37.09
N ARG L 793 0.14 3.74 -36.26
CA ARG L 793 0.94 4.37 -35.22
C ARG L 793 1.16 3.44 -34.03
N ASN L 794 0.07 2.91 -33.47
CA ASN L 794 0.18 2.10 -32.25
C ASN L 794 0.86 0.76 -32.54
N ASN L 795 0.20 -0.09 -33.34
CA ASN L 795 0.73 -1.42 -33.65
C ASN L 795 -0.04 -2.07 -34.78
N LEU L 796 0.68 -2.76 -35.67
CA LEU L 796 0.07 -3.42 -36.83
C LEU L 796 0.63 -4.83 -36.91
N GLN L 797 -0.07 -5.78 -36.31
CA GLN L 797 0.32 -7.18 -36.31
C GLN L 797 -0.72 -8.10 -36.95
N LYS L 798 -1.96 -8.08 -36.47
CA LYS L 798 -2.98 -8.99 -36.97
C LYS L 798 -4.30 -8.27 -37.23
N TYR L 799 -4.41 -7.02 -36.77
CA TYR L 799 -5.67 -6.29 -36.83
C TYR L 799 -6.19 -6.19 -38.27
N ILE L 800 -5.44 -5.49 -39.13
CA ILE L 800 -5.86 -5.34 -40.52
C ILE L 800 -5.88 -6.69 -41.23
N GLU L 801 -4.95 -7.57 -40.88
CA GLU L 801 -4.91 -8.90 -41.49
C GLU L 801 -6.21 -9.66 -41.23
N ILE L 802 -6.57 -9.83 -39.95
CA ILE L 802 -7.78 -10.58 -39.63
C ILE L 802 -9.02 -9.82 -40.12
N TYR L 803 -8.95 -8.48 -40.18
CA TYR L 803 -10.06 -7.71 -40.72
C TYR L 803 -10.32 -8.08 -42.17
N VAL L 804 -9.31 -7.94 -43.02
CA VAL L 804 -9.46 -8.28 -44.43
C VAL L 804 -9.80 -9.75 -44.61
N GLN L 805 -9.33 -10.62 -43.71
CA GLN L 805 -9.59 -12.05 -43.84
C GLN L 805 -11.05 -12.37 -43.56
N LYS L 806 -11.54 -12.00 -42.37
CA LYS L 806 -12.85 -12.45 -41.91
C LYS L 806 -13.91 -11.34 -41.94
N VAL L 807 -13.55 -10.15 -41.43
CA VAL L 807 -14.57 -9.15 -41.15
C VAL L 807 -15.13 -8.55 -42.44
N ASN L 808 -14.30 -7.86 -43.20
CA ASN L 808 -14.80 -7.17 -44.39
C ASN L 808 -13.68 -6.97 -45.41
N PRO L 809 -13.53 -7.88 -46.37
CA PRO L 809 -12.50 -7.69 -47.41
C PRO L 809 -12.86 -6.66 -48.46
N SER L 810 -14.07 -6.10 -48.43
CA SER L 810 -14.49 -5.14 -49.44
C SER L 810 -13.87 -3.76 -49.23
N ARG L 811 -13.26 -3.50 -48.08
CA ARG L 811 -12.62 -2.22 -47.80
C ARG L 811 -11.11 -2.30 -47.90
N LEU L 812 -10.58 -3.28 -48.65
CA LEU L 812 -9.13 -3.39 -48.82
C LEU L 812 -8.53 -2.19 -49.54
N PRO L 813 -9.08 -1.68 -50.64
CA PRO L 813 -8.46 -0.51 -51.28
C PRO L 813 -8.42 0.73 -50.40
N VAL L 814 -9.43 0.92 -49.54
CA VAL L 814 -9.42 2.07 -48.64
C VAL L 814 -8.28 1.95 -47.64
N VAL L 815 -8.07 0.76 -47.09
CA VAL L 815 -6.97 0.56 -46.15
C VAL L 815 -5.62 0.69 -46.86
N ILE L 816 -5.52 0.23 -48.10
CA ILE L 816 -4.28 0.37 -48.85
C ILE L 816 -3.98 1.84 -49.10
N GLY L 817 -4.99 2.62 -49.48
CA GLY L 817 -4.79 4.05 -49.66
C GLY L 817 -4.40 4.75 -48.37
N GLY L 818 -5.03 4.36 -47.26
CA GLY L 818 -4.66 4.94 -45.98
C GLY L 818 -3.22 4.62 -45.59
N LEU L 819 -2.78 3.40 -45.85
CA LEU L 819 -1.40 3.03 -45.58
C LEU L 819 -0.44 3.74 -46.52
N LEU L 820 -0.87 4.03 -47.76
CA LEU L 820 -0.03 4.78 -48.68
C LEU L 820 0.03 6.26 -48.33
N ASP L 821 -0.97 6.76 -47.60
CA ASP L 821 -0.94 8.16 -47.17
C ASP L 821 0.26 8.43 -46.27
N VAL L 822 0.56 7.50 -45.35
CA VAL L 822 1.74 7.65 -44.49
C VAL L 822 3.00 7.10 -45.13
N ASP L 823 2.91 6.59 -46.36
CA ASP L 823 4.06 6.07 -47.11
C ASP L 823 4.76 4.96 -46.34
N CYS L 824 4.03 3.87 -46.13
CA CYS L 824 4.59 2.71 -45.46
C CYS L 824 5.41 1.87 -46.43
N SER L 825 5.90 0.73 -45.94
CA SER L 825 6.68 -0.17 -46.78
C SER L 825 5.79 -0.80 -47.84
N GLU L 826 6.28 -0.79 -49.09
CA GLU L 826 5.52 -1.37 -50.19
C GLU L 826 5.52 -2.89 -50.13
N ASP L 827 6.57 -3.49 -49.57
CA ASP L 827 6.62 -4.95 -49.47
C ASP L 827 5.50 -5.48 -48.59
N VAL L 828 5.16 -4.74 -47.52
CA VAL L 828 4.07 -5.17 -46.65
C VAL L 828 2.76 -5.23 -47.42
N ILE L 829 2.47 -4.20 -48.22
CA ILE L 829 1.23 -4.20 -49.00
C ILE L 829 1.25 -5.29 -50.06
N LYS L 830 2.41 -5.48 -50.72
CA LYS L 830 2.51 -6.52 -51.74
C LYS L 830 2.36 -7.91 -51.14
N ASN L 831 2.70 -8.08 -49.87
CA ASN L 831 2.48 -9.37 -49.22
C ASN L 831 1.04 -9.50 -48.73
N LEU L 832 0.42 -8.39 -48.33
CA LEU L 832 -0.95 -8.46 -47.84
C LEU L 832 -1.95 -8.69 -48.97
N ILE L 833 -1.67 -8.15 -50.16
CA ILE L 833 -2.59 -8.35 -51.28
C ILE L 833 -2.60 -9.79 -51.78
N LEU L 834 -1.57 -10.58 -51.43
CA LEU L 834 -1.51 -11.97 -51.87
C LEU L 834 -2.46 -12.87 -51.06
N VAL L 835 -2.95 -12.39 -49.91
CA VAL L 835 -3.86 -13.20 -49.12
C VAL L 835 -5.18 -13.36 -49.87
N VAL L 836 -5.84 -14.50 -49.65
CA VAL L 836 -7.11 -14.77 -50.31
C VAL L 836 -8.15 -13.72 -49.92
N ARG L 837 -9.14 -13.55 -50.80
CA ARG L 837 -10.16 -12.53 -50.64
C ARG L 837 -11.55 -13.15 -50.72
N GLY L 838 -12.53 -12.42 -50.22
CA GLY L 838 -13.92 -12.79 -50.37
C GLY L 838 -14.65 -11.81 -51.27
N GLN L 839 -15.42 -10.91 -50.68
CA GLN L 839 -16.03 -9.83 -51.45
C GLN L 839 -15.03 -8.70 -51.65
N PHE L 840 -14.80 -8.34 -52.91
CA PHE L 840 -13.77 -7.36 -53.23
C PHE L 840 -14.09 -6.72 -54.57
N SER L 841 -13.71 -5.45 -54.70
CA SER L 841 -13.91 -4.68 -55.91
C SER L 841 -12.55 -4.31 -56.51
N THR L 842 -12.43 -4.49 -57.83
CA THR L 842 -11.18 -4.27 -58.54
C THR L 842 -10.96 -2.81 -58.92
N ASP L 843 -11.99 -2.14 -59.43
CA ASP L 843 -11.84 -0.75 -59.86
C ASP L 843 -11.47 0.17 -58.71
N GLU L 844 -11.96 -0.09 -57.50
CA GLU L 844 -11.63 0.74 -56.34
C GLU L 844 -10.17 0.66 -55.95
N LEU L 845 -9.48 -0.42 -56.31
CA LEU L 845 -8.06 -0.52 -55.99
C LEU L 845 -7.20 0.15 -57.05
N VAL L 846 -7.55 -0.03 -58.33
CA VAL L 846 -6.79 0.61 -59.39
C VAL L 846 -6.99 2.12 -59.33
N ALA L 847 -8.18 2.58 -58.93
CA ALA L 847 -8.39 4.01 -58.75
C ALA L 847 -7.47 4.56 -57.67
N GLU L 848 -7.32 3.85 -56.55
CA GLU L 848 -6.45 4.31 -55.48
C GLU L 848 -4.98 4.30 -55.91
N VAL L 849 -4.55 3.26 -56.61
CA VAL L 849 -3.14 3.20 -57.02
C VAL L 849 -2.86 4.23 -58.11
N GLU L 850 -3.88 4.65 -58.86
CA GLU L 850 -3.69 5.72 -59.83
C GLU L 850 -3.64 7.07 -59.14
N LYS L 851 -4.48 7.27 -58.11
CA LYS L 851 -4.43 8.51 -57.34
C LYS L 851 -3.08 8.65 -56.62
N ARG L 852 -2.53 7.52 -56.15
CA ARG L 852 -1.24 7.55 -55.48
C ARG L 852 -0.07 7.45 -56.43
N ASN L 853 -0.32 7.19 -57.72
CA ASN L 853 0.73 7.04 -58.73
C ASN L 853 1.73 5.95 -58.33
N ARG L 854 1.19 4.80 -57.91
CA ARG L 854 1.98 3.67 -57.46
C ARG L 854 1.46 2.39 -58.11
N LEU L 855 1.23 2.44 -59.42
CA LEU L 855 0.69 1.30 -60.17
C LEU L 855 1.66 0.12 -60.26
N LYS L 856 2.87 0.25 -59.75
CA LYS L 856 3.85 -0.84 -59.78
C LYS L 856 3.65 -1.84 -58.66
N LEU L 857 2.55 -1.74 -57.90
CA LEU L 857 2.29 -2.66 -56.80
C LEU L 857 1.27 -3.72 -57.12
N LEU L 858 0.45 -3.53 -58.16
CA LEU L 858 -0.58 -4.49 -58.52
C LEU L 858 -0.07 -5.56 -59.49
N LEU L 859 1.22 -5.54 -59.84
CA LEU L 859 1.74 -6.54 -60.76
C LEU L 859 1.60 -7.98 -60.24
N PRO L 860 2.00 -8.33 -59.01
CA PRO L 860 1.86 -9.73 -58.59
C PRO L 860 0.41 -10.18 -58.47
N TRP L 861 -0.48 -9.29 -58.05
CA TRP L 861 -1.89 -9.65 -57.96
C TRP L 861 -2.47 -9.92 -59.34
N LEU L 862 -2.15 -9.07 -60.32
CA LEU L 862 -2.63 -9.30 -61.68
C LEU L 862 -2.02 -10.57 -62.27
N GLU L 863 -0.76 -10.85 -61.96
CA GLU L 863 -0.13 -12.08 -62.43
C GLU L 863 -0.84 -13.30 -61.85
N ALA L 864 -1.14 -13.27 -60.55
CA ALA L 864 -1.87 -14.36 -59.93
C ALA L 864 -3.26 -14.52 -60.53
N ARG L 865 -3.93 -13.41 -60.83
CA ARG L 865 -5.27 -13.48 -61.41
C ARG L 865 -5.23 -14.09 -62.80
N ILE L 866 -4.27 -13.67 -63.63
CA ILE L 866 -4.20 -14.21 -64.98
C ILE L 866 -3.69 -15.65 -64.97
N HIS L 867 -2.97 -16.04 -63.92
CA HIS L 867 -2.58 -17.45 -63.79
C HIS L 867 -3.74 -18.32 -63.36
N GLU L 868 -4.60 -17.81 -62.47
CA GLU L 868 -5.77 -18.59 -62.05
C GLU L 868 -6.78 -18.73 -63.18
N GLY L 869 -6.79 -17.80 -64.14
CA GLY L 869 -7.71 -17.88 -65.25
C GLY L 869 -8.90 -16.95 -65.11
N CYS L 870 -8.68 -15.76 -64.56
CA CYS L 870 -9.76 -14.80 -64.36
C CYS L 870 -10.02 -14.06 -65.67
N GLU L 871 -11.14 -14.35 -66.30
CA GLU L 871 -11.54 -13.70 -67.55
C GLU L 871 -12.42 -12.49 -67.31
N GLU L 872 -11.92 -11.55 -66.50
CA GLU L 872 -12.66 -10.34 -66.17
C GLU L 872 -12.01 -9.12 -66.82
N PRO L 873 -12.81 -8.25 -67.44
CA PRO L 873 -12.22 -7.04 -68.06
C PRO L 873 -11.52 -6.14 -67.07
N ALA L 874 -11.92 -6.16 -65.80
CA ALA L 874 -11.27 -5.33 -64.79
C ALA L 874 -9.84 -5.80 -64.53
N THR L 875 -9.61 -7.11 -64.57
CA THR L 875 -8.28 -7.66 -64.31
C THR L 875 -7.35 -7.55 -65.51
N HIS L 876 -7.86 -7.11 -66.67
CA HIS L 876 -7.05 -6.95 -67.87
C HIS L 876 -6.87 -5.50 -68.26
N ASN L 877 -7.88 -4.65 -68.02
CA ASN L 877 -7.75 -3.24 -68.35
C ASN L 877 -6.67 -2.57 -67.51
N ALA L 878 -6.59 -2.93 -66.23
CA ALA L 878 -5.54 -2.38 -65.37
C ALA L 878 -4.16 -2.84 -65.81
N LEU L 879 -4.02 -4.10 -66.21
CA LEU L 879 -2.73 -4.59 -66.71
C LEU L 879 -2.35 -3.89 -68.01
N ALA L 880 -3.33 -3.63 -68.87
CA ALA L 880 -3.06 -2.90 -70.11
C ALA L 880 -2.61 -1.48 -69.82
N LYS L 881 -3.26 -0.82 -68.86
CA LYS L 881 -2.85 0.54 -68.49
C LYS L 881 -1.46 0.55 -67.86
N ILE L 882 -1.13 -0.47 -67.07
CA ILE L 882 0.21 -0.56 -66.50
C ILE L 882 1.24 -0.77 -67.61
N TYR L 883 0.94 -1.62 -68.60
CA TYR L 883 1.83 -1.78 -69.74
C TYR L 883 1.99 -0.48 -70.51
N ILE L 884 0.92 0.30 -70.64
CA ILE L 884 1.01 1.63 -71.24
C ILE L 884 1.99 2.49 -70.46
N ASP L 885 1.87 2.49 -69.13
CA ASP L 885 2.78 3.25 -68.28
C ASP L 885 4.13 2.58 -68.11
N SER L 886 4.33 1.39 -68.68
CA SER L 886 5.60 0.67 -68.51
C SER L 886 6.68 1.14 -69.48
N ASN L 887 6.39 2.14 -70.32
CA ASN L 887 7.37 2.69 -71.25
C ASN L 887 7.87 1.63 -72.23
N ASN L 888 6.97 0.78 -72.70
CA ASN L 888 7.31 -0.23 -73.69
C ASN L 888 6.44 -0.05 -74.93
N ASN L 889 6.48 -1.02 -75.85
CA ASN L 889 5.63 -0.99 -77.02
C ASN L 889 4.55 -2.07 -76.91
N PRO L 890 3.41 -1.77 -76.27
CA PRO L 890 2.36 -2.79 -76.09
C PRO L 890 1.40 -2.86 -77.27
N GLU L 891 1.88 -3.44 -78.37
CA GLU L 891 1.07 -3.61 -79.57
C GLU L 891 0.53 -5.02 -79.73
N ARG L 892 1.31 -6.04 -79.37
CA ARG L 892 0.83 -7.41 -79.45
C ARG L 892 -0.24 -7.69 -78.41
N PHE L 893 -0.07 -7.13 -77.20
CA PHE L 893 -1.04 -7.37 -76.14
C PHE L 893 -2.40 -6.78 -76.47
N LEU L 894 -2.44 -5.67 -77.22
CA LEU L 894 -3.71 -5.08 -77.59
C LEU L 894 -4.38 -5.85 -78.73
N ARG L 895 -3.59 -6.38 -79.66
CA ARG L 895 -4.13 -7.12 -80.79
C ARG L 895 -4.42 -8.58 -80.47
N GLU L 896 -3.97 -9.07 -79.31
CA GLU L 896 -4.18 -10.46 -78.94
C GLU L 896 -5.12 -10.66 -77.75
N ASN L 897 -5.25 -9.68 -76.87
CA ASN L 897 -6.12 -9.82 -75.71
C ASN L 897 -7.44 -9.12 -75.96
N PRO L 898 -8.55 -9.85 -76.10
CA PRO L 898 -9.86 -9.20 -76.31
C PRO L 898 -10.65 -8.93 -75.03
N TYR L 899 -10.04 -9.04 -73.86
CA TYR L 899 -10.78 -8.94 -72.61
C TYR L 899 -10.95 -7.50 -72.15
N TYR L 900 -9.95 -6.66 -72.38
CA TYR L 900 -10.00 -5.29 -71.86
C TYR L 900 -11.05 -4.47 -72.61
N ASP L 901 -11.34 -3.28 -72.07
CA ASP L 901 -12.30 -2.36 -72.64
C ASP L 901 -11.55 -1.32 -73.45
N SER L 902 -12.02 -1.07 -74.68
CA SER L 902 -11.34 -0.12 -75.56
C SER L 902 -11.56 1.31 -75.10
N ARG L 903 -12.69 1.61 -74.47
CA ARG L 903 -13.01 2.98 -74.09
C ARG L 903 -12.01 3.54 -73.10
N VAL L 904 -11.73 2.79 -72.02
CA VAL L 904 -10.82 3.28 -70.99
C VAL L 904 -9.40 3.42 -71.52
N VAL L 905 -8.95 2.43 -72.30
CA VAL L 905 -7.60 2.49 -72.84
C VAL L 905 -7.46 3.64 -73.83
N GLY L 906 -8.50 3.90 -74.61
CA GLY L 906 -8.44 5.01 -75.55
C GLY L 906 -8.48 6.36 -74.87
N LYS L 907 -9.30 6.49 -73.83
CA LYS L 907 -9.38 7.76 -73.11
C LYS L 907 -8.11 8.04 -72.32
N TYR L 908 -7.49 6.99 -71.79
CA TYR L 908 -6.25 7.17 -71.03
C TYR L 908 -5.08 7.48 -71.94
N CYS L 909 -5.04 6.86 -73.12
CA CYS L 909 -3.97 7.06 -74.08
C CYS L 909 -4.28 8.15 -75.10
N GLU L 910 -5.34 8.92 -74.91
CA GLU L 910 -5.70 9.97 -75.86
C GLU L 910 -4.66 11.08 -75.85
N LYS L 911 -4.40 11.67 -74.68
CA LYS L 911 -3.45 12.77 -74.59
C LYS L 911 -2.01 12.30 -74.53
N ARG L 912 -1.78 11.00 -74.31
CA ARG L 912 -0.44 10.45 -74.18
C ARG L 912 0.11 9.89 -75.49
N ASP L 913 -0.60 8.95 -76.11
CA ASP L 913 -0.14 8.34 -77.34
C ASP L 913 -1.34 7.86 -78.15
N PRO L 914 -1.82 8.65 -79.12
CA PRO L 914 -2.99 8.23 -79.90
C PRO L 914 -2.72 7.04 -80.83
N HIS L 915 -1.45 6.73 -81.11
CA HIS L 915 -1.15 5.62 -82.00
C HIS L 915 -1.60 4.29 -81.40
N LEU L 916 -1.52 4.14 -80.07
CA LEU L 916 -2.00 2.94 -79.43
C LEU L 916 -3.50 3.00 -79.19
N ALA L 917 -4.04 4.20 -78.97
CA ALA L 917 -5.49 4.35 -78.84
C ALA L 917 -6.20 3.97 -80.13
N CYS L 918 -5.58 4.22 -81.28
CA CYS L 918 -6.16 3.80 -82.55
C CYS L 918 -6.33 2.29 -82.60
N VAL L 919 -5.28 1.54 -82.23
CA VAL L 919 -5.37 0.09 -82.24
C VAL L 919 -6.36 -0.39 -81.19
N ALA L 920 -6.42 0.28 -80.03
CA ALA L 920 -7.38 -0.11 -79.00
C ALA L 920 -8.81 0.05 -79.49
N TYR L 921 -9.12 1.18 -80.12
CA TYR L 921 -10.47 1.39 -80.64
C TYR L 921 -10.76 0.48 -81.82
N GLU L 922 -9.73 0.11 -82.60
CA GLU L 922 -9.94 -0.83 -83.69
C GLU L 922 -10.27 -2.22 -83.17
N ARG L 923 -9.62 -2.64 -82.09
CA ARG L 923 -9.95 -3.91 -81.46
C ARG L 923 -11.31 -3.85 -80.76
N GLY L 924 -11.70 -2.68 -80.26
CA GLY L 924 -12.99 -2.52 -79.63
C GLY L 924 -14.11 -2.09 -80.55
N GLN L 925 -13.79 -1.82 -81.82
CA GLN L 925 -14.79 -1.44 -82.83
C GLN L 925 -15.52 -0.16 -82.45
N CYS L 926 -14.82 0.78 -81.80
CA CYS L 926 -15.39 2.07 -81.44
C CYS L 926 -15.15 3.08 -82.57
N ASP L 927 -16.10 3.09 -83.51
CA ASP L 927 -15.97 3.97 -84.68
C ASP L 927 -16.12 5.43 -84.30
N LEU L 928 -17.08 5.75 -83.43
CA LEU L 928 -17.26 7.14 -83.03
C LEU L 928 -16.06 7.65 -82.24
N GLU L 929 -15.50 6.81 -81.37
CA GLU L 929 -14.29 7.19 -80.65
C GLU L 929 -13.11 7.33 -81.60
N LEU L 930 -13.01 6.43 -82.59
CA LEU L 930 -11.98 6.57 -83.62
C LEU L 930 -12.07 7.92 -84.32
N ILE L 931 -13.29 8.32 -84.70
CA ILE L 931 -13.48 9.62 -85.34
C ILE L 931 -13.06 10.74 -84.40
N ASN L 932 -13.62 10.76 -83.19
CA ASN L 932 -13.37 11.85 -82.25
C ASN L 932 -11.90 11.96 -81.85
N VAL L 933 -11.14 10.87 -81.95
CA VAL L 933 -9.72 10.90 -81.57
C VAL L 933 -8.84 11.24 -82.77
N CYS L 934 -9.02 10.54 -83.89
CA CYS L 934 -8.12 10.74 -85.03
C CYS L 934 -8.38 12.07 -85.73
N ASN L 935 -9.65 12.45 -85.88
CA ASN L 935 -9.96 13.68 -86.60
C ASN L 935 -9.53 14.93 -85.83
N GLU L 936 -9.39 14.81 -84.50
CA GLU L 936 -8.99 15.97 -83.71
C GLU L 936 -7.48 16.21 -83.82
N ASN L 937 -6.68 15.26 -83.34
CA ASN L 937 -5.22 15.38 -83.42
C ASN L 937 -4.63 13.97 -83.50
N SER L 938 -4.38 13.52 -84.72
CA SER L 938 -3.74 12.22 -84.98
C SER L 938 -3.46 12.14 -86.48
N LEU L 939 -2.95 11.00 -86.92
CA LEU L 939 -2.71 10.78 -88.34
C LEU L 939 -4.00 10.37 -89.04
N PHE L 940 -4.18 10.86 -90.27
CA PHE L 940 -5.38 10.56 -91.05
C PHE L 940 -5.25 9.28 -91.87
N LYS L 941 -4.04 8.76 -92.05
CA LYS L 941 -3.87 7.54 -92.83
C LYS L 941 -4.46 6.33 -92.12
N SER L 942 -4.52 6.35 -90.79
CA SER L 942 -5.10 5.23 -90.05
C SER L 942 -6.58 5.06 -90.40
N LEU L 943 -7.34 6.15 -90.41
CA LEU L 943 -8.74 6.08 -90.80
C LEU L 943 -8.87 5.67 -92.26
N SER L 944 -7.99 6.18 -93.13
CA SER L 944 -8.06 5.83 -94.54
C SER L 944 -7.82 4.35 -94.76
N ARG L 945 -6.98 3.73 -93.92
CA ARG L 945 -6.71 2.30 -94.07
C ARG L 945 -7.74 1.44 -93.35
N TYR L 946 -8.39 1.98 -92.32
CA TYR L 946 -9.37 1.21 -91.55
C TYR L 946 -10.76 1.23 -92.17
N LEU L 947 -11.22 2.39 -92.65
CA LEU L 947 -12.58 2.51 -93.15
C LEU L 947 -12.77 1.72 -94.45
N VAL L 948 -11.71 1.60 -95.25
CA VAL L 948 -11.82 0.85 -96.49
C VAL L 948 -11.97 -0.64 -96.22
N ARG L 949 -11.48 -1.12 -95.08
CA ARG L 949 -11.62 -2.53 -94.74
C ARG L 949 -13.00 -2.83 -94.21
N ARG L 950 -13.54 -1.97 -93.35
CA ARG L 950 -14.88 -2.14 -92.79
C ARG L 950 -15.88 -1.46 -93.72
N LYS L 951 -16.42 -2.26 -94.64
CA LYS L 951 -17.35 -1.76 -95.67
C LYS L 951 -18.71 -1.49 -95.03
N ASP L 952 -18.82 -0.32 -94.40
CA ASP L 952 -20.06 0.11 -93.77
C ASP L 952 -20.58 1.36 -94.48
N PRO L 953 -21.59 1.24 -95.34
CA PRO L 953 -22.10 2.44 -96.03
C PRO L 953 -22.66 3.50 -95.09
N GLU L 954 -23.29 3.07 -93.98
CA GLU L 954 -23.82 4.03 -93.03
C GLU L 954 -22.71 4.86 -92.38
N LEU L 955 -21.57 4.23 -92.08
CA LEU L 955 -20.46 4.96 -91.49
C LEU L 955 -19.89 5.97 -92.48
N TRP L 956 -19.70 5.56 -93.74
CA TRP L 956 -19.23 6.48 -94.76
C TRP L 956 -20.20 7.64 -94.98
N GLY L 957 -21.50 7.38 -94.84
CA GLY L 957 -22.47 8.46 -94.96
C GLY L 957 -22.45 9.39 -93.76
N SER L 958 -22.19 8.84 -92.57
CA SER L 958 -22.17 9.64 -91.36
C SER L 958 -20.87 10.42 -91.17
N VAL L 959 -19.79 10.03 -91.82
CA VAL L 959 -18.53 10.76 -91.70
C VAL L 959 -18.49 11.88 -92.73
N LEU L 960 -19.33 11.76 -93.77
CA LEU L 960 -19.38 12.74 -94.85
C LEU L 960 -20.59 13.67 -94.73
N LEU L 961 -21.00 14.02 -93.51
CA LEU L 961 -22.13 14.90 -93.28
C LEU L 961 -21.78 16.38 -93.49
N GLU L 962 -20.59 16.67 -94.01
CA GLU L 962 -20.12 18.02 -94.30
C GLU L 962 -20.05 18.90 -93.05
N SER L 963 -20.05 18.31 -91.86
CA SER L 963 -19.95 19.07 -90.62
C SER L 963 -18.56 19.03 -90.01
N ASN L 964 -17.83 17.94 -90.19
CA ASN L 964 -16.47 17.84 -89.65
C ASN L 964 -15.51 18.65 -90.51
N PRO L 965 -14.83 19.66 -89.96
CA PRO L 965 -13.90 20.44 -90.78
C PRO L 965 -12.65 19.67 -91.19
N TYR L 966 -12.39 18.51 -90.58
CA TYR L 966 -11.22 17.71 -90.91
C TYR L 966 -11.51 16.65 -91.97
N ARG L 967 -12.51 16.87 -92.82
CA ARG L 967 -12.85 15.91 -93.86
C ARG L 967 -11.96 16.03 -95.08
N ARG L 968 -11.24 17.15 -95.23
CA ARG L 968 -10.37 17.36 -96.39
C ARG L 968 -9.09 16.53 -96.27
N PRO L 969 -8.41 16.49 -95.11
CA PRO L 969 -7.26 15.59 -95.01
C PRO L 969 -7.62 14.14 -95.21
N LEU L 970 -8.81 13.71 -94.78
CA LEU L 970 -9.23 12.33 -94.96
C LEU L 970 -9.28 11.95 -96.43
N ILE L 971 -9.91 12.79 -97.26
CA ILE L 971 -9.98 12.47 -98.68
C ILE L 971 -8.63 12.67 -99.36
N ASP L 972 -7.86 13.67 -98.94
CA ASP L 972 -6.53 13.88 -99.51
C ASP L 972 -5.59 12.73 -99.20
N GLN L 973 -5.85 11.98 -98.13
CA GLN L 973 -5.05 10.79 -97.83
C GLN L 973 -5.63 9.54 -98.49
N VAL L 974 -6.96 9.45 -98.60
CA VAL L 974 -7.55 8.27 -99.22
C VAL L 974 -7.29 8.24 -100.72
N VAL L 975 -7.17 9.42 -101.35
CA VAL L 975 -6.88 9.46 -102.78
C VAL L 975 -5.52 8.84 -103.07
N GLN L 976 -4.62 8.84 -102.09
CA GLN L 976 -3.31 8.23 -102.26
C GLN L 976 -3.27 6.80 -101.73
N THR L 977 -4.02 6.50 -100.67
CA THR L 977 -4.01 5.17 -100.07
C THR L 977 -5.02 4.21 -100.69
N ALA L 978 -5.78 4.65 -101.70
CA ALA L 978 -6.70 3.73 -102.37
C ALA L 978 -5.94 2.58 -103.03
N LEU L 979 -4.76 2.85 -103.56
CA LEU L 979 -3.97 1.81 -104.21
C LEU L 979 -3.22 0.94 -103.21
N SER L 980 -3.27 1.28 -101.92
CA SER L 980 -2.51 0.53 -100.92
C SER L 980 -3.07 -0.88 -100.73
N GLU L 981 -4.39 -1.04 -100.80
CA GLU L 981 -4.99 -2.35 -100.56
C GLU L 981 -4.91 -3.22 -101.81
N THR L 982 -5.54 -2.78 -102.89
CA THR L 982 -5.59 -3.49 -104.17
C THR L 982 -5.91 -4.98 -103.96
N GLN L 983 -7.08 -5.22 -103.38
CA GLN L 983 -7.49 -6.57 -103.01
C GLN L 983 -8.66 -7.08 -103.83
N ASP L 984 -9.79 -6.37 -103.82
CA ASP L 984 -11.00 -6.82 -104.49
C ASP L 984 -11.79 -5.60 -104.94
N PRO L 985 -12.57 -5.73 -106.02
CA PRO L 985 -13.39 -4.60 -106.49
C PRO L 985 -14.59 -4.30 -105.61
N GLU L 986 -14.91 -5.17 -104.64
CA GLU L 986 -16.06 -4.93 -103.77
C GLU L 986 -15.83 -3.74 -102.85
N GLU L 987 -14.64 -3.65 -102.24
CA GLU L 987 -14.35 -2.52 -101.37
C GLU L 987 -14.27 -1.22 -102.15
N VAL L 988 -13.92 -1.27 -103.42
CA VAL L 988 -13.88 -0.07 -104.25
C VAL L 988 -15.30 0.34 -104.63
N SER L 989 -16.13 -0.63 -105.01
CA SER L 989 -17.51 -0.33 -105.39
C SER L 989 -18.31 0.21 -104.22
N VAL L 990 -18.09 -0.34 -103.02
CA VAL L 990 -18.79 0.14 -101.84
C VAL L 990 -18.44 1.61 -101.56
N THR L 991 -17.14 1.93 -101.65
CA THR L 991 -16.72 3.31 -101.44
C THR L 991 -17.25 4.24 -102.51
N VAL L 992 -17.29 3.79 -103.77
CA VAL L 992 -17.82 4.61 -104.84
C VAL L 992 -19.30 4.89 -104.63
N LYS L 993 -20.07 3.86 -104.27
CA LYS L 993 -21.49 4.05 -104.01
C LYS L 993 -21.73 4.94 -102.80
N ALA L 994 -20.88 4.82 -101.77
CA ALA L 994 -21.02 5.69 -100.60
C ALA L 994 -20.72 7.14 -100.94
N PHE L 995 -19.69 7.37 -101.77
CA PHE L 995 -19.38 8.73 -102.18
C PHE L 995 -20.49 9.30 -103.06
N MET L 996 -21.10 8.47 -103.90
CA MET L 996 -22.21 8.94 -104.73
C MET L 996 -23.43 9.27 -103.90
N THR L 997 -23.74 8.43 -102.90
CA THR L 997 -24.91 8.67 -102.06
C THR L 997 -24.68 9.80 -101.06
N ALA L 998 -23.43 10.23 -100.86
CA ALA L 998 -23.10 11.28 -99.92
C ALA L 998 -23.25 12.68 -100.53
N ASP L 999 -23.74 12.77 -101.76
CA ASP L 999 -23.94 14.04 -102.45
C ASP L 999 -22.64 14.86 -102.49
N LEU L 1000 -21.54 14.20 -102.81
CA LEU L 1000 -20.26 14.89 -102.85
C LEU L 1000 -20.13 15.66 -104.17
N PRO L 1001 -19.57 16.87 -104.15
CA PRO L 1001 -19.41 17.62 -105.41
C PRO L 1001 -18.40 16.97 -106.35
N ASN L 1002 -18.19 17.58 -107.51
CA ASN L 1002 -17.30 17.02 -108.51
C ASN L 1002 -15.83 17.13 -108.06
N GLU L 1003 -14.95 16.55 -108.87
CA GLU L 1003 -13.51 16.55 -108.61
C GLU L 1003 -13.19 15.88 -107.27
N LEU L 1004 -14.04 14.93 -106.89
CA LEU L 1004 -13.84 14.15 -105.67
C LEU L 1004 -13.89 12.66 -105.92
N ILE L 1005 -14.71 12.19 -106.85
CA ILE L 1005 -14.85 10.77 -107.15
C ILE L 1005 -14.04 10.38 -108.39
N GLU L 1006 -14.07 11.22 -109.43
CA GLU L 1006 -13.33 10.93 -110.64
C GLU L 1006 -11.82 10.90 -110.41
N LEU L 1007 -11.31 11.68 -109.46
CA LEU L 1007 -9.89 11.62 -109.14
C LEU L 1007 -9.51 10.25 -108.58
N LEU L 1008 -10.30 9.75 -107.62
CA LEU L 1008 -10.04 8.42 -107.07
C LEU L 1008 -10.22 7.35 -108.14
N GLU L 1009 -11.20 7.52 -109.04
CA GLU L 1009 -11.39 6.57 -110.12
C GLU L 1009 -10.19 6.53 -111.04
N LYS L 1010 -9.63 7.69 -111.37
CA LYS L 1010 -8.43 7.74 -112.22
C LYS L 1010 -7.23 7.15 -111.50
N ILE L 1011 -7.12 7.39 -110.19
CA ILE L 1011 -6.01 6.83 -109.43
C ILE L 1011 -6.09 5.30 -109.40
N VAL L 1012 -7.29 4.75 -109.20
CA VAL L 1012 -7.45 3.30 -109.15
C VAL L 1012 -7.32 2.67 -110.52
N LEU L 1013 -7.76 3.34 -111.58
CA LEU L 1013 -7.71 2.76 -112.92
C LEU L 1013 -6.30 2.78 -113.50
N ASP L 1014 -5.59 3.90 -113.35
CA ASP L 1014 -4.25 4.04 -113.92
C ASP L 1014 -3.20 3.51 -112.95
N ASN L 1015 -2.26 2.73 -113.47
CA ASN L 1015 -1.12 2.20 -112.70
C ASN L 1015 -1.61 1.39 -111.49
N SER L 1016 -2.34 0.32 -111.82
CA SER L 1016 -2.87 -0.59 -110.80
C SER L 1016 -3.29 -1.88 -111.49
N VAL L 1017 -3.71 -2.85 -110.66
CA VAL L 1017 -4.16 -4.13 -111.19
C VAL L 1017 -5.54 -3.99 -111.81
N PHE L 1018 -6.40 -3.17 -111.20
CA PHE L 1018 -7.76 -2.95 -111.70
C PHE L 1018 -7.71 -2.04 -112.93
N SER L 1019 -7.30 -2.63 -114.06
CA SER L 1019 -7.19 -1.92 -115.32
C SER L 1019 -8.28 -2.33 -116.31
N GLU L 1020 -9.33 -3.00 -115.82
CA GLU L 1020 -10.43 -3.44 -116.68
C GLU L 1020 -11.45 -2.32 -116.81
N HIS L 1021 -12.58 -2.62 -117.45
CA HIS L 1021 -13.64 -1.63 -117.66
C HIS L 1021 -15.01 -2.14 -117.20
N ARG L 1022 -15.06 -3.27 -116.49
CA ARG L 1022 -16.33 -3.79 -116.00
C ARG L 1022 -16.91 -2.89 -114.92
N ASN L 1023 -18.04 -2.23 -115.24
CA ASN L 1023 -18.71 -1.31 -114.33
C ASN L 1023 -17.82 -0.16 -113.89
N LEU L 1024 -16.79 0.15 -114.68
CA LEU L 1024 -15.88 1.25 -114.40
C LEU L 1024 -15.90 2.33 -115.47
N GLN L 1025 -16.60 2.10 -116.58
CA GLN L 1025 -16.66 3.11 -117.64
C GLN L 1025 -17.53 4.29 -117.22
N ASN L 1026 -18.75 3.99 -116.77
CA ASN L 1026 -19.68 5.06 -116.39
C ASN L 1026 -19.16 5.86 -115.20
N LEU L 1027 -18.68 5.17 -114.16
CA LEU L 1027 -18.24 5.84 -112.94
C LEU L 1027 -17.14 6.86 -113.20
N LEU L 1028 -16.51 6.84 -114.37
CA LEU L 1028 -15.53 7.84 -114.76
C LEU L 1028 -16.07 8.81 -115.80
N ILE L 1029 -16.73 8.30 -116.84
CA ILE L 1029 -17.20 9.16 -117.92
C ILE L 1029 -18.30 10.11 -117.43
N LEU L 1030 -19.29 9.58 -116.71
CA LEU L 1030 -20.38 10.44 -116.24
C LEU L 1030 -19.86 11.47 -115.24
N THR L 1031 -18.91 11.08 -114.39
CA THR L 1031 -18.34 12.04 -113.45
C THR L 1031 -17.53 13.10 -114.16
N ALA L 1032 -16.86 12.75 -115.27
CA ALA L 1032 -16.15 13.75 -116.04
C ALA L 1032 -17.12 14.69 -116.77
N ILE L 1033 -18.28 14.17 -117.19
CA ILE L 1033 -19.27 15.01 -117.86
C ILE L 1033 -19.89 16.00 -116.87
N LYS L 1034 -20.09 15.59 -115.62
CA LYS L 1034 -20.65 16.49 -114.62
C LYS L 1034 -19.76 17.69 -114.36
N ALA L 1035 -18.46 17.58 -114.62
CA ALA L 1035 -17.55 18.70 -114.46
C ALA L 1035 -17.49 19.59 -115.70
N ASP L 1036 -17.73 19.02 -116.88
CA ASP L 1036 -17.73 19.74 -118.15
C ASP L 1036 -16.39 20.45 -118.37
N ARG L 1037 -15.34 19.63 -118.45
CA ARG L 1037 -13.98 20.10 -118.65
C ARG L 1037 -13.38 19.42 -119.87
N THR L 1038 -12.17 19.83 -120.24
CA THR L 1038 -11.49 19.27 -121.39
C THR L 1038 -10.94 17.87 -121.14
N ARG L 1039 -11.10 17.33 -119.92
CA ARG L 1039 -10.60 16.00 -119.63
C ARG L 1039 -11.36 14.92 -120.38
N VAL L 1040 -12.55 15.26 -120.91
CA VAL L 1040 -13.35 14.28 -121.64
C VAL L 1040 -12.64 13.85 -122.91
N MET L 1041 -12.01 14.79 -123.62
CA MET L 1041 -11.29 14.45 -124.84
C MET L 1041 -10.11 13.53 -124.54
N GLU L 1042 -9.38 13.81 -123.45
CA GLU L 1042 -8.27 12.96 -123.06
C GLU L 1042 -8.75 11.57 -122.68
N TYR L 1043 -9.88 11.49 -121.97
CA TYR L 1043 -10.43 10.18 -121.59
C TYR L 1043 -10.87 9.40 -122.82
N ILE L 1044 -11.41 10.09 -123.82
CA ILE L 1044 -11.83 9.41 -125.05
C ILE L 1044 -10.62 8.92 -125.82
N ASN L 1045 -9.59 9.76 -125.95
CA ASN L 1045 -8.39 9.39 -126.69
C ASN L 1045 -7.46 8.47 -125.92
N ARG L 1046 -7.75 8.19 -124.65
CA ARG L 1046 -6.91 7.33 -123.82
C ARG L 1046 -7.57 6.00 -123.49
N LEU L 1047 -8.83 6.01 -123.08
CA LEU L 1047 -9.52 4.77 -122.71
C LEU L 1047 -9.92 3.99 -123.95
N ASP L 1048 -10.00 2.66 -123.80
CA ASP L 1048 -10.38 1.76 -124.87
C ASP L 1048 -11.34 0.71 -124.31
N ASN L 1049 -12.02 0.01 -125.22
CA ASN L 1049 -12.96 -1.07 -124.86
C ASN L 1049 -14.06 -0.56 -123.94
N TYR L 1050 -14.77 0.47 -124.40
CA TYR L 1050 -15.87 1.06 -123.65
C TYR L 1050 -17.14 1.04 -124.50
N ASP L 1051 -18.19 1.68 -123.99
CA ASP L 1051 -19.48 1.76 -124.67
C ASP L 1051 -19.58 3.11 -125.36
N ALA L 1052 -19.51 3.10 -126.69
CA ALA L 1052 -19.49 4.33 -127.48
C ALA L 1052 -20.87 4.96 -127.67
N PRO L 1053 -21.92 4.20 -128.07
CA PRO L 1053 -23.20 4.85 -128.37
C PRO L 1053 -23.83 5.56 -127.18
N ASP L 1054 -23.77 4.96 -125.99
CA ASP L 1054 -24.40 5.56 -124.82
C ASP L 1054 -23.77 6.90 -124.47
N ILE L 1055 -22.44 6.92 -124.33
CA ILE L 1055 -21.75 8.17 -123.99
C ILE L 1055 -21.86 9.17 -125.14
N ALA L 1056 -21.92 8.70 -126.39
CA ALA L 1056 -22.09 9.61 -127.51
C ALA L 1056 -23.44 10.31 -127.44
N ASN L 1057 -24.51 9.55 -127.14
CA ASN L 1057 -25.83 10.15 -127.00
C ASN L 1057 -25.88 11.09 -125.80
N ILE L 1058 -25.21 10.73 -124.71
CA ILE L 1058 -25.17 11.59 -123.53
C ILE L 1058 -24.48 12.91 -123.86
N ALA L 1059 -23.39 12.84 -124.63
CA ALA L 1059 -22.68 14.06 -125.02
C ALA L 1059 -23.51 14.90 -125.99
N ILE L 1060 -24.19 14.26 -126.93
CA ILE L 1060 -25.05 14.98 -127.86
C ILE L 1060 -26.17 15.69 -127.12
N SER L 1061 -26.72 15.04 -126.08
CA SER L 1061 -27.74 15.69 -125.27
C SER L 1061 -27.18 16.87 -124.49
N ASN L 1062 -25.87 16.90 -124.29
CA ASN L 1062 -25.22 18.00 -123.58
C ASN L 1062 -24.68 19.03 -124.57
N GLU L 1063 -23.92 20.00 -124.05
CA GLU L 1063 -23.40 21.06 -124.89
C GLU L 1063 -22.14 20.65 -125.65
N LEU L 1064 -21.50 19.56 -125.25
CA LEU L 1064 -20.25 19.11 -125.89
C LEU L 1064 -20.60 18.24 -127.09
N PHE L 1065 -20.34 18.75 -128.29
CA PHE L 1065 -20.60 18.01 -129.52
C PHE L 1065 -19.34 17.48 -130.20
N GLU L 1066 -18.19 18.11 -129.96
CA GLU L 1066 -16.95 17.61 -130.54
C GLU L 1066 -16.55 16.27 -129.95
N GLU L 1067 -17.01 15.97 -128.73
CA GLU L 1067 -16.71 14.68 -128.12
C GLU L 1067 -17.36 13.54 -128.91
N ALA L 1068 -18.60 13.75 -129.38
CA ALA L 1068 -19.24 12.74 -130.23
C ALA L 1068 -18.48 12.56 -131.54
N PHE L 1069 -17.97 13.65 -132.10
CA PHE L 1069 -17.17 13.55 -133.32
C PHE L 1069 -15.90 12.74 -133.07
N ALA L 1070 -15.23 13.00 -131.94
CA ALA L 1070 -14.04 12.22 -131.62
C ALA L 1070 -14.35 10.75 -131.39
N ILE L 1071 -15.49 10.46 -130.75
CA ILE L 1071 -15.88 9.07 -130.53
C ILE L 1071 -16.17 8.38 -131.86
N PHE L 1072 -16.86 9.08 -132.76
CA PHE L 1072 -17.13 8.50 -134.09
C PHE L 1072 -15.83 8.30 -134.88
N ARG L 1073 -14.86 9.19 -134.70
CA ARG L 1073 -13.57 9.02 -135.37
C ARG L 1073 -12.81 7.83 -134.79
N LYS L 1074 -12.93 7.60 -133.48
CA LYS L 1074 -12.28 6.44 -132.88
C LYS L 1074 -12.91 5.13 -133.34
N PHE L 1075 -14.23 5.12 -133.49
CA PHE L 1075 -14.93 3.93 -133.95
C PHE L 1075 -15.60 4.18 -135.31
N PRO M 99 70.32 -34.26 23.71
CA PRO M 99 71.74 -33.96 23.95
C PRO M 99 72.60 -35.21 24.02
N GLU M 100 72.05 -36.34 23.59
CA GLU M 100 72.73 -37.63 23.60
C GLU M 100 73.22 -37.97 25.01
N SER M 101 72.26 -38.11 25.92
CA SER M 101 72.56 -38.40 27.32
C SER M 101 72.75 -39.88 27.60
N ILE M 102 72.77 -40.73 26.56
CA ILE M 102 72.97 -42.16 26.78
C ILE M 102 74.31 -42.42 27.45
N ARG M 103 75.33 -41.62 27.11
CA ARG M 103 76.63 -41.74 27.74
C ARG M 103 76.51 -41.58 29.25
N LYS M 104 75.83 -40.52 29.70
CA LYS M 104 75.64 -40.32 31.13
C LYS M 104 74.79 -41.42 31.75
N TRP M 105 73.71 -41.82 31.04
CA TRP M 105 72.83 -42.87 31.53
C TRP M 105 73.60 -44.14 31.84
N ARG M 106 74.55 -44.49 30.96
CA ARG M 106 75.34 -45.70 31.19
C ARG M 106 76.43 -45.47 32.23
N GLU M 107 77.10 -44.31 32.18
CA GLU M 107 78.27 -44.11 33.02
C GLU M 107 77.90 -43.96 34.49
N GLU M 108 76.83 -43.21 34.78
CA GLU M 108 76.40 -43.04 36.16
C GLU M 108 75.99 -44.37 36.77
N GLN M 109 75.24 -45.18 36.03
CA GLN M 109 74.82 -46.49 36.53
C GLN M 109 76.02 -47.41 36.72
N ARG M 110 76.97 -47.39 35.80
CA ARG M 110 78.16 -48.24 35.94
C ARG M 110 78.99 -47.83 37.14
N LYS M 111 79.16 -46.52 37.36
CA LYS M 111 79.91 -46.06 38.52
C LYS M 111 79.19 -46.41 39.83
N ARG M 112 77.87 -46.24 39.87
CA ARG M 112 77.12 -46.62 41.06
C ARG M 112 77.25 -48.11 41.34
N LEU M 113 77.20 -48.93 40.29
CA LEU M 113 77.35 -50.37 40.47
C LEU M 113 78.74 -50.73 40.97
N GLN M 114 79.77 -50.08 40.41
CA GLN M 114 81.14 -50.35 40.85
C GLN M 114 81.35 -49.94 42.29
N GLU M 115 80.72 -48.83 42.71
CA GLU M 115 80.84 -48.40 44.10
C GLU M 115 80.11 -49.36 45.04
N LEU M 116 78.89 -49.76 44.66
CA LEU M 116 78.11 -50.65 45.50
C LEU M 116 78.77 -52.03 45.62
N ASP M 117 79.41 -52.50 44.54
CA ASP M 117 80.10 -53.78 44.60
C ASP M 117 81.25 -53.74 45.60
N ALA M 118 82.07 -52.69 45.53
CA ALA M 118 83.19 -52.56 46.47
C ALA M 118 82.68 -52.40 47.90
N ALA M 119 81.60 -51.65 48.09
CA ALA M 119 81.04 -51.49 49.44
C ALA M 119 80.56 -52.83 49.98
N SER M 120 79.82 -53.59 49.17
CA SER M 120 79.37 -54.90 49.61
C SER M 120 80.53 -55.84 49.90
N LYS M 121 81.58 -55.77 49.07
CA LYS M 121 82.74 -56.65 49.28
C LYS M 121 83.44 -56.33 50.59
N VAL M 122 83.67 -55.04 50.87
CA VAL M 122 84.36 -54.70 52.11
C VAL M 122 83.47 -54.98 53.32
N MET M 123 82.15 -54.79 53.20
CA MET M 123 81.26 -55.10 54.32
C MET M 123 81.23 -56.59 54.59
N GLU M 124 81.18 -57.41 53.55
CA GLU M 124 81.23 -58.86 53.74
C GLU M 124 82.57 -59.32 54.27
N GLN M 125 83.68 -58.68 53.88
CA GLN M 125 84.98 -59.03 54.43
C GLN M 125 85.03 -58.72 55.93
N GLU M 126 84.53 -57.54 56.32
CA GLU M 126 84.48 -57.21 57.74
C GLU M 126 83.57 -58.16 58.51
N TRP M 127 82.45 -58.57 57.90
CA TRP M 127 81.56 -59.52 58.57
C TRP M 127 82.22 -60.88 58.74
N ARG M 128 82.98 -61.33 57.73
CA ARG M 128 83.70 -62.59 57.87
C ARG M 128 84.77 -62.50 58.93
N GLU M 129 85.48 -61.36 59.00
CA GLU M 129 86.47 -61.18 60.05
C GLU M 129 85.83 -61.19 61.43
N LYS M 130 84.66 -60.55 61.57
CA LYS M 130 83.95 -60.58 62.85
C LYS M 130 83.47 -61.99 63.19
N ALA M 131 83.02 -62.75 62.19
CA ALA M 131 82.57 -64.11 62.45
C ALA M 131 83.74 -64.99 62.89
N LYS M 132 84.91 -64.80 62.28
CA LYS M 132 86.10 -65.54 62.71
C LYS M 132 86.55 -65.13 64.10
N LYS M 133 86.47 -63.84 64.43
CA LYS M 133 86.79 -63.40 65.78
C LYS M 133 85.82 -64.01 66.80
N ASP M 134 84.56 -64.16 66.42
CA ASP M 134 83.59 -64.80 67.30
C ASP M 134 83.96 -66.24 67.57
N LEU M 135 84.39 -66.98 66.54
CA LEU M 135 84.83 -68.35 66.74
C LEU M 135 86.08 -68.41 67.60
N GLU M 136 87.02 -67.48 67.39
CA GLU M 136 88.22 -67.44 68.22
C GLU M 136 87.88 -67.14 69.68
N GLU M 137 86.85 -66.33 69.92
CA GLU M 137 86.42 -66.06 71.29
C GLU M 137 85.67 -67.23 71.92
N TRP M 138 84.85 -67.94 71.15
CA TRP M 138 84.18 -69.13 71.65
C TRP M 138 85.18 -70.25 71.95
N ASN M 139 86.28 -70.33 71.19
CA ASN M 139 87.33 -71.28 71.52
C ASN M 139 87.94 -70.98 72.90
N GLN M 140 88.03 -69.71 73.26
CA GLN M 140 88.52 -69.36 74.59
C GLN M 140 87.58 -69.87 75.67
N ARG M 141 86.28 -69.71 75.48
CA ARG M 141 85.32 -70.23 76.45
C ARG M 141 85.36 -71.75 76.52
N GLN M 142 85.53 -72.41 75.37
CA GLN M 142 85.67 -73.87 75.37
C GLN M 142 86.89 -74.31 76.15
N SER M 143 88.02 -73.61 75.95
CA SER M 143 89.23 -73.94 76.71
C SER M 143 89.04 -73.68 78.19
N GLU M 144 88.31 -72.61 78.54
CA GLU M 144 88.04 -72.33 79.95
C GLU M 144 87.19 -73.43 80.58
N GLN M 145 86.18 -73.91 79.84
CA GLN M 145 85.37 -75.02 80.33
C GLN M 145 86.19 -76.29 80.47
N VAL M 146 87.10 -76.56 79.53
CA VAL M 146 87.97 -77.73 79.64
C VAL M 146 88.85 -77.63 80.87
N GLU M 147 89.43 -76.45 81.11
CA GLU M 147 90.26 -76.27 82.30
C GLU M 147 89.43 -76.39 83.58
N LYS M 148 88.19 -75.92 83.56
CA LYS M 148 87.32 -76.08 84.72
C LYS M 148 87.04 -77.54 85.00
N ASN M 149 86.74 -78.32 83.95
CA ASN M 149 86.54 -79.76 84.13
C ASN M 149 87.80 -80.42 84.65
N LYS M 150 88.97 -80.00 84.16
CA LYS M 150 90.22 -80.58 84.62
C LYS M 150 90.47 -80.30 86.09
N ILE M 151 90.28 -79.04 86.51
CA ILE M 151 90.53 -78.70 87.91
C ILE M 151 89.46 -79.31 88.82
N ASN M 152 88.27 -79.57 88.29
CA ASN M 152 87.27 -80.29 89.08
C ASN M 152 87.61 -81.77 89.21
N ASN M 153 88.23 -82.35 88.18
CA ASN M 153 88.67 -83.74 88.27
C ASN M 153 89.88 -83.89 89.16
N ARG M 154 90.74 -82.86 89.24
CA ARG M 154 91.92 -82.92 90.09
C ARG M 154 91.55 -82.92 91.56
N ILE M 155 90.62 -82.03 91.95
CA ILE M 155 90.23 -81.91 93.35
C ILE M 155 89.39 -83.07 93.84
N ALA M 156 89.03 -84.01 92.96
CA ALA M 156 88.24 -85.16 93.38
C ALA M 156 89.03 -86.05 94.33
N ASP M 157 90.33 -86.19 94.09
CA ASP M 157 91.18 -87.01 94.95
C ASP M 157 91.57 -86.26 96.22
N PRO N 809 -10.09 -32.51 -124.16
CA PRO N 809 -9.27 -31.33 -124.44
C PRO N 809 -8.13 -31.16 -123.46
N SER N 810 -7.28 -32.19 -123.34
CA SER N 810 -6.15 -32.12 -122.42
C SER N 810 -5.02 -31.26 -122.98
N ARG N 811 -5.00 -31.04 -124.29
CA ARG N 811 -3.94 -30.28 -124.95
C ARG N 811 -4.19 -28.77 -124.91
N LEU N 812 -5.06 -28.29 -124.03
CA LEU N 812 -5.32 -26.85 -123.95
C LEU N 812 -4.09 -26.04 -123.53
N PRO N 813 -3.32 -26.43 -122.51
CA PRO N 813 -2.11 -25.65 -122.20
C PRO N 813 -1.11 -25.59 -123.34
N VAL N 814 -0.94 -26.69 -124.08
CA VAL N 814 0.03 -26.71 -125.18
C VAL N 814 -0.38 -25.74 -126.27
N VAL N 815 -1.66 -25.78 -126.68
CA VAL N 815 -2.11 -24.89 -127.73
C VAL N 815 -2.17 -23.44 -127.26
N ILE N 816 -2.45 -23.21 -125.98
CA ILE N 816 -2.41 -21.84 -125.47
C ILE N 816 -0.99 -21.29 -125.50
N GLY N 817 -0.02 -22.11 -125.07
CA GLY N 817 1.37 -21.69 -125.16
C GLY N 817 1.82 -21.44 -126.58
N GLY N 818 1.38 -22.29 -127.51
CA GLY N 818 1.70 -22.07 -128.92
C GLY N 818 1.11 -20.77 -129.45
N LEU N 819 -0.16 -20.53 -129.15
CA LEU N 819 -0.81 -19.30 -129.61
C LEU N 819 -0.14 -18.07 -129.02
N LEU N 820 0.29 -18.15 -127.76
CA LEU N 820 1.04 -17.05 -127.16
C LEU N 820 2.42 -16.89 -127.79
N ASP N 821 3.03 -18.00 -128.24
CA ASP N 821 4.28 -17.90 -128.98
C ASP N 821 4.07 -17.24 -130.34
N VAL N 822 2.90 -17.43 -130.95
CA VAL N 822 2.57 -16.70 -132.17
C VAL N 822 2.49 -15.20 -131.93
N ASP N 823 2.31 -14.77 -130.68
CA ASP N 823 2.27 -13.36 -130.30
C ASP N 823 1.11 -12.64 -131.00
N CYS N 824 -0.09 -13.10 -130.69
CA CYS N 824 -1.32 -12.48 -131.18
C CYS N 824 -1.81 -11.45 -130.17
N SER N 825 -3.03 -10.96 -130.38
CA SER N 825 -3.61 -9.99 -129.46
C SER N 825 -3.99 -10.65 -128.14
N GLU N 826 -4.27 -9.81 -127.14
CA GLU N 826 -4.61 -10.29 -125.81
C GLU N 826 -6.09 -10.58 -125.66
N ASP N 827 -6.93 -9.91 -126.45
CA ASP N 827 -8.38 -10.14 -126.36
C ASP N 827 -8.75 -11.55 -126.78
N VAL N 828 -8.04 -12.10 -127.78
CA VAL N 828 -8.30 -13.47 -128.20
C VAL N 828 -8.01 -14.44 -127.06
N ILE N 829 -6.90 -14.22 -126.35
CA ILE N 829 -6.55 -15.08 -125.23
C ILE N 829 -7.57 -14.93 -124.10
N LYS N 830 -8.00 -13.70 -123.83
CA LYS N 830 -8.98 -13.47 -122.78
C LYS N 830 -10.32 -14.11 -123.11
N ASN N 831 -10.66 -14.18 -124.40
CA ASN N 831 -11.91 -14.81 -124.81
C ASN N 831 -11.79 -16.34 -124.80
N LEU N 832 -10.62 -16.87 -125.16
CA LEU N 832 -10.43 -18.31 -125.19
C LEU N 832 -10.22 -18.91 -123.81
N ILE N 833 -9.77 -18.11 -122.83
CA ILE N 833 -9.57 -18.65 -121.48
C ILE N 833 -10.91 -18.83 -120.78
N LEU N 834 -11.96 -18.17 -121.26
CA LEU N 834 -13.28 -18.26 -120.65
C LEU N 834 -14.15 -19.36 -121.25
N VAL N 835 -13.64 -20.08 -122.25
CA VAL N 835 -14.43 -21.15 -122.85
C VAL N 835 -14.60 -22.29 -121.85
N VAL N 836 -15.74 -22.97 -121.92
CA VAL N 836 -16.05 -24.08 -121.04
C VAL N 836 -15.07 -25.21 -121.34
N ARG N 837 -14.18 -25.50 -120.39
CA ARG N 837 -13.15 -26.49 -120.60
C ARG N 837 -13.62 -27.87 -120.15
N GLY N 838 -12.73 -28.84 -120.28
CA GLY N 838 -12.97 -30.20 -119.82
C GLY N 838 -11.81 -30.69 -118.98
N GLN N 839 -11.21 -31.82 -119.39
CA GLN N 839 -9.98 -32.27 -118.75
C GLN N 839 -8.88 -31.25 -118.98
N PHE N 840 -8.38 -30.67 -117.89
CA PHE N 840 -7.42 -29.58 -117.99
C PHE N 840 -6.53 -29.58 -116.76
N SER N 841 -5.25 -29.27 -116.96
CA SER N 841 -4.28 -29.20 -115.89
C SER N 841 -3.92 -27.74 -115.63
N THR N 842 -4.02 -27.32 -114.37
CA THR N 842 -3.73 -25.94 -114.00
C THR N 842 -2.33 -25.75 -113.44
N ASP N 843 -1.67 -26.81 -113.02
CA ASP N 843 -0.33 -26.73 -112.45
C ASP N 843 0.77 -26.64 -113.49
N GLU N 844 0.41 -26.48 -114.77
CA GLU N 844 1.40 -26.37 -115.84
C GLU N 844 1.24 -25.14 -116.73
N LEU N 845 0.02 -24.61 -116.87
CA LEU N 845 -0.16 -23.41 -117.69
C LEU N 845 0.46 -22.19 -117.02
N VAL N 846 0.46 -22.16 -115.69
CA VAL N 846 1.03 -21.03 -114.97
C VAL N 846 2.53 -20.92 -115.23
N ALA N 847 3.21 -22.07 -115.29
CA ALA N 847 4.65 -22.05 -115.58
C ALA N 847 4.92 -21.52 -116.98
N GLU N 848 4.10 -21.92 -117.96
CA GLU N 848 4.28 -21.43 -119.32
C GLU N 848 4.02 -19.92 -119.40
N VAL N 849 2.97 -19.46 -118.72
CA VAL N 849 2.68 -18.02 -118.72
C VAL N 849 3.79 -17.23 -118.04
N GLU N 850 4.37 -17.79 -116.97
CA GLU N 850 5.47 -17.12 -116.30
C GLU N 850 6.71 -17.07 -117.19
N LYS N 851 6.98 -18.16 -117.91
CA LYS N 851 8.10 -18.16 -118.86
C LYS N 851 7.87 -17.15 -119.97
N ARG N 852 6.60 -16.96 -120.38
CA ARG N 852 6.27 -15.96 -121.38
C ARG N 852 6.19 -14.56 -120.79
N ASN N 853 6.21 -14.42 -119.47
CA ASN N 853 6.19 -13.12 -118.79
C ASN N 853 4.94 -12.33 -119.13
N ARG N 854 3.79 -13.00 -119.09
CA ARG N 854 2.49 -12.38 -119.37
C ARG N 854 1.49 -12.79 -118.29
N LEU N 855 1.91 -12.69 -117.03
CA LEU N 855 1.06 -13.10 -115.92
C LEU N 855 -0.21 -12.26 -115.80
N LYS N 856 -0.22 -11.06 -116.39
CA LYS N 856 -1.41 -10.21 -116.30
C LYS N 856 -2.57 -10.79 -117.11
N LEU N 857 -2.30 -11.73 -118.01
CA LEU N 857 -3.37 -12.33 -118.80
C LEU N 857 -4.22 -13.29 -117.99
N LEU N 858 -3.65 -13.89 -116.95
CA LEU N 858 -4.35 -14.85 -116.11
C LEU N 858 -5.14 -14.20 -114.98
N LEU N 859 -5.26 -12.88 -114.97
CA LEU N 859 -5.98 -12.21 -113.88
C LEU N 859 -7.47 -12.55 -113.86
N PRO N 860 -8.23 -12.43 -114.96
CA PRO N 860 -9.67 -12.74 -114.86
C PRO N 860 -9.96 -14.19 -114.51
N TRP N 861 -9.20 -15.13 -115.06
CA TRP N 861 -9.43 -16.54 -114.78
C TRP N 861 -9.17 -16.84 -113.31
N LEU N 862 -8.06 -16.34 -112.77
CA LEU N 862 -7.76 -16.58 -111.36
C LEU N 862 -8.74 -15.86 -110.45
N GLU N 863 -9.23 -14.69 -110.85
CA GLU N 863 -10.26 -14.01 -110.07
C GLU N 863 -11.54 -14.83 -110.04
N ALA N 864 -11.94 -15.38 -111.19
CA ALA N 864 -13.12 -16.25 -111.21
C ALA N 864 -12.92 -17.49 -110.36
N ARG N 865 -11.71 -18.06 -110.40
CA ARG N 865 -11.43 -19.25 -109.60
C ARG N 865 -11.50 -18.96 -108.11
N ILE N 866 -10.93 -17.83 -107.68
CA ILE N 866 -10.96 -17.49 -106.26
C ILE N 866 -12.36 -17.04 -105.84
N HIS N 867 -13.17 -16.57 -106.78
CA HIS N 867 -14.56 -16.23 -106.45
C HIS N 867 -15.40 -17.50 -106.30
N GLU N 868 -15.13 -18.51 -107.12
CA GLU N 868 -15.85 -19.77 -106.98
C GLU N 868 -15.48 -20.49 -105.69
N GLY N 869 -14.24 -20.32 -105.23
CA GLY N 869 -13.80 -20.92 -103.99
C GLY N 869 -13.04 -22.22 -104.19
N CYS N 870 -12.14 -22.25 -105.16
CA CYS N 870 -11.35 -23.44 -105.42
C CYS N 870 -10.21 -23.55 -104.41
N GLU N 871 -10.21 -24.64 -103.64
CA GLU N 871 -9.19 -24.86 -102.63
C GLU N 871 -8.06 -25.72 -103.19
N GLU N 872 -7.44 -25.23 -104.26
CA GLU N 872 -6.34 -25.91 -104.91
C GLU N 872 -5.04 -25.13 -104.70
N PRO N 873 -4.01 -25.74 -104.10
CA PRO N 873 -2.76 -25.00 -103.87
C PRO N 873 -2.10 -24.54 -105.16
N ALA N 874 -2.32 -25.24 -106.28
CA ALA N 874 -1.71 -24.84 -107.54
C ALA N 874 -2.22 -23.47 -108.00
N THR N 875 -3.42 -23.09 -107.57
CA THR N 875 -3.97 -21.77 -107.87
C THR N 875 -3.59 -20.73 -106.83
N HIS N 876 -3.55 -21.11 -105.55
CA HIS N 876 -3.15 -20.17 -104.52
C HIS N 876 -1.67 -19.77 -104.64
N ASN N 877 -0.81 -20.68 -105.07
CA ASN N 877 0.59 -20.32 -105.29
C ASN N 877 0.72 -19.32 -106.43
N ALA N 878 -0.04 -19.52 -107.52
CA ALA N 878 -0.02 -18.56 -108.62
C ALA N 878 -0.57 -17.20 -108.17
N LEU N 879 -1.64 -17.21 -107.38
CA LEU N 879 -2.19 -15.96 -106.85
C LEU N 879 -1.16 -15.24 -105.99
N ALA N 880 -0.43 -15.97 -105.14
CA ALA N 880 0.59 -15.36 -104.30
C ALA N 880 1.72 -14.79 -105.15
N LYS N 881 2.15 -15.52 -106.18
CA LYS N 881 3.21 -15.02 -107.05
C LYS N 881 2.78 -13.77 -107.80
N ILE N 882 1.52 -13.73 -108.25
CA ILE N 882 1.03 -12.54 -108.95
C ILE N 882 0.91 -11.36 -108.00
N TYR N 883 0.46 -11.61 -106.76
CA TYR N 883 0.40 -10.53 -105.78
C TYR N 883 1.79 -10.00 -105.45
N ILE N 884 2.79 -10.88 -105.40
CA ILE N 884 4.17 -10.44 -105.20
C ILE N 884 4.62 -9.59 -106.38
N ASP N 885 4.30 -10.03 -107.60
CA ASP N 885 4.64 -9.27 -108.79
C ASP N 885 3.75 -8.05 -108.99
N SER N 886 2.67 -7.92 -108.22
CA SER N 886 1.76 -6.80 -108.37
C SER N 886 2.30 -5.52 -107.73
N ASN N 887 3.46 -5.58 -107.08
CA ASN N 887 4.12 -4.43 -106.46
C ASN N 887 3.29 -3.82 -105.32
N ASN N 888 2.27 -4.53 -104.85
CA ASN N 888 1.46 -4.09 -103.72
C ASN N 888 1.99 -4.74 -102.44
N ASN N 889 1.22 -4.59 -101.35
CA ASN N 889 1.55 -5.19 -100.06
C ASN N 889 0.55 -6.30 -99.75
N PRO N 890 0.78 -7.53 -100.20
CA PRO N 890 -0.18 -8.63 -99.95
C PRO N 890 0.04 -9.29 -98.59
N GLU N 891 -0.03 -8.48 -97.53
CA GLU N 891 0.14 -9.02 -96.18
C GLU N 891 -1.07 -9.84 -95.75
N ARG N 892 -2.28 -9.33 -95.97
CA ARG N 892 -3.48 -10.07 -95.61
C ARG N 892 -3.66 -11.29 -96.50
N PHE N 893 -3.29 -11.19 -97.77
CA PHE N 893 -3.38 -12.33 -98.67
C PHE N 893 -2.41 -13.43 -98.28
N LEU N 894 -1.29 -13.05 -97.65
CA LEU N 894 -0.32 -14.06 -97.21
C LEU N 894 -0.69 -14.62 -95.84
N ARG N 895 -1.32 -13.81 -95.00
CA ARG N 895 -1.63 -14.22 -93.63
C ARG N 895 -3.00 -14.87 -93.49
N GLU N 896 -3.98 -14.47 -94.30
CA GLU N 896 -5.34 -14.97 -94.17
C GLU N 896 -5.70 -15.96 -95.28
N ASN N 897 -4.73 -16.70 -95.79
CA ASN N 897 -4.95 -17.71 -96.84
C ASN N 897 -4.35 -19.03 -96.39
N PRO N 898 -5.07 -19.83 -95.60
CA PRO N 898 -4.52 -21.12 -95.18
C PRO N 898 -4.76 -22.22 -96.20
N TYR N 899 -4.41 -21.97 -97.47
CA TYR N 899 -4.65 -22.94 -98.52
C TYR N 899 -3.40 -23.22 -99.34
N TYR N 900 -2.51 -22.23 -99.46
CA TYR N 900 -1.33 -22.40 -100.30
C TYR N 900 -0.30 -23.30 -99.61
N ASP N 901 0.81 -23.51 -100.30
CA ASP N 901 1.92 -24.33 -99.80
C ASP N 901 3.06 -23.40 -99.42
N SER N 902 3.66 -23.66 -98.24
CA SER N 902 4.73 -22.80 -97.76
C SER N 902 6.02 -23.01 -98.54
N ARG N 903 6.24 -24.21 -99.07
CA ARG N 903 7.49 -24.51 -99.77
C ARG N 903 7.62 -23.69 -101.05
N VAL N 904 6.55 -23.59 -101.82
CA VAL N 904 6.60 -22.85 -103.08
C VAL N 904 6.82 -21.36 -102.82
N VAL N 905 6.13 -20.81 -101.83
CA VAL N 905 6.29 -19.39 -101.51
C VAL N 905 7.68 -19.11 -100.96
N GLY N 906 8.22 -20.05 -100.18
CA GLY N 906 9.57 -19.86 -99.66
C GLY N 906 10.62 -19.94 -100.75
N LYS N 907 10.42 -20.83 -101.72
CA LYS N 907 11.36 -20.93 -102.84
C LYS N 907 11.27 -19.72 -103.74
N TYR N 908 10.06 -19.19 -103.96
CA TYR N 908 9.91 -18.02 -104.81
C TYR N 908 10.46 -16.77 -104.12
N CYS N 909 10.26 -16.65 -102.80
CA CYS N 909 10.72 -15.51 -102.03
C CYS N 909 12.12 -15.72 -101.45
N GLU N 910 12.93 -16.60 -102.05
CA GLU N 910 14.26 -16.87 -101.53
C GLU N 910 15.16 -15.64 -101.69
N LYS N 911 15.30 -15.14 -102.92
CA LYS N 911 16.15 -13.99 -103.17
C LYS N 911 15.37 -12.70 -103.36
N ARG N 912 14.07 -12.79 -103.68
CA ARG N 912 13.28 -11.60 -103.93
C ARG N 912 12.96 -10.86 -102.62
N ASP N 913 12.31 -11.55 -101.68
CA ASP N 913 11.91 -10.92 -100.43
C ASP N 913 11.78 -11.97 -99.33
N PRO N 914 12.79 -12.11 -98.47
CA PRO N 914 12.68 -13.09 -97.37
C PRO N 914 11.65 -12.70 -96.32
N HIS N 915 11.21 -11.45 -96.28
CA HIS N 915 10.21 -11.02 -95.32
C HIS N 915 8.87 -11.71 -95.55
N LEU N 916 8.62 -12.19 -96.77
CA LEU N 916 7.43 -12.98 -97.04
C LEU N 916 7.69 -14.48 -96.88
N ALA N 917 8.89 -14.94 -97.22
CA ALA N 917 9.22 -16.35 -97.05
C ALA N 917 9.21 -16.75 -95.58
N CYS N 918 9.64 -15.86 -94.69
CA CYS N 918 9.61 -16.18 -93.27
C CYS N 918 8.18 -16.33 -92.76
N VAL N 919 7.28 -15.45 -93.18
CA VAL N 919 5.88 -15.58 -92.78
C VAL N 919 5.26 -16.83 -93.38
N ALA N 920 5.64 -17.17 -94.61
CA ALA N 920 5.14 -18.39 -95.24
C ALA N 920 5.59 -19.62 -94.46
N TYR N 921 6.87 -19.66 -94.07
CA TYR N 921 7.37 -20.79 -93.29
C TYR N 921 6.75 -20.83 -91.89
N GLU N 922 6.44 -19.66 -91.33
CA GLU N 922 5.78 -19.62 -90.02
C GLU N 922 4.37 -20.20 -90.12
N ARG N 923 3.63 -19.83 -91.17
CA ARG N 923 2.28 -20.35 -91.32
C ARG N 923 2.29 -21.83 -91.70
N GLY N 924 3.29 -22.27 -92.45
CA GLY N 924 3.41 -23.66 -92.85
C GLY N 924 4.17 -24.55 -91.91
N GLN N 925 4.61 -24.02 -90.77
CA GLN N 925 5.36 -24.79 -89.76
C GLN N 925 6.64 -25.40 -90.34
N CYS N 926 7.25 -24.71 -91.30
CA CYS N 926 8.49 -25.18 -91.94
C CYS N 926 9.69 -24.59 -91.21
N ASP N 927 9.97 -25.16 -90.04
CA ASP N 927 11.08 -24.68 -89.23
C ASP N 927 12.42 -24.99 -89.88
N LEU N 928 12.53 -26.17 -90.51
CA LEU N 928 13.78 -26.56 -91.14
C LEU N 928 14.14 -25.65 -92.30
N GLU N 929 13.19 -25.41 -93.21
CA GLU N 929 13.45 -24.49 -94.32
C GLU N 929 13.69 -23.08 -93.80
N LEU N 930 13.01 -22.68 -92.72
CA LEU N 930 13.21 -21.36 -92.15
C LEU N 930 14.65 -21.19 -91.67
N ILE N 931 15.15 -22.16 -90.88
CA ILE N 931 16.51 -22.06 -90.36
C ILE N 931 17.55 -22.35 -91.43
N ASN N 932 17.15 -22.94 -92.56
CA ASN N 932 18.10 -23.14 -93.64
C ASN N 932 18.19 -21.94 -94.59
N VAL N 933 17.13 -21.14 -94.69
CA VAL N 933 17.09 -20.00 -95.60
C VAL N 933 17.39 -18.69 -94.87
N CYS N 934 16.60 -18.37 -93.84
CA CYS N 934 16.75 -17.07 -93.18
C CYS N 934 18.06 -16.96 -92.41
N ASN N 935 18.58 -18.09 -91.92
CA ASN N 935 19.83 -18.05 -91.18
C ASN N 935 21.01 -17.74 -92.09
N GLU N 936 20.84 -17.93 -93.40
CA GLU N 936 21.93 -17.64 -94.34
C GLU N 936 22.10 -16.15 -94.56
N ASN N 937 21.08 -15.51 -95.15
CA ASN N 937 21.15 -14.07 -95.43
C ASN N 937 19.77 -13.49 -95.14
N SER N 938 19.57 -13.01 -93.92
CA SER N 938 18.32 -12.37 -93.49
C SER N 938 18.55 -11.79 -92.10
N LEU N 939 17.51 -11.15 -91.57
CA LEU N 939 17.55 -10.60 -90.21
C LEU N 939 17.22 -11.69 -89.22
N PHE N 940 18.09 -11.89 -88.23
CA PHE N 940 17.86 -12.92 -87.22
C PHE N 940 16.78 -12.53 -86.22
N LYS N 941 16.33 -11.28 -86.22
CA LYS N 941 15.26 -10.87 -85.31
C LYS N 941 13.97 -11.63 -85.60
N SER N 942 13.68 -11.88 -86.88
CA SER N 942 12.50 -12.66 -87.22
C SER N 942 12.62 -14.10 -86.72
N LEU N 943 13.83 -14.66 -86.82
CA LEU N 943 14.05 -16.02 -86.29
C LEU N 943 13.85 -16.05 -84.78
N SER N 944 14.38 -15.06 -84.07
CA SER N 944 14.21 -15.00 -82.63
C SER N 944 12.73 -14.84 -82.26
N ARG N 945 12.01 -14.00 -82.99
CA ARG N 945 10.59 -13.81 -82.72
C ARG N 945 9.80 -15.09 -82.97
N TYR N 946 10.14 -15.81 -84.04
CA TYR N 946 9.46 -17.08 -84.31
C TYR N 946 9.77 -18.12 -83.25
N LEU N 947 11.01 -18.15 -82.77
CA LEU N 947 11.38 -19.11 -81.73
C LEU N 947 10.70 -18.79 -80.41
N VAL N 948 10.54 -17.50 -80.09
CA VAL N 948 9.90 -17.13 -78.84
C VAL N 948 8.40 -17.37 -78.93
N ARG N 949 7.78 -17.01 -80.05
CA ARG N 949 6.34 -17.18 -80.24
C ARG N 949 5.93 -18.64 -80.18
N ARG N 950 6.45 -19.46 -81.10
CA ARG N 950 6.13 -20.88 -81.14
C ARG N 950 6.97 -21.62 -80.10
N LYS N 951 6.39 -21.77 -78.92
CA LYS N 951 7.06 -22.48 -77.83
C LYS N 951 7.22 -23.95 -78.15
N ASP N 952 8.46 -24.40 -78.29
CA ASP N 952 8.74 -25.80 -78.60
C ASP N 952 10.12 -26.17 -78.07
N PRO N 953 10.20 -26.99 -77.02
CA PRO N 953 11.52 -27.40 -76.51
C PRO N 953 12.31 -28.20 -77.54
N GLU N 954 11.64 -28.97 -78.38
CA GLU N 954 12.34 -29.73 -79.41
C GLU N 954 13.02 -28.82 -80.42
N LEU N 955 12.40 -27.67 -80.74
CA LEU N 955 13.02 -26.72 -81.65
C LEU N 955 14.30 -26.14 -81.06
N TRP N 956 14.25 -25.72 -79.80
CA TRP N 956 15.45 -25.20 -79.15
C TRP N 956 16.52 -26.27 -79.04
N GLY N 957 16.12 -27.52 -78.80
CA GLY N 957 17.09 -28.60 -78.73
C GLY N 957 17.76 -28.88 -80.07
N SER N 958 16.97 -28.83 -81.15
CA SER N 958 17.52 -29.09 -82.48
C SER N 958 18.39 -27.94 -82.96
N VAL N 959 18.06 -26.70 -82.58
CA VAL N 959 18.82 -25.54 -83.01
C VAL N 959 20.10 -25.39 -82.20
N LEU N 960 20.04 -25.60 -80.89
CA LEU N 960 21.19 -25.42 -80.01
C LEU N 960 21.96 -26.73 -79.91
N LEU N 961 22.81 -26.96 -80.93
CA LEU N 961 23.65 -28.15 -80.97
C LEU N 961 25.08 -27.82 -81.36
N GLU N 962 25.49 -26.56 -81.26
CA GLU N 962 26.83 -26.08 -81.59
C GLU N 962 27.20 -26.33 -83.05
N SER N 963 26.21 -26.61 -83.90
CA SER N 963 26.45 -26.82 -85.32
C SER N 963 26.30 -25.55 -86.13
N ASN N 964 25.31 -24.73 -85.80
CA ASN N 964 25.10 -23.46 -86.49
C ASN N 964 26.15 -22.46 -86.04
N PRO N 965 26.97 -21.91 -86.94
CA PRO N 965 27.98 -20.93 -86.51
C PRO N 965 27.40 -19.59 -86.09
N TYR N 966 26.09 -19.38 -86.26
CA TYR N 966 25.45 -18.12 -85.93
C TYR N 966 24.62 -18.19 -84.65
N ARG N 967 25.06 -18.97 -83.66
CA ARG N 967 24.33 -19.06 -82.41
C ARG N 967 24.48 -17.78 -81.57
N ARG N 968 25.66 -17.18 -81.59
CA ARG N 968 25.87 -15.95 -80.84
C ARG N 968 25.01 -14.78 -81.35
N PRO N 969 24.89 -14.53 -82.67
CA PRO N 969 23.93 -13.52 -83.11
C PRO N 969 22.49 -13.85 -82.75
N LEU N 970 22.13 -15.14 -82.80
CA LEU N 970 20.79 -15.53 -82.39
C LEU N 970 20.54 -15.20 -80.92
N ILE N 971 21.53 -15.42 -80.05
CA ILE N 971 21.38 -15.07 -78.65
C ILE N 971 21.32 -13.55 -78.47
N ASP N 972 22.18 -12.82 -79.19
CA ASP N 972 22.19 -11.36 -79.10
C ASP N 972 20.92 -10.73 -79.65
N GLN N 973 20.16 -11.45 -80.48
CA GLN N 973 18.87 -10.97 -80.94
C GLN N 973 17.74 -11.39 -80.01
N VAL N 974 17.79 -12.61 -79.49
CA VAL N 974 16.72 -13.09 -78.62
C VAL N 974 16.76 -12.37 -77.28
N VAL N 975 17.93 -11.90 -76.85
CA VAL N 975 18.01 -11.18 -75.57
C VAL N 975 17.18 -9.91 -75.63
N GLN N 976 17.03 -9.31 -76.81
CA GLN N 976 16.18 -8.14 -76.97
C GLN N 976 14.77 -8.50 -77.43
N THR N 977 14.61 -9.64 -78.11
CA THR N 977 13.29 -10.05 -78.57
C THR N 977 12.42 -10.56 -77.42
N ALA N 978 13.04 -11.14 -76.39
CA ALA N 978 12.26 -11.70 -75.29
C ALA N 978 11.50 -10.63 -74.52
N LEU N 979 11.99 -9.38 -74.54
CA LEU N 979 11.32 -8.31 -73.82
C LEU N 979 10.05 -7.85 -74.53
N SER N 980 9.88 -8.24 -75.79
CA SER N 980 8.74 -7.77 -76.58
C SER N 980 7.43 -8.42 -76.18
N GLU N 981 7.46 -9.65 -75.66
CA GLU N 981 6.24 -10.37 -75.31
C GLU N 981 5.47 -9.62 -74.24
N THR N 982 6.08 -9.44 -73.06
CA THR N 982 5.51 -8.66 -71.96
C THR N 982 4.04 -8.99 -71.72
N GLN N 983 3.72 -10.29 -71.75
CA GLN N 983 2.33 -10.71 -71.61
C GLN N 983 2.13 -11.64 -70.43
N ASP N 984 3.00 -12.64 -70.29
CA ASP N 984 2.87 -13.66 -69.26
C ASP N 984 4.19 -14.42 -69.16
N PRO N 985 4.53 -14.92 -67.97
CA PRO N 985 5.77 -15.69 -67.79
C PRO N 985 5.69 -17.15 -68.23
N GLU N 986 4.59 -17.58 -68.84
CA GLU N 986 4.49 -18.96 -69.29
C GLU N 986 5.43 -19.23 -70.47
N GLU N 987 5.40 -18.35 -71.47
CA GLU N 987 6.33 -18.48 -72.59
C GLU N 987 7.77 -18.34 -72.12
N VAL N 988 8.04 -17.42 -71.20
CA VAL N 988 9.37 -17.26 -70.65
C VAL N 988 9.79 -18.53 -69.90
N SER N 989 8.85 -19.13 -69.17
CA SER N 989 9.16 -20.37 -68.46
C SER N 989 9.49 -21.50 -69.44
N VAL N 990 8.73 -21.61 -70.53
CA VAL N 990 9.00 -22.65 -71.52
C VAL N 990 10.36 -22.43 -72.16
N THR N 991 10.68 -21.18 -72.49
CA THR N 991 11.96 -20.88 -73.13
C THR N 991 13.12 -21.16 -72.18
N VAL N 992 13.00 -20.79 -70.90
CA VAL N 992 14.10 -21.02 -69.97
C VAL N 992 14.23 -22.51 -69.66
N LYS N 993 13.12 -23.25 -69.68
CA LYS N 993 13.20 -24.70 -69.50
C LYS N 993 13.91 -25.35 -70.69
N ALA N 994 13.59 -24.90 -71.90
CA ALA N 994 14.30 -25.41 -73.08
C ALA N 994 15.78 -25.08 -73.01
N PHE N 995 16.13 -23.88 -72.54
CA PHE N 995 17.53 -23.50 -72.39
C PHE N 995 18.22 -24.39 -71.36
N MET N 996 17.57 -24.64 -70.22
CA MET N 996 18.18 -25.49 -69.19
C MET N 996 18.34 -26.92 -69.67
N THR N 997 17.40 -27.41 -70.48
CA THR N 997 17.53 -28.76 -71.03
C THR N 997 18.59 -28.83 -72.12
N ALA N 998 18.83 -27.72 -72.83
CA ALA N 998 19.87 -27.69 -73.85
C ALA N 998 21.27 -27.56 -73.27
N ASP N 999 21.39 -27.33 -71.96
CA ASP N 999 22.67 -27.26 -71.26
C ASP N 999 23.57 -26.18 -71.86
N LEU N 1000 23.10 -24.93 -71.75
CA LEU N 1000 23.88 -23.81 -72.22
C LEU N 1000 25.03 -23.52 -71.25
N PRO N 1001 26.19 -23.08 -71.76
CA PRO N 1001 27.30 -22.73 -70.87
C PRO N 1001 27.03 -21.46 -70.08
N ASN N 1002 28.00 -21.03 -69.27
CA ASN N 1002 27.82 -19.85 -68.44
C ASN N 1002 27.75 -18.58 -69.28
N GLU N 1003 27.33 -17.49 -68.63
CA GLU N 1003 27.21 -16.17 -69.24
C GLU N 1003 26.24 -16.20 -70.43
N LEU N 1004 25.22 -17.05 -70.34
CA LEU N 1004 24.17 -17.13 -71.35
C LEU N 1004 22.78 -17.00 -70.76
N ILE N 1005 22.54 -17.52 -69.56
CA ILE N 1005 21.24 -17.46 -68.91
C ILE N 1005 21.18 -16.38 -67.85
N GLU N 1006 22.26 -16.23 -67.06
CA GLU N 1006 22.29 -15.20 -66.04
C GLU N 1006 22.23 -13.81 -66.63
N LEU N 1007 22.79 -13.60 -67.83
CA LEU N 1007 22.65 -12.31 -68.49
C LEU N 1007 21.20 -12.06 -68.88
N LEU N 1008 20.52 -13.08 -69.40
CA LEU N 1008 19.10 -12.95 -69.71
C LEU N 1008 18.30 -12.60 -68.45
N GLU N 1009 18.61 -13.24 -67.33
CA GLU N 1009 17.90 -12.95 -66.09
C GLU N 1009 18.18 -11.54 -65.61
N LYS N 1010 19.44 -11.09 -65.71
CA LYS N 1010 19.79 -9.74 -65.30
C LYS N 1010 19.10 -8.69 -66.17
N ILE N 1011 18.90 -9.00 -67.46
CA ILE N 1011 18.24 -8.05 -68.34
C ILE N 1011 16.73 -8.03 -68.12
N VAL N 1012 16.13 -9.21 -67.88
CA VAL N 1012 14.68 -9.28 -67.78
C VAL N 1012 14.19 -8.83 -66.40
N LEU N 1013 14.92 -9.18 -65.33
CA LEU N 1013 14.44 -8.87 -63.99
C LEU N 1013 14.55 -7.38 -63.66
N ASP N 1014 15.58 -6.71 -64.18
CA ASP N 1014 15.82 -5.30 -63.90
C ASP N 1014 15.35 -4.44 -65.07
N ASN N 1015 14.74 -3.31 -64.76
CA ASN N 1015 14.27 -2.34 -65.76
C ASN N 1015 13.27 -2.99 -66.72
N SER N 1016 12.30 -3.70 -66.16
CA SER N 1016 11.26 -4.36 -66.94
C SER N 1016 10.10 -4.67 -66.01
N VAL N 1017 9.12 -5.43 -66.53
CA VAL N 1017 7.93 -5.75 -65.76
C VAL N 1017 8.12 -7.05 -64.99
N PHE N 1018 8.84 -8.02 -65.59
CA PHE N 1018 9.02 -9.33 -65.00
C PHE N 1018 9.99 -9.25 -63.83
N SER N 1019 9.49 -8.71 -62.72
CA SER N 1019 10.23 -8.64 -61.46
C SER N 1019 9.67 -9.54 -60.38
N GLU N 1020 9.04 -10.65 -60.78
CA GLU N 1020 8.40 -11.56 -59.83
C GLU N 1020 9.46 -12.45 -59.18
N HIS N 1021 8.99 -13.45 -58.42
CA HIS N 1021 9.88 -14.39 -57.74
C HIS N 1021 9.51 -15.84 -58.05
N ARG N 1022 8.80 -16.08 -59.15
CA ARG N 1022 8.41 -17.44 -59.54
C ARG N 1022 9.63 -18.16 -60.09
N ASN N 1023 10.31 -18.88 -59.21
CA ASN N 1023 11.53 -19.63 -59.53
C ASN N 1023 12.65 -18.73 -60.04
N LEU N 1024 12.60 -17.44 -59.75
CA LEU N 1024 13.62 -16.49 -60.18
C LEU N 1024 14.71 -16.27 -59.12
N GLN N 1025 14.71 -17.05 -58.05
CA GLN N 1025 15.70 -16.90 -56.99
C GLN N 1025 16.94 -17.75 -57.27
N ASN N 1026 16.74 -19.06 -57.39
CA ASN N 1026 17.87 -19.96 -57.64
C ASN N 1026 18.36 -19.89 -59.08
N LEU N 1027 17.46 -19.62 -60.03
CA LEU N 1027 17.82 -19.63 -61.45
C LEU N 1027 18.96 -18.66 -61.76
N LEU N 1028 19.08 -17.58 -60.99
CA LEU N 1028 20.13 -16.59 -61.21
C LEU N 1028 21.29 -16.78 -60.25
N ILE N 1029 20.99 -16.95 -58.96
CA ILE N 1029 22.04 -17.02 -57.94
C ILE N 1029 22.85 -18.29 -58.10
N LEU N 1030 22.18 -19.44 -58.29
CA LEU N 1030 22.90 -20.69 -58.46
C LEU N 1030 23.74 -20.68 -59.74
N THR N 1031 23.22 -20.04 -60.80
CA THR N 1031 23.98 -19.95 -62.04
C THR N 1031 25.22 -19.08 -61.86
N ALA N 1032 25.08 -17.96 -61.14
CA ALA N 1032 26.23 -17.10 -60.89
C ALA N 1032 27.24 -17.79 -59.97
N ILE N 1033 26.77 -18.65 -59.06
CA ILE N 1033 27.70 -19.41 -58.22
C ILE N 1033 28.44 -20.45 -59.04
N LYS N 1034 27.73 -21.16 -59.93
CA LYS N 1034 28.38 -22.11 -60.83
C LYS N 1034 29.35 -21.42 -61.78
N ALA N 1035 29.10 -20.15 -62.13
CA ALA N 1035 30.06 -19.40 -62.94
C ALA N 1035 31.29 -19.01 -62.15
N ASP N 1036 31.18 -18.91 -60.83
CA ASP N 1036 32.29 -18.58 -59.92
C ASP N 1036 32.91 -17.23 -60.29
N ARG N 1037 32.07 -16.19 -60.22
CA ARG N 1037 32.48 -14.83 -60.52
C ARG N 1037 31.93 -13.90 -59.45
N THR N 1038 32.35 -12.63 -59.53
CA THR N 1038 31.89 -11.61 -58.59
C THR N 1038 30.48 -11.13 -58.86
N ARG N 1039 29.82 -11.66 -59.89
CA ARG N 1039 28.46 -11.23 -60.21
C ARG N 1039 27.46 -11.66 -59.14
N VAL N 1040 27.85 -12.61 -58.28
CA VAL N 1040 26.95 -13.09 -57.24
C VAL N 1040 26.63 -11.97 -56.26
N MET N 1041 27.63 -11.19 -55.87
CA MET N 1041 27.40 -10.08 -54.94
C MET N 1041 26.47 -9.04 -55.55
N GLU N 1042 26.68 -8.70 -56.82
CA GLU N 1042 25.82 -7.72 -57.48
C GLU N 1042 24.39 -8.24 -57.61
N TYR N 1043 24.23 -9.55 -57.87
CA TYR N 1043 22.90 -10.11 -57.98
C TYR N 1043 22.19 -10.15 -56.63
N ILE N 1044 22.94 -10.41 -55.56
CA ILE N 1044 22.35 -10.44 -54.22
C ILE N 1044 21.94 -9.03 -53.80
N ASN N 1045 22.81 -8.05 -54.09
CA ASN N 1045 22.51 -6.67 -53.70
C ASN N 1045 21.37 -6.07 -54.52
N ARG N 1046 21.02 -6.67 -55.65
CA ARG N 1046 19.97 -6.16 -56.53
C ARG N 1046 18.80 -7.13 -56.65
N LEU N 1047 18.47 -7.82 -55.56
CA LEU N 1047 17.37 -8.77 -55.55
C LEU N 1047 16.80 -8.86 -54.14
N ASP N 1048 15.49 -9.17 -54.07
CA ASP N 1048 14.80 -9.32 -52.80
C ASP N 1048 13.82 -10.48 -52.91
N ASN N 1049 13.23 -10.84 -51.78
CA ASN N 1049 12.23 -11.92 -51.70
C ASN N 1049 12.80 -13.23 -52.23
N TYR N 1050 14.01 -13.57 -51.80
CA TYR N 1050 14.69 -14.79 -52.19
C TYR N 1050 14.98 -15.65 -50.97
N ASP N 1051 15.01 -16.96 -51.17
CA ASP N 1051 15.29 -17.90 -50.10
C ASP N 1051 16.77 -17.81 -49.71
N ALA N 1052 17.05 -17.22 -48.56
CA ALA N 1052 18.41 -16.95 -48.13
C ALA N 1052 19.11 -18.17 -47.53
N PRO N 1053 18.48 -18.93 -46.61
CA PRO N 1053 19.21 -20.06 -46.01
C PRO N 1053 19.62 -21.12 -47.02
N ASP N 1054 18.77 -21.44 -47.99
CA ASP N 1054 19.11 -22.48 -48.96
C ASP N 1054 20.31 -22.08 -49.82
N ILE N 1055 20.28 -20.85 -50.36
CA ILE N 1055 21.40 -20.41 -51.19
C ILE N 1055 22.65 -20.23 -50.34
N ALA N 1056 22.51 -19.86 -49.07
CA ALA N 1056 23.66 -19.75 -48.20
C ALA N 1056 24.30 -21.11 -47.95
N ASN N 1057 23.47 -22.14 -47.74
CA ASN N 1057 24.00 -23.49 -47.57
C ASN N 1057 24.66 -23.99 -48.85
N ILE N 1058 24.05 -23.70 -50.00
CA ILE N 1058 24.65 -24.10 -51.27
C ILE N 1058 25.99 -23.39 -51.48
N ALA N 1059 26.09 -22.14 -51.05
CA ALA N 1059 27.35 -21.40 -51.19
C ALA N 1059 28.42 -21.96 -50.27
N ILE N 1060 28.09 -22.14 -48.99
CA ILE N 1060 29.09 -22.65 -48.04
C ILE N 1060 29.48 -24.09 -48.38
N SER N 1061 28.61 -24.82 -49.09
CA SER N 1061 29.00 -26.12 -49.59
C SER N 1061 30.03 -25.99 -50.72
N ASN N 1062 29.97 -24.91 -51.47
CA ASN N 1062 30.93 -24.64 -52.54
C ASN N 1062 32.08 -23.79 -51.98
N GLU N 1063 32.93 -23.29 -52.87
CA GLU N 1063 34.08 -22.49 -52.46
C GLU N 1063 33.74 -21.03 -52.17
N LEU N 1064 32.51 -20.61 -52.44
CA LEU N 1064 32.11 -19.23 -52.20
C LEU N 1064 31.58 -19.08 -50.79
N PHE N 1065 32.24 -18.25 -49.98
CA PHE N 1065 31.87 -18.05 -48.59
C PHE N 1065 31.56 -16.60 -48.24
N GLU N 1066 32.19 -15.64 -48.93
CA GLU N 1066 31.92 -14.24 -48.65
C GLU N 1066 30.49 -13.86 -49.04
N GLU N 1067 29.94 -14.52 -50.07
CA GLU N 1067 28.57 -14.23 -50.48
C GLU N 1067 27.58 -14.63 -49.39
N ALA N 1068 27.79 -15.81 -48.78
CA ALA N 1068 26.94 -16.22 -47.67
C ALA N 1068 27.09 -15.29 -46.47
N PHE N 1069 28.30 -14.78 -46.23
CA PHE N 1069 28.49 -13.81 -45.16
C PHE N 1069 27.72 -12.53 -45.43
N ALA N 1070 27.75 -12.04 -46.68
CA ALA N 1070 26.99 -10.86 -47.02
C ALA N 1070 25.48 -11.10 -46.90
N ILE N 1071 25.03 -12.30 -47.27
CA ILE N 1071 23.61 -12.64 -47.13
C ILE N 1071 23.22 -12.62 -45.66
N PHE N 1072 24.03 -13.23 -44.81
CA PHE N 1072 23.72 -13.25 -43.38
C PHE N 1072 23.77 -11.86 -42.77
N ARG N 1073 24.65 -10.99 -43.28
CA ARG N 1073 24.70 -9.62 -42.79
C ARG N 1073 23.48 -8.83 -43.25
N LYS N 1074 22.98 -9.11 -44.45
CA LYS N 1074 21.82 -8.39 -44.96
C LYS N 1074 20.57 -8.74 -44.16
N PHE N 1075 20.35 -10.03 -43.90
CA PHE N 1075 19.20 -10.47 -43.13
C PHE N 1075 19.44 -10.45 -41.62
N ASP N 1076 20.53 -9.83 -41.17
CA ASP N 1076 20.85 -9.69 -39.75
C ASP N 1076 20.96 -11.05 -39.05
N VAL N 1077 21.51 -12.04 -39.75
CA VAL N 1077 21.70 -13.38 -39.18
C VAL N 1077 23.16 -13.43 -38.70
N ASN N 1078 23.35 -13.11 -37.42
CA ASN N 1078 24.71 -13.01 -36.89
C ASN N 1078 25.28 -14.39 -36.53
N THR N 1079 24.44 -15.26 -35.97
CA THR N 1079 24.94 -16.55 -35.49
C THR N 1079 25.41 -17.44 -36.63
N SER N 1080 24.59 -17.59 -37.67
CA SER N 1080 24.95 -18.44 -38.80
C SER N 1080 26.15 -17.92 -39.59
N ALA N 1081 26.48 -16.63 -39.46
CA ALA N 1081 27.66 -16.08 -40.11
C ALA N 1081 28.92 -16.37 -39.29
N VAL N 1082 28.87 -16.12 -37.99
CA VAL N 1082 30.03 -16.36 -37.13
C VAL N 1082 30.35 -17.86 -37.07
N GLN N 1083 29.32 -18.72 -37.02
CA GLN N 1083 29.58 -20.16 -36.99
C GLN N 1083 30.31 -20.62 -38.24
N VAL N 1084 29.87 -20.18 -39.42
CA VAL N 1084 30.53 -20.57 -40.66
C VAL N 1084 31.93 -19.98 -40.74
N LEU N 1085 32.09 -18.73 -40.28
CA LEU N 1085 33.40 -18.09 -40.32
C LEU N 1085 34.40 -18.83 -39.43
N ILE N 1086 33.92 -19.34 -38.30
CA ILE N 1086 34.81 -20.07 -37.38
C ILE N 1086 35.09 -21.47 -37.91
N GLU N 1087 34.07 -22.12 -38.48
CA GLU N 1087 34.25 -23.50 -38.94
C GLU N 1087 35.14 -23.58 -40.17
N HIS N 1088 34.96 -22.65 -41.12
CA HIS N 1088 35.72 -22.71 -42.37
C HIS N 1088 37.11 -22.09 -42.22
N ILE N 1089 37.18 -20.85 -41.74
CA ILE N 1089 38.44 -20.12 -41.64
C ILE N 1089 38.88 -19.98 -40.18
N GLY N 1090 37.98 -19.55 -39.30
CA GLY N 1090 38.35 -19.33 -37.92
C GLY N 1090 39.09 -18.03 -37.68
N ASN N 1091 38.85 -17.01 -38.50
CA ASN N 1091 39.50 -15.71 -38.36
C ASN N 1091 38.87 -15.00 -37.17
N LEU N 1092 39.57 -15.04 -36.03
CA LEU N 1092 39.05 -14.40 -34.82
C LEU N 1092 39.06 -12.88 -34.95
N ASP N 1093 39.96 -12.33 -35.75
CA ASP N 1093 40.04 -10.88 -35.90
C ASP N 1093 38.76 -10.30 -36.51
N ARG N 1094 38.13 -11.02 -37.43
CA ARG N 1094 36.87 -10.58 -38.01
C ARG N 1094 35.67 -10.92 -37.15
N ALA N 1095 35.69 -12.10 -36.50
CA ALA N 1095 34.58 -12.49 -35.65
C ALA N 1095 34.45 -11.58 -34.44
N TYR N 1096 35.58 -11.14 -33.87
CA TYR N 1096 35.52 -10.23 -32.73
C TYR N 1096 34.89 -8.90 -33.12
N GLU N 1097 35.27 -8.36 -34.28
CA GLU N 1097 34.67 -7.11 -34.74
C GLU N 1097 33.19 -7.30 -35.07
N PHE N 1098 32.83 -8.44 -35.65
CA PHE N 1098 31.42 -8.70 -35.95
C PHE N 1098 30.59 -8.79 -34.68
N ALA N 1099 31.14 -9.41 -33.63
CA ALA N 1099 30.43 -9.49 -32.36
C ALA N 1099 30.40 -8.15 -31.65
N GLU N 1100 31.42 -7.31 -31.84
CA GLU N 1100 31.41 -5.98 -31.25
C GLU N 1100 30.40 -5.07 -31.95
N ARG N 1101 30.18 -5.29 -33.25
CA ARG N 1101 29.20 -4.48 -33.98
C ARG N 1101 27.79 -4.69 -33.44
N CYS N 1102 27.33 -5.94 -33.45
CA CYS N 1102 26.01 -6.26 -32.92
C CYS N 1102 26.06 -6.43 -31.41
N ASN N 1103 24.94 -6.86 -30.84
CA ASN N 1103 24.86 -7.09 -29.39
C ASN N 1103 23.79 -8.14 -29.14
N GLU N 1104 24.21 -9.38 -28.89
CA GLU N 1104 23.30 -10.48 -28.62
C GLU N 1104 24.04 -11.51 -27.78
N PRO N 1105 23.42 -12.02 -26.70
CA PRO N 1105 24.11 -13.01 -25.85
C PRO N 1105 24.49 -14.27 -26.60
N ALA N 1106 23.71 -14.68 -27.60
CA ALA N 1106 24.06 -15.88 -28.37
C ALA N 1106 25.35 -15.64 -29.16
N VAL N 1107 25.53 -14.44 -29.70
CA VAL N 1107 26.74 -14.14 -30.45
C VAL N 1107 27.95 -14.17 -29.52
N TRP N 1108 27.82 -13.63 -28.30
CA TRP N 1108 28.92 -13.67 -27.34
C TRP N 1108 29.22 -15.09 -26.91
N SER N 1109 28.18 -15.92 -26.77
CA SER N 1109 28.41 -17.33 -26.41
C SER N 1109 29.13 -18.07 -27.53
N GLN N 1110 28.75 -17.81 -28.79
CA GLN N 1110 29.46 -18.43 -29.90
C GLN N 1110 30.90 -17.95 -29.98
N LEU N 1111 31.14 -16.67 -29.69
CA LEU N 1111 32.50 -16.15 -29.67
C LEU N 1111 33.32 -16.79 -28.56
N ALA N 1112 32.72 -16.99 -27.40
CA ALA N 1112 33.40 -17.66 -26.30
C ALA N 1112 33.74 -19.11 -26.66
N LYS N 1113 32.80 -19.80 -27.31
CA LYS N 1113 33.08 -21.16 -27.76
C LYS N 1113 34.21 -21.20 -28.77
N ALA N 1114 34.23 -20.23 -29.70
CA ALA N 1114 35.29 -20.18 -30.70
C ALA N 1114 36.64 -19.90 -30.05
N GLN N 1115 36.67 -19.02 -29.05
CA GLN N 1115 37.92 -18.75 -28.34
C GLN N 1115 38.37 -19.97 -27.55
N LEU N 1116 37.43 -20.72 -26.97
CA LEU N 1116 37.79 -21.96 -26.29
C LEU N 1116 38.34 -22.99 -27.26
N GLN N 1117 37.84 -22.98 -28.51
CA GLN N 1117 38.39 -23.86 -29.52
C GLN N 1117 39.83 -23.53 -29.84
N LYS N 1118 40.23 -22.27 -29.68
CA LYS N 1118 41.60 -21.83 -29.92
C LYS N 1118 42.43 -21.78 -28.64
N GLY N 1119 41.85 -22.09 -27.50
CA GLY N 1119 42.59 -22.07 -26.25
C GLY N 1119 42.73 -20.70 -25.61
N MET N 1120 41.86 -19.76 -25.95
CA MET N 1120 41.91 -18.41 -25.37
C MET N 1120 40.94 -18.32 -24.19
N VAL N 1121 41.42 -18.82 -23.05
CA VAL N 1121 40.61 -18.80 -21.83
C VAL N 1121 40.46 -17.38 -21.31
N LYS N 1122 41.47 -16.53 -21.54
CA LYS N 1122 41.42 -15.16 -21.04
C LYS N 1122 40.29 -14.37 -21.69
N GLU N 1123 40.00 -14.63 -22.96
CA GLU N 1123 38.94 -13.94 -23.66
C GLU N 1123 37.58 -14.59 -23.47
N ALA N 1124 37.54 -15.87 -23.10
CA ALA N 1124 36.28 -16.56 -22.89
C ALA N 1124 35.52 -16.04 -21.68
N ILE N 1125 36.20 -15.40 -20.73
CA ILE N 1125 35.52 -14.80 -19.58
C ILE N 1125 34.89 -13.47 -19.98
N ASP N 1126 35.61 -12.66 -20.75
CA ASP N 1126 35.05 -11.41 -21.24
C ASP N 1126 33.91 -11.65 -22.23
N SER N 1127 33.98 -12.74 -22.98
CA SER N 1127 32.90 -13.09 -23.90
C SER N 1127 31.70 -13.68 -23.19
N TYR N 1128 31.81 -14.00 -21.89
CA TYR N 1128 30.69 -14.46 -21.10
C TYR N 1128 30.14 -13.43 -20.12
N ILE N 1129 30.93 -12.42 -19.76
CA ILE N 1129 30.44 -11.36 -18.87
C ILE N 1129 29.33 -10.59 -19.57
N LYS N 1130 29.54 -10.23 -20.83
CA LYS N 1130 28.53 -9.50 -21.59
C LYS N 1130 27.36 -10.36 -22.01
N ALA N 1131 27.44 -11.68 -21.83
CA ALA N 1131 26.36 -12.59 -22.23
C ALA N 1131 25.53 -13.09 -21.07
N ASP N 1132 26.09 -13.11 -19.86
CA ASP N 1132 25.39 -13.59 -18.67
C ASP N 1132 24.89 -15.02 -18.85
N ASP N 1133 25.73 -15.88 -19.45
CA ASP N 1133 25.36 -17.26 -19.70
C ASP N 1133 26.02 -18.17 -18.66
N PRO N 1134 25.25 -18.69 -17.70
CA PRO N 1134 25.85 -19.55 -16.67
C PRO N 1134 26.08 -20.98 -17.14
N SER N 1135 25.59 -21.36 -18.31
CA SER N 1135 25.74 -22.73 -18.79
C SER N 1135 27.19 -23.01 -19.18
N SER N 1136 27.49 -24.30 -19.33
CA SER N 1136 28.82 -24.79 -19.72
C SER N 1136 29.90 -24.36 -18.72
N TYR N 1137 29.54 -24.17 -17.46
CA TYR N 1137 30.53 -23.78 -16.46
C TYR N 1137 31.47 -24.93 -16.12
N MET N 1138 30.99 -26.17 -16.27
CA MET N 1138 31.84 -27.32 -15.98
C MET N 1138 33.03 -27.38 -16.94
N GLU N 1139 32.80 -27.06 -18.22
CA GLU N 1139 33.90 -27.04 -19.18
C GLU N 1139 34.89 -25.93 -18.86
N VAL N 1140 34.40 -24.77 -18.40
CA VAL N 1140 35.30 -23.68 -18.02
C VAL N 1140 36.13 -24.09 -16.81
N VAL N 1141 35.52 -24.78 -15.84
CA VAL N 1141 36.27 -25.24 -14.68
C VAL N 1141 37.31 -26.27 -15.07
N GLN N 1142 36.95 -27.19 -15.97
CA GLN N 1142 37.90 -28.20 -16.43
C GLN N 1142 39.06 -27.57 -17.20
N ALA N 1143 38.78 -26.52 -17.99
CA ALA N 1143 39.83 -25.84 -18.73
C ALA N 1143 40.68 -24.93 -17.85
N ALA N 1144 40.15 -24.48 -16.71
CA ALA N 1144 40.93 -23.64 -15.81
C ALA N 1144 41.99 -24.46 -15.09
N ASN N 1145 41.74 -25.76 -14.90
CA ASN N 1145 42.71 -26.61 -14.22
C ASN N 1145 43.97 -26.81 -15.05
N THR N 1146 43.90 -26.62 -16.37
CA THR N 1146 45.07 -26.81 -17.22
C THR N 1146 46.12 -25.72 -17.03
N SER N 1147 45.71 -24.53 -16.59
CA SER N 1147 46.65 -23.43 -16.38
C SER N 1147 46.07 -22.51 -15.32
N GLY N 1148 46.84 -22.26 -14.26
CA GLY N 1148 46.40 -21.43 -13.16
C GLY N 1148 46.03 -20.02 -13.57
N ASN N 1149 44.74 -19.72 -13.58
CA ASN N 1149 44.23 -18.40 -13.95
C ASN N 1149 43.10 -18.00 -13.02
N TRP N 1150 43.31 -18.20 -11.72
CA TRP N 1150 42.25 -17.96 -10.74
C TRP N 1150 42.16 -16.49 -10.37
N GLU N 1151 42.02 -15.62 -11.36
CA GLU N 1151 41.84 -14.20 -11.12
C GLU N 1151 40.67 -13.67 -11.95
N GLU N 1152 40.42 -14.31 -13.09
CA GLU N 1152 39.31 -13.96 -13.97
C GLU N 1152 38.11 -14.90 -13.82
N LEU N 1153 38.37 -16.15 -13.44
CA LEU N 1153 37.27 -17.09 -13.19
C LEU N 1153 36.45 -16.66 -11.97
N VAL N 1154 37.05 -15.87 -11.08
CA VAL N 1154 36.33 -15.40 -9.90
C VAL N 1154 35.10 -14.59 -10.30
N LYS N 1155 35.29 -13.65 -11.23
CA LYS N 1155 34.18 -12.82 -11.68
C LYS N 1155 33.14 -13.65 -12.44
N TYR N 1156 33.60 -14.60 -13.25
CA TYR N 1156 32.68 -15.47 -13.99
C TYR N 1156 31.80 -16.25 -13.03
N LEU N 1157 32.40 -16.84 -11.99
CA LEU N 1157 31.62 -17.59 -11.01
C LEU N 1157 30.72 -16.69 -10.20
N GLN N 1158 31.17 -15.49 -9.85
CA GLN N 1158 30.35 -14.57 -9.07
C GLN N 1158 29.13 -14.11 -9.87
N MET N 1159 29.29 -13.96 -11.19
CA MET N 1159 28.18 -13.59 -12.04
C MET N 1159 27.25 -14.76 -12.34
N ALA N 1160 27.80 -15.98 -12.44
CA ALA N 1160 26.97 -17.15 -12.63
C ALA N 1160 26.21 -17.53 -11.37
N ARG N 1161 26.70 -17.13 -10.19
CA ARG N 1161 25.98 -17.40 -8.96
C ARG N 1161 24.61 -16.73 -8.96
N LYS N 1162 24.52 -15.53 -9.51
CA LYS N 1162 23.26 -14.79 -9.59
C LYS N 1162 22.39 -15.24 -10.76
N LYS N 1163 22.79 -16.28 -11.47
CA LYS N 1163 22.03 -16.79 -12.62
C LYS N 1163 21.68 -18.26 -12.49
N ALA N 1164 22.56 -19.07 -11.88
CA ALA N 1164 22.33 -20.50 -11.70
C ALA N 1164 22.82 -20.87 -10.31
N ARG N 1165 21.89 -21.04 -9.37
CA ARG N 1165 22.22 -21.39 -7.99
C ARG N 1165 22.55 -22.88 -7.93
N GLU N 1166 23.83 -23.18 -8.17
CA GLU N 1166 24.34 -24.54 -8.17
C GLU N 1166 25.25 -24.75 -6.95
N SER N 1167 25.84 -25.94 -6.87
CA SER N 1167 26.72 -26.30 -5.78
C SER N 1167 28.19 -26.30 -6.16
N TYR N 1168 28.54 -26.78 -7.36
CA TYR N 1168 29.93 -26.77 -7.78
C TYR N 1168 30.43 -25.35 -8.03
N VAL N 1169 29.52 -24.45 -8.44
CA VAL N 1169 29.90 -23.07 -8.68
C VAL N 1169 30.38 -22.40 -7.40
N GLU N 1170 29.63 -22.59 -6.31
CA GLU N 1170 30.04 -22.01 -5.03
C GLU N 1170 31.35 -22.62 -4.54
N THR N 1171 31.53 -23.92 -4.75
CA THR N 1171 32.76 -24.59 -4.34
C THR N 1171 33.96 -24.01 -5.08
N GLU N 1172 33.85 -23.89 -6.40
CA GLU N 1172 34.95 -23.33 -7.19
C GLU N 1172 35.19 -21.86 -6.85
N LEU N 1173 34.13 -21.11 -6.54
CA LEU N 1173 34.31 -19.71 -6.16
C LEU N 1173 35.06 -19.60 -4.84
N ILE N 1174 34.69 -20.43 -3.86
CA ILE N 1174 35.39 -20.44 -2.58
C ILE N 1174 36.85 -20.86 -2.77
N PHE N 1175 37.09 -21.84 -3.64
CA PHE N 1175 38.47 -22.25 -3.91
C PHE N 1175 39.28 -21.11 -4.53
N ALA N 1176 38.69 -20.40 -5.50
CA ALA N 1176 39.38 -19.30 -6.15
C ALA N 1176 39.65 -18.17 -5.16
N LEU N 1177 38.70 -17.90 -4.26
CA LEU N 1177 38.91 -16.87 -3.24
C LEU N 1177 40.01 -17.29 -2.27
N ALA N 1178 40.08 -18.58 -1.94
CA ALA N 1178 41.14 -19.07 -1.06
C ALA N 1178 42.50 -18.99 -1.75
N LYS N 1179 42.54 -19.17 -3.07
CA LYS N 1179 43.80 -19.06 -3.80
C LYS N 1179 44.33 -17.63 -3.76
N THR N 1180 43.45 -16.65 -3.91
CA THR N 1180 43.81 -15.24 -3.89
C THR N 1180 43.72 -14.62 -2.49
N ASN N 1181 43.42 -15.44 -1.48
CA ASN N 1181 43.34 -14.99 -0.09
C ASN N 1181 42.32 -13.86 0.08
N ARG N 1182 41.13 -14.08 -0.49
CA ARG N 1182 40.02 -13.13 -0.37
C ARG N 1182 39.09 -13.55 0.77
N LEU N 1183 39.64 -13.49 1.99
CA LEU N 1183 38.88 -13.92 3.16
C LEU N 1183 37.76 -12.94 3.51
N ALA N 1184 37.93 -11.66 3.16
CA ALA N 1184 36.94 -10.65 3.52
C ALA N 1184 35.56 -10.97 2.97
N GLU N 1185 35.49 -11.61 1.80
CA GLU N 1185 34.23 -12.08 1.25
C GLU N 1185 33.97 -13.55 1.47
N LEU N 1186 35.02 -14.37 1.67
CA LEU N 1186 34.81 -15.79 1.94
C LEU N 1186 34.13 -15.99 3.29
N GLU N 1187 34.51 -15.19 4.28
CA GLU N 1187 33.89 -15.32 5.61
C GLU N 1187 32.42 -14.93 5.59
N GLU N 1188 32.00 -14.09 4.65
CA GLU N 1188 30.59 -13.76 4.50
C GLU N 1188 29.85 -14.78 3.64
N PHE N 1189 30.53 -15.35 2.65
CA PHE N 1189 29.91 -16.37 1.80
C PHE N 1189 29.66 -17.66 2.58
N ILE N 1190 30.59 -18.02 3.48
CA ILE N 1190 30.41 -19.27 4.22
C ILE N 1190 29.32 -19.13 5.27
N ASN N 1191 29.10 -17.92 5.79
CA ASN N 1191 28.08 -17.72 6.80
C ASN N 1191 26.67 -17.65 6.22
N GLY N 1192 26.54 -17.35 4.93
CA GLY N 1192 25.25 -17.26 4.30
C GLY N 1192 24.84 -18.55 3.61
N PRO N 1193 23.88 -18.47 2.70
CA PRO N 1193 23.45 -19.68 1.99
C PRO N 1193 24.48 -20.18 0.99
N ASN N 1194 25.53 -20.82 1.49
CA ASN N 1194 26.59 -21.31 0.62
C ASN N 1194 26.09 -22.45 -0.26
N ASN N 1195 25.55 -23.51 0.36
CA ASN N 1195 25.00 -24.65 -0.35
C ASN N 1195 26.03 -25.32 -1.26
N ALA N 1196 27.31 -25.24 -0.89
CA ALA N 1196 28.38 -25.84 -1.67
C ALA N 1196 28.64 -27.26 -1.15
N HIS N 1197 29.74 -27.87 -1.60
CA HIS N 1197 30.14 -29.21 -1.19
C HIS N 1197 31.33 -29.06 -0.24
N ILE N 1198 31.02 -28.92 1.05
CA ILE N 1198 32.07 -28.82 2.05
C ILE N 1198 32.62 -30.21 2.36
N GLN N 1199 33.86 -30.25 2.84
CA GLN N 1199 34.68 -31.42 3.14
C GLN N 1199 35.17 -32.10 1.86
N GLN N 1200 34.76 -31.65 0.67
CA GLN N 1200 35.28 -32.16 -0.58
C GLN N 1200 36.39 -31.28 -1.15
N VAL N 1201 36.23 -29.96 -1.06
CA VAL N 1201 37.30 -29.05 -1.44
C VAL N 1201 38.28 -28.84 -0.29
N GLY N 1202 37.88 -29.16 0.93
CA GLY N 1202 38.79 -29.04 2.06
C GLY N 1202 39.97 -29.97 1.97
N ASP N 1203 39.82 -31.09 1.26
CA ASP N 1203 40.95 -31.98 1.04
C ASP N 1203 42.01 -31.31 0.19
N ARG N 1204 41.60 -30.60 -0.86
CA ARG N 1204 42.54 -29.87 -1.71
C ARG N 1204 43.28 -28.78 -0.96
N CYS N 1205 42.76 -28.34 0.18
CA CYS N 1205 43.44 -27.30 0.95
C CYS N 1205 44.80 -27.79 1.45
N TYR N 1206 44.83 -28.96 2.08
CA TYR N 1206 46.09 -29.53 2.52
C TYR N 1206 46.79 -30.38 1.46
N ASP N 1207 46.06 -30.78 0.41
CA ASP N 1207 46.71 -31.46 -0.71
C ASP N 1207 47.63 -30.49 -1.46
N GLU N 1208 47.14 -29.29 -1.73
CA GLU N 1208 47.94 -28.24 -2.36
C GLU N 1208 48.67 -27.37 -1.35
N LYS N 1209 48.58 -27.68 -0.06
CA LYS N 1209 49.24 -26.93 1.01
C LYS N 1209 48.80 -25.47 1.01
N MET N 1210 47.49 -25.28 1.05
CA MET N 1210 46.86 -23.96 1.09
C MET N 1210 46.17 -23.81 2.45
N TYR N 1211 46.94 -23.34 3.44
CA TYR N 1211 46.41 -23.18 4.78
C TYR N 1211 45.69 -21.83 4.92
N ASP N 1212 45.23 -21.56 6.14
CA ASP N 1212 44.47 -20.37 6.49
C ASP N 1212 43.14 -20.26 5.74
N ALA N 1213 42.73 -21.31 5.03
CA ALA N 1213 41.46 -21.35 4.32
C ALA N 1213 40.53 -22.43 4.87
N ALA N 1214 41.04 -23.65 5.04
CA ALA N 1214 40.24 -24.71 5.64
C ALA N 1214 39.99 -24.49 7.12
N LYS N 1215 40.69 -23.54 7.74
CA LYS N 1215 40.46 -23.24 9.15
C LYS N 1215 39.03 -22.82 9.41
N LEU N 1216 38.43 -22.06 8.50
CA LEU N 1216 37.04 -21.69 8.60
C LEU N 1216 36.10 -22.76 8.04
N LEU N 1217 36.57 -23.54 7.07
CA LEU N 1217 35.75 -24.59 6.48
C LEU N 1217 35.45 -25.69 7.50
N TYR N 1218 36.45 -26.04 8.32
CA TYR N 1218 36.21 -27.01 9.39
C TYR N 1218 35.59 -26.38 10.62
N ASN N 1219 35.56 -25.03 10.69
CA ASN N 1219 34.98 -24.36 11.85
C ASN N 1219 33.47 -24.21 11.68
N ASN N 1220 33.03 -23.71 10.53
CA ASN N 1220 31.61 -23.44 10.33
C ASN N 1220 30.77 -24.71 10.19
N VAL N 1221 31.39 -25.88 10.03
CA VAL N 1221 30.65 -27.14 9.93
C VAL N 1221 30.89 -28.04 11.14
N SER N 1222 31.79 -27.67 12.06
CA SER N 1222 32.07 -28.43 13.28
C SER N 1222 32.54 -29.84 12.94
N ASN N 1223 33.73 -29.89 12.34
CA ASN N 1223 34.33 -31.15 11.92
C ASN N 1223 35.59 -31.44 12.72
N PHE N 1224 35.55 -31.21 14.03
CA PHE N 1224 36.68 -31.43 14.92
C PHE N 1224 37.27 -32.82 14.74
N GLY N 1225 38.57 -32.88 14.45
CA GLY N 1225 39.24 -34.13 14.17
C GLY N 1225 40.15 -34.01 12.97
N ARG N 1226 39.74 -33.18 12.01
CA ARG N 1226 40.56 -32.89 10.83
C ARG N 1226 41.16 -31.50 10.87
N LEU N 1227 40.60 -30.59 11.66
CA LEU N 1227 41.16 -29.24 11.77
C LEU N 1227 42.53 -29.28 12.46
N ALA N 1228 42.76 -30.28 13.31
CA ALA N 1228 44.06 -30.40 13.97
C ALA N 1228 45.18 -30.64 12.98
N SER N 1229 44.88 -31.32 11.86
CA SER N 1229 45.91 -31.54 10.85
C SER N 1229 46.41 -30.24 10.25
N THR N 1230 45.54 -29.24 10.15
CA THR N 1230 45.97 -27.92 9.68
C THR N 1230 46.55 -27.08 10.80
N LEU N 1231 46.02 -27.22 12.02
CA LEU N 1231 46.54 -26.46 13.15
C LEU N 1231 47.96 -26.87 13.53
N VAL N 1232 48.34 -28.12 13.27
CA VAL N 1232 49.71 -28.56 13.53
C VAL N 1232 50.68 -27.76 12.68
N HIS N 1233 50.40 -27.66 11.38
CA HIS N 1233 51.26 -26.89 10.48
C HIS N 1233 51.10 -25.39 10.65
N LEU N 1234 49.97 -24.95 11.22
CA LEU N 1234 49.76 -23.51 11.42
C LEU N 1234 50.71 -22.96 12.49
N GLY N 1235 50.80 -23.66 13.63
CA GLY N 1235 51.66 -23.26 14.72
C GLY N 1235 50.95 -23.09 16.04
N GLU N 1236 49.62 -22.90 16.04
CA GLU N 1236 48.88 -22.74 17.27
C GLU N 1236 48.63 -24.09 17.93
N TYR N 1237 48.78 -24.13 19.25
CA TYR N 1237 48.58 -25.34 20.02
C TYR N 1237 47.42 -25.27 21.00
N GLN N 1238 47.07 -24.07 21.48
CA GLN N 1238 45.90 -23.93 22.35
C GLN N 1238 44.62 -24.31 21.61
N ALA N 1239 44.46 -23.79 20.39
CA ALA N 1239 43.30 -24.15 19.57
C ALA N 1239 43.29 -25.63 19.20
N ALA N 1240 44.46 -26.24 19.04
CA ALA N 1240 44.51 -27.67 18.76
C ALA N 1240 43.92 -28.47 19.91
N VAL N 1241 44.30 -28.13 21.15
CA VAL N 1241 43.76 -28.81 22.32
C VAL N 1241 42.28 -28.51 22.48
N ASP N 1242 41.87 -27.26 22.21
CA ASP N 1242 40.45 -26.91 22.31
C ASP N 1242 39.61 -27.69 21.31
N GLY N 1243 40.16 -27.95 20.12
CA GLY N 1243 39.43 -28.76 19.14
C GLY N 1243 39.46 -30.24 19.45
N ALA N 1244 40.57 -30.73 20.01
CA ALA N 1244 40.64 -32.12 20.42
C ALA N 1244 39.69 -32.42 21.57
N ARG N 1245 39.48 -31.45 22.47
CA ARG N 1245 38.54 -31.63 23.56
C ARG N 1245 37.12 -31.82 23.04
N LYS N 1246 36.80 -31.21 21.89
CA LYS N 1246 35.49 -31.39 21.27
C LYS N 1246 35.44 -32.60 20.36
N ALA N 1247 36.57 -33.04 19.81
CA ALA N 1247 36.59 -34.21 18.94
C ALA N 1247 36.57 -35.50 19.74
N ASN N 1248 37.41 -35.59 20.78
CA ASN N 1248 37.49 -36.77 21.64
C ASN N 1248 37.86 -38.02 20.83
N SER N 1249 38.77 -37.85 19.88
CA SER N 1249 39.25 -38.95 19.06
C SER N 1249 40.67 -39.33 19.45
N THR N 1250 40.93 -40.63 19.51
CA THR N 1250 42.25 -41.12 19.91
C THR N 1250 43.32 -40.63 18.95
N ARG N 1251 43.05 -40.71 17.64
CA ARG N 1251 44.01 -40.23 16.66
C ARG N 1251 44.24 -38.73 16.80
N THR N 1252 43.17 -37.97 17.06
CA THR N 1252 43.29 -36.53 17.22
C THR N 1252 44.14 -36.18 18.44
N TRP N 1253 43.87 -36.82 19.58
CA TRP N 1253 44.66 -36.59 20.78
C TRP N 1253 46.12 -36.97 20.56
N LYS N 1254 46.36 -38.09 19.85
CA LYS N 1254 47.73 -38.51 19.60
C LYS N 1254 48.46 -37.52 18.71
N GLU N 1255 47.79 -37.00 17.68
CA GLU N 1255 48.42 -36.01 16.81
C GLU N 1255 48.69 -34.71 17.56
N VAL N 1256 47.77 -34.30 18.43
CA VAL N 1256 47.99 -33.09 19.23
C VAL N 1256 49.17 -33.29 20.17
N CYS N 1257 49.29 -34.47 20.78
CA CYS N 1257 50.43 -34.73 21.66
C CYS N 1257 51.74 -34.75 20.90
N PHE N 1258 51.74 -35.35 19.70
CA PHE N 1258 52.95 -35.36 18.88
C PHE N 1258 53.35 -33.95 18.46
N ALA N 1259 52.36 -33.10 18.14
CA ALA N 1259 52.66 -31.73 17.78
C ALA N 1259 53.20 -30.94 18.98
N CYS N 1260 52.63 -31.17 20.16
CA CYS N 1260 53.14 -30.50 21.35
C CYS N 1260 54.55 -30.95 21.69
N VAL N 1261 54.87 -32.24 21.45
CA VAL N 1261 56.24 -32.70 21.62
C VAL N 1261 57.16 -32.04 20.62
N ASP N 1262 56.71 -31.90 19.37
CA ASP N 1262 57.53 -31.22 18.36
C ASP N 1262 57.70 -29.75 18.69
N GLY N 1263 56.63 -29.09 19.13
CA GLY N 1263 56.68 -27.68 19.46
C GLY N 1263 57.22 -27.33 20.83
N LYS N 1264 57.82 -28.30 21.52
CA LYS N 1264 58.40 -28.09 22.85
C LYS N 1264 57.36 -27.60 23.86
N GLU N 1265 56.09 -27.94 23.64
CA GLU N 1265 55.02 -27.59 24.55
C GLU N 1265 54.74 -28.74 25.49
N PHE N 1266 54.65 -28.43 26.79
CA PHE N 1266 54.46 -29.46 27.80
C PHE N 1266 53.35 -29.17 28.80
N ARG N 1267 52.86 -27.93 28.92
CA ARG N 1267 51.75 -27.66 29.82
C ARG N 1267 50.47 -28.32 29.33
N LEU N 1268 50.24 -28.30 28.02
CA LEU N 1268 49.09 -28.96 27.43
C LEU N 1268 49.39 -30.40 27.01
N ALA N 1269 50.66 -30.78 26.98
CA ALA N 1269 51.02 -32.14 26.58
C ALA N 1269 50.44 -33.17 27.54
N GLN N 1270 50.57 -32.92 28.85
CA GLN N 1270 50.01 -33.84 29.84
C GLN N 1270 48.50 -33.91 29.73
N MET N 1271 47.85 -32.75 29.54
CA MET N 1271 46.40 -32.71 29.44
C MET N 1271 45.91 -33.50 28.22
N CYS N 1272 46.60 -33.36 27.09
CA CYS N 1272 46.16 -34.07 25.89
C CYS N 1272 46.57 -35.54 25.90
N GLY N 1273 47.60 -35.89 26.67
CA GLY N 1273 48.02 -37.28 26.76
C GLY N 1273 47.33 -38.07 27.85
N LEU N 1274 46.61 -37.39 28.74
CA LEU N 1274 45.84 -38.11 29.75
C LEU N 1274 44.82 -39.05 29.11
N HIS N 1275 44.29 -38.68 27.95
CA HIS N 1275 43.33 -39.52 27.23
C HIS N 1275 44.00 -40.47 26.24
N ILE N 1276 45.32 -40.62 26.31
CA ILE N 1276 46.05 -41.49 25.41
C ILE N 1276 46.79 -42.55 26.22
N VAL N 1277 47.37 -42.14 27.35
CA VAL N 1277 48.11 -43.06 28.21
C VAL N 1277 47.19 -44.15 28.76
N VAL N 1278 45.87 -43.93 28.73
CA VAL N 1278 44.92 -44.94 29.19
C VAL N 1278 44.98 -46.18 28.31
N HIS N 1279 45.46 -46.05 27.08
CA HIS N 1279 45.63 -47.18 26.19
C HIS N 1279 47.03 -47.76 26.31
N ALA N 1280 47.13 -49.07 26.07
CA ALA N 1280 48.42 -49.75 26.20
C ALA N 1280 49.25 -49.63 24.93
N ASP N 1281 48.60 -49.54 23.77
CA ASP N 1281 49.33 -49.49 22.50
C ASP N 1281 50.06 -48.16 22.35
N GLU N 1282 49.34 -47.04 22.46
CA GLU N 1282 49.93 -45.73 22.28
C GLU N 1282 50.85 -45.33 23.42
N LEU N 1283 50.81 -46.04 24.55
CA LEU N 1283 51.72 -45.74 25.66
C LEU N 1283 53.17 -45.97 25.25
N GLU N 1284 53.43 -47.07 24.53
CA GLU N 1284 54.78 -47.34 24.05
C GLU N 1284 55.21 -46.30 23.02
N GLU N 1285 54.29 -45.83 22.19
CA GLU N 1285 54.63 -44.78 21.23
C GLU N 1285 54.99 -43.48 21.94
N LEU N 1286 54.23 -43.12 22.97
CA LEU N 1286 54.56 -41.93 23.74
C LEU N 1286 55.90 -42.08 24.45
N ILE N 1287 56.19 -43.28 24.96
CA ILE N 1287 57.47 -43.52 25.62
C ILE N 1287 58.61 -43.35 24.62
N ASN N 1288 58.45 -43.91 23.42
CA ASN N 1288 59.47 -43.77 22.39
C ASN N 1288 59.63 -42.32 21.95
N TYR N 1289 58.55 -41.55 21.95
CA TYR N 1289 58.64 -40.14 21.59
C TYR N 1289 59.34 -39.33 22.67
N TYR N 1290 59.12 -39.67 23.93
CA TYR N 1290 59.72 -38.93 25.04
C TYR N 1290 61.17 -39.34 25.32
N GLN N 1291 61.55 -40.57 24.94
CA GLN N 1291 62.93 -41.00 25.18
C GLN N 1291 63.91 -40.29 24.26
N ASP N 1292 63.52 -40.06 23.01
CA ASP N 1292 64.41 -39.40 22.05
C ASP N 1292 64.57 -37.91 22.34
N ARG N 1293 63.68 -37.32 23.13
CA ARG N 1293 63.75 -35.90 23.44
C ARG N 1293 64.47 -35.63 24.75
N GLY N 1294 64.44 -36.57 25.69
CA GLY N 1294 65.12 -36.41 26.97
C GLY N 1294 64.31 -35.72 28.05
N TYR N 1295 63.11 -35.24 27.73
CA TYR N 1295 62.25 -34.57 28.72
C TYR N 1295 61.60 -35.61 29.62
N PHE N 1296 62.39 -36.11 30.57
CA PHE N 1296 61.92 -37.13 31.50
C PHE N 1296 61.09 -36.54 32.63
N GLU N 1297 61.39 -35.32 33.05
CA GLU N 1297 60.63 -34.69 34.14
C GLU N 1297 59.16 -34.50 33.75
N GLU N 1298 58.92 -34.05 32.52
CA GLU N 1298 57.55 -33.88 32.05
C GLU N 1298 56.83 -35.23 31.96
N LEU N 1299 57.52 -36.27 31.50
CA LEU N 1299 56.92 -37.60 31.45
C LEU N 1299 56.56 -38.10 32.84
N ILE N 1300 57.44 -37.85 33.82
CA ILE N 1300 57.17 -38.27 35.19
C ILE N 1300 55.97 -37.51 35.75
N THR N 1301 55.91 -36.19 35.50
CA THR N 1301 54.78 -35.41 35.98
C THR N 1301 53.48 -35.85 35.31
N MET N 1302 53.55 -36.28 34.05
CA MET N 1302 52.34 -36.76 33.38
C MET N 1302 51.91 -38.12 33.93
N LEU N 1303 52.86 -39.01 34.19
CA LEU N 1303 52.54 -40.32 34.74
C LEU N 1303 52.11 -40.26 36.21
N GLU N 1304 52.48 -39.21 36.93
CA GLU N 1304 52.03 -39.08 38.31
C GLU N 1304 50.52 -38.87 38.40
N ALA N 1305 49.91 -38.35 37.34
CA ALA N 1305 48.47 -38.14 37.31
C ALA N 1305 47.69 -39.42 37.04
N ALA N 1306 48.35 -40.58 37.04
CA ALA N 1306 47.64 -41.83 36.79
C ALA N 1306 46.65 -42.15 37.90
N LEU N 1307 46.94 -41.70 39.12
CA LEU N 1307 46.03 -41.95 40.24
C LEU N 1307 44.71 -41.22 40.06
N GLY N 1308 44.75 -40.02 39.50
CA GLY N 1308 43.55 -39.24 39.26
C GLY N 1308 42.93 -39.48 37.90
N LEU N 1309 42.74 -40.75 37.54
CA LEU N 1309 42.15 -41.13 36.27
C LEU N 1309 41.14 -42.24 36.50
N GLU N 1310 40.47 -42.64 35.42
CA GLU N 1310 39.44 -43.68 35.50
C GLU N 1310 39.70 -44.85 34.56
N ARG N 1311 40.70 -44.77 33.67
CA ARG N 1311 40.99 -45.85 32.73
C ARG N 1311 42.45 -46.26 32.76
N ALA N 1312 43.14 -46.04 33.88
CA ALA N 1312 44.54 -46.43 33.99
C ALA N 1312 44.68 -47.95 34.03
N HIS N 1313 45.78 -48.44 33.47
CA HIS N 1313 46.06 -49.86 33.39
C HIS N 1313 47.39 -50.16 34.07
N MET N 1314 47.82 -51.42 33.96
CA MET N 1314 49.02 -51.86 34.67
C MET N 1314 50.28 -51.30 34.02
N GLY N 1315 50.27 -51.14 32.69
CA GLY N 1315 51.46 -50.68 31.99
C GLY N 1315 51.92 -49.31 32.41
N MET N 1316 50.98 -48.42 32.72
CA MET N 1316 51.34 -47.07 33.14
C MET N 1316 52.18 -47.09 34.41
N PHE N 1317 51.64 -47.71 35.47
CA PHE N 1317 52.37 -47.79 36.73
C PHE N 1317 53.64 -48.63 36.59
N THR N 1318 53.63 -49.64 35.71
CA THR N 1318 54.82 -50.45 35.49
C THR N 1318 55.95 -49.61 34.91
N GLU N 1319 55.65 -48.84 33.86
CA GLU N 1319 56.66 -47.97 33.27
C GLU N 1319 57.08 -46.86 34.23
N LEU N 1320 56.15 -46.37 35.05
CA LEU N 1320 56.51 -45.38 36.04
C LEU N 1320 57.50 -45.94 37.06
N ALA N 1321 57.24 -47.16 37.55
CA ALA N 1321 58.16 -47.81 38.47
C ALA N 1321 59.51 -48.09 37.80
N ILE N 1322 59.51 -48.45 36.52
CA ILE N 1322 60.76 -48.67 35.81
C ILE N 1322 61.56 -47.38 35.72
N LEU N 1323 60.90 -46.27 35.37
CA LEU N 1323 61.59 -44.99 35.28
C LEU N 1323 62.12 -44.56 36.65
N TYR N 1324 61.36 -44.83 37.72
CA TYR N 1324 61.85 -44.53 39.05
C TYR N 1324 63.06 -45.38 39.42
N SER N 1325 63.04 -46.66 39.04
CA SER N 1325 64.16 -47.55 39.34
C SER N 1325 65.38 -47.23 38.50
N LYS N 1326 65.21 -46.55 37.38
CA LYS N 1326 66.32 -46.22 36.50
C LYS N 1326 66.81 -44.78 36.62
N PHE N 1327 65.97 -43.85 37.08
CA PHE N 1327 66.34 -42.45 37.12
C PHE N 1327 66.31 -41.82 38.51
N LYS N 1328 65.29 -42.11 39.32
CA LYS N 1328 65.13 -41.50 40.63
C LYS N 1328 64.91 -42.59 41.67
N PRO N 1329 65.99 -43.22 42.15
CA PRO N 1329 65.83 -44.32 43.11
C PRO N 1329 65.39 -43.87 44.50
N GLN N 1330 65.38 -42.57 44.78
CA GLN N 1330 64.98 -42.09 46.10
C GLN N 1330 63.48 -42.05 46.29
N LYS N 1331 62.70 -42.25 45.22
CA LYS N 1331 61.24 -42.22 45.31
C LYS N 1331 60.58 -43.48 44.76
N MET N 1332 61.35 -44.52 44.44
CA MET N 1332 60.77 -45.73 43.87
C MET N 1332 60.18 -46.64 44.94
N ARG N 1333 60.70 -46.56 46.17
CA ARG N 1333 60.27 -47.47 47.22
C ARG N 1333 58.80 -47.26 47.57
N GLU N 1334 58.40 -46.00 47.73
CA GLU N 1334 57.01 -45.70 48.10
C GLU N 1334 56.04 -46.15 47.01
N HIS N 1335 56.35 -45.82 45.75
CA HIS N 1335 55.48 -46.22 44.65
C HIS N 1335 55.41 -47.74 44.52
N LEU N 1336 56.54 -48.42 44.73
CA LEU N 1336 56.54 -49.87 44.64
C LEU N 1336 55.72 -50.50 45.76
N GLU N 1337 55.84 -49.97 46.98
CA GLU N 1337 55.06 -50.50 48.10
C GLU N 1337 53.58 -50.16 47.99
N LEU N 1338 53.23 -49.08 47.29
CA LEU N 1338 51.83 -48.70 47.13
C LEU N 1338 51.15 -49.49 46.01
N PHE N 1339 51.82 -49.59 44.85
CA PHE N 1339 51.24 -50.24 43.68
C PHE N 1339 51.87 -51.60 43.39
N TRP N 1340 52.19 -52.37 44.43
CA TRP N 1340 52.81 -53.68 44.21
C TRP N 1340 51.84 -54.68 43.61
N SER N 1341 50.55 -54.56 43.94
CA SER N 1341 49.57 -55.52 43.44
C SER N 1341 49.19 -55.26 41.99
N ARG N 1342 49.04 -54.00 41.61
CA ARG N 1342 48.62 -53.67 40.25
C ARG N 1342 49.77 -53.81 39.26
N VAL N 1343 51.01 -53.68 39.74
CA VAL N 1343 52.15 -53.69 38.83
C VAL N 1343 52.40 -55.11 38.30
N ASN N 1344 53.10 -55.19 37.17
CA ASN N 1344 53.45 -56.47 36.58
C ASN N 1344 54.70 -57.04 37.23
N ILE N 1345 54.79 -58.37 37.21
CA ILE N 1345 55.90 -59.08 37.88
C ILE N 1345 57.18 -59.02 37.04
N PRO N 1346 57.18 -59.47 35.78
CA PRO N 1346 58.49 -59.60 35.10
C PRO N 1346 59.12 -58.28 34.73
N LYS N 1347 58.33 -57.31 34.26
CA LYS N 1347 58.88 -56.04 33.80
C LYS N 1347 59.53 -55.24 34.92
N VAL N 1348 59.16 -55.50 36.17
CA VAL N 1348 59.76 -54.83 37.31
C VAL N 1348 60.96 -55.61 37.85
N LEU N 1349 60.86 -56.94 37.88
CA LEU N 1349 62.00 -57.74 38.30
C LEU N 1349 63.19 -57.56 37.37
N ARG N 1350 62.94 -57.53 36.06
CA ARG N 1350 64.03 -57.32 35.11
C ARG N 1350 64.65 -55.94 35.27
N ALA N 1351 63.82 -54.91 35.48
CA ALA N 1351 64.35 -53.57 35.67
C ALA N 1351 65.16 -53.47 36.96
N ALA N 1352 64.72 -54.14 38.03
CA ALA N 1352 65.47 -54.11 39.27
C ALA N 1352 66.78 -54.88 39.16
N GLU N 1353 66.79 -55.98 38.39
CA GLU N 1353 68.03 -56.70 38.16
C GLU N 1353 69.00 -55.87 37.32
N GLN N 1354 68.48 -55.12 36.35
CA GLN N 1354 69.33 -54.23 35.57
C GLN N 1354 69.85 -53.08 36.44
N ALA N 1355 69.05 -52.60 37.40
CA ALA N 1355 69.47 -51.57 38.32
C ALA N 1355 70.32 -52.10 39.47
N HIS N 1356 70.39 -53.42 39.63
CA HIS N 1356 71.22 -54.06 40.67
C HIS N 1356 70.81 -53.59 42.06
N LEU N 1357 69.51 -53.43 42.28
CA LEU N 1357 68.96 -53.06 43.58
C LEU N 1357 68.35 -54.31 44.21
N TRP N 1358 69.09 -54.95 45.10
CA TRP N 1358 68.65 -56.19 45.72
C TRP N 1358 67.77 -55.97 46.94
N ALA N 1359 67.66 -54.74 47.43
CA ALA N 1359 66.83 -54.46 48.59
C ALA N 1359 65.34 -54.50 48.28
N GLU N 1360 64.96 -54.50 47.00
CA GLU N 1360 63.55 -54.55 46.61
C GLU N 1360 63.14 -55.86 45.97
N LEU N 1361 64.09 -56.62 45.42
CA LEU N 1361 63.76 -57.91 44.83
C LEU N 1361 63.21 -58.87 45.86
N VAL N 1362 63.80 -58.89 47.07
CA VAL N 1362 63.32 -59.77 48.12
C VAL N 1362 61.92 -59.35 48.57
N PHE N 1363 61.68 -58.05 48.65
CA PHE N 1363 60.35 -57.56 49.04
C PHE N 1363 59.32 -57.94 47.99
N LEU N 1364 59.66 -57.82 46.71
CA LEU N 1364 58.72 -58.20 45.65
C LEU N 1364 58.46 -59.70 45.65
N TYR N 1365 59.51 -60.51 45.87
CA TYR N 1365 59.33 -61.95 45.95
C TYR N 1365 58.46 -62.34 47.13
N ASP N 1366 58.60 -61.64 48.26
CA ASP N 1366 57.76 -61.90 49.41
C ASP N 1366 56.32 -61.49 49.15
N LYS N 1367 56.11 -60.40 48.39
CA LYS N 1367 54.76 -59.98 48.06
C LYS N 1367 54.08 -61.00 47.14
N TYR N 1368 54.82 -61.56 46.19
CA TYR N 1368 54.28 -62.56 45.28
C TYR N 1368 54.55 -63.99 45.76
N GLU N 1369 54.99 -64.16 47.00
CA GLU N 1369 55.19 -65.47 47.62
C GLU N 1369 56.21 -66.31 46.83
N GLU N 1370 57.26 -65.63 46.36
CA GLU N 1370 58.37 -66.31 45.70
C GLU N 1370 59.51 -66.49 46.70
N TYR N 1371 59.31 -67.47 47.58
CA TYR N 1371 60.24 -67.66 48.70
C TYR N 1371 61.61 -68.15 48.24
N ASP N 1372 61.63 -69.01 47.22
CA ASP N 1372 62.90 -69.54 46.75
C ASP N 1372 63.79 -68.44 46.17
N ASN N 1373 63.25 -67.64 45.25
CA ASN N 1373 63.99 -66.53 44.67
C ASN N 1373 64.31 -65.46 45.69
N ALA N 1374 63.49 -65.32 46.73
CA ALA N 1374 63.78 -64.36 47.79
C ALA N 1374 64.97 -64.81 48.62
N ILE N 1375 65.01 -66.09 49.01
CA ILE N 1375 66.13 -66.61 49.77
C ILE N 1375 67.40 -66.58 48.93
N ILE N 1376 67.31 -66.94 47.65
CA ILE N 1376 68.47 -66.91 46.77
C ILE N 1376 69.02 -65.48 46.66
N THR N 1377 68.13 -64.51 46.46
CA THR N 1377 68.55 -63.12 46.32
C THR N 1377 69.16 -62.60 47.62
N MET N 1378 68.58 -62.97 48.76
CA MET N 1378 69.11 -62.49 50.03
C MET N 1378 70.47 -63.13 50.34
N MET N 1379 70.66 -64.39 49.98
CA MET N 1379 71.93 -65.05 50.25
C MET N 1379 73.01 -64.58 49.28
N ASN N 1380 72.64 -64.24 48.04
CA ASN N 1380 73.62 -63.74 47.09
C ASN N 1380 74.08 -62.33 47.41
N HIS N 1381 73.25 -61.54 48.10
CA HIS N 1381 73.59 -60.16 48.47
C HIS N 1381 73.01 -59.86 49.84
N PRO N 1382 73.66 -60.34 50.89
CA PRO N 1382 73.18 -60.07 52.26
C PRO N 1382 73.61 -58.73 52.84
N THR N 1383 74.08 -57.80 52.00
CA THR N 1383 74.58 -56.53 52.51
C THR N 1383 73.47 -55.68 53.12
N ASP N 1384 72.38 -55.48 52.37
CA ASP N 1384 71.30 -54.63 52.84
C ASP N 1384 69.97 -55.36 52.79
N ALA N 1385 69.84 -56.32 51.87
CA ALA N 1385 68.59 -57.06 51.72
C ALA N 1385 68.38 -58.10 52.81
N TRP N 1386 69.35 -58.29 53.70
CA TRP N 1386 69.23 -59.30 54.75
C TRP N 1386 68.49 -58.74 55.95
N LYS N 1387 67.63 -59.57 56.55
CA LYS N 1387 66.89 -59.21 57.75
C LYS N 1387 66.65 -60.48 58.55
N GLU N 1388 66.79 -60.37 59.88
CA GLU N 1388 66.68 -61.56 60.73
C GLU N 1388 65.27 -62.14 60.69
N GLY N 1389 64.27 -61.36 61.06
CA GLY N 1389 62.91 -61.84 61.12
C GLY N 1389 62.33 -62.19 59.77
N GLN N 1390 62.60 -61.36 58.77
CA GLN N 1390 62.10 -61.63 57.42
C GLN N 1390 62.65 -62.95 56.89
N PHE N 1391 63.95 -63.17 57.05
CA PHE N 1391 64.54 -64.43 56.60
C PHE N 1391 63.99 -65.60 57.41
N LYS N 1392 63.88 -65.43 58.73
CA LYS N 1392 63.38 -66.51 59.57
C LYS N 1392 61.95 -66.91 59.21
N ASP N 1393 61.14 -65.95 58.76
CA ASP N 1393 59.77 -66.25 58.38
C ASP N 1393 59.65 -66.75 56.94
N ILE N 1394 60.55 -66.33 56.05
CA ILE N 1394 60.45 -66.75 54.65
C ILE N 1394 61.04 -68.14 54.47
N ILE N 1395 62.12 -68.46 55.19
CA ILE N 1395 62.82 -69.73 54.98
C ILE N 1395 61.93 -70.91 55.38
N THR N 1396 60.92 -70.67 56.21
CA THR N 1396 60.04 -71.75 56.63
C THR N 1396 59.08 -72.20 55.54
N LYS N 1397 58.87 -71.38 54.52
CA LYS N 1397 57.93 -71.70 53.45
C LYS N 1397 58.63 -72.05 52.13
N VAL N 1398 59.95 -72.22 52.14
CA VAL N 1398 60.66 -72.55 50.91
C VAL N 1398 60.44 -74.03 50.58
N ALA N 1399 60.25 -74.30 49.28
CA ALA N 1399 60.06 -75.67 48.81
C ALA N 1399 61.38 -76.40 48.64
N ASN N 1400 62.38 -75.74 48.04
CA ASN N 1400 63.69 -76.35 47.83
C ASN N 1400 64.37 -76.54 49.18
N VAL N 1401 64.53 -77.80 49.59
CA VAL N 1401 65.16 -78.09 50.87
C VAL N 1401 66.68 -77.96 50.81
N GLU N 1402 67.27 -77.98 49.61
CA GLU N 1402 68.72 -77.86 49.49
C GLU N 1402 69.21 -76.46 49.84
N LEU N 1403 68.35 -75.44 49.77
CA LEU N 1403 68.75 -74.09 50.12
C LEU N 1403 69.01 -73.94 51.62
N TYR N 1404 68.46 -74.84 52.44
CA TYR N 1404 68.68 -74.75 53.88
C TYR N 1404 70.15 -74.96 54.22
N TYR N 1405 70.81 -75.91 53.55
CA TYR N 1405 72.23 -76.15 53.81
C TYR N 1405 73.06 -74.94 53.41
N ARG N 1406 72.75 -74.33 52.26
CA ARG N 1406 73.46 -73.13 51.84
C ARG N 1406 73.23 -71.97 52.82
N ALA N 1407 72.00 -71.83 53.33
CA ALA N 1407 71.74 -70.78 54.31
C ALA N 1407 72.52 -71.03 55.60
N ILE N 1408 72.61 -72.29 56.04
CA ILE N 1408 73.37 -72.61 57.23
C ILE N 1408 74.85 -72.30 57.02
N GLN N 1409 75.37 -72.65 55.85
CA GLN N 1409 76.78 -72.35 55.55
C GLN N 1409 77.03 -70.85 55.52
N PHE N 1410 76.12 -70.09 54.91
CA PHE N 1410 76.29 -68.64 54.84
C PHE N 1410 76.20 -68.01 56.22
N TYR N 1411 75.32 -68.53 57.08
CA TYR N 1411 75.26 -68.03 58.45
C TYR N 1411 76.54 -68.35 59.20
N LEU N 1412 77.02 -69.59 59.12
CA LEU N 1412 78.30 -69.93 59.75
C LEU N 1412 79.43 -69.05 59.24
N GLU N 1413 79.37 -68.64 57.97
CA GLU N 1413 80.38 -67.75 57.42
C GLU N 1413 80.22 -66.32 57.93
N PHE N 1414 78.99 -65.88 58.19
CA PHE N 1414 78.73 -64.49 58.57
C PHE N 1414 78.25 -64.35 60.01
N LYS N 1415 77.17 -65.04 60.39
CA LYS N 1415 76.56 -64.88 61.72
C LYS N 1415 76.53 -66.23 62.42
N PRO N 1416 77.62 -66.61 63.09
CA PRO N 1416 77.63 -67.93 63.77
C PRO N 1416 76.64 -68.01 64.92
N LEU N 1417 76.26 -66.88 65.51
CA LEU N 1417 75.34 -66.91 66.64
C LEU N 1417 73.93 -67.31 66.22
N LEU N 1418 73.49 -66.85 65.04
CA LEU N 1418 72.15 -67.14 64.57
C LEU N 1418 72.01 -68.54 63.97
N LEU N 1419 73.10 -69.32 63.93
CA LEU N 1419 73.03 -70.66 63.35
C LEU N 1419 72.09 -71.54 64.16
N ASN N 1420 72.21 -71.52 65.49
CA ASN N 1420 71.32 -72.32 66.32
C ASN N 1420 69.88 -71.85 66.22
N ASP N 1421 69.67 -70.54 66.15
CA ASP N 1421 68.32 -70.01 66.03
C ASP N 1421 67.67 -70.42 64.72
N LEU N 1422 68.45 -70.48 63.65
CA LEU N 1422 67.91 -70.91 62.37
C LEU N 1422 67.67 -72.42 62.35
N LEU N 1423 68.57 -73.19 62.96
CA LEU N 1423 68.40 -74.63 63.01
C LEU N 1423 67.21 -75.02 63.87
N MET N 1424 66.87 -74.20 64.87
CA MET N 1424 65.72 -74.50 65.72
C MET N 1424 64.43 -74.49 64.91
N VAL N 1425 64.30 -73.56 63.96
CA VAL N 1425 63.08 -73.45 63.17
C VAL N 1425 63.14 -74.25 61.88
N LEU N 1426 64.33 -74.57 61.37
CA LEU N 1426 64.43 -75.34 60.14
C LEU N 1426 64.48 -76.83 60.38
N SER N 1427 64.66 -77.25 61.64
CA SER N 1427 64.78 -78.67 61.95
C SER N 1427 63.62 -79.53 61.44
N PRO N 1428 62.35 -79.10 61.54
CA PRO N 1428 61.28 -79.94 60.94
C PRO N 1428 61.44 -80.16 59.45
N ARG N 1429 61.89 -79.14 58.72
CA ARG N 1429 62.06 -79.22 57.27
C ARG N 1429 63.50 -79.49 56.86
N LEU N 1430 64.32 -80.05 57.75
CA LEU N 1430 65.71 -80.33 57.45
C LEU N 1430 66.08 -81.71 58.00
N ASP N 1431 66.93 -82.42 57.26
CA ASP N 1431 67.39 -83.73 57.69
C ASP N 1431 68.33 -83.60 58.89
N HIS N 1432 68.29 -84.60 59.76
CA HIS N 1432 69.12 -84.60 60.96
C HIS N 1432 70.47 -85.28 60.74
N THR N 1433 70.58 -86.15 59.74
CA THR N 1433 71.84 -86.84 59.49
C THR N 1433 72.81 -85.94 58.72
N ARG N 1434 72.34 -85.32 57.64
CA ARG N 1434 73.20 -84.43 56.86
C ARG N 1434 73.65 -83.23 57.68
N ALA N 1435 72.81 -82.76 58.62
CA ALA N 1435 73.21 -81.65 59.48
C ALA N 1435 74.41 -82.03 60.34
N VAL N 1436 74.35 -83.19 60.99
CA VAL N 1436 75.47 -83.65 61.80
C VAL N 1436 76.70 -83.93 60.94
N ASN N 1437 76.49 -84.45 59.72
CA ASN N 1437 77.61 -84.70 58.83
C ASN N 1437 78.32 -83.40 58.45
N TYR N 1438 77.55 -82.35 58.12
CA TYR N 1438 78.16 -81.07 57.76
C TYR N 1438 78.79 -80.41 58.98
N PHE N 1439 78.21 -80.61 60.17
CA PHE N 1439 78.81 -80.05 61.38
C PHE N 1439 80.15 -80.72 61.68
N SER N 1440 80.22 -82.04 61.50
CA SER N 1440 81.49 -82.74 61.71
C SER N 1440 82.49 -82.46 60.60
N LYS N 1441 82.01 -82.10 59.42
CA LYS N 1441 82.92 -81.77 58.31
C LYS N 1441 83.69 -80.50 58.60
N VAL N 1442 82.97 -79.42 58.94
CA VAL N 1442 83.62 -78.13 59.22
C VAL N 1442 84.14 -78.04 60.64
N LYS N 1443 84.01 -79.11 61.44
CA LYS N 1443 84.50 -79.16 62.82
C LYS N 1443 83.87 -78.04 63.66
N GLN N 1444 82.54 -78.08 63.76
CA GLN N 1444 81.77 -77.13 64.55
C GLN N 1444 80.75 -77.88 65.41
N LEU N 1445 81.17 -78.98 66.02
CA LEU N 1445 80.25 -79.76 66.84
C LEU N 1445 79.89 -79.05 68.15
N PRO N 1446 80.84 -78.52 68.94
CA PRO N 1446 80.44 -77.84 70.18
C PRO N 1446 79.68 -76.55 69.95
N LEU N 1447 79.69 -76.01 68.71
CA LEU N 1447 78.92 -74.80 68.43
C LEU N 1447 77.42 -75.06 68.52
N VAL N 1448 76.97 -76.28 68.19
CA VAL N 1448 75.57 -76.65 68.26
C VAL N 1448 75.30 -77.59 69.44
N LYS N 1449 76.19 -77.61 70.43
CA LYS N 1449 76.01 -78.50 71.57
C LYS N 1449 74.75 -78.22 72.38
N PRO N 1450 74.41 -76.97 72.73
CA PRO N 1450 73.18 -76.75 73.51
C PRO N 1450 71.92 -77.20 72.80
N TYR N 1451 71.92 -77.18 71.46
CA TYR N 1451 70.73 -77.60 70.72
C TYR N 1451 70.62 -79.11 70.64
N LEU N 1452 71.74 -79.82 70.75
CA LEU N 1452 71.71 -81.28 70.69
C LEU N 1452 70.98 -81.90 71.88
N ARG N 1453 70.78 -81.14 72.96
CA ARG N 1453 70.07 -81.66 74.11
C ARG N 1453 68.58 -81.82 73.88
N SER N 1454 68.04 -81.22 72.82
CA SER N 1454 66.62 -81.29 72.52
C SER N 1454 66.32 -82.18 71.31
N VAL N 1455 67.30 -82.92 70.82
CA VAL N 1455 67.09 -83.81 69.67
C VAL N 1455 67.51 -85.22 70.06
N GLN N 1456 67.88 -85.40 71.33
CA GLN N 1456 68.29 -86.73 71.79
C GLN N 1456 67.10 -87.69 71.84
N ASN N 1457 65.88 -87.18 71.83
CA ASN N 1457 64.71 -88.04 71.86
C ASN N 1457 64.60 -88.89 70.60
N HIS N 1458 65.08 -88.36 69.47
CA HIS N 1458 65.02 -89.11 68.22
C HIS N 1458 65.94 -90.33 68.25
N ASN N 1459 66.96 -90.32 69.10
CA ASN N 1459 67.91 -91.43 69.23
C ASN N 1459 68.60 -91.73 67.91
N ASN N 1460 69.00 -90.69 67.20
CA ASN N 1460 69.73 -90.87 65.95
C ASN N 1460 71.16 -91.35 66.23
N LYS N 1461 71.66 -92.22 65.37
CA LYS N 1461 72.99 -92.79 65.58
C LYS N 1461 74.07 -91.72 65.54
N SER N 1462 74.02 -90.85 64.53
CA SER N 1462 75.02 -89.78 64.42
C SER N 1462 74.92 -88.82 65.59
N VAL N 1463 73.70 -88.49 66.02
CA VAL N 1463 73.53 -87.59 67.16
C VAL N 1463 74.02 -88.26 68.45
N ASN N 1464 73.72 -89.55 68.62
CA ASN N 1464 74.15 -90.25 69.82
C ASN N 1464 75.68 -90.37 69.87
N GLU N 1465 76.32 -90.52 68.71
CA GLU N 1465 77.77 -90.56 68.67
C GLU N 1465 78.39 -89.18 68.90
N SER N 1466 77.79 -88.13 68.36
CA SER N 1466 78.29 -86.78 68.60
C SER N 1466 78.17 -86.40 70.07
N LEU N 1467 77.05 -86.78 70.70
CA LEU N 1467 76.87 -86.51 72.12
C LEU N 1467 77.91 -87.24 72.97
N ASN N 1468 78.22 -88.48 72.61
CA ASN N 1468 79.26 -89.22 73.35
C ASN N 1468 80.63 -88.60 73.13
N ASN N 1469 80.93 -88.17 71.90
CA ASN N 1469 82.20 -87.52 71.64
C ASN N 1469 82.34 -86.21 72.42
N LEU N 1470 81.23 -85.48 72.56
CA LEU N 1470 81.26 -84.26 73.37
C LEU N 1470 81.41 -84.59 74.85
N PHE N 1471 80.77 -85.66 75.32
CA PHE N 1471 80.91 -86.05 76.72
C PHE N 1471 82.33 -86.54 77.02
N ILE N 1472 83.04 -87.03 76.01
CA ILE N 1472 84.43 -87.46 76.20
C ILE N 1472 85.29 -86.29 76.66
N THR N 1473 85.12 -85.12 76.04
CA THR N 1473 85.86 -83.92 76.40
C THR N 1473 85.21 -83.12 77.51
N GLU N 1474 84.34 -83.74 78.29
CA GLU N 1474 83.67 -83.06 79.39
C GLU N 1474 83.72 -83.89 80.67
N ASP O 635 -8.01 -16.43 -37.51
CA ASP O 635 -8.13 -16.61 -36.07
C ASP O 635 -9.25 -17.60 -35.76
N ILE O 636 -9.03 -18.88 -36.07
CA ILE O 636 -10.02 -19.90 -35.80
C ILE O 636 -9.97 -20.36 -34.34
N LYS O 637 -8.87 -20.12 -33.65
CA LYS O 637 -8.71 -20.54 -32.25
C LYS O 637 -9.45 -19.54 -31.37
N ARG O 638 -10.73 -19.81 -31.13
CA ARG O 638 -11.54 -18.95 -30.28
C ARG O 638 -12.38 -19.75 -29.28
N ALA O 639 -12.00 -21.01 -29.01
CA ALA O 639 -12.77 -21.84 -28.10
C ALA O 639 -12.55 -21.48 -26.63
N VAL O 640 -11.68 -20.51 -26.34
CA VAL O 640 -11.44 -20.13 -24.96
C VAL O 640 -12.70 -19.57 -24.31
N VAL O 641 -13.50 -18.82 -25.06
CA VAL O 641 -14.73 -18.28 -24.52
C VAL O 641 -15.90 -19.26 -24.66
N HIS O 642 -15.82 -20.19 -25.62
CA HIS O 642 -16.88 -21.17 -25.79
C HIS O 642 -16.77 -22.34 -24.82
N THR O 643 -15.60 -22.52 -24.20
CA THR O 643 -15.42 -23.63 -23.26
C THR O 643 -16.34 -23.49 -22.05
N HIS O 644 -16.73 -22.27 -21.68
CA HIS O 644 -17.58 -22.06 -20.53
C HIS O 644 -18.99 -22.61 -20.71
N LEU O 645 -19.38 -22.97 -21.94
CA LEU O 645 -20.71 -23.49 -22.19
C LEU O 645 -20.74 -24.81 -22.96
N LEU O 646 -19.65 -25.18 -23.64
CA LEU O 646 -19.61 -26.42 -24.40
C LEU O 646 -19.19 -27.58 -23.52
N ASN O 647 -19.66 -28.77 -23.88
CA ASN O 647 -19.33 -29.99 -23.14
C ASN O 647 -17.87 -30.33 -23.36
N PRO O 648 -17.06 -30.41 -22.31
CA PRO O 648 -15.63 -30.74 -22.51
C PRO O 648 -15.38 -32.15 -22.99
N GLU O 649 -16.37 -33.04 -22.91
CA GLU O 649 -16.19 -34.42 -23.33
C GLU O 649 -15.78 -34.49 -24.80
N TRP O 650 -16.61 -33.94 -25.69
CA TRP O 650 -16.25 -33.92 -27.10
C TRP O 650 -15.15 -32.91 -27.41
N LEU O 651 -14.95 -31.92 -26.53
CA LEU O 651 -13.87 -30.96 -26.73
C LEU O 651 -12.52 -31.63 -26.59
N VAL O 652 -12.40 -32.62 -25.69
CA VAL O 652 -11.15 -33.35 -25.55
C VAL O 652 -10.78 -34.03 -26.87
N ASN O 653 -11.75 -34.71 -27.49
CA ASN O 653 -11.49 -35.36 -28.77
C ASN O 653 -11.29 -34.37 -29.91
N TYR O 654 -11.96 -33.21 -29.84
CA TYR O 654 -11.77 -32.20 -30.87
C TYR O 654 -10.36 -31.62 -30.83
N PHE O 655 -9.84 -31.37 -29.62
CA PHE O 655 -8.48 -30.86 -29.48
C PHE O 655 -7.42 -31.94 -29.62
N GLY O 656 -7.78 -33.21 -29.43
CA GLY O 656 -6.82 -34.27 -29.62
C GLY O 656 -6.46 -34.49 -31.08
N SER O 657 -7.41 -34.30 -31.98
CA SER O 657 -7.19 -34.46 -33.40
C SER O 657 -6.84 -33.12 -34.05
N LEU O 658 -6.18 -33.20 -35.20
CA LEU O 658 -5.76 -32.03 -35.97
C LEU O 658 -4.82 -31.14 -35.16
N SER O 659 -4.22 -31.68 -34.12
CA SER O 659 -3.32 -30.91 -33.25
C SER O 659 -1.87 -31.19 -33.64
N VAL O 660 -1.50 -30.70 -34.82
CA VAL O 660 -0.12 -30.83 -35.30
C VAL O 660 0.66 -29.60 -34.84
N GLU O 661 1.20 -29.67 -33.61
CA GLU O 661 1.97 -28.57 -33.02
C GLU O 661 1.18 -27.26 -33.05
N ASP O 662 -0.13 -27.37 -32.89
CA ASP O 662 -1.03 -26.22 -32.94
C ASP O 662 -1.77 -25.96 -31.64
N SER O 663 -2.01 -27.00 -30.82
CA SER O 663 -2.73 -26.82 -29.58
C SER O 663 -1.93 -26.00 -28.56
N LEU O 664 -0.62 -25.88 -28.74
CA LEU O 664 0.19 -25.11 -27.81
C LEU O 664 -0.21 -23.64 -27.81
N GLU O 665 -0.43 -23.06 -28.99
CA GLU O 665 -0.85 -21.66 -29.07
C GLU O 665 -2.22 -21.45 -28.46
N CYS O 666 -3.14 -22.39 -28.68
CA CYS O 666 -4.47 -22.28 -28.08
C CYS O 666 -4.39 -22.38 -26.56
N LEU O 667 -3.55 -23.27 -26.04
CA LEU O 667 -3.40 -23.38 -24.59
C LEU O 667 -2.76 -22.12 -24.01
N ARG O 668 -1.80 -21.53 -24.73
CA ARG O 668 -1.19 -20.29 -24.26
C ARG O 668 -2.21 -19.15 -24.24
N ALA O 669 -3.03 -19.05 -25.29
CA ALA O 669 -4.06 -18.03 -25.32
C ALA O 669 -5.09 -18.24 -24.22
N MET O 670 -5.41 -19.50 -23.92
CA MET O 670 -6.36 -19.78 -22.84
C MET O 670 -5.76 -19.44 -21.48
N LEU O 671 -4.46 -19.70 -21.30
CA LEU O 671 -3.79 -19.35 -20.06
C LEU O 671 -3.61 -17.84 -19.89
N SER O 672 -3.52 -17.09 -21.00
CA SER O 672 -3.52 -15.65 -20.90
C SER O 672 -4.84 -15.09 -20.37
N ALA O 673 -5.92 -15.84 -20.51
CA ALA O 673 -7.21 -15.47 -19.95
C ALA O 673 -7.74 -16.61 -19.08
N ASN O 674 -6.88 -17.14 -18.22
CA ASN O 674 -7.18 -18.36 -17.46
C ASN O 674 -8.20 -18.12 -16.36
N ILE O 675 -9.48 -18.18 -16.72
CA ILE O 675 -10.55 -18.12 -15.74
C ILE O 675 -10.61 -19.44 -14.97
N ARG O 676 -11.22 -19.40 -13.78
CA ARG O 676 -11.37 -20.62 -13.00
C ARG O 676 -12.28 -21.65 -13.69
N GLN O 677 -13.10 -21.22 -14.64
CA GLN O 677 -13.98 -22.15 -15.32
C GLN O 677 -13.22 -23.02 -16.32
N ASN O 678 -12.34 -22.41 -17.11
CA ASN O 678 -11.54 -23.13 -18.10
C ASN O 678 -10.16 -23.50 -17.58
N LEU O 679 -10.02 -23.76 -16.28
CA LEU O 679 -8.74 -24.14 -15.69
C LEU O 679 -8.52 -25.65 -15.78
N GLN O 680 -9.54 -26.44 -15.40
CA GLN O 680 -9.40 -27.89 -15.44
C GLN O 680 -9.33 -28.43 -16.86
N ILE O 681 -9.88 -27.70 -17.83
CA ILE O 681 -9.81 -28.16 -19.22
C ILE O 681 -8.39 -28.08 -19.75
N CYS O 682 -7.56 -27.21 -19.17
CA CYS O 682 -6.15 -27.15 -19.54
C CYS O 682 -5.40 -28.39 -19.10
N VAL O 683 -5.94 -29.14 -18.15
CA VAL O 683 -5.31 -30.37 -17.68
C VAL O 683 -5.96 -31.56 -18.37
N GLN O 684 -7.27 -31.48 -18.60
CA GLN O 684 -7.98 -32.57 -19.27
C GLN O 684 -7.51 -32.73 -20.71
N VAL O 685 -7.37 -31.62 -21.42
CA VAL O 685 -6.92 -31.67 -22.81
C VAL O 685 -5.44 -32.04 -22.88
N ALA O 686 -4.64 -31.53 -21.93
CA ALA O 686 -3.21 -31.79 -21.96
C ALA O 686 -2.88 -33.27 -21.77
N SER O 687 -3.71 -34.00 -21.02
CA SER O 687 -3.48 -35.42 -20.79
C SER O 687 -4.13 -36.29 -21.86
N LYS O 688 -3.94 -35.95 -23.13
CA LYS O 688 -4.38 -36.81 -24.23
C LYS O 688 -3.24 -37.01 -25.23
N TYR O 689 -2.44 -35.97 -25.42
CA TYR O 689 -1.37 -35.98 -26.41
C TYR O 689 0.00 -36.27 -25.81
N HIS O 690 0.14 -36.18 -24.49
CA HIS O 690 1.43 -36.44 -23.86
C HIS O 690 1.87 -37.88 -24.04
N GLU O 691 0.91 -38.80 -24.20
CA GLU O 691 1.26 -40.21 -24.42
C GLU O 691 1.97 -40.42 -25.74
N GLN O 692 1.79 -39.53 -26.71
CA GLN O 692 2.47 -39.65 -28.00
C GLN O 692 3.75 -38.84 -28.06
N LEU O 693 3.69 -37.56 -27.70
CA LEU O 693 4.87 -36.68 -27.73
C LEU O 693 4.84 -35.81 -26.48
N SER O 694 5.63 -36.20 -25.47
CA SER O 694 5.74 -35.44 -24.24
C SER O 694 6.89 -34.43 -24.34
N THR O 695 6.73 -33.49 -25.27
CA THR O 695 7.76 -32.49 -25.51
C THR O 695 7.88 -31.55 -24.32
N GLN O 696 9.09 -31.00 -24.14
CA GLN O 696 9.33 -30.07 -23.05
C GLN O 696 8.71 -28.70 -23.28
N SER O 697 8.25 -28.42 -24.49
CA SER O 697 7.64 -27.12 -24.78
C SER O 697 6.36 -26.92 -23.98
N LEU O 698 5.55 -27.98 -23.85
CA LEU O 698 4.31 -27.88 -23.08
C LEU O 698 4.61 -27.61 -21.61
N ILE O 699 5.59 -28.33 -21.05
CA ILE O 699 5.96 -28.13 -19.65
C ILE O 699 6.54 -26.73 -19.45
N GLU O 700 7.29 -26.23 -20.42
CA GLU O 700 7.85 -24.88 -20.30
C GLU O 700 6.75 -23.83 -20.35
N LEU O 701 5.76 -24.02 -21.23
CA LEU O 701 4.63 -23.09 -21.29
C LEU O 701 3.80 -23.15 -20.02
N PHE O 702 3.69 -24.34 -19.41
CA PHE O 702 2.93 -24.46 -18.17
C PHE O 702 3.64 -23.79 -17.02
N GLU O 703 4.94 -24.07 -16.86
CA GLU O 703 5.70 -23.49 -15.76
C GLU O 703 5.97 -22.00 -15.92
N SER O 704 5.70 -21.44 -17.11
CA SER O 704 5.89 -20.00 -17.31
C SER O 704 4.97 -19.19 -16.41
N PHE O 705 3.78 -19.70 -16.12
CA PHE O 705 2.85 -19.04 -15.21
C PHE O 705 3.09 -19.53 -13.79
N LYS O 706 2.18 -19.19 -12.88
CA LYS O 706 2.32 -19.64 -11.50
C LYS O 706 2.20 -21.15 -11.40
N SER O 707 1.10 -21.71 -11.92
CA SER O 707 0.85 -23.15 -11.93
C SER O 707 0.92 -23.73 -10.51
N PHE O 708 -0.02 -23.30 -9.67
CA PHE O 708 -0.08 -23.78 -8.30
C PHE O 708 -0.33 -25.28 -8.25
N GLU O 709 -1.44 -25.73 -8.84
CA GLU O 709 -1.80 -27.13 -8.85
C GLU O 709 -2.07 -27.66 -10.25
N GLY O 710 -1.79 -26.87 -11.30
CA GLY O 710 -1.99 -27.36 -12.65
C GLY O 710 -1.01 -28.46 -13.02
N LEU O 711 0.28 -28.20 -12.81
CA LEU O 711 1.29 -29.21 -13.09
C LEU O 711 1.13 -30.43 -12.20
N PHE O 712 0.69 -30.23 -10.95
CA PHE O 712 0.46 -31.37 -10.05
C PHE O 712 -0.63 -32.28 -10.59
N TYR O 713 -1.77 -31.72 -10.96
CA TYR O 713 -2.86 -32.53 -11.49
C TYR O 713 -2.51 -33.11 -12.85
N PHE O 714 -1.66 -32.43 -13.61
CA PHE O 714 -1.23 -32.94 -14.91
C PHE O 714 -0.34 -34.16 -14.74
N LEU O 715 0.66 -34.08 -13.87
CA LEU O 715 1.62 -35.15 -13.67
C LEU O 715 1.14 -36.22 -12.70
N GLY O 716 -0.01 -36.03 -12.05
CA GLY O 716 -0.55 -37.07 -11.18
C GLY O 716 -0.76 -38.40 -11.85
N SER O 717 -1.01 -38.42 -13.15
CA SER O 717 -1.19 -39.65 -13.90
C SER O 717 0.02 -40.00 -14.75
N ILE O 718 1.11 -39.24 -14.64
CA ILE O 718 2.31 -39.49 -15.43
C ILE O 718 3.50 -39.93 -14.59
N VAL O 719 3.41 -39.88 -13.26
CA VAL O 719 4.50 -40.36 -12.41
C VAL O 719 4.77 -41.83 -12.67
N ASN O 720 3.72 -42.62 -12.78
CA ASN O 720 3.86 -44.03 -13.12
C ASN O 720 4.10 -44.19 -14.62
N PHE O 721 4.69 -45.33 -14.99
CA PHE O 721 5.01 -45.64 -16.39
C PHE O 721 5.92 -44.57 -16.99
N SER O 722 6.89 -44.11 -16.20
CA SER O 722 7.82 -43.09 -16.65
C SER O 722 9.08 -43.17 -15.79
N GLN O 723 10.21 -42.77 -16.40
CA GLN O 723 11.49 -42.83 -15.71
C GLN O 723 12.30 -41.54 -15.89
N ASP O 724 11.66 -40.43 -16.21
CA ASP O 724 12.43 -39.22 -16.41
C ASP O 724 12.64 -38.50 -15.08
N PRO O 725 13.88 -38.08 -14.78
CA PRO O 725 14.12 -37.39 -13.51
C PRO O 725 13.52 -36.00 -13.47
N ASP O 726 13.54 -35.28 -14.58
CA ASP O 726 13.03 -33.90 -14.60
C ASP O 726 11.53 -33.86 -14.36
N VAL O 727 10.79 -34.84 -14.88
CA VAL O 727 9.36 -34.88 -14.68
C VAL O 727 9.03 -35.04 -13.20
N HIS O 728 9.70 -35.98 -12.52
CA HIS O 728 9.46 -36.20 -11.10
C HIS O 728 9.91 -35.00 -10.28
N PHE O 729 11.03 -34.37 -10.67
CA PHE O 729 11.50 -33.20 -9.95
C PHE O 729 10.51 -32.03 -10.06
N LYS O 730 9.96 -31.81 -11.26
CA LYS O 730 8.97 -30.76 -11.42
C LYS O 730 7.66 -31.10 -10.71
N TYR O 731 7.30 -32.38 -10.65
CA TYR O 731 6.13 -32.78 -9.88
C TYR O 731 6.34 -32.48 -8.39
N ILE O 732 7.53 -32.79 -7.87
CA ILE O 732 7.82 -32.48 -6.48
C ILE O 732 7.79 -30.97 -6.25
N GLN O 733 8.34 -30.20 -7.18
CA GLN O 733 8.31 -28.74 -7.05
C GLN O 733 6.88 -28.21 -7.03
N ALA O 734 6.02 -28.74 -7.91
CA ALA O 734 4.63 -28.31 -7.94
C ALA O 734 3.89 -28.75 -6.67
N ALA O 735 4.33 -29.85 -6.06
CA ALA O 735 3.72 -30.29 -4.81
C ALA O 735 4.13 -29.43 -3.63
N CYS O 736 5.15 -28.58 -3.79
CA CYS O 736 5.60 -27.71 -2.71
C CYS O 736 4.85 -26.39 -2.65
N LYS O 737 4.12 -26.02 -3.70
CA LYS O 737 3.36 -24.78 -3.69
C LYS O 737 2.15 -24.88 -2.76
N THR O 738 1.39 -25.97 -2.86
CA THR O 738 0.31 -26.28 -1.94
C THR O 738 0.65 -27.57 -1.21
N GLY O 739 0.60 -27.52 0.12
CA GLY O 739 1.10 -28.62 0.91
C GLY O 739 0.35 -29.93 0.75
N GLN O 740 0.97 -30.87 0.06
CA GLN O 740 0.49 -32.25 -0.07
C GLN O 740 1.65 -33.22 0.02
N ILE O 741 2.57 -32.97 0.95
CA ILE O 741 3.83 -33.69 1.01
C ILE O 741 3.63 -35.17 1.37
N LYS O 742 2.44 -35.55 1.83
CA LYS O 742 2.17 -36.94 2.14
C LYS O 742 2.21 -37.83 0.90
N GLU O 743 1.97 -37.25 -0.28
CA GLU O 743 1.99 -37.99 -1.53
C GLU O 743 3.35 -38.00 -2.20
N VAL O 744 4.32 -37.26 -1.67
CA VAL O 744 5.65 -37.17 -2.24
C VAL O 744 6.60 -38.19 -1.63
N GLU O 745 6.39 -38.55 -0.37
CA GLU O 745 7.25 -39.53 0.29
C GLU O 745 7.13 -40.90 -0.36
N ARG O 746 5.97 -41.21 -0.94
CA ARG O 746 5.78 -42.52 -1.56
C ARG O 746 6.59 -42.66 -2.84
N ILE O 747 6.57 -41.65 -3.70
CA ILE O 747 7.26 -41.75 -4.98
C ILE O 747 8.77 -41.69 -4.80
N CYS O 748 9.25 -41.11 -3.69
CA CYS O 748 10.69 -41.08 -3.44
C CYS O 748 11.22 -42.49 -3.17
N ARG O 749 10.43 -43.32 -2.51
CA ARG O 749 10.84 -44.70 -2.26
C ARG O 749 10.51 -45.60 -3.44
N GLU O 750 9.38 -45.36 -4.09
CA GLU O 750 8.98 -46.20 -5.22
C GLU O 750 9.89 -45.96 -6.42
N SER O 751 9.92 -44.72 -6.92
CA SER O 751 10.74 -44.40 -8.08
C SER O 751 12.21 -44.35 -7.69
N ASN O 752 13.07 -44.84 -8.60
CA ASN O 752 14.51 -44.84 -8.38
C ASN O 752 15.26 -44.38 -9.63
N CYS O 753 14.68 -43.45 -10.38
CA CYS O 753 15.26 -42.95 -11.62
C CYS O 753 15.36 -41.43 -11.59
N TYR O 754 15.87 -40.90 -10.47
CA TYR O 754 16.03 -39.46 -10.31
C TYR O 754 17.30 -39.19 -9.52
N ASP O 755 17.76 -37.95 -9.60
CA ASP O 755 18.96 -37.53 -8.88
C ASP O 755 18.58 -37.00 -7.51
N PRO O 756 18.94 -37.71 -6.43
CA PRO O 756 18.56 -37.26 -5.09
C PRO O 756 19.28 -36.00 -4.63
N GLU O 757 20.38 -35.62 -5.28
CA GLU O 757 21.12 -34.44 -4.88
C GLU O 757 20.29 -33.16 -5.06
N ARG O 758 19.81 -32.93 -6.29
CA ARG O 758 19.00 -31.75 -6.55
C ARG O 758 17.69 -31.80 -5.76
N VAL O 759 17.15 -33.00 -5.55
CA VAL O 759 15.92 -33.15 -4.78
C VAL O 759 16.12 -32.67 -3.34
N LYS O 760 17.17 -33.17 -2.69
CA LYS O 760 17.42 -32.76 -1.32
C LYS O 760 17.85 -31.30 -1.23
N ASN O 761 18.50 -30.78 -2.28
CA ASN O 761 18.84 -29.36 -2.29
C ASN O 761 17.58 -28.50 -2.34
N PHE O 762 16.63 -28.87 -3.20
CA PHE O 762 15.38 -28.12 -3.27
C PHE O 762 14.57 -28.28 -1.98
N LEU O 763 14.67 -29.45 -1.33
CA LEU O 763 13.99 -29.64 -0.07
C LEU O 763 14.58 -28.76 1.02
N LYS O 764 15.91 -28.64 1.05
CA LYS O 764 16.56 -27.75 2.01
C LYS O 764 16.28 -26.28 1.70
N GLU O 765 16.09 -25.93 0.43
CA GLU O 765 15.77 -24.55 0.09
C GLU O 765 14.31 -24.24 0.42
N ALA O 766 13.39 -25.06 -0.08
CA ALA O 766 11.95 -24.86 0.18
C ALA O 766 11.62 -25.47 1.54
N LYS O 767 11.71 -24.63 2.57
CA LYS O 767 11.42 -25.07 3.93
C LYS O 767 9.94 -25.29 4.12
N LEU O 768 9.56 -26.55 4.39
CA LEU O 768 8.15 -26.88 4.59
C LEU O 768 7.74 -26.64 6.05
N THR O 769 8.72 -26.46 6.94
CA THR O 769 8.51 -26.19 8.36
C THR O 769 7.96 -27.41 9.08
N ASP O 770 7.71 -28.48 8.34
CA ASP O 770 7.25 -29.76 8.88
C ASP O 770 7.77 -30.92 8.02
N GLN O 771 8.93 -30.71 7.40
CA GLN O 771 9.49 -31.67 6.45
C GLN O 771 10.05 -32.90 7.15
N LEU O 772 9.41 -34.04 6.91
CA LEU O 772 10.04 -35.32 7.23
C LEU O 772 9.90 -36.37 6.13
N PRO O 773 10.02 -36.02 4.82
CA PRO O 773 10.32 -37.07 3.83
C PRO O 773 11.81 -37.23 3.66
N LEU O 774 12.55 -36.18 4.03
CA LEU O 774 14.00 -36.18 3.82
C LEU O 774 14.68 -37.22 4.71
N ILE O 775 14.16 -37.41 5.93
CA ILE O 775 14.74 -38.37 6.87
C ILE O 775 14.46 -39.78 6.38
N ILE O 776 13.64 -39.93 5.36
CA ILE O 776 13.32 -41.22 4.77
C ILE O 776 14.09 -41.46 3.48
N VAL O 777 14.04 -40.50 2.55
CA VAL O 777 14.76 -40.66 1.29
C VAL O 777 16.27 -40.61 1.52
N CYS O 778 16.73 -39.85 2.50
CA CYS O 778 18.15 -39.77 2.80
C CYS O 778 18.66 -41.11 3.34
N ASP O 779 17.88 -41.74 4.22
CA ASP O 779 18.22 -43.08 4.69
C ASP O 779 18.10 -44.11 3.56
N ARG O 780 17.18 -43.89 2.62
CA ARG O 780 17.10 -44.77 1.46
C ARG O 780 18.35 -44.66 0.59
N PHE O 781 18.94 -43.46 0.52
CA PHE O 781 20.18 -43.25 -0.22
C PHE O 781 21.42 -43.27 0.65
N ASP O 782 21.26 -43.42 1.97
CA ASP O 782 22.39 -43.55 2.91
C ASP O 782 23.32 -42.35 2.85
N PHE O 783 22.79 -41.18 3.22
CA PHE O 783 23.57 -39.95 3.34
C PHE O 783 23.21 -39.20 4.62
N VAL O 784 22.87 -39.95 5.67
CA VAL O 784 22.41 -39.31 6.91
C VAL O 784 23.54 -38.64 7.68
N HIS O 785 24.79 -38.93 7.34
CA HIS O 785 25.92 -38.33 8.05
C HIS O 785 25.89 -36.81 7.96
N ASP O 786 25.39 -36.26 6.85
CA ASP O 786 25.19 -34.83 6.73
C ASP O 786 23.79 -34.38 7.12
N LEU O 787 22.80 -35.28 7.01
CA LEU O 787 21.43 -34.92 7.39
C LEU O 787 21.32 -34.64 8.88
N VAL O 788 21.97 -35.48 9.70
CA VAL O 788 21.93 -35.28 11.15
C VAL O 788 22.57 -33.95 11.52
N LEU O 789 23.69 -33.62 10.86
CA LEU O 789 24.37 -32.37 11.14
C LEU O 789 23.53 -31.17 10.69
N TYR O 790 22.88 -31.28 9.53
CA TYR O 790 22.01 -30.20 9.06
C TYR O 790 20.84 -29.99 10.02
N LEU O 791 20.29 -31.09 10.54
CA LEU O 791 19.20 -30.97 11.50
C LEU O 791 19.68 -30.32 12.79
N TYR O 792 20.85 -30.73 13.29
CA TYR O 792 21.39 -30.11 14.50
C TYR O 792 21.66 -28.62 14.27
N ARG O 793 22.05 -28.25 13.05
CA ARG O 793 22.27 -26.84 12.73
C ARG O 793 20.95 -26.07 12.74
N ASN O 794 19.95 -26.58 12.03
CA ASN O 794 18.67 -25.88 11.95
C ASN O 794 17.92 -25.96 13.28
N ASN O 795 17.45 -27.16 13.64
CA ASN O 795 16.68 -27.35 14.86
C ASN O 795 16.57 -28.84 15.18
N LEU O 796 16.66 -29.18 16.47
CA LEU O 796 16.65 -30.57 16.91
C LEU O 796 15.64 -30.68 18.07
N GLN O 797 14.39 -30.95 17.74
CA GLN O 797 13.33 -31.16 18.72
C GLN O 797 12.67 -32.53 18.61
N LYS O 798 12.24 -32.92 17.41
CA LYS O 798 11.57 -34.21 17.22
C LYS O 798 12.00 -34.95 15.95
N TYR O 799 12.81 -34.34 15.09
CA TYR O 799 13.16 -34.96 13.81
C TYR O 799 13.86 -36.29 14.02
N ILE O 800 14.97 -36.29 14.75
CA ILE O 800 15.72 -37.52 14.99
C ILE O 800 14.88 -38.51 15.79
N GLU O 801 14.05 -38.01 16.71
CA GLU O 801 13.21 -38.88 17.52
C GLU O 801 12.24 -39.67 16.66
N ILE O 802 11.43 -38.96 15.86
CA ILE O 802 10.47 -39.66 14.99
C ILE O 802 11.19 -40.48 13.95
N TYR O 803 12.39 -40.05 13.53
CA TYR O 803 13.19 -40.83 12.58
C TYR O 803 13.52 -42.21 13.17
N VAL O 804 14.20 -42.23 14.32
CA VAL O 804 14.60 -43.50 14.93
C VAL O 804 13.37 -44.26 15.42
N GLN O 805 12.23 -43.59 15.57
CA GLN O 805 11.02 -44.28 16.00
C GLN O 805 10.38 -45.04 14.85
N LYS O 806 10.09 -44.35 13.75
CA LYS O 806 9.28 -44.94 12.68
C LYS O 806 10.11 -45.28 11.44
N VAL O 807 11.01 -44.39 11.03
CA VAL O 807 11.65 -44.55 9.73
C VAL O 807 12.61 -45.74 9.72
N ASN O 808 13.69 -45.65 10.50
CA ASN O 808 14.67 -46.73 10.48
C ASN O 808 15.44 -46.75 11.79
N PRO O 809 15.02 -47.55 12.76
CA PRO O 809 15.74 -47.61 14.05
C PRO O 809 17.08 -48.31 13.96
N SER O 810 17.41 -48.95 12.84
CA SER O 810 18.67 -49.65 12.70
C SER O 810 19.85 -48.72 12.46
N ARG O 811 19.60 -47.42 12.27
CA ARG O 811 20.66 -46.44 12.06
C ARG O 811 20.92 -45.61 13.30
N LEU O 812 20.57 -46.12 14.49
CA LEU O 812 20.82 -45.39 15.72
C LEU O 812 22.30 -45.14 15.98
N PRO O 813 23.21 -46.11 15.82
CA PRO O 813 24.62 -45.80 16.07
C PRO O 813 25.20 -44.75 15.13
N VAL O 814 24.75 -44.72 13.87
CA VAL O 814 25.23 -43.70 12.95
C VAL O 814 24.81 -42.31 13.41
N VAL O 815 23.55 -42.17 13.83
CA VAL O 815 23.08 -40.87 14.32
C VAL O 815 23.78 -40.49 15.61
N ILE O 816 24.05 -41.46 16.49
CA ILE O 816 24.77 -41.17 17.72
C ILE O 816 26.18 -40.68 17.41
N GLY O 817 26.87 -41.34 16.47
CA GLY O 817 28.19 -40.88 16.09
C GLY O 817 28.17 -39.50 15.45
N GLY O 818 27.16 -39.23 14.63
CA GLY O 818 27.05 -37.91 14.03
C GLY O 818 26.81 -36.83 15.06
N LEU O 819 25.97 -37.12 16.06
CA LEU O 819 25.72 -36.16 17.12
C LEU O 819 26.93 -35.97 18.01
N LEU O 820 27.73 -37.02 18.21
CA LEU O 820 28.95 -36.91 19.00
C LEU O 820 30.09 -36.22 18.26
N ASP O 821 30.08 -36.25 16.93
CA ASP O 821 31.07 -35.52 16.17
C ASP O 821 30.93 -34.02 16.38
N VAL O 822 29.69 -33.52 16.40
CA VAL O 822 29.44 -32.11 16.67
C VAL O 822 29.48 -31.78 18.15
N ASP O 823 29.59 -32.80 19.01
CA ASP O 823 29.66 -32.63 20.46
C ASP O 823 28.43 -31.89 21.00
N CYS O 824 27.27 -32.50 20.77
CA CYS O 824 26.02 -31.95 21.27
C CYS O 824 25.86 -32.28 22.75
N SER O 825 24.70 -31.91 23.30
CA SER O 825 24.41 -32.19 24.70
C SER O 825 24.22 -33.69 24.91
N GLU O 826 24.89 -34.22 25.93
CA GLU O 826 24.79 -35.64 26.23
C GLU O 826 23.42 -36.02 26.80
N ASP O 827 22.76 -35.07 27.47
CA ASP O 827 21.43 -35.34 28.01
C ASP O 827 20.44 -35.65 26.90
N VAL O 828 20.58 -34.98 25.75
CA VAL O 828 19.70 -35.24 24.62
C VAL O 828 19.84 -36.68 24.14
N ILE O 829 21.09 -37.14 24.04
CA ILE O 829 21.33 -38.52 23.58
C ILE O 829 20.84 -39.51 24.63
N LYS O 830 21.05 -39.21 25.91
CA LYS O 830 20.59 -40.12 26.96
C LYS O 830 19.07 -40.20 27.02
N ASN O 831 18.38 -39.12 26.67
CA ASN O 831 16.93 -39.16 26.62
C ASN O 831 16.44 -39.83 25.33
N LEU O 832 17.21 -39.71 24.25
CA LEU O 832 16.82 -40.33 22.99
C LEU O 832 16.98 -41.84 23.03
N ILE O 833 18.04 -42.33 23.67
CA ILE O 833 18.26 -43.78 23.71
C ILE O 833 17.22 -44.49 24.57
N LEU O 834 16.54 -43.76 25.47
CA LEU O 834 15.51 -44.38 26.29
C LEU O 834 14.25 -44.72 25.50
N VAL O 835 14.07 -44.12 24.32
CA VAL O 835 12.91 -44.43 23.50
C VAL O 835 13.00 -45.87 23.01
N VAL O 836 11.84 -46.53 22.92
CA VAL O 836 11.81 -47.92 22.49
C VAL O 836 12.32 -48.04 21.05
N ARG O 837 12.85 -49.22 20.73
CA ARG O 837 13.45 -49.50 19.44
C ARG O 837 12.74 -50.69 18.78
N GLY O 838 13.01 -50.86 17.49
CA GLY O 838 12.55 -52.01 16.76
C GLY O 838 13.70 -52.91 16.35
N GLN O 839 14.14 -52.80 15.11
CA GLN O 839 15.32 -53.50 14.66
C GLN O 839 16.56 -52.64 14.89
N PHE O 840 17.54 -53.20 15.59
CA PHE O 840 18.74 -52.45 15.95
C PHE O 840 19.89 -53.42 16.14
N SER O 841 21.09 -52.86 16.22
CA SER O 841 22.31 -53.62 16.44
C SER O 841 23.01 -53.10 17.70
N THR O 842 23.55 -54.02 18.49
CA THR O 842 24.20 -53.68 19.75
C THR O 842 25.72 -53.69 19.65
N ASP O 843 26.29 -54.71 19.00
CA ASP O 843 27.74 -54.82 18.92
C ASP O 843 28.36 -53.69 18.11
N GLU O 844 27.61 -53.07 17.21
CA GLU O 844 28.12 -51.94 16.43
C GLU O 844 27.94 -50.61 17.15
N LEU O 845 26.86 -50.43 17.91
CA LEU O 845 26.65 -49.19 18.63
C LEU O 845 27.73 -48.99 19.70
N VAL O 846 28.05 -50.06 20.44
CA VAL O 846 29.08 -49.96 21.46
C VAL O 846 30.44 -49.68 20.83
N ALA O 847 30.69 -50.25 19.66
CA ALA O 847 31.96 -49.99 18.97
C ALA O 847 32.05 -48.55 18.52
N GLU O 848 30.96 -48.01 17.97
CA GLU O 848 30.95 -46.61 17.56
C GLU O 848 31.11 -45.67 18.75
N VAL O 849 30.47 -46.00 19.87
CA VAL O 849 30.60 -45.16 21.06
C VAL O 849 32.02 -45.24 21.62
N GLU O 850 32.65 -46.42 21.57
CA GLU O 850 34.04 -46.54 22.00
C GLU O 850 34.96 -45.75 21.09
N LYS O 851 34.69 -45.75 19.78
CA LYS O 851 35.46 -44.91 18.87
C LYS O 851 35.27 -43.44 19.17
N ARG O 852 34.06 -43.05 19.60
CA ARG O 852 33.79 -41.68 19.99
C ARG O 852 34.21 -41.38 21.43
N ASN O 853 34.55 -42.39 22.22
CA ASN O 853 35.01 -42.22 23.60
C ASN O 853 33.97 -41.52 24.47
N ARG O 854 32.74 -42.05 24.43
CA ARG O 854 31.63 -41.55 25.22
C ARG O 854 30.86 -42.70 25.85
N LEU O 855 31.59 -43.67 26.39
CA LEU O 855 31.01 -44.89 26.93
C LEU O 855 30.16 -44.66 28.18
N LYS O 856 30.12 -43.45 28.71
CA LYS O 856 29.34 -43.14 29.90
C LYS O 856 27.90 -42.75 29.58
N LEU O 857 27.44 -43.00 28.35
CA LEU O 857 26.08 -42.64 27.95
C LEU O 857 25.13 -43.82 27.88
N LEU O 858 25.63 -45.01 27.56
CA LEU O 858 24.78 -46.19 27.40
C LEU O 858 24.48 -46.89 28.73
N LEU O 859 25.04 -46.40 29.83
CA LEU O 859 24.80 -47.04 31.12
C LEU O 859 23.34 -47.05 31.55
N PRO O 860 22.57 -45.95 31.47
CA PRO O 860 21.15 -46.04 31.84
C PRO O 860 20.36 -46.98 30.95
N TRP O 861 20.66 -47.03 29.66
CA TRP O 861 19.95 -47.96 28.78
C TRP O 861 20.25 -49.40 29.15
N LEU O 862 21.50 -49.71 29.47
CA LEU O 862 21.85 -51.07 29.89
C LEU O 862 21.19 -51.41 31.22
N GLU O 863 21.12 -50.45 32.13
CA GLU O 863 20.44 -50.67 33.41
C GLU O 863 18.97 -50.98 33.20
N ALA O 864 18.30 -50.19 32.34
CA ALA O 864 16.90 -50.46 32.04
C ALA O 864 16.73 -51.81 31.36
N ARG O 865 17.65 -52.19 30.46
CA ARG O 865 17.53 -53.46 29.76
C ARG O 865 17.69 -54.64 30.71
N ILE O 866 18.66 -54.55 31.63
CA ILE O 866 18.84 -55.63 32.60
C ILE O 866 17.73 -55.62 33.64
N HIS O 867 17.07 -54.48 33.87
CA HIS O 867 15.91 -54.46 34.74
C HIS O 867 14.70 -55.10 34.07
N GLU O 868 14.58 -54.95 32.76
CA GLU O 868 13.47 -55.58 32.05
C GLU O 868 13.61 -57.11 32.03
N GLY O 869 14.84 -57.61 32.08
CA GLY O 869 15.06 -59.04 32.10
C GLY O 869 15.49 -59.60 30.76
N CYS O 870 16.31 -58.85 30.03
CA CYS O 870 16.78 -59.29 28.71
C CYS O 870 18.02 -60.17 28.89
N GLU O 871 17.94 -61.41 28.42
CA GLU O 871 19.06 -62.35 28.52
C GLU O 871 19.90 -62.35 27.25
N GLU O 872 20.46 -61.19 26.90
CA GLU O 872 21.29 -61.05 25.73
C GLU O 872 22.76 -60.93 26.12
N PRO O 873 23.65 -61.68 25.46
CA PRO O 873 25.07 -61.61 25.81
C PRO O 873 25.68 -60.24 25.54
N ALA O 874 25.22 -59.55 24.50
CA ALA O 874 25.78 -58.23 24.18
C ALA O 874 25.44 -57.22 25.27
N THR O 875 24.19 -57.24 25.76
CA THR O 875 23.79 -56.33 26.82
C THR O 875 24.49 -56.61 28.14
N HIS O 876 25.16 -57.75 28.27
CA HIS O 876 25.98 -58.06 29.43
C HIS O 876 27.45 -57.79 29.19
N ASN O 877 27.96 -58.08 27.99
CA ASN O 877 29.34 -57.75 27.67
C ASN O 877 29.56 -56.24 27.69
N ALA O 878 28.60 -55.47 27.18
CA ALA O 878 28.72 -54.02 27.23
C ALA O 878 28.70 -53.48 28.66
N LEU O 879 27.83 -54.04 29.51
CA LEU O 879 27.81 -53.61 30.91
C LEU O 879 29.11 -53.99 31.62
N ALA O 880 29.67 -55.15 31.29
CA ALA O 880 30.95 -55.54 31.87
C ALA O 880 32.06 -54.61 31.44
N LYS O 881 32.08 -54.23 30.16
CA LYS O 881 33.09 -53.28 29.68
C LYS O 881 32.93 -51.92 30.34
N ILE O 882 31.69 -51.46 30.52
CA ILE O 882 31.47 -50.19 31.21
C ILE O 882 31.93 -50.27 32.66
N TYR O 883 31.68 -51.39 33.33
CA TYR O 883 32.18 -51.56 34.70
C TYR O 883 33.70 -51.59 34.74
N ILE O 884 34.34 -52.22 33.75
CA ILE O 884 35.80 -52.22 33.69
C ILE O 884 36.32 -50.80 33.52
N ASP O 885 35.67 -50.01 32.65
CA ASP O 885 36.04 -48.62 32.48
C ASP O 885 35.56 -47.72 33.61
N SER O 886 34.84 -48.28 34.60
CA SER O 886 34.30 -47.47 35.69
C SER O 886 35.30 -47.25 36.82
N ASN O 887 36.53 -47.77 36.69
CA ASN O 887 37.59 -47.59 37.69
C ASN O 887 37.17 -48.16 39.05
N ASN O 888 36.56 -49.34 39.03
CA ASN O 888 36.18 -50.03 40.26
C ASN O 888 36.79 -51.42 40.27
N ASN O 889 36.40 -52.25 41.24
CA ASN O 889 36.84 -53.64 41.28
C ASN O 889 35.68 -54.56 40.87
N PRO O 890 35.56 -54.88 39.57
CA PRO O 890 34.43 -55.73 39.11
C PRO O 890 34.73 -57.21 39.28
N GLU O 891 34.59 -57.70 40.50
CA GLU O 891 34.80 -59.11 40.81
C GLU O 891 33.50 -59.84 41.14
N ARG O 892 32.57 -59.18 41.83
CA ARG O 892 31.29 -59.81 42.11
C ARG O 892 30.45 -59.97 40.85
N PHE O 893 30.54 -59.00 39.92
CA PHE O 893 29.76 -59.08 38.70
C PHE O 893 30.20 -60.25 37.83
N LEU O 894 31.48 -60.60 37.86
CA LEU O 894 31.96 -61.72 37.07
C LEU O 894 31.62 -63.05 37.72
N ARG O 895 31.63 -63.10 39.06
CA ARG O 895 31.34 -64.35 39.76
C ARG O 895 29.84 -64.57 39.98
N GLU O 896 28.99 -63.59 39.68
CA GLU O 896 27.56 -63.73 39.87
C GLU O 896 26.74 -63.72 38.59
N ASN O 897 27.23 -63.07 37.53
CA ASN O 897 26.48 -63.02 36.27
C ASN O 897 26.95 -64.12 35.35
N PRO O 898 26.10 -65.10 35.02
CA PRO O 898 26.51 -66.18 34.10
C PRO O 898 26.13 -65.96 32.65
N TYR O 899 25.66 -64.76 32.28
CA TYR O 899 25.14 -64.56 30.93
C TYR O 899 26.22 -64.06 29.97
N TYR O 900 27.25 -63.39 30.47
CA TYR O 900 28.26 -62.82 29.59
C TYR O 900 29.09 -63.92 28.93
N ASP O 901 29.80 -63.54 27.88
CA ASP O 901 30.65 -64.45 27.12
C ASP O 901 32.08 -64.35 27.63
N SER O 902 32.75 -65.49 27.74
CA SER O 902 34.11 -65.50 28.28
C SER O 902 35.11 -64.95 27.27
N ARG O 903 34.91 -65.22 25.98
CA ARG O 903 35.90 -64.83 24.97
C ARG O 903 36.01 -63.32 24.86
N VAL O 904 34.88 -62.61 24.81
CA VAL O 904 34.90 -61.17 24.65
C VAL O 904 35.55 -60.49 25.85
N VAL O 905 35.15 -60.89 27.05
CA VAL O 905 35.70 -60.29 28.26
C VAL O 905 37.18 -60.62 28.40
N GLY O 906 37.57 -61.83 27.97
CA GLY O 906 38.97 -62.20 28.05
C GLY O 906 39.84 -61.42 27.09
N LYS O 907 39.35 -61.22 25.86
CA LYS O 907 40.09 -60.41 24.90
C LYS O 907 40.12 -58.94 25.32
N TYR O 908 39.08 -58.49 26.02
CA TYR O 908 39.05 -57.10 26.48
C TYR O 908 39.95 -56.92 27.70
N CYS O 909 40.02 -57.91 28.57
CA CYS O 909 40.85 -57.86 29.77
C CYS O 909 42.26 -58.37 29.53
N GLU O 910 42.64 -58.63 28.28
CA GLU O 910 43.98 -59.13 27.99
C GLU O 910 45.04 -58.09 28.34
N LYS O 911 44.89 -56.89 27.80
CA LYS O 911 45.85 -55.82 28.08
C LYS O 911 45.43 -54.97 29.27
N ARG O 912 44.21 -55.15 29.78
CA ARG O 912 43.72 -54.33 30.89
C ARG O 912 43.95 -54.99 32.24
N ASP O 913 43.40 -56.19 32.45
CA ASP O 913 43.51 -56.88 33.72
C ASP O 913 43.40 -58.38 33.51
N PRO O 914 44.52 -59.10 33.43
CA PRO O 914 44.45 -60.56 33.23
C PRO O 914 43.87 -61.31 34.41
N HIS O 915 43.85 -60.72 35.60
CA HIS O 915 43.28 -61.41 36.75
C HIS O 915 41.78 -61.63 36.58
N LEU O 916 41.10 -60.70 35.92
CA LEU O 916 39.67 -60.86 35.62
C LEU O 916 39.44 -61.75 34.40
N ALA O 917 40.33 -61.68 33.41
CA ALA O 917 40.21 -62.56 32.26
C ALA O 917 40.40 -64.02 32.66
N CYS O 918 41.23 -64.27 33.68
CA CYS O 918 41.40 -65.64 34.17
C CYS O 918 40.09 -66.18 34.71
N VAL O 919 39.39 -65.39 35.54
CA VAL O 919 38.10 -65.84 36.08
C VAL O 919 37.06 -65.95 34.96
N ALA O 920 37.11 -65.06 33.98
CA ALA O 920 36.16 -65.13 32.87
C ALA O 920 36.35 -66.42 32.08
N TYR O 921 37.60 -66.77 31.75
CA TYR O 921 37.88 -68.00 31.04
C TYR O 921 37.62 -69.25 31.89
N GLU O 922 37.79 -69.15 33.21
CA GLU O 922 37.45 -70.27 34.07
C GLU O 922 35.94 -70.50 34.09
N ARG O 923 35.15 -69.43 34.11
CA ARG O 923 33.70 -69.57 33.97
C ARG O 923 33.31 -70.13 32.61
N GLY O 924 33.98 -69.66 31.55
CA GLY O 924 33.74 -70.17 30.21
C GLY O 924 34.43 -71.47 29.87
N GLN O 925 35.23 -72.00 30.80
CA GLN O 925 35.95 -73.27 30.62
C GLN O 925 36.89 -73.23 29.42
N CYS O 926 37.49 -72.07 29.16
CA CYS O 926 38.46 -71.92 28.09
C CYS O 926 39.85 -72.20 28.64
N ASP O 927 40.20 -73.50 28.66
CA ASP O 927 41.49 -73.90 29.23
C ASP O 927 42.66 -73.44 28.37
N LEU O 928 42.52 -73.51 27.05
CA LEU O 928 43.58 -73.03 26.17
C LEU O 928 43.81 -71.53 26.33
N GLU O 929 42.72 -70.76 26.39
CA GLU O 929 42.85 -69.32 26.64
C GLU O 929 43.41 -69.06 28.04
N LEU O 930 42.99 -69.85 29.02
CA LEU O 930 43.57 -69.73 30.36
C LEU O 930 45.08 -69.89 30.33
N ILE O 931 45.57 -70.92 29.64
CA ILE O 931 47.01 -71.14 29.54
C ILE O 931 47.68 -69.97 28.82
N ASN O 932 47.17 -69.63 27.63
CA ASN O 932 47.79 -68.59 26.82
C ASN O 932 47.77 -67.23 27.49
N VAL O 933 46.88 -67.01 28.45
CA VAL O 933 46.81 -65.72 29.14
C VAL O 933 47.67 -65.73 30.41
N CYS O 934 47.55 -66.78 31.23
CA CYS O 934 48.23 -66.78 32.52
C CYS O 934 49.70 -67.15 32.39
N ASN O 935 50.04 -68.13 31.55
CA ASN O 935 51.42 -68.61 31.49
C ASN O 935 52.36 -67.57 30.91
N GLU O 936 51.84 -66.59 30.16
CA GLU O 936 52.71 -65.57 29.58
C GLU O 936 53.10 -64.53 30.62
N ASN O 937 52.11 -63.84 31.20
CA ASN O 937 52.40 -62.84 32.23
C ASN O 937 51.20 -62.80 33.19
N SER O 938 51.32 -63.55 34.29
CA SER O 938 50.30 -63.56 35.33
C SER O 938 50.79 -64.32 36.55
N LEU O 939 49.93 -64.46 37.56
CA LEU O 939 50.24 -65.25 38.73
C LEU O 939 50.00 -66.73 38.44
N PHE O 940 50.91 -67.57 38.92
CA PHE O 940 50.81 -69.01 38.69
C PHE O 940 50.00 -69.75 39.74
N LYS O 941 49.72 -69.11 40.89
CA LYS O 941 48.93 -69.76 41.92
C LYS O 941 47.49 -69.98 41.48
N SER O 942 46.96 -69.09 40.64
CA SER O 942 45.58 -69.24 40.17
C SER O 942 45.41 -70.50 39.33
N LEU O 943 46.38 -70.77 38.44
CA LEU O 943 46.32 -71.99 37.65
C LEU O 943 46.42 -73.23 38.54
N SER O 944 47.30 -73.19 39.54
CA SER O 944 47.46 -74.34 40.44
C SER O 944 46.20 -74.58 41.25
N ARG O 945 45.49 -73.52 41.65
CA ARG O 945 44.27 -73.67 42.41
C ARG O 945 43.06 -74.04 41.55
N TYR O 946 43.08 -73.67 40.26
CA TYR O 946 41.95 -74.01 39.40
C TYR O 946 42.08 -75.41 38.81
N LEU O 947 43.31 -75.83 38.50
CA LEU O 947 43.51 -77.17 37.95
C LEU O 947 43.26 -78.24 39.00
N VAL O 948 43.59 -77.96 40.25
CA VAL O 948 43.33 -78.93 41.32
C VAL O 948 41.84 -79.00 41.63
N ARG O 949 41.10 -77.93 41.32
CA ARG O 949 39.66 -77.94 41.54
C ARG O 949 38.93 -78.68 40.41
N ARG O 950 39.34 -78.43 39.16
CA ARG O 950 38.77 -79.12 38.00
C ARG O 950 39.60 -80.37 37.74
N LYS O 951 39.10 -81.49 38.27
CA LYS O 951 39.83 -82.75 38.19
C LYS O 951 39.77 -83.33 36.78
N ASP O 952 40.57 -82.79 35.88
CA ASP O 952 40.65 -83.28 34.50
C ASP O 952 42.07 -83.75 34.22
N PRO O 953 42.31 -85.07 34.10
CA PRO O 953 43.67 -85.54 33.81
C PRO O 953 44.19 -85.07 32.46
N GLU O 954 43.30 -84.80 31.50
CA GLU O 954 43.75 -84.34 30.19
C GLU O 954 44.45 -83.00 30.28
N LEU O 955 44.00 -82.12 31.17
CA LEU O 955 44.67 -80.82 31.34
C LEU O 955 46.07 -80.99 31.87
N TRP O 956 46.25 -81.79 32.92
CA TRP O 956 47.58 -82.03 33.45
C TRP O 956 48.47 -82.74 32.44
N GLY O 957 47.88 -83.58 31.58
CA GLY O 957 48.67 -84.23 30.55
C GLY O 957 49.13 -83.27 29.47
N SER O 958 48.25 -82.35 29.06
CA SER O 958 48.57 -81.40 28.01
C SER O 958 49.40 -80.22 28.51
N VAL O 959 49.49 -80.01 29.82
CA VAL O 959 50.30 -78.94 30.38
C VAL O 959 51.74 -79.44 30.55
N LEU O 960 51.89 -80.72 30.90
CA LEU O 960 53.19 -81.31 31.19
C LEU O 960 53.78 -82.02 29.97
N LEU O 961 53.51 -81.52 28.77
CA LEU O 961 54.06 -82.08 27.55
C LEU O 961 55.51 -81.69 27.31
N GLU O 962 56.16 -81.05 28.29
CA GLU O 962 57.55 -80.61 28.22
C GLU O 962 57.80 -79.60 27.10
N SER O 963 56.75 -78.97 26.59
CA SER O 963 56.89 -77.96 25.54
C SER O 963 56.72 -76.54 26.06
N ASN O 964 55.94 -76.34 27.11
CA ASN O 964 55.74 -75.02 27.68
C ASN O 964 56.95 -74.62 28.52
N PRO O 965 57.64 -73.53 28.21
CA PRO O 965 58.80 -73.13 29.04
C PRO O 965 58.42 -72.67 30.43
N TYR O 966 57.15 -72.36 30.68
CA TYR O 966 56.70 -71.91 32.00
C TYR O 966 56.16 -73.05 32.85
N ARG O 967 56.59 -74.28 32.60
CA ARG O 967 56.10 -75.42 33.37
C ARG O 967 56.77 -75.55 34.72
N ARG O 968 57.96 -74.95 34.90
CA ARG O 968 58.67 -75.04 36.17
C ARG O 968 58.05 -74.12 37.23
N PRO O 969 57.73 -72.86 36.92
CA PRO O 969 57.03 -72.05 37.93
C PRO O 969 55.67 -72.61 38.31
N LEU O 970 54.96 -73.21 37.36
CA LEU O 970 53.65 -73.78 37.66
C LEU O 970 53.76 -74.92 38.67
N ILE O 971 54.74 -75.81 38.48
CA ILE O 971 54.89 -76.91 39.41
C ILE O 971 55.47 -76.42 40.74
N ASP O 972 56.36 -75.43 40.72
CA ASP O 972 56.88 -74.87 41.97
C ASP O 972 55.81 -74.14 42.76
N GLN O 973 54.76 -73.66 42.10
CA GLN O 973 53.64 -73.06 42.82
C GLN O 973 52.61 -74.09 43.26
N VAL O 974 52.40 -75.14 42.46
CA VAL O 974 51.42 -76.15 42.84
C VAL O 974 51.95 -76.99 44.00
N VAL O 975 53.27 -77.18 44.09
CA VAL O 975 53.83 -77.95 45.20
C VAL O 975 53.63 -77.21 46.52
N GLN O 976 53.41 -75.90 46.45
CA GLN O 976 53.13 -75.10 47.64
C GLN O 976 51.63 -74.95 47.89
N THR O 977 50.83 -74.85 46.83
CA THR O 977 49.39 -74.67 46.97
C THR O 977 48.64 -75.98 47.14
N ALA O 978 49.32 -77.12 47.06
CA ALA O 978 48.64 -78.40 47.32
C ALA O 978 48.11 -78.46 48.74
N LEU O 979 48.83 -77.85 49.70
CA LEU O 979 48.38 -77.82 51.08
C LEU O 979 47.31 -76.77 51.33
N SER O 980 47.01 -75.93 50.34
CA SER O 980 46.04 -74.85 50.56
C SER O 980 44.62 -75.41 50.68
N GLU O 981 44.29 -76.43 49.90
CA GLU O 981 42.93 -76.99 49.93
C GLU O 981 42.75 -77.90 51.14
N THR O 982 43.49 -79.00 51.19
CA THR O 982 43.49 -79.95 52.30
C THR O 982 42.07 -80.30 52.73
N GLN O 983 41.27 -80.77 51.76
CA GLN O 983 39.87 -81.10 52.02
C GLN O 983 39.57 -82.58 51.81
N ASP O 984 39.89 -83.12 50.64
CA ASP O 984 39.57 -84.50 50.30
C ASP O 984 40.71 -85.09 49.49
N PRO O 985 41.07 -86.35 49.77
CA PRO O 985 42.18 -86.97 49.04
C PRO O 985 41.88 -87.34 47.60
N GLU O 986 40.66 -87.09 47.11
CA GLU O 986 40.34 -87.39 45.71
C GLU O 986 41.16 -86.53 44.77
N GLU O 987 41.21 -85.22 45.01
CA GLU O 987 42.01 -84.34 44.17
C GLU O 987 43.49 -84.69 44.24
N VAL O 988 43.98 -85.04 45.42
CA VAL O 988 45.39 -85.40 45.58
C VAL O 988 45.70 -86.67 44.78
N SER O 989 44.81 -87.66 44.87
CA SER O 989 45.02 -88.90 44.12
C SER O 989 44.96 -88.65 42.61
N VAL O 990 44.04 -87.80 42.17
CA VAL O 990 43.95 -87.49 40.74
C VAL O 990 45.21 -86.79 40.27
N THR O 991 45.72 -85.86 41.07
CA THR O 991 46.95 -85.16 40.71
C THR O 991 48.15 -86.10 40.68
N VAL O 992 48.22 -87.03 41.63
CA VAL O 992 49.32 -88.00 41.65
C VAL O 992 49.26 -88.91 40.44
N LYS O 993 48.05 -89.38 40.08
CA LYS O 993 47.91 -90.22 38.90
C LYS O 993 48.25 -89.46 37.63
N ALA O 994 47.89 -88.17 37.56
CA ALA O 994 48.21 -87.37 36.40
C ALA O 994 49.72 -87.17 36.28
N PHE O 995 50.39 -86.95 37.42
CA PHE O 995 51.85 -86.83 37.39
C PHE O 995 52.51 -88.13 36.99
N MET O 996 51.97 -89.26 37.44
CA MET O 996 52.54 -90.55 37.08
C MET O 996 52.35 -90.85 35.60
N THR O 997 51.17 -90.52 35.06
CA THR O 997 50.91 -90.75 33.64
C THR O 997 51.66 -89.75 32.75
N ALA O 998 52.20 -88.69 33.32
CA ALA O 998 52.93 -87.68 32.56
C ALA O 998 54.41 -88.02 32.39
N ASP O 999 54.85 -89.16 32.91
CA ASP O 999 56.24 -89.60 32.82
C ASP O 999 57.18 -88.55 33.38
N LEU O 1000 56.88 -88.04 34.56
CA LEU O 1000 57.71 -87.02 35.18
C LEU O 1000 58.94 -87.66 35.81
N PRO O 1001 60.14 -87.07 35.65
CA PRO O 1001 61.34 -87.66 36.26
C PRO O 1001 61.34 -87.55 37.78
N ASN O 1002 62.41 -88.02 38.41
CA ASN O 1002 62.49 -88.02 39.86
C ASN O 1002 62.64 -86.59 40.39
N GLU O 1003 62.48 -86.46 41.71
CA GLU O 1003 62.59 -85.19 42.43
C GLU O 1003 61.57 -84.17 41.90
N LEU O 1004 60.47 -84.69 41.36
CA LEU O 1004 59.36 -83.86 40.90
C LEU O 1004 58.02 -84.31 41.47
N ILE O 1005 57.86 -85.59 41.76
CA ILE O 1005 56.61 -86.14 42.30
C ILE O 1005 56.72 -86.43 43.78
N GLU O 1006 57.83 -87.06 44.20
CA GLU O 1006 57.96 -87.48 45.59
C GLU O 1006 58.12 -86.29 46.53
N LEU O 1007 58.62 -85.15 46.03
CA LEU O 1007 58.77 -83.98 46.88
C LEU O 1007 57.40 -83.44 47.31
N LEU O 1008 56.46 -83.38 46.36
CA LEU O 1008 55.11 -82.92 46.70
C LEU O 1008 54.45 -83.85 47.71
N GLU O 1009 54.61 -85.17 47.52
CA GLU O 1009 54.01 -86.12 48.45
C GLU O 1009 54.66 -86.03 49.83
N LYS O 1010 55.96 -85.76 49.86
CA LYS O 1010 56.65 -85.58 51.14
C LYS O 1010 56.16 -84.32 51.86
N ILE O 1011 55.96 -83.24 51.11
CA ILE O 1011 55.46 -82.00 51.69
C ILE O 1011 54.03 -82.20 52.22
N VAL O 1012 53.21 -82.92 51.47
CA VAL O 1012 51.84 -83.17 51.90
C VAL O 1012 51.80 -84.13 53.09
N LEU O 1013 52.75 -85.05 53.19
CA LEU O 1013 52.76 -86.00 54.30
C LEU O 1013 53.31 -85.36 55.57
N ASP O 1014 54.35 -84.53 55.44
CA ASP O 1014 55.00 -83.94 56.60
C ASP O 1014 54.21 -82.71 57.06
N ASN O 1015 53.75 -82.75 58.32
CA ASN O 1015 53.08 -81.62 58.98
C ASN O 1015 51.84 -81.19 58.19
N SER O 1016 50.89 -82.10 58.11
CA SER O 1016 49.62 -81.84 57.44
C SER O 1016 48.61 -82.89 57.88
N VAL O 1017 47.39 -82.77 57.34
CA VAL O 1017 46.33 -83.70 57.69
C VAL O 1017 46.56 -85.06 57.03
N PHE O 1018 47.14 -85.08 55.84
CA PHE O 1018 47.36 -86.33 55.10
C PHE O 1018 48.51 -87.10 55.74
N SER O 1019 48.21 -87.72 56.89
CA SER O 1019 49.17 -88.51 57.63
C SER O 1019 48.86 -90.01 57.55
N GLU O 1020 48.03 -90.42 56.60
CA GLU O 1020 47.69 -91.83 56.43
C GLU O 1020 48.78 -92.51 55.61
N HIS O 1021 48.51 -93.75 55.18
CA HIS O 1021 49.49 -94.49 54.39
C HIS O 1021 48.86 -95.23 53.22
N ARG O 1022 47.64 -94.85 52.80
CA ARG O 1022 46.99 -95.50 51.68
C ARG O 1022 47.74 -95.21 50.38
N ASN O 1023 48.45 -96.21 49.85
CA ASN O 1023 49.22 -96.08 48.62
C ASN O 1023 50.27 -94.98 48.71
N LEU O 1024 50.78 -94.74 49.92
CA LEU O 1024 51.83 -93.74 50.12
C LEU O 1024 53.21 -94.37 50.23
N GLN O 1025 53.30 -95.69 50.37
CA GLN O 1025 54.61 -96.34 50.44
C GLN O 1025 55.32 -96.30 49.09
N ASN O 1026 54.60 -96.68 48.02
CA ASN O 1026 55.21 -96.72 46.70
C ASN O 1026 55.65 -95.34 46.23
N LEU O 1027 54.72 -94.36 46.20
CA LEU O 1027 54.97 -93.05 45.62
C LEU O 1027 56.21 -92.38 46.17
N LEU O 1028 56.69 -92.79 47.35
CA LEU O 1028 57.91 -92.25 47.92
C LEU O 1028 59.09 -93.21 47.82
N ILE O 1029 58.91 -94.45 48.27
CA ILE O 1029 60.05 -95.38 48.35
C ILE O 1029 60.50 -95.80 46.95
N LEU O 1030 59.56 -96.11 46.06
CA LEU O 1030 59.95 -96.52 44.72
C LEU O 1030 60.62 -95.39 43.96
N THR O 1031 60.15 -94.15 44.16
CA THR O 1031 60.80 -93.01 43.54
C THR O 1031 62.20 -92.78 44.11
N ALA O 1032 62.37 -92.96 45.43
CA ALA O 1032 63.69 -92.83 46.01
C ALA O 1032 64.64 -93.92 45.52
N ILE O 1033 64.12 -95.12 45.28
CA ILE O 1033 64.94 -96.19 44.74
C ILE O 1033 65.33 -95.89 43.30
N LYS O 1034 64.39 -95.40 42.48
CA LYS O 1034 64.71 -95.02 41.12
C LYS O 1034 65.69 -93.85 41.08
N ALA O 1035 65.68 -93.00 42.11
CA ALA O 1035 66.63 -91.90 42.20
C ALA O 1035 67.95 -92.32 42.83
N ASP O 1036 67.92 -93.31 43.72
CA ASP O 1036 69.12 -93.82 44.39
C ASP O 1036 69.87 -92.71 45.12
N ARG O 1037 69.18 -92.13 46.11
CA ARG O 1037 69.72 -91.04 46.91
C ARG O 1037 69.58 -91.38 48.38
N THR O 1038 70.05 -90.47 49.23
CA THR O 1038 69.99 -90.68 50.68
C THR O 1038 68.59 -90.46 51.26
N ARG O 1039 67.60 -90.18 50.42
CA ARG O 1039 66.26 -89.93 50.93
C ARG O 1039 65.61 -91.21 51.45
N VAL O 1040 66.20 -92.37 51.14
CA VAL O 1040 65.63 -93.63 51.61
C VAL O 1040 65.69 -93.73 53.13
N MET O 1041 66.78 -93.26 53.74
CA MET O 1041 66.90 -93.31 55.19
C MET O 1041 65.84 -92.43 55.85
N GLU O 1042 65.62 -91.23 55.30
CA GLU O 1042 64.60 -90.34 55.85
C GLU O 1042 63.21 -90.92 55.67
N TYR O 1043 62.96 -91.55 54.52
CA TYR O 1043 61.66 -92.17 54.29
C TYR O 1043 61.42 -93.34 55.23
N ILE O 1044 62.48 -94.10 55.55
CA ILE O 1044 62.33 -95.21 56.49
C ILE O 1044 62.08 -94.67 57.90
N ASN O 1045 62.83 -93.65 58.30
CA ASN O 1045 62.71 -93.09 59.65
C ASN O 1045 61.49 -92.21 59.82
N ARG O 1046 60.78 -91.86 58.75
CA ARG O 1046 59.61 -91.00 58.82
C ARG O 1046 58.31 -91.72 58.56
N LEU O 1047 58.22 -92.52 57.50
CA LEU O 1047 57.00 -93.23 57.17
C LEU O 1047 56.77 -94.39 58.13
N ASP O 1048 55.49 -94.67 58.41
CA ASP O 1048 55.10 -95.75 59.31
C ASP O 1048 53.95 -96.52 58.69
N ASN O 1049 53.61 -97.65 59.32
CA ASN O 1049 52.51 -98.51 58.87
C ASN O 1049 52.70 -98.96 57.43
N TYR O 1050 53.90 -99.45 57.12
CA TYR O 1050 54.25 -99.92 55.79
C TYR O 1050 54.60 -101.41 55.84
N ASP O 1051 55.00 -101.94 54.69
CA ASP O 1051 55.37 -103.34 54.55
C ASP O 1051 56.86 -103.42 54.32
N ALA O 1052 57.60 -103.81 55.35
CA ALA O 1052 59.06 -103.83 55.31
C ALA O 1052 59.64 -105.02 54.54
N PRO O 1053 59.19 -106.25 54.75
CA PRO O 1053 59.81 -107.38 54.02
C PRO O 1053 59.65 -107.29 52.51
N ASP O 1054 58.49 -106.86 52.01
CA ASP O 1054 58.29 -106.79 50.57
C ASP O 1054 59.22 -105.76 49.92
N ILE O 1055 59.28 -104.56 50.49
CA ILE O 1055 60.16 -103.54 49.92
C ILE O 1055 61.62 -103.91 50.11
N ALA O 1056 61.95 -104.64 51.18
CA ALA O 1056 63.32 -105.11 51.37
C ALA O 1056 63.70 -106.10 50.29
N ASN O 1057 62.80 -107.03 49.97
CA ASN O 1057 63.07 -107.97 48.88
C ASN O 1057 63.16 -107.26 47.54
N ILE O 1058 62.33 -106.23 47.34
CA ILE O 1058 62.39 -105.45 46.10
C ILE O 1058 63.75 -104.76 45.98
N ALA O 1059 64.24 -104.18 47.08
CA ALA O 1059 65.54 -103.53 47.07
C ALA O 1059 66.66 -104.53 46.84
N ILE O 1060 66.54 -105.72 47.43
CA ILE O 1060 67.52 -106.77 47.19
C ILE O 1060 67.54 -107.15 45.72
N SER O 1061 66.36 -107.21 45.09
CA SER O 1061 66.30 -107.49 43.66
C SER O 1061 66.96 -106.39 42.85
N ASN O 1062 66.97 -105.16 43.36
CA ASN O 1062 67.61 -104.04 42.69
C ASN O 1062 69.08 -103.95 43.08
N GLU O 1063 69.76 -102.94 42.54
CA GLU O 1063 71.19 -102.77 42.83
C GLU O 1063 71.44 -102.10 44.17
N LEU O 1064 70.42 -101.50 44.78
CA LEU O 1064 70.57 -100.82 46.06
C LEU O 1064 70.34 -101.82 47.19
N PHE O 1065 71.41 -102.18 47.90
CA PHE O 1065 71.33 -103.13 48.99
C PHE O 1065 71.42 -102.49 50.37
N GLU O 1066 71.92 -101.26 50.46
CA GLU O 1066 72.04 -100.60 51.77
C GLU O 1066 70.67 -100.31 52.36
N GLU O 1067 69.67 -100.06 51.53
CA GLU O 1067 68.33 -99.81 52.05
C GLU O 1067 67.74 -101.07 52.68
N ALA O 1068 67.94 -102.21 52.05
CA ALA O 1068 67.47 -103.47 52.64
C ALA O 1068 68.22 -103.78 53.92
N PHE O 1069 69.51 -103.44 53.98
CA PHE O 1069 70.27 -103.63 55.22
C PHE O 1069 69.73 -102.75 56.34
N ALA O 1070 69.41 -101.49 56.02
CA ALA O 1070 68.82 -100.61 57.03
C ALA O 1070 67.45 -101.09 57.47
N ILE O 1071 66.65 -101.64 56.54
CA ILE O 1071 65.35 -102.16 56.90
C ILE O 1071 65.49 -103.36 57.84
N PHE O 1072 66.40 -104.27 57.51
CA PHE O 1072 66.63 -105.43 58.38
C PHE O 1072 67.19 -105.02 59.73
N ARG O 1073 67.98 -103.94 59.77
CA ARG O 1073 68.50 -103.46 61.05
C ARG O 1073 67.41 -102.80 61.89
N LYS O 1074 66.47 -102.11 61.25
CA LYS O 1074 65.37 -101.48 61.98
C LYS O 1074 64.46 -102.53 62.61
N PHE O 1075 64.18 -103.61 61.90
CA PHE O 1075 63.33 -104.68 62.41
C PHE O 1075 64.15 -105.94 62.68
#